data_2OFN
#
_entry.id   2OFN
#
_cell.length_a   1.000
_cell.length_b   1.000
_cell.length_c   1.000
_cell.angle_alpha   90.00
_cell.angle_beta   90.00
_cell.angle_gamma   90.00
#
_symmetry.space_group_name_H-M   'P 1'
#
_entity_poly.entity_id   1
_entity_poly.type   'polypeptide(L)'
_entity_poly.pdbx_seq_one_letter_code
;MTTEQEFEKVELTADGGVIKTILKKGDEGEENIPKKGNEVTVHYVGKLESTGKVFDSSFDRNVPFKFHLEQGEVIKGWDI
CVSSMRKNEKCLVRIESMYGYGDEGCGESIPGNSVLLFEIELLSFRELEHHHHHH
;
_entity_poly.pdbx_strand_id   A
#
# COMPACT_ATOMS: atom_id res chain seq x y z
N MET A 1 -12.03 -14.70 18.97
CA MET A 1 -13.01 -13.65 19.32
C MET A 1 -12.33 -12.29 19.45
N THR A 2 -11.13 -12.19 18.90
CA THR A 2 -10.33 -10.99 19.03
C THR A 2 -10.87 -9.87 18.14
N THR A 3 -11.23 -8.74 18.72
CA THR A 3 -11.67 -7.59 17.94
C THR A 3 -10.48 -6.71 17.62
N GLU A 4 -9.53 -6.66 18.55
CA GLU A 4 -8.27 -5.96 18.33
C GLU A 4 -7.15 -6.99 18.20
N GLN A 5 -6.80 -7.33 16.97
CA GLN A 5 -5.79 -8.35 16.72
C GLN A 5 -4.41 -7.87 17.16
N GLU A 6 -3.72 -8.72 17.90
CA GLU A 6 -2.36 -8.41 18.34
C GLU A 6 -1.38 -8.65 17.20
N PHE A 7 -1.31 -7.69 16.29
CA PHE A 7 -0.42 -7.80 15.14
C PHE A 7 0.86 -7.02 15.37
N GLU A 8 1.92 -7.50 14.75
CA GLU A 8 3.21 -6.86 14.83
C GLU A 8 3.42 -6.01 13.58
N LYS A 9 4.18 -4.94 13.70
CA LYS A 9 4.49 -4.12 12.55
C LYS A 9 5.87 -4.48 12.02
N VAL A 10 6.07 -4.28 10.73
CA VAL A 10 7.37 -4.48 10.12
C VAL A 10 8.02 -3.12 9.92
N GLU A 11 8.98 -2.83 10.77
CA GLU A 11 9.60 -1.52 10.81
C GLU A 11 10.84 -1.49 9.94
N LEU A 12 10.75 -0.79 8.81
CA LEU A 12 11.84 -0.64 7.86
C LEU A 12 12.19 -1.98 7.25
N THR A 13 11.28 -2.50 6.42
CA THR A 13 11.52 -3.75 5.72
C THR A 13 12.69 -3.62 4.73
N ALA A 14 13.23 -4.74 4.29
CA ALA A 14 14.44 -4.76 3.47
C ALA A 14 14.19 -4.28 2.05
N ASP A 15 12.94 -3.98 1.71
CA ASP A 15 12.60 -3.56 0.35
C ASP A 15 12.68 -2.03 0.22
N GLY A 16 13.31 -1.38 1.19
CA GLY A 16 13.47 0.06 1.12
C GLY A 16 12.90 0.82 2.31
N GLY A 17 12.70 0.11 3.42
CA GLY A 17 12.36 0.77 4.67
C GLY A 17 10.97 1.39 4.70
N VAL A 18 9.94 0.57 4.85
CA VAL A 18 8.58 1.06 5.03
C VAL A 18 7.91 0.31 6.18
N ILE A 19 7.03 1.01 6.92
CA ILE A 19 6.33 0.44 8.06
C ILE A 19 4.99 -0.16 7.62
N LYS A 20 4.83 -1.47 7.75
CA LYS A 20 3.56 -2.10 7.41
C LYS A 20 3.14 -3.11 8.49
N THR A 21 1.83 -3.21 8.69
CA THR A 21 1.27 -4.11 9.69
C THR A 21 0.58 -5.29 9.03
N ILE A 22 0.87 -6.49 9.50
CA ILE A 22 0.29 -7.70 8.93
C ILE A 22 -1.13 -7.94 9.44
N LEU A 23 -2.09 -7.97 8.52
CA LEU A 23 -3.49 -8.23 8.88
C LEU A 23 -3.91 -9.62 8.38
N LYS A 24 -3.70 -9.87 7.10
CA LYS A 24 -4.01 -11.15 6.50
C LYS A 24 -2.78 -11.68 5.77
N LYS A 25 -2.65 -13.00 5.72
CA LYS A 25 -1.48 -13.61 5.10
C LYS A 25 -1.90 -14.41 3.87
N GLY A 26 -1.09 -14.35 2.82
CA GLY A 26 -1.36 -15.13 1.63
C GLY A 26 -1.32 -16.61 1.90
N ASP A 27 -2.43 -17.29 1.61
CA ASP A 27 -2.55 -18.72 1.86
C ASP A 27 -1.50 -19.52 1.08
N GLU A 28 -1.53 -19.40 -0.24
CA GLU A 28 -0.60 -20.12 -1.10
C GLU A 28 -0.54 -19.48 -2.48
N GLY A 29 0.65 -19.42 -3.05
CA GLY A 29 0.81 -18.87 -4.38
C GLY A 29 2.25 -18.61 -4.73
N GLU A 30 2.81 -19.49 -5.53
CA GLU A 30 4.20 -19.35 -5.97
C GLU A 30 4.28 -18.25 -7.02
N GLU A 31 3.30 -18.26 -7.90
CA GLU A 31 3.19 -17.27 -8.97
C GLU A 31 2.41 -16.05 -8.48
N ASN A 32 1.79 -16.18 -7.31
CA ASN A 32 0.98 -15.11 -6.77
C ASN A 32 1.84 -14.10 -6.01
N ILE A 33 2.56 -13.28 -6.76
CA ILE A 33 3.44 -12.26 -6.19
C ILE A 33 3.44 -11.00 -7.07
N PRO A 34 2.71 -9.96 -6.63
CA PRO A 34 2.69 -8.65 -7.31
C PRO A 34 3.99 -7.88 -7.12
N LYS A 35 4.78 -7.71 -8.18
CA LYS A 35 6.01 -6.95 -8.07
C LYS A 35 6.00 -5.69 -8.93
N LYS A 36 6.98 -4.83 -8.66
CA LYS A 36 7.06 -3.52 -9.30
C LYS A 36 7.44 -3.63 -10.77
N GLY A 37 7.04 -2.64 -11.55
CA GLY A 37 7.23 -2.68 -12.98
C GLY A 37 6.09 -3.40 -13.67
N ASN A 38 5.19 -3.94 -12.87
CA ASN A 38 4.07 -4.71 -13.41
C ASN A 38 2.74 -4.08 -13.01
N GLU A 39 1.69 -4.48 -13.70
CA GLU A 39 0.37 -3.85 -13.55
C GLU A 39 -0.41 -4.52 -12.41
N VAL A 40 -0.80 -3.73 -11.42
CA VAL A 40 -1.59 -4.22 -10.31
C VAL A 40 -2.76 -3.29 -10.04
N THR A 41 -3.81 -3.80 -9.42
CA THR A 41 -4.98 -3.02 -9.09
C THR A 41 -5.32 -3.18 -7.61
N VAL A 42 -5.23 -2.09 -6.86
CA VAL A 42 -5.51 -2.12 -5.42
C VAL A 42 -6.34 -0.91 -4.99
N HIS A 43 -7.04 -1.05 -3.88
CA HIS A 43 -7.80 0.07 -3.32
C HIS A 43 -7.17 0.47 -1.99
N TYR A 44 -7.15 1.76 -1.71
CA TYR A 44 -6.58 2.27 -0.48
C TYR A 44 -7.59 3.10 0.29
N VAL A 45 -7.59 2.95 1.61
CA VAL A 45 -8.48 3.71 2.49
C VAL A 45 -8.03 3.52 3.95
N GLY A 46 -8.47 4.40 4.84
CA GLY A 46 -8.10 4.26 6.24
C GLY A 46 -8.40 5.51 7.05
N LYS A 47 -7.40 6.00 7.78
CA LYS A 47 -7.57 7.21 8.56
C LYS A 47 -6.23 7.86 8.83
N LEU A 48 -6.26 9.05 9.41
CA LEU A 48 -5.06 9.79 9.76
C LEU A 48 -4.63 9.45 11.18
N GLU A 49 -3.66 8.54 11.31
CA GLU A 49 -3.20 8.07 12.62
C GLU A 49 -2.51 9.20 13.38
N SER A 50 -2.06 10.21 12.64
CA SER A 50 -1.36 11.34 13.23
C SER A 50 -2.20 12.02 14.30
N THR A 51 -3.52 11.97 14.17
CA THR A 51 -4.41 12.54 15.17
C THR A 51 -5.60 11.62 15.45
N GLY A 52 -5.64 10.47 14.77
CA GLY A 52 -6.72 9.51 14.96
C GLY A 52 -7.99 9.91 14.23
N LYS A 53 -7.86 10.76 13.23
CA LYS A 53 -9.00 11.25 12.49
C LYS A 53 -9.38 10.28 11.38
N VAL A 54 -10.57 9.72 11.49
CA VAL A 54 -11.10 8.80 10.48
C VAL A 54 -11.42 9.57 9.19
N PHE A 55 -11.32 8.89 8.06
CA PHE A 55 -11.59 9.52 6.77
C PHE A 55 -13.08 9.72 6.54
N ASP A 56 -13.46 10.96 6.28
CA ASP A 56 -14.81 11.28 5.89
C ASP A 56 -14.84 12.43 4.89
N SER A 57 -14.68 12.10 3.62
CA SER A 57 -14.76 13.06 2.55
C SER A 57 -15.76 12.59 1.52
N SER A 58 -16.15 13.47 0.62
CA SER A 58 -17.12 13.15 -0.42
C SER A 58 -16.50 12.21 -1.45
N PHE A 59 -15.19 12.21 -1.54
CA PHE A 59 -14.51 11.43 -2.57
C PHE A 59 -14.06 10.05 -2.07
N ASP A 60 -13.29 10.03 -0.99
CA ASP A 60 -12.57 8.81 -0.57
C ASP A 60 -13.52 7.64 -0.27
N ARG A 61 -14.64 7.94 0.37
CA ARG A 61 -15.58 6.90 0.78
C ARG A 61 -16.52 6.52 -0.36
N ASN A 62 -16.38 7.19 -1.49
CA ASN A 62 -17.29 6.98 -2.61
C ASN A 62 -16.56 6.42 -3.84
N VAL A 63 -15.50 7.09 -4.26
CA VAL A 63 -14.84 6.73 -5.52
C VAL A 63 -13.77 5.65 -5.31
N PRO A 64 -13.85 4.57 -6.09
CA PRO A 64 -12.83 3.54 -6.11
C PRO A 64 -11.63 3.98 -6.93
N PHE A 65 -10.67 4.62 -6.28
CA PHE A 65 -9.48 5.05 -6.94
C PHE A 65 -8.39 4.00 -6.78
N LYS A 66 -7.74 3.67 -7.88
CA LYS A 66 -6.69 2.67 -7.86
C LYS A 66 -5.52 3.12 -8.73
N PHE A 67 -4.33 2.75 -8.34
CA PHE A 67 -3.12 3.10 -9.08
C PHE A 67 -2.48 1.83 -9.62
N HIS A 68 -1.38 1.99 -10.34
CA HIS A 68 -0.61 0.86 -10.83
C HIS A 68 0.76 0.90 -10.17
N LEU A 69 1.35 -0.25 -9.94
CA LEU A 69 2.63 -0.32 -9.25
C LEU A 69 3.77 0.15 -10.15
N GLU A 70 4.56 1.07 -9.61
CA GLU A 70 5.70 1.65 -10.31
C GLU A 70 5.30 2.34 -11.61
N GLN A 71 4.51 3.38 -11.46
CA GLN A 71 4.15 4.27 -12.55
C GLN A 71 4.70 5.65 -12.28
N GLY A 72 5.56 5.73 -11.26
CA GLY A 72 6.13 6.99 -10.86
C GLY A 72 5.29 7.74 -9.85
N GLU A 73 4.01 7.37 -9.75
CA GLU A 73 3.10 8.03 -8.82
C GLU A 73 3.34 7.57 -7.40
N VAL A 74 3.73 6.31 -7.27
CA VAL A 74 3.97 5.73 -5.96
C VAL A 74 5.47 5.77 -5.66
N ILE A 75 5.82 6.27 -4.49
CA ILE A 75 7.21 6.45 -4.12
C ILE A 75 7.74 5.27 -3.30
N LYS A 76 7.33 5.18 -2.05
CA LYS A 76 7.85 4.12 -1.18
C LYS A 76 6.75 3.50 -0.32
N GLY A 77 5.89 4.34 0.26
CA GLY A 77 4.87 3.85 1.18
C GLY A 77 4.00 2.77 0.56
N TRP A 78 3.41 3.05 -0.59
CA TRP A 78 2.59 2.05 -1.27
C TRP A 78 3.48 1.01 -1.94
N ASP A 79 4.61 1.48 -2.46
CA ASP A 79 5.54 0.65 -3.23
C ASP A 79 5.91 -0.64 -2.50
N ILE A 80 6.38 -0.50 -1.27
CA ILE A 80 6.77 -1.66 -0.47
C ILE A 80 5.58 -2.54 -0.14
N CYS A 81 4.43 -1.92 0.12
CA CYS A 81 3.25 -2.65 0.51
C CYS A 81 2.75 -3.51 -0.65
N VAL A 82 2.49 -2.88 -1.79
CA VAL A 82 1.89 -3.57 -2.92
C VAL A 82 2.88 -4.55 -3.59
N SER A 83 4.16 -4.20 -3.59
CA SER A 83 5.18 -5.06 -4.22
C SER A 83 5.52 -6.24 -3.32
N SER A 84 4.87 -6.30 -2.17
CA SER A 84 5.06 -7.38 -1.21
C SER A 84 3.71 -7.93 -0.78
N MET A 85 2.68 -7.67 -1.57
CA MET A 85 1.34 -8.16 -1.28
C MET A 85 1.11 -9.53 -1.92
N ARG A 86 -0.12 -10.00 -1.82
CA ARG A 86 -0.56 -11.22 -2.49
C ARG A 86 -2.04 -11.08 -2.79
N LYS A 87 -2.53 -11.79 -3.79
CA LYS A 87 -3.92 -11.61 -4.26
C LYS A 87 -4.93 -12.04 -3.19
N ASN A 88 -4.46 -12.75 -2.19
CA ASN A 88 -5.32 -13.20 -1.10
C ASN A 88 -4.76 -12.74 0.23
N GLU A 89 -4.00 -11.64 0.19
CA GLU A 89 -3.33 -11.12 1.38
C GLU A 89 -3.73 -9.67 1.62
N LYS A 90 -3.43 -9.14 2.80
CA LYS A 90 -3.75 -7.75 3.14
C LYS A 90 -2.87 -7.23 4.27
N CYS A 91 -2.33 -6.04 4.10
CA CYS A 91 -1.56 -5.39 5.15
C CYS A 91 -1.92 -3.91 5.26
N LEU A 92 -1.72 -3.35 6.44
CA LEU A 92 -1.94 -1.93 6.67
C LEU A 92 -0.61 -1.21 6.66
N VAL A 93 -0.47 -0.25 5.77
CA VAL A 93 0.80 0.43 5.58
C VAL A 93 0.77 1.84 6.16
N ARG A 94 1.90 2.27 6.70
CA ARG A 94 2.03 3.61 7.25
C ARG A 94 2.63 4.56 6.23
N ILE A 95 1.88 5.57 5.85
CA ILE A 95 2.40 6.58 4.95
C ILE A 95 2.89 7.77 5.76
N GLU A 96 4.21 7.83 5.91
CA GLU A 96 4.87 8.90 6.63
C GLU A 96 5.26 9.99 5.62
N SER A 97 5.76 11.12 6.12
CA SER A 97 6.15 12.24 5.26
C SER A 97 7.09 11.79 4.13
N MET A 98 8.14 11.05 4.50
CA MET A 98 9.13 10.59 3.53
C MET A 98 8.61 9.39 2.73
N TYR A 99 7.57 8.73 3.23
CA TYR A 99 7.01 7.57 2.53
C TYR A 99 6.01 8.02 1.47
N GLY A 100 5.56 9.26 1.61
CA GLY A 100 4.63 9.83 0.66
C GLY A 100 5.21 11.06 0.01
N TYR A 101 4.35 11.95 -0.45
CA TYR A 101 4.79 13.17 -1.12
C TYR A 101 4.91 14.34 -0.13
N GLY A 102 5.54 14.10 1.01
CA GLY A 102 5.80 15.17 1.95
C GLY A 102 6.90 16.09 1.45
N ASP A 103 7.56 15.66 0.39
CA ASP A 103 8.63 16.45 -0.23
C ASP A 103 8.03 17.47 -1.22
N GLU A 104 7.30 16.96 -2.21
CA GLU A 104 6.75 17.80 -3.27
C GLU A 104 5.48 18.51 -2.79
N GLY A 105 4.72 17.85 -1.93
CA GLY A 105 3.53 18.46 -1.36
C GLY A 105 2.25 18.02 -2.06
N CYS A 106 2.39 17.25 -3.12
CA CYS A 106 1.23 16.78 -3.88
C CYS A 106 0.60 15.56 -3.21
N GLY A 107 -0.45 15.80 -2.43
CA GLY A 107 -1.17 14.70 -1.81
C GLY A 107 -2.64 14.72 -2.18
N GLU A 108 -3.45 13.93 -1.48
CA GLU A 108 -4.86 13.85 -1.82
C GLU A 108 -5.74 14.23 -0.63
N SER A 109 -5.75 13.40 0.40
CA SER A 109 -6.65 13.62 1.53
C SER A 109 -6.11 14.69 2.48
N ILE A 110 -5.09 14.33 3.28
CA ILE A 110 -4.46 15.27 4.20
C ILE A 110 -2.95 14.99 4.31
N PRO A 111 -2.17 15.54 3.37
CA PRO A 111 -0.73 15.36 3.34
C PRO A 111 0.02 16.51 4.03
N GLY A 112 0.27 16.36 5.32
CA GLY A 112 0.97 17.42 6.04
C GLY A 112 2.09 16.88 6.91
N ASN A 113 2.91 16.02 6.30
CA ASN A 113 4.02 15.36 7.01
C ASN A 113 3.49 14.52 8.18
N SER A 114 2.23 14.16 8.09
CA SER A 114 1.58 13.38 9.11
C SER A 114 1.59 11.91 8.72
N VAL A 115 1.49 11.03 9.71
CA VAL A 115 1.42 9.61 9.43
C VAL A 115 -0.03 9.17 9.18
N LEU A 116 -0.26 8.60 8.00
CA LEU A 116 -1.57 8.10 7.64
C LEU A 116 -1.53 6.58 7.48
N LEU A 117 -2.68 5.93 7.61
CA LEU A 117 -2.76 4.48 7.37
C LEU A 117 -3.66 4.19 6.19
N PHE A 118 -3.18 3.41 5.25
CA PHE A 118 -4.00 2.98 4.13
C PHE A 118 -4.06 1.45 4.07
N GLU A 119 -5.27 0.90 4.14
CA GLU A 119 -5.47 -0.52 3.96
C GLU A 119 -5.34 -0.85 2.48
N ILE A 120 -4.33 -1.62 2.12
CA ILE A 120 -4.11 -1.99 0.75
C ILE A 120 -4.48 -3.46 0.54
N GLU A 121 -5.40 -3.70 -0.37
CA GLU A 121 -5.83 -5.04 -0.70
C GLU A 121 -5.64 -5.29 -2.19
N LEU A 122 -4.75 -6.23 -2.50
CA LEU A 122 -4.39 -6.53 -3.89
C LEU A 122 -5.38 -7.53 -4.48
N LEU A 123 -6.40 -7.04 -5.16
CA LEU A 123 -7.41 -7.91 -5.74
C LEU A 123 -6.98 -8.39 -7.12
N SER A 124 -6.19 -7.59 -7.82
CA SER A 124 -5.77 -7.93 -9.16
C SER A 124 -4.31 -7.54 -9.38
N PHE A 125 -3.62 -8.36 -10.16
CA PHE A 125 -2.22 -8.13 -10.49
C PHE A 125 -1.84 -9.00 -11.68
N ARG A 126 -0.68 -8.75 -12.26
CA ARG A 126 -0.21 -9.55 -13.37
C ARG A 126 1.30 -9.37 -13.59
N GLU A 127 2.05 -10.41 -13.26
CA GLU A 127 3.49 -10.41 -13.47
C GLU A 127 3.81 -10.51 -14.96
N LEU A 128 4.42 -9.47 -15.48
CA LEU A 128 4.82 -9.45 -16.87
C LEU A 128 6.34 -9.55 -16.96
N GLU A 129 6.83 -10.55 -17.66
CA GLU A 129 8.25 -10.75 -17.76
C GLU A 129 8.85 -9.83 -18.82
N HIS A 130 9.28 -8.65 -18.38
CA HIS A 130 9.97 -7.72 -19.26
C HIS A 130 11.46 -7.64 -18.91
N HIS A 131 12.17 -8.69 -19.26
CA HIS A 131 13.62 -8.77 -19.15
C HIS A 131 14.12 -9.81 -20.14
N HIS A 132 15.37 -9.70 -20.56
CA HIS A 132 15.90 -10.62 -21.56
C HIS A 132 16.00 -12.04 -20.99
N HIS A 133 15.65 -13.02 -21.81
CA HIS A 133 15.60 -14.41 -21.37
C HIS A 133 16.98 -15.05 -21.50
N HIS A 134 17.60 -15.35 -20.37
CA HIS A 134 18.93 -15.95 -20.35
C HIS A 134 18.89 -17.31 -21.04
N HIS A 135 17.82 -18.06 -20.79
CA HIS A 135 17.55 -19.29 -21.52
C HIS A 135 16.09 -19.33 -21.88
N MET A 1 -10.73 -17.47 21.52
CA MET A 1 -11.54 -16.24 21.53
C MET A 1 -10.70 -15.03 21.12
N THR A 2 -10.79 -14.64 19.87
CA THR A 2 -10.05 -13.49 19.37
C THR A 2 -10.64 -12.20 19.94
N THR A 3 -9.86 -11.13 19.94
CA THR A 3 -10.31 -9.85 20.49
C THR A 3 -9.64 -8.68 19.78
N GLU A 4 -8.34 -8.56 19.94
CA GLU A 4 -7.58 -7.51 19.27
C GLU A 4 -6.57 -8.10 18.31
N GLN A 5 -5.87 -7.24 17.59
CA GLN A 5 -4.88 -7.66 16.63
C GLN A 5 -3.61 -8.10 17.34
N GLU A 6 -3.44 -9.41 17.47
CA GLU A 6 -2.27 -9.99 18.11
C GLU A 6 -1.19 -10.25 17.07
N PHE A 7 -1.12 -9.37 16.08
CA PHE A 7 -0.18 -9.51 14.98
C PHE A 7 1.04 -8.61 15.21
N GLU A 8 1.88 -8.50 14.20
CA GLU A 8 3.12 -7.76 14.32
C GLU A 8 3.25 -6.72 13.21
N LYS A 9 3.93 -5.64 13.52
CA LYS A 9 4.24 -4.63 12.52
C LYS A 9 5.58 -4.93 11.88
N VAL A 10 5.68 -4.63 10.60
CA VAL A 10 6.94 -4.81 9.90
C VAL A 10 7.60 -3.45 9.75
N GLU A 11 8.61 -3.22 10.57
CA GLU A 11 9.26 -1.92 10.65
C GLU A 11 10.60 -1.96 9.93
N LEU A 12 10.69 -1.21 8.83
CA LEU A 12 11.91 -1.11 8.01
C LEU A 12 12.29 -2.47 7.46
N THR A 13 11.35 -3.09 6.78
CA THR A 13 11.60 -4.34 6.08
C THR A 13 12.74 -4.19 5.09
N ALA A 14 13.48 -5.27 4.86
CA ALA A 14 14.58 -5.28 3.90
C ALA A 14 14.04 -5.19 2.47
N ASP A 15 12.71 -5.10 2.37
CA ASP A 15 12.02 -5.00 1.10
C ASP A 15 11.92 -3.54 0.64
N GLY A 16 12.73 -2.67 1.23
CA GLY A 16 12.75 -1.28 0.81
C GLY A 16 12.44 -0.29 1.91
N GLY A 17 12.28 -0.79 3.13
CA GLY A 17 12.12 0.07 4.29
C GLY A 17 10.80 0.81 4.33
N VAL A 18 9.73 0.08 4.61
CA VAL A 18 8.42 0.69 4.82
C VAL A 18 7.76 0.06 6.04
N ILE A 19 7.05 0.89 6.80
CA ILE A 19 6.36 0.43 7.99
C ILE A 19 4.96 -0.06 7.63
N LYS A 20 4.70 -1.34 7.78
CA LYS A 20 3.37 -1.87 7.50
C LYS A 20 2.99 -2.95 8.51
N THR A 21 1.74 -2.90 8.94
CA THR A 21 1.22 -3.85 9.91
C THR A 21 0.41 -4.92 9.21
N ILE A 22 0.78 -6.17 9.42
CA ILE A 22 0.10 -7.28 8.79
C ILE A 22 -1.20 -7.60 9.54
N LEU A 23 -2.29 -7.75 8.81
CA LEU A 23 -3.56 -8.09 9.41
C LEU A 23 -4.01 -9.47 8.97
N LYS A 24 -4.00 -9.72 7.67
CA LYS A 24 -4.51 -10.97 7.13
C LYS A 24 -3.50 -11.57 6.16
N LYS A 25 -2.99 -12.75 6.51
CA LYS A 25 -2.07 -13.47 5.64
C LYS A 25 -2.80 -14.59 4.92
N GLY A 26 -2.22 -15.05 3.84
CA GLY A 26 -2.82 -16.12 3.08
C GLY A 26 -2.13 -17.45 3.34
N ASP A 27 -2.00 -18.25 2.30
CA ASP A 27 -1.44 -19.60 2.44
C ASP A 27 -0.32 -19.81 1.44
N GLU A 28 -0.69 -20.02 0.19
CA GLU A 28 0.29 -20.15 -0.88
C GLU A 28 0.14 -19.01 -1.87
N GLY A 29 0.95 -19.04 -2.91
CA GLY A 29 0.91 -18.00 -3.91
C GLY A 29 2.15 -18.04 -4.78
N GLU A 30 2.43 -19.22 -5.32
CA GLU A 30 3.63 -19.45 -6.13
C GLU A 30 3.65 -18.54 -7.35
N GLU A 31 2.50 -18.39 -7.98
CA GLU A 31 2.37 -17.57 -9.17
C GLU A 31 1.61 -16.29 -8.86
N ASN A 32 1.36 -16.05 -7.59
CA ASN A 32 0.65 -14.85 -7.18
C ASN A 32 1.59 -13.92 -6.42
N ILE A 33 2.41 -13.21 -7.17
CA ILE A 33 3.40 -12.30 -6.62
C ILE A 33 3.35 -10.96 -7.36
N PRO A 34 3.07 -9.87 -6.65
CA PRO A 34 3.01 -8.54 -7.25
C PRO A 34 4.39 -7.85 -7.28
N LYS A 35 4.91 -7.58 -8.47
CA LYS A 35 6.19 -6.93 -8.59
C LYS A 35 6.13 -5.74 -9.54
N LYS A 36 7.09 -4.83 -9.37
CA LYS A 36 7.14 -3.59 -10.15
C LYS A 36 7.38 -3.86 -11.62
N GLY A 37 6.87 -2.98 -12.47
CA GLY A 37 7.00 -3.15 -13.91
C GLY A 37 5.79 -3.84 -14.48
N ASN A 38 4.96 -4.35 -13.60
CA ASN A 38 3.74 -5.03 -13.99
C ASN A 38 2.52 -4.15 -13.71
N GLU A 39 1.45 -4.40 -14.44
CA GLU A 39 0.21 -3.65 -14.27
C GLU A 39 -0.64 -4.25 -13.16
N VAL A 40 -0.64 -3.59 -12.01
CA VAL A 40 -1.44 -4.03 -10.87
C VAL A 40 -2.47 -2.97 -10.50
N THR A 41 -3.48 -3.39 -9.75
CA THR A 41 -4.51 -2.50 -9.25
C THR A 41 -4.75 -2.77 -7.77
N VAL A 42 -4.56 -1.76 -6.94
CA VAL A 42 -4.76 -1.93 -5.51
C VAL A 42 -5.68 -0.84 -4.95
N HIS A 43 -6.43 -1.19 -3.91
CA HIS A 43 -7.27 -0.22 -3.21
C HIS A 43 -6.58 0.20 -1.92
N TYR A 44 -6.71 1.45 -1.55
CA TYR A 44 -6.15 1.94 -0.30
C TYR A 44 -7.09 2.94 0.36
N VAL A 45 -7.24 2.82 1.68
CA VAL A 45 -8.09 3.71 2.45
C VAL A 45 -7.82 3.50 3.94
N GLY A 46 -8.16 4.47 4.78
CA GLY A 46 -7.95 4.33 6.21
C GLY A 46 -8.32 5.58 6.98
N LYS A 47 -7.34 6.16 7.65
CA LYS A 47 -7.56 7.36 8.47
C LYS A 47 -6.29 8.21 8.50
N LEU A 48 -6.42 9.40 9.05
CA LEU A 48 -5.27 10.27 9.27
C LEU A 48 -4.63 9.96 10.61
N GLU A 49 -3.57 9.16 10.58
CA GLU A 49 -2.94 8.63 11.80
C GLU A 49 -2.47 9.74 12.74
N SER A 50 -2.02 10.85 12.17
CA SER A 50 -1.46 11.95 12.95
C SER A 50 -2.45 12.50 13.98
N THR A 51 -3.74 12.25 13.79
CA THR A 51 -4.75 12.69 14.75
C THR A 51 -5.75 11.56 15.05
N GLY A 52 -5.98 10.70 14.07
CA GLY A 52 -6.86 9.56 14.26
C GLY A 52 -8.24 9.78 13.64
N LYS A 53 -8.35 10.76 12.76
CA LYS A 53 -9.62 11.02 12.08
C LYS A 53 -9.77 10.07 10.89
N VAL A 54 -10.90 9.36 10.88
CA VAL A 54 -11.21 8.44 9.79
C VAL A 54 -11.67 9.21 8.56
N PHE A 55 -11.49 8.62 7.38
CA PHE A 55 -11.83 9.29 6.13
C PHE A 55 -13.34 9.33 5.91
N ASP A 56 -13.93 10.47 6.21
CA ASP A 56 -15.31 10.75 5.82
C ASP A 56 -15.30 11.93 4.88
N SER A 57 -15.11 11.64 3.60
CA SER A 57 -14.96 12.68 2.59
C SER A 57 -15.79 12.33 1.36
N SER A 58 -16.11 13.36 0.58
CA SER A 58 -17.03 13.24 -0.57
C SER A 58 -16.67 12.06 -1.47
N PHE A 59 -15.39 11.88 -1.73
CA PHE A 59 -14.94 10.80 -2.59
C PHE A 59 -14.58 9.57 -1.77
N ASP A 60 -13.77 9.78 -0.74
CA ASP A 60 -13.24 8.71 0.11
C ASP A 60 -14.35 7.82 0.68
N ARG A 61 -15.48 8.42 1.03
CA ARG A 61 -16.56 7.68 1.69
C ARG A 61 -17.46 6.98 0.67
N ASN A 62 -17.21 7.21 -0.61
CA ASN A 62 -18.05 6.64 -1.64
C ASN A 62 -17.26 5.66 -2.50
N VAL A 63 -16.21 6.15 -3.16
CA VAL A 63 -15.38 5.32 -4.01
C VAL A 63 -13.91 5.70 -3.84
N PRO A 64 -13.11 4.82 -3.22
CA PRO A 64 -11.68 5.04 -3.04
C PRO A 64 -10.92 5.04 -4.36
N PHE A 65 -9.73 5.60 -4.36
CA PHE A 65 -8.92 5.72 -5.56
C PHE A 65 -7.95 4.53 -5.67
N LYS A 66 -7.56 4.21 -6.90
CA LYS A 66 -6.58 3.16 -7.12
C LYS A 66 -5.54 3.62 -8.14
N PHE A 67 -4.34 3.09 -8.02
CA PHE A 67 -3.24 3.51 -8.88
C PHE A 67 -2.54 2.29 -9.50
N HIS A 68 -1.43 2.54 -10.16
CA HIS A 68 -0.63 1.47 -10.77
C HIS A 68 0.73 1.42 -10.11
N LEU A 69 1.33 0.24 -10.03
CA LEU A 69 2.62 0.06 -9.38
C LEU A 69 3.74 0.74 -10.13
N GLU A 70 4.29 1.78 -9.51
CA GLU A 70 5.43 2.54 -10.01
C GLU A 70 5.15 3.11 -11.39
N GLN A 71 4.30 4.13 -11.42
CA GLN A 71 4.11 4.92 -12.63
C GLN A 71 4.64 6.32 -12.36
N GLY A 72 5.46 6.42 -11.32
CA GLY A 72 6.04 7.68 -10.93
C GLY A 72 5.31 8.35 -9.78
N GLU A 73 4.08 7.93 -9.53
CA GLU A 73 3.25 8.60 -8.53
C GLU A 73 3.39 7.95 -7.15
N VAL A 74 3.97 6.75 -7.11
CA VAL A 74 4.20 6.08 -5.84
C VAL A 74 5.69 5.92 -5.62
N ILE A 75 6.17 6.47 -4.52
CA ILE A 75 7.59 6.53 -4.24
C ILE A 75 8.05 5.46 -3.28
N LYS A 76 7.53 5.48 -2.06
CA LYS A 76 8.01 4.58 -1.02
C LYS A 76 6.88 3.77 -0.39
N GLY A 77 6.00 4.47 0.32
CA GLY A 77 5.00 3.81 1.15
C GLY A 77 4.20 2.76 0.41
N TRP A 78 3.62 3.14 -0.72
CA TRP A 78 2.80 2.21 -1.50
C TRP A 78 3.68 1.23 -2.24
N ASP A 79 4.73 1.77 -2.88
CA ASP A 79 5.58 1.02 -3.80
C ASP A 79 6.12 -0.27 -3.18
N ILE A 80 6.64 -0.16 -1.97
CA ILE A 80 7.21 -1.32 -1.29
C ILE A 80 6.10 -2.25 -0.78
N CYS A 81 5.07 -1.69 -0.16
CA CYS A 81 4.02 -2.47 0.45
C CYS A 81 3.25 -3.29 -0.59
N VAL A 82 2.96 -2.67 -1.73
CA VAL A 82 2.20 -3.37 -2.77
C VAL A 82 3.02 -4.52 -3.37
N SER A 83 4.34 -4.33 -3.42
CA SER A 83 5.23 -5.33 -3.98
C SER A 83 5.50 -6.47 -2.98
N SER A 84 4.96 -6.33 -1.78
CA SER A 84 5.16 -7.31 -0.72
C SER A 84 3.82 -7.82 -0.19
N MET A 85 2.87 -8.01 -1.09
CA MET A 85 1.57 -8.56 -0.75
C MET A 85 1.35 -9.91 -1.42
N ARG A 86 0.26 -10.55 -1.09
CA ARG A 86 -0.14 -11.79 -1.73
C ARG A 86 -1.57 -11.62 -2.21
N LYS A 87 -2.03 -12.48 -3.11
CA LYS A 87 -3.39 -12.38 -3.63
C LYS A 87 -4.41 -12.62 -2.50
N ASN A 88 -3.95 -13.21 -1.41
CA ASN A 88 -4.82 -13.47 -0.26
C ASN A 88 -4.25 -12.82 0.99
N GLU A 89 -3.32 -11.89 0.81
CA GLU A 89 -2.66 -11.24 1.94
C GLU A 89 -2.83 -9.72 1.88
N LYS A 90 -3.28 -9.14 2.98
CA LYS A 90 -3.57 -7.72 3.05
C LYS A 90 -3.03 -7.14 4.35
N CYS A 91 -2.53 -5.90 4.31
CA CYS A 91 -2.01 -5.27 5.50
C CYS A 91 -2.19 -3.75 5.46
N LEU A 92 -2.02 -3.12 6.63
CA LEU A 92 -2.09 -1.68 6.76
C LEU A 92 -0.71 -1.07 6.61
N VAL A 93 -0.56 -0.20 5.63
CA VAL A 93 0.73 0.43 5.37
C VAL A 93 0.75 1.83 5.97
N ARG A 94 1.84 2.15 6.65
CA ARG A 94 1.98 3.45 7.29
C ARG A 94 2.75 4.39 6.38
N ILE A 95 2.06 5.39 5.86
CA ILE A 95 2.71 6.38 5.02
C ILE A 95 3.19 7.53 5.88
N GLU A 96 4.47 7.52 6.17
CA GLU A 96 5.10 8.59 6.92
C GLU A 96 5.36 9.77 6.00
N SER A 97 5.70 10.90 6.59
CA SER A 97 5.98 12.13 5.86
C SER A 97 6.94 11.87 4.70
N MET A 98 8.04 11.17 4.97
CA MET A 98 9.05 10.89 3.96
C MET A 98 8.65 9.77 3.01
N TYR A 99 7.55 9.08 3.31
CA TYR A 99 7.09 7.97 2.47
C TYR A 99 6.03 8.45 1.49
N GLY A 100 5.52 9.65 1.71
CA GLY A 100 4.46 10.17 0.87
C GLY A 100 4.92 11.29 -0.02
N TYR A 101 4.02 11.77 -0.88
CA TYR A 101 4.33 12.82 -1.83
C TYR A 101 4.74 14.11 -1.12
N GLY A 102 4.04 14.43 -0.04
CA GLY A 102 4.38 15.60 0.73
C GLY A 102 3.32 16.68 0.62
N ASP A 103 3.39 17.65 1.52
CA ASP A 103 2.43 18.76 1.54
C ASP A 103 2.68 19.71 0.38
N GLU A 104 3.90 19.70 -0.13
CA GLU A 104 4.31 20.59 -1.21
C GLU A 104 3.99 19.97 -2.57
N GLY A 105 3.22 18.89 -2.56
CA GLY A 105 2.88 18.21 -3.80
C GLY A 105 1.40 17.90 -3.89
N CYS A 106 1.05 16.98 -4.77
CA CYS A 106 -0.34 16.58 -4.94
C CYS A 106 -0.80 15.74 -3.75
N GLY A 107 -1.89 16.14 -3.14
CA GLY A 107 -2.44 15.39 -2.02
C GLY A 107 -3.59 14.51 -2.45
N GLU A 108 -3.68 13.33 -1.86
CA GLU A 108 -4.78 12.43 -2.14
C GLU A 108 -6.00 12.82 -1.33
N SER A 109 -5.92 12.59 -0.03
CA SER A 109 -6.96 13.05 0.88
C SER A 109 -6.43 14.26 1.66
N ILE A 110 -5.49 14.00 2.58
CA ILE A 110 -4.82 15.07 3.33
C ILE A 110 -3.36 14.70 3.58
N PRO A 111 -2.42 15.43 2.96
CA PRO A 111 -1.00 15.18 3.12
C PRO A 111 -0.41 15.83 4.38
N GLY A 112 -0.07 17.12 4.27
CA GLY A 112 0.42 17.86 5.42
C GLY A 112 1.73 17.34 5.98
N ASN A 113 2.46 16.53 5.19
CA ASN A 113 3.72 15.94 5.63
C ASN A 113 3.55 15.21 6.95
N SER A 114 2.40 14.59 7.14
CA SER A 114 2.11 13.87 8.36
C SER A 114 2.13 12.36 8.13
N VAL A 115 1.88 11.60 9.18
CA VAL A 115 1.82 10.15 9.07
C VAL A 115 0.37 9.67 8.89
N LEU A 116 0.15 8.84 7.88
CA LEU A 116 -1.15 8.26 7.61
C LEU A 116 -1.02 6.75 7.51
N LEU A 117 -2.13 6.06 7.37
CA LEU A 117 -2.12 4.62 7.17
C LEU A 117 -3.29 4.20 6.28
N PHE A 118 -3.00 3.38 5.30
CA PHE A 118 -4.00 2.89 4.37
C PHE A 118 -3.95 1.37 4.29
N GLU A 119 -5.11 0.75 4.19
CA GLU A 119 -5.17 -0.67 3.91
C GLU A 119 -4.90 -0.89 2.43
N ILE A 120 -3.96 -1.76 2.11
CA ILE A 120 -3.66 -2.04 0.71
C ILE A 120 -4.20 -3.41 0.32
N GLU A 121 -5.13 -3.39 -0.63
CA GLU A 121 -5.80 -4.58 -1.10
C GLU A 121 -5.37 -4.93 -2.52
N LEU A 122 -4.72 -6.09 -2.67
CA LEU A 122 -4.25 -6.55 -3.97
C LEU A 122 -5.31 -7.42 -4.63
N LEU A 123 -6.19 -6.79 -5.40
CA LEU A 123 -7.29 -7.51 -6.05
C LEU A 123 -6.92 -7.89 -7.48
N SER A 124 -6.13 -7.05 -8.13
CA SER A 124 -5.76 -7.29 -9.52
C SER A 124 -4.28 -7.03 -9.71
N PHE A 125 -3.59 -8.00 -10.29
CA PHE A 125 -2.16 -7.90 -10.49
C PHE A 125 -1.70 -9.00 -11.44
N ARG A 126 -0.45 -8.93 -11.86
CA ARG A 126 0.13 -9.96 -12.71
C ARG A 126 1.65 -9.86 -12.67
N GLU A 127 2.31 -10.88 -13.19
CA GLU A 127 3.76 -10.94 -13.22
C GLU A 127 4.18 -11.60 -14.53
N LEU A 128 5.36 -11.28 -15.03
CA LEU A 128 5.80 -11.79 -16.32
C LEU A 128 7.31 -11.79 -16.47
N GLU A 129 7.98 -10.77 -15.95
CA GLU A 129 9.41 -10.61 -16.23
C GLU A 129 10.26 -10.92 -15.01
N HIS A 130 10.78 -12.14 -14.99
CA HIS A 130 11.73 -12.55 -13.98
C HIS A 130 13.15 -12.22 -14.47
N HIS A 131 13.36 -10.96 -14.80
CA HIS A 131 14.61 -10.49 -15.38
C HIS A 131 15.06 -9.20 -14.72
N HIS A 132 16.33 -9.09 -14.41
CA HIS A 132 16.86 -7.88 -13.79
C HIS A 132 17.94 -7.26 -14.65
N HIS A 133 17.70 -6.03 -15.08
CA HIS A 133 18.68 -5.29 -15.87
C HIS A 133 19.79 -4.79 -14.96
N HIS A 134 21.04 -5.07 -15.32
CA HIS A 134 22.17 -4.72 -14.44
C HIS A 134 22.31 -3.21 -14.31
N HIS A 135 22.49 -2.52 -15.43
CA HIS A 135 22.64 -1.06 -15.47
C HIS A 135 23.12 -0.63 -16.85
N MET A 1 -15.85 -7.18 10.85
CA MET A 1 -15.01 -8.10 11.64
C MET A 1 -13.55 -7.97 11.21
N THR A 2 -12.64 -8.30 12.14
CA THR A 2 -11.20 -8.22 11.90
C THR A 2 -10.74 -6.75 11.91
N THR A 3 -11.60 -5.89 12.43
CA THR A 3 -11.28 -4.47 12.55
C THR A 3 -10.46 -4.22 13.81
N GLU A 4 -9.20 -3.81 13.61
CA GLU A 4 -8.23 -3.60 14.69
C GLU A 4 -7.81 -4.92 15.30
N GLN A 5 -6.50 -5.15 15.34
CA GLN A 5 -5.94 -6.42 15.76
C GLN A 5 -4.64 -6.22 16.53
N GLU A 6 -4.35 -7.18 17.40
CA GLU A 6 -3.11 -7.16 18.18
C GLU A 6 -1.99 -7.81 17.38
N PHE A 7 -1.91 -7.46 16.10
CA PHE A 7 -0.92 -8.02 15.21
C PHE A 7 0.43 -7.33 15.35
N GLU A 8 1.45 -7.97 14.82
CA GLU A 8 2.82 -7.50 14.95
C GLU A 8 3.19 -6.65 13.75
N LYS A 9 4.15 -5.74 13.93
CA LYS A 9 4.52 -4.80 12.88
C LYS A 9 5.95 -5.05 12.42
N VAL A 10 6.20 -4.80 11.14
CA VAL A 10 7.55 -4.91 10.60
C VAL A 10 8.13 -3.51 10.42
N GLU A 11 9.09 -3.16 11.27
CA GLU A 11 9.67 -1.83 11.23
C GLU A 11 10.87 -1.76 10.29
N LEU A 12 10.80 -0.83 9.35
CA LEU A 12 11.89 -0.52 8.43
C LEU A 12 12.34 -1.77 7.68
N THR A 13 11.44 -2.32 6.88
CA THR A 13 11.71 -3.53 6.12
C THR A 13 12.93 -3.36 5.19
N ALA A 14 13.55 -4.47 4.85
CA ALA A 14 14.81 -4.47 4.09
C ALA A 14 14.62 -3.99 2.65
N ASP A 15 13.39 -4.03 2.15
CA ASP A 15 13.12 -3.63 0.76
C ASP A 15 12.99 -2.13 0.59
N GLY A 16 13.50 -1.37 1.55
CA GLY A 16 13.53 0.07 1.40
C GLY A 16 12.81 0.83 2.50
N GLY A 17 12.80 0.26 3.70
CA GLY A 17 12.35 0.99 4.88
C GLY A 17 10.91 1.47 4.82
N VAL A 18 9.98 0.59 5.16
CA VAL A 18 8.57 0.96 5.24
C VAL A 18 7.94 0.25 6.44
N ILE A 19 7.08 0.96 7.15
CA ILE A 19 6.39 0.39 8.31
C ILE A 19 5.03 -0.19 7.88
N LYS A 20 4.88 -1.50 7.97
CA LYS A 20 3.61 -2.11 7.59
C LYS A 20 3.24 -3.26 8.52
N THR A 21 1.94 -3.42 8.73
CA THR A 21 1.40 -4.45 9.59
C THR A 21 0.70 -5.53 8.76
N ILE A 22 0.88 -6.80 9.13
CA ILE A 22 0.23 -7.88 8.42
C ILE A 22 -1.10 -8.24 9.09
N LEU A 23 -2.15 -8.36 8.30
CA LEU A 23 -3.47 -8.69 8.84
C LEU A 23 -3.94 -10.04 8.33
N LYS A 24 -3.89 -10.24 7.03
CA LYS A 24 -4.30 -11.51 6.44
C LYS A 24 -3.15 -12.08 5.62
N LYS A 25 -2.90 -13.38 5.79
CA LYS A 25 -1.84 -14.05 5.07
C LYS A 25 -2.40 -14.81 3.86
N GLY A 26 -1.60 -14.89 2.81
CA GLY A 26 -1.98 -15.66 1.63
C GLY A 26 -1.87 -17.15 1.87
N ASP A 27 -2.37 -17.94 0.92
CA ASP A 27 -2.32 -19.39 1.04
C ASP A 27 -1.06 -19.94 0.38
N GLU A 28 -0.99 -19.80 -0.93
CA GLU A 28 0.14 -20.35 -1.70
C GLU A 28 0.37 -19.51 -2.95
N GLY A 29 1.60 -19.50 -3.44
CA GLY A 29 1.88 -18.82 -4.69
C GLY A 29 3.20 -18.09 -4.67
N GLU A 30 4.22 -18.70 -5.27
CA GLU A 30 5.50 -18.02 -5.46
C GLU A 30 5.39 -16.98 -6.57
N GLU A 31 4.71 -17.38 -7.64
CA GLU A 31 4.54 -16.51 -8.81
C GLU A 31 3.42 -15.52 -8.58
N ASN A 32 2.50 -15.85 -7.68
CA ASN A 32 1.42 -14.92 -7.34
C ASN A 32 1.94 -13.87 -6.38
N ILE A 33 2.69 -12.94 -6.94
CA ILE A 33 3.31 -11.86 -6.19
C ILE A 33 3.35 -10.60 -7.05
N PRO A 34 2.69 -9.53 -6.60
CA PRO A 34 2.69 -8.25 -7.33
C PRO A 34 4.09 -7.67 -7.46
N LYS A 35 4.49 -7.38 -8.70
CA LYS A 35 5.81 -6.79 -8.93
C LYS A 35 5.64 -5.41 -9.53
N LYS A 36 6.58 -4.52 -9.26
CA LYS A 36 6.50 -3.18 -9.81
C LYS A 36 6.93 -3.17 -11.28
N GLY A 37 6.29 -2.34 -12.07
CA GLY A 37 6.55 -2.32 -13.50
C GLY A 37 5.48 -3.10 -14.25
N ASN A 38 4.82 -3.99 -13.54
CA ASN A 38 3.72 -4.76 -14.11
C ASN A 38 2.39 -4.14 -13.70
N GLU A 39 1.31 -4.61 -14.31
CA GLU A 39 0.01 -4.04 -14.06
C GLU A 39 -0.66 -4.71 -12.86
N VAL A 40 -1.07 -3.90 -11.91
CA VAL A 40 -1.81 -4.38 -10.75
C VAL A 40 -2.98 -3.44 -10.49
N THR A 41 -3.97 -3.93 -9.75
CA THR A 41 -5.11 -3.13 -9.36
C THR A 41 -5.34 -3.27 -7.86
N VAL A 42 -5.10 -2.19 -7.13
CA VAL A 42 -5.21 -2.24 -5.67
C VAL A 42 -6.19 -1.21 -5.15
N HIS A 43 -6.76 -1.50 -4.00
CA HIS A 43 -7.68 -0.58 -3.35
C HIS A 43 -7.07 -0.16 -2.01
N TYR A 44 -7.05 1.14 -1.76
CA TYR A 44 -6.49 1.67 -0.53
C TYR A 44 -7.48 2.59 0.15
N VAL A 45 -7.50 2.55 1.48
CA VAL A 45 -8.38 3.38 2.28
C VAL A 45 -7.92 3.31 3.74
N GLY A 46 -8.30 4.30 4.55
CA GLY A 46 -7.90 4.26 5.94
C GLY A 46 -8.21 5.55 6.67
N LYS A 47 -7.22 6.07 7.37
CA LYS A 47 -7.38 7.28 8.16
C LYS A 47 -6.03 7.96 8.40
N LEU A 48 -6.06 9.15 8.99
CA LEU A 48 -4.86 9.88 9.32
C LEU A 48 -4.44 9.60 10.76
N GLU A 49 -3.34 8.86 10.94
CA GLU A 49 -2.87 8.48 12.27
C GLU A 49 -2.37 9.69 13.01
N SER A 50 -2.05 10.73 12.25
CA SER A 50 -1.51 11.97 12.80
C SER A 50 -2.45 12.55 13.87
N THR A 51 -3.75 12.53 13.60
CA THR A 51 -4.71 13.10 14.52
C THR A 51 -5.78 12.08 14.91
N GLY A 52 -5.63 10.85 14.42
CA GLY A 52 -6.55 9.78 14.76
C GLY A 52 -7.92 9.94 14.10
N LYS A 53 -7.99 10.79 13.08
CA LYS A 53 -9.24 11.04 12.38
C LYS A 53 -9.39 10.11 11.19
N VAL A 54 -10.56 9.52 11.07
CA VAL A 54 -10.85 8.59 9.99
C VAL A 54 -11.10 9.36 8.70
N PHE A 55 -11.13 8.65 7.57
CA PHE A 55 -11.37 9.28 6.29
C PHE A 55 -12.82 9.68 6.15
N ASP A 56 -13.04 10.98 6.02
CA ASP A 56 -14.38 11.52 5.86
C ASP A 56 -14.36 12.60 4.79
N SER A 57 -14.70 12.23 3.56
CA SER A 57 -14.73 13.17 2.47
C SER A 57 -15.97 12.93 1.60
N SER A 58 -16.21 13.84 0.68
CA SER A 58 -17.33 13.71 -0.24
C SER A 58 -17.08 12.57 -1.25
N PHE A 59 -15.81 12.38 -1.62
CA PHE A 59 -15.45 11.40 -2.62
C PHE A 59 -15.11 10.03 -2.02
N ASP A 60 -14.47 10.03 -0.85
CA ASP A 60 -13.93 8.79 -0.27
C ASP A 60 -15.05 7.78 0.02
N ARG A 61 -16.21 8.28 0.39
CA ARG A 61 -17.33 7.41 0.72
C ARG A 61 -18.11 7.03 -0.53
N ASN A 62 -17.82 7.71 -1.62
CA ASN A 62 -18.62 7.54 -2.84
C ASN A 62 -17.81 6.87 -3.95
N VAL A 63 -16.74 7.51 -4.37
CA VAL A 63 -15.91 7.01 -5.46
C VAL A 63 -14.48 6.73 -4.97
N PRO A 64 -14.14 5.45 -4.76
CA PRO A 64 -12.81 5.05 -4.30
C PRO A 64 -11.76 5.20 -5.39
N PHE A 65 -10.53 5.50 -4.99
CA PHE A 65 -9.45 5.68 -5.94
C PHE A 65 -8.56 4.44 -5.96
N LYS A 66 -7.95 4.18 -7.11
CA LYS A 66 -7.05 3.05 -7.25
C LYS A 66 -5.92 3.42 -8.21
N PHE A 67 -4.73 2.88 -7.96
CA PHE A 67 -3.56 3.24 -8.76
C PHE A 67 -2.86 2.01 -9.30
N HIS A 68 -1.74 2.23 -10.00
CA HIS A 68 -0.94 1.14 -10.56
C HIS A 68 0.45 1.18 -9.94
N LEU A 69 1.08 0.02 -9.82
CA LEU A 69 2.36 -0.07 -9.14
C LEU A 69 3.51 0.46 -10.00
N GLU A 70 4.14 1.53 -9.50
CA GLU A 70 5.33 2.11 -10.12
C GLU A 70 5.02 2.77 -11.46
N GLN A 71 3.98 3.61 -11.47
CA GLN A 71 3.70 4.45 -12.63
C GLN A 71 4.39 5.80 -12.43
N GLY A 72 5.08 5.94 -11.30
CA GLY A 72 5.75 7.18 -10.98
C GLY A 72 5.03 7.98 -9.91
N GLU A 73 3.90 7.46 -9.40
CA GLU A 73 3.15 8.16 -8.36
C GLU A 73 3.48 7.62 -6.97
N VAL A 74 3.93 6.37 -6.90
CA VAL A 74 4.23 5.76 -5.62
C VAL A 74 5.74 5.70 -5.39
N ILE A 75 6.19 6.28 -4.28
CA ILE A 75 7.61 6.34 -3.96
C ILE A 75 8.05 5.22 -3.01
N LYS A 76 7.51 5.21 -1.80
CA LYS A 76 7.96 4.28 -0.78
C LYS A 76 6.82 3.51 -0.13
N GLY A 77 5.91 4.23 0.53
CA GLY A 77 4.90 3.60 1.36
C GLY A 77 4.11 2.52 0.63
N TRP A 78 3.55 2.86 -0.51
CA TRP A 78 2.77 1.92 -1.28
C TRP A 78 3.68 0.92 -1.99
N ASP A 79 4.83 1.43 -2.47
CA ASP A 79 5.77 0.64 -3.27
C ASP A 79 6.15 -0.67 -2.60
N ILE A 80 6.57 -0.59 -1.36
CA ILE A 80 6.97 -1.78 -0.61
C ILE A 80 5.74 -2.59 -0.19
N CYS A 81 4.71 -1.89 0.26
CA CYS A 81 3.52 -2.56 0.81
C CYS A 81 2.87 -3.46 -0.23
N VAL A 82 2.60 -2.93 -1.41
CA VAL A 82 1.85 -3.68 -2.43
C VAL A 82 2.64 -4.87 -2.95
N SER A 83 3.93 -4.68 -3.22
CA SER A 83 4.78 -5.74 -3.78
C SER A 83 5.03 -6.86 -2.76
N SER A 84 4.75 -6.56 -1.50
CA SER A 84 4.96 -7.54 -0.43
C SER A 84 3.65 -8.22 -0.07
N MET A 85 2.72 -8.26 -1.01
CA MET A 85 1.43 -8.90 -0.78
C MET A 85 1.21 -10.05 -1.73
N ARG A 86 0.00 -10.60 -1.68
CA ARG A 86 -0.42 -11.67 -2.56
C ARG A 86 -1.88 -11.46 -2.95
N LYS A 87 -2.39 -12.31 -3.82
CA LYS A 87 -3.73 -12.13 -4.40
C LYS A 87 -4.83 -12.20 -3.34
N ASN A 88 -4.50 -12.73 -2.17
CA ASN A 88 -5.47 -12.83 -1.07
C ASN A 88 -4.84 -12.41 0.26
N GLU A 89 -3.88 -11.50 0.17
CA GLU A 89 -3.16 -11.04 1.34
C GLU A 89 -3.47 -9.56 1.60
N LYS A 90 -3.35 -9.13 2.85
CA LYS A 90 -3.77 -7.78 3.20
C LYS A 90 -2.83 -7.18 4.26
N CYS A 91 -2.32 -5.99 3.97
CA CYS A 91 -1.40 -5.30 4.88
C CYS A 91 -1.88 -3.87 5.18
N LEU A 92 -1.53 -3.38 6.36
CA LEU A 92 -1.77 -1.99 6.73
C LEU A 92 -0.44 -1.24 6.73
N VAL A 93 -0.35 -0.23 5.89
CA VAL A 93 0.91 0.47 5.71
C VAL A 93 0.85 1.88 6.29
N ARG A 94 1.96 2.29 6.89
CA ARG A 94 2.07 3.63 7.43
C ARG A 94 2.83 4.52 6.46
N ILE A 95 2.17 5.55 5.96
CA ILE A 95 2.81 6.49 5.05
C ILE A 95 3.29 7.70 5.83
N GLU A 96 4.59 7.76 6.04
CA GLU A 96 5.22 8.90 6.69
C GLU A 96 5.47 9.98 5.64
N SER A 97 5.87 11.17 6.09
CA SER A 97 6.16 12.28 5.20
C SER A 97 7.10 11.87 4.07
N MET A 98 8.21 11.22 4.42
CA MET A 98 9.22 10.84 3.44
C MET A 98 8.78 9.61 2.64
N TYR A 99 7.74 8.93 3.10
CA TYR A 99 7.23 7.74 2.41
C TYR A 99 6.28 8.16 1.28
N GLY A 100 5.99 9.45 1.22
CA GLY A 100 5.12 9.99 0.21
C GLY A 100 5.64 11.29 -0.35
N TYR A 101 4.76 12.06 -0.98
CA TYR A 101 5.16 13.36 -1.55
C TYR A 101 4.90 14.49 -0.56
N GLY A 102 5.01 14.16 0.72
CA GLY A 102 4.78 15.16 1.76
C GLY A 102 5.81 16.26 1.74
N ASP A 103 7.03 15.92 1.33
CA ASP A 103 8.11 16.88 1.20
C ASP A 103 7.74 17.97 0.20
N GLU A 104 7.02 17.58 -0.84
CA GLU A 104 6.65 18.49 -1.90
C GLU A 104 5.31 19.16 -1.59
N GLY A 105 4.38 18.39 -1.04
CA GLY A 105 3.08 18.92 -0.69
C GLY A 105 1.96 18.27 -1.45
N CYS A 106 2.32 17.43 -2.41
CA CYS A 106 1.32 16.74 -3.23
C CYS A 106 0.64 15.63 -2.43
N GLY A 107 -0.61 15.84 -2.09
CA GLY A 107 -1.37 14.85 -1.36
C GLY A 107 -2.78 14.74 -1.89
N GLU A 108 -3.26 13.50 -2.02
CA GLU A 108 -4.56 13.23 -2.60
C GLU A 108 -5.67 13.66 -1.66
N SER A 109 -5.54 13.30 -0.38
CA SER A 109 -6.51 13.72 0.62
C SER A 109 -5.85 14.72 1.57
N ILE A 110 -4.99 14.21 2.45
CA ILE A 110 -4.23 15.06 3.36
C ILE A 110 -2.82 14.50 3.56
N PRO A 111 -1.80 15.26 3.15
CA PRO A 111 -0.42 14.93 3.46
C PRO A 111 -0.04 15.36 4.88
N GLY A 112 0.01 16.68 5.10
CA GLY A 112 0.27 17.22 6.43
C GLY A 112 1.69 16.94 6.93
N ASN A 113 2.49 16.26 6.09
CA ASN A 113 3.85 15.87 6.46
C ASN A 113 3.84 14.93 7.66
N SER A 114 2.75 14.21 7.82
CA SER A 114 2.58 13.31 8.95
C SER A 114 2.40 11.88 8.48
N VAL A 115 1.91 11.01 9.35
CA VAL A 115 1.75 9.60 9.02
C VAL A 115 0.28 9.22 8.85
N LEU A 116 -0.02 8.55 7.74
CA LEU A 116 -1.37 8.07 7.47
C LEU A 116 -1.38 6.53 7.50
N LEU A 117 -2.56 5.94 7.64
CA LEU A 117 -2.69 4.48 7.58
C LEU A 117 -3.56 4.11 6.39
N PHE A 118 -2.97 3.39 5.45
CA PHE A 118 -3.72 2.90 4.30
C PHE A 118 -3.82 1.39 4.32
N GLU A 119 -5.04 0.89 4.26
CA GLU A 119 -5.28 -0.52 4.09
C GLU A 119 -5.13 -0.87 2.61
N ILE A 120 -4.12 -1.67 2.30
CA ILE A 120 -3.87 -2.04 0.92
C ILE A 120 -4.23 -3.50 0.68
N GLU A 121 -5.11 -3.72 -0.29
CA GLU A 121 -5.56 -5.06 -0.63
C GLU A 121 -5.39 -5.30 -2.13
N LEU A 122 -4.77 -6.44 -2.46
CA LEU A 122 -4.50 -6.78 -3.86
C LEU A 122 -5.64 -7.60 -4.43
N LEU A 123 -6.52 -6.96 -5.18
CA LEU A 123 -7.65 -7.65 -5.77
C LEU A 123 -7.30 -8.22 -7.14
N SER A 124 -6.40 -7.55 -7.85
CA SER A 124 -6.00 -8.00 -9.17
C SER A 124 -4.56 -7.61 -9.48
N PHE A 125 -3.89 -8.44 -10.26
CA PHE A 125 -2.51 -8.21 -10.68
C PHE A 125 -2.17 -9.14 -11.84
N ARG A 126 -1.15 -8.80 -12.60
CA ARG A 126 -0.75 -9.60 -13.76
C ARG A 126 0.70 -9.33 -14.16
N GLU A 127 1.54 -10.34 -14.00
CA GLU A 127 2.94 -10.24 -14.43
C GLU A 127 3.08 -10.61 -15.90
N LEU A 128 3.92 -9.86 -16.59
CA LEU A 128 4.22 -10.13 -17.98
C LEU A 128 5.70 -9.89 -18.24
N GLU A 129 6.55 -10.53 -17.41
CA GLU A 129 8.01 -10.43 -17.52
C GLU A 129 8.49 -9.09 -16.94
N HIS A 130 9.79 -8.80 -17.01
CA HIS A 130 10.35 -7.65 -16.30
C HIS A 130 11.08 -6.67 -17.23
N HIS A 131 11.97 -7.18 -18.07
CA HIS A 131 12.77 -6.31 -18.93
C HIS A 131 12.67 -6.72 -20.40
N HIS A 132 11.86 -5.98 -21.16
CA HIS A 132 11.69 -6.26 -22.57
C HIS A 132 12.69 -5.47 -23.40
N HIS A 133 13.97 -5.81 -23.25
CA HIS A 133 15.05 -5.12 -23.97
C HIS A 133 14.99 -3.62 -23.76
N HIS A 134 15.24 -3.18 -22.54
CA HIS A 134 15.26 -1.75 -22.25
C HIS A 134 16.28 -1.46 -21.18
N HIS A 135 17.07 -0.43 -21.40
CA HIS A 135 18.17 -0.09 -20.51
C HIS A 135 17.81 1.13 -19.67
N MET A 1 -13.79 -7.42 26.87
CA MET A 1 -14.93 -7.19 25.96
C MET A 1 -14.47 -6.45 24.70
N THR A 2 -13.95 -5.23 24.88
CA THR A 2 -13.45 -4.45 23.76
C THR A 2 -12.14 -5.04 23.25
N THR A 3 -12.23 -5.81 22.16
CA THR A 3 -11.08 -6.55 21.67
C THR A 3 -10.59 -6.02 20.32
N GLU A 4 -9.40 -5.45 20.32
CA GLU A 4 -8.76 -5.03 19.09
C GLU A 4 -7.70 -6.04 18.69
N GLN A 5 -7.45 -6.17 17.39
CA GLN A 5 -6.63 -7.24 16.86
C GLN A 5 -5.14 -6.99 17.12
N GLU A 6 -4.49 -7.97 17.75
CA GLU A 6 -3.05 -7.90 17.97
C GLU A 6 -2.32 -8.41 16.74
N PHE A 7 -1.76 -7.48 15.97
CA PHE A 7 -0.98 -7.86 14.81
C PHE A 7 0.43 -7.28 14.89
N GLU A 8 1.39 -8.11 14.54
CA GLU A 8 2.80 -7.72 14.61
C GLU A 8 3.14 -6.80 13.44
N LYS A 9 3.99 -5.83 13.72
CA LYS A 9 4.34 -4.80 12.75
C LYS A 9 5.75 -5.04 12.24
N VAL A 10 5.94 -4.91 10.94
CA VAL A 10 7.25 -5.07 10.34
C VAL A 10 7.77 -3.70 9.90
N GLU A 11 8.75 -3.19 10.62
CA GLU A 11 9.28 -1.86 10.37
C GLU A 11 10.62 -1.93 9.63
N LEU A 12 10.74 -1.09 8.61
CA LEU A 12 12.00 -0.89 7.90
C LEU A 12 12.56 -2.18 7.32
N THR A 13 11.74 -2.92 6.59
CA THR A 13 12.19 -4.12 5.92
C THR A 13 13.29 -3.77 4.91
N ALA A 14 14.15 -4.74 4.61
CA ALA A 14 15.33 -4.49 3.78
C ALA A 14 14.98 -4.26 2.31
N ASP A 15 13.70 -4.28 1.99
CA ASP A 15 13.27 -4.13 0.60
C ASP A 15 12.81 -2.69 0.31
N GLY A 16 13.32 -1.73 1.07
CA GLY A 16 12.94 -0.34 0.86
C GLY A 16 12.35 0.33 2.09
N GLY A 17 12.43 -0.32 3.24
CA GLY A 17 12.08 0.29 4.52
C GLY A 17 10.67 0.83 4.61
N VAL A 18 9.68 -0.05 4.58
CA VAL A 18 8.30 0.36 4.79
C VAL A 18 7.73 -0.29 6.05
N ILE A 19 6.97 0.49 6.81
CA ILE A 19 6.32 0.00 8.02
C ILE A 19 4.96 -0.58 7.65
N LYS A 20 4.83 -1.89 7.73
CA LYS A 20 3.57 -2.55 7.40
C LYS A 20 3.09 -3.43 8.54
N THR A 21 1.79 -3.50 8.70
CA THR A 21 1.17 -4.34 9.71
C THR A 21 0.37 -5.45 9.03
N ILE A 22 0.71 -6.70 9.33
CA ILE A 22 0.09 -7.84 8.68
C ILE A 22 -1.36 -8.05 9.14
N LEU A 23 -2.29 -8.11 8.20
CA LEU A 23 -3.69 -8.40 8.49
C LEU A 23 -4.04 -9.82 8.06
N LYS A 24 -3.94 -10.06 6.76
CA LYS A 24 -4.18 -11.38 6.19
C LYS A 24 -2.90 -11.88 5.54
N LYS A 25 -2.55 -13.13 5.79
CA LYS A 25 -1.33 -13.71 5.25
C LYS A 25 -1.62 -14.62 4.07
N GLY A 26 -0.78 -14.54 3.03
CA GLY A 26 -0.96 -15.40 1.88
C GLY A 26 -0.29 -16.75 2.07
N ASP A 27 -1.01 -17.80 1.73
CA ASP A 27 -0.48 -19.17 1.90
C ASP A 27 0.34 -19.55 0.68
N GLU A 28 -0.31 -19.65 -0.46
CA GLU A 28 0.37 -19.89 -1.71
C GLU A 28 0.61 -18.57 -2.43
N GLY A 29 1.74 -18.45 -3.09
CA GLY A 29 2.04 -17.25 -3.84
C GLY A 29 2.99 -17.52 -4.99
N GLU A 30 3.16 -18.79 -5.32
CA GLU A 30 4.09 -19.18 -6.38
C GLU A 30 3.54 -18.77 -7.74
N GLU A 31 2.22 -18.57 -7.80
CA GLU A 31 1.57 -18.07 -9.00
C GLU A 31 0.97 -16.69 -8.73
N ASN A 32 1.38 -16.08 -7.63
CA ASN A 32 0.78 -14.83 -7.16
C ASN A 32 1.83 -13.86 -6.65
N ILE A 33 2.49 -13.15 -7.55
CA ILE A 33 3.52 -12.20 -7.16
C ILE A 33 3.25 -10.79 -7.70
N PRO A 34 2.95 -9.83 -6.81
CA PRO A 34 2.74 -8.44 -7.19
C PRO A 34 4.04 -7.62 -7.15
N LYS A 35 4.52 -7.21 -8.31
CA LYS A 35 5.72 -6.39 -8.38
C LYS A 35 5.55 -5.26 -9.39
N LYS A 36 6.63 -4.53 -9.64
CA LYS A 36 6.57 -3.37 -10.51
C LYS A 36 6.87 -3.77 -11.95
N GLY A 37 6.34 -3.00 -12.89
CA GLY A 37 6.54 -3.31 -14.30
C GLY A 37 5.30 -3.87 -14.94
N ASN A 38 4.28 -4.10 -14.13
CA ASN A 38 3.03 -4.67 -14.61
C ASN A 38 1.85 -3.92 -14.02
N GLU A 39 0.65 -4.39 -14.30
CA GLU A 39 -0.54 -3.79 -13.76
C GLU A 39 -1.01 -4.54 -12.52
N VAL A 40 -0.58 -4.06 -11.37
CA VAL A 40 -1.14 -4.52 -10.12
C VAL A 40 -2.20 -3.54 -9.65
N THR A 41 -3.40 -4.02 -9.47
CA THR A 41 -4.49 -3.18 -9.04
C THR A 41 -4.67 -3.28 -7.53
N VAL A 42 -4.36 -2.19 -6.84
CA VAL A 42 -4.40 -2.18 -5.40
C VAL A 42 -5.43 -1.17 -4.91
N HIS A 43 -6.27 -1.61 -4.00
CA HIS A 43 -7.28 -0.75 -3.41
C HIS A 43 -6.81 -0.31 -2.03
N TYR A 44 -6.83 0.99 -1.79
CA TYR A 44 -6.33 1.54 -0.54
C TYR A 44 -7.35 2.46 0.10
N VAL A 45 -7.39 2.43 1.43
CA VAL A 45 -8.27 3.30 2.21
C VAL A 45 -7.86 3.28 3.67
N GLY A 46 -7.97 4.40 4.35
CA GLY A 46 -7.58 4.48 5.75
C GLY A 46 -7.99 5.78 6.39
N LYS A 47 -7.12 6.34 7.23
CA LYS A 47 -7.41 7.60 7.89
C LYS A 47 -6.11 8.28 8.34
N LEU A 48 -6.25 9.50 8.82
CA LEU A 48 -5.10 10.27 9.28
C LEU A 48 -4.78 9.95 10.73
N GLU A 49 -3.76 9.11 10.94
CA GLU A 49 -3.37 8.70 12.30
C GLU A 49 -2.77 9.87 13.07
N SER A 50 -2.23 10.83 12.34
CA SER A 50 -1.54 11.98 12.92
C SER A 50 -2.45 12.71 13.93
N THR A 51 -3.76 12.61 13.73
CA THR A 51 -4.70 13.22 14.65
C THR A 51 -5.89 12.29 14.89
N GLY A 52 -5.77 11.06 14.38
CA GLY A 52 -6.82 10.07 14.52
C GLY A 52 -8.13 10.51 13.89
N LYS A 53 -8.04 11.12 12.71
CA LYS A 53 -9.23 11.58 12.01
C LYS A 53 -9.58 10.64 10.88
N VAL A 54 -10.77 10.04 10.96
CA VAL A 54 -11.26 9.13 9.93
C VAL A 54 -11.67 9.93 8.70
N PHE A 55 -11.77 9.26 7.56
CA PHE A 55 -12.15 9.93 6.33
C PHE A 55 -13.66 10.16 6.27
N ASP A 56 -14.04 11.41 6.08
CA ASP A 56 -15.42 11.79 5.83
C ASP A 56 -15.47 12.84 4.73
N SER A 57 -15.54 12.38 3.49
CA SER A 57 -15.50 13.25 2.34
C SER A 57 -16.54 12.84 1.30
N SER A 58 -16.68 13.67 0.28
CA SER A 58 -17.56 13.37 -0.84
C SER A 58 -16.97 12.25 -1.70
N PHE A 59 -15.65 12.07 -1.65
CA PHE A 59 -14.97 11.11 -2.50
C PHE A 59 -14.77 9.76 -1.84
N ASP A 60 -14.22 9.75 -0.63
CA ASP A 60 -13.74 8.53 0.02
C ASP A 60 -14.85 7.49 0.16
N ARG A 61 -16.04 7.94 0.57
CA ARG A 61 -17.16 7.04 0.79
C ARG A 61 -18.01 6.89 -0.46
N ASN A 62 -17.53 7.43 -1.56
CA ASN A 62 -18.26 7.35 -2.82
C ASN A 62 -17.52 6.54 -3.86
N VAL A 63 -16.35 7.02 -4.26
CA VAL A 63 -15.62 6.42 -5.37
C VAL A 63 -14.43 5.61 -4.87
N PRO A 64 -14.34 4.35 -5.32
CA PRO A 64 -13.22 3.48 -5.00
C PRO A 64 -12.05 3.71 -5.96
N PHE A 65 -10.95 4.26 -5.44
CA PHE A 65 -9.79 4.57 -6.27
C PHE A 65 -8.76 3.43 -6.22
N LYS A 66 -7.96 3.33 -7.27
CA LYS A 66 -6.96 2.27 -7.39
C LYS A 66 -5.69 2.81 -8.04
N PHE A 67 -4.56 2.14 -7.81
CA PHE A 67 -3.31 2.55 -8.43
C PHE A 67 -2.51 1.34 -8.88
N HIS A 68 -1.41 1.60 -9.59
CA HIS A 68 -0.48 0.56 -10.03
C HIS A 68 0.92 0.86 -9.50
N LEU A 69 1.71 -0.18 -9.27
CA LEU A 69 3.04 -0.02 -8.70
C LEU A 69 4.01 0.61 -9.71
N GLU A 70 4.81 1.57 -9.22
CA GLU A 70 5.76 2.32 -10.05
C GLU A 70 5.10 2.92 -11.29
N GLN A 71 3.87 3.38 -11.12
CA GLN A 71 3.21 4.18 -12.16
C GLN A 71 3.75 5.61 -12.11
N GLY A 72 4.54 5.88 -11.08
CA GLY A 72 5.17 7.19 -10.94
C GLY A 72 4.49 8.07 -9.92
N GLU A 73 3.25 7.75 -9.59
CA GLU A 73 2.48 8.58 -8.66
C GLU A 73 2.80 8.20 -7.21
N VAL A 74 3.31 7.00 -7.00
CA VAL A 74 3.64 6.52 -5.67
C VAL A 74 5.16 6.34 -5.53
N ILE A 75 5.72 6.81 -4.42
CA ILE A 75 7.17 6.82 -4.27
C ILE A 75 7.71 5.61 -3.51
N LYS A 76 7.31 5.42 -2.26
CA LYS A 76 7.94 4.39 -1.42
C LYS A 76 6.94 3.71 -0.50
N GLY A 77 6.06 4.47 0.16
CA GLY A 77 5.15 3.89 1.13
C GLY A 77 4.34 2.74 0.56
N TRP A 78 3.70 2.99 -0.56
CA TRP A 78 2.94 1.95 -1.25
C TRP A 78 3.87 1.00 -1.98
N ASP A 79 5.00 1.53 -2.43
CA ASP A 79 5.95 0.83 -3.29
C ASP A 79 6.34 -0.54 -2.73
N ILE A 80 6.81 -0.56 -1.49
CA ILE A 80 7.24 -1.81 -0.86
C ILE A 80 6.03 -2.64 -0.43
N CYS A 81 5.04 -1.96 0.13
CA CYS A 81 3.87 -2.63 0.69
C CYS A 81 3.18 -3.50 -0.35
N VAL A 82 2.95 -2.95 -1.54
CA VAL A 82 2.25 -3.70 -2.59
C VAL A 82 3.15 -4.77 -3.18
N SER A 83 4.47 -4.52 -3.22
CA SER A 83 5.43 -5.51 -3.71
C SER A 83 5.48 -6.72 -2.79
N SER A 84 5.07 -6.51 -1.54
CA SER A 84 5.14 -7.55 -0.54
C SER A 84 3.73 -7.99 -0.13
N MET A 85 2.87 -8.21 -1.12
CA MET A 85 1.49 -8.64 -0.88
C MET A 85 1.17 -9.92 -1.63
N ARG A 86 -0.10 -10.31 -1.57
CA ARG A 86 -0.62 -11.44 -2.33
C ARG A 86 -2.11 -11.24 -2.53
N LYS A 87 -2.71 -11.92 -3.50
CA LYS A 87 -4.14 -11.84 -3.78
C LYS A 87 -5.00 -11.96 -2.51
N ASN A 88 -4.58 -12.82 -1.60
CA ASN A 88 -5.32 -13.05 -0.36
C ASN A 88 -4.56 -12.48 0.84
N GLU A 89 -3.48 -11.78 0.58
CA GLU A 89 -2.67 -11.21 1.64
C GLU A 89 -2.91 -9.72 1.71
N LYS A 90 -2.97 -9.20 2.92
CA LYS A 90 -3.30 -7.80 3.12
C LYS A 90 -2.57 -7.24 4.32
N CYS A 91 -2.03 -6.04 4.16
CA CYS A 91 -1.36 -5.36 5.25
C CYS A 91 -1.77 -3.91 5.31
N LEU A 92 -1.57 -3.31 6.47
CA LEU A 92 -1.76 -1.89 6.64
C LEU A 92 -0.44 -1.20 6.38
N VAL A 93 -0.49 -0.05 5.76
CA VAL A 93 0.72 0.68 5.39
C VAL A 93 0.82 1.98 6.19
N ARG A 94 2.01 2.25 6.69
CA ARG A 94 2.24 3.46 7.45
C ARG A 94 3.06 4.44 6.63
N ILE A 95 2.46 5.55 6.23
CA ILE A 95 3.17 6.55 5.46
C ILE A 95 3.68 7.64 6.39
N GLU A 96 4.98 7.65 6.60
CA GLU A 96 5.60 8.70 7.39
C GLU A 96 5.92 9.89 6.48
N SER A 97 6.44 10.95 7.06
CA SER A 97 6.75 12.16 6.31
C SER A 97 7.69 11.89 5.13
N MET A 98 8.64 10.99 5.35
CA MET A 98 9.66 10.70 4.34
C MET A 98 9.12 9.79 3.23
N TYR A 99 7.92 9.25 3.42
CA TYR A 99 7.35 8.32 2.45
C TYR A 99 6.28 9.00 1.61
N GLY A 100 6.13 10.30 1.79
CA GLY A 100 5.09 11.03 1.08
C GLY A 100 5.66 12.18 0.26
N TYR A 101 4.80 12.84 -0.50
CA TYR A 101 5.21 14.01 -1.31
C TYR A 101 5.26 15.27 -0.45
N GLY A 102 4.81 15.15 0.79
CA GLY A 102 4.74 16.30 1.66
C GLY A 102 3.72 17.31 1.17
N ASP A 103 3.96 18.58 1.45
CA ASP A 103 3.05 19.65 1.04
C ASP A 103 3.38 20.17 -0.35
N GLU A 104 4.48 19.68 -0.91
CA GLU A 104 4.95 20.17 -2.20
C GLU A 104 4.25 19.45 -3.36
N GLY A 105 4.16 18.13 -3.26
CA GLY A 105 3.52 17.36 -4.30
C GLY A 105 2.02 17.30 -4.13
N CYS A 106 1.34 16.78 -5.14
CA CYS A 106 -0.12 16.65 -5.08
C CYS A 106 -0.52 15.40 -4.30
N GLY A 107 -0.79 15.58 -3.02
CA GLY A 107 -1.17 14.47 -2.17
C GLY A 107 -2.54 13.92 -2.53
N GLU A 108 -2.75 12.65 -2.24
CA GLU A 108 -4.00 11.98 -2.58
C GLU A 108 -5.15 12.47 -1.70
N SER A 109 -5.01 12.29 -0.40
CA SER A 109 -6.05 12.75 0.52
C SER A 109 -5.61 13.98 1.31
N ILE A 110 -4.73 13.78 2.30
CA ILE A 110 -4.22 14.89 3.10
C ILE A 110 -2.79 14.63 3.57
N PRO A 111 -1.81 15.28 2.94
CA PRO A 111 -0.42 15.22 3.36
C PRO A 111 -0.02 16.41 4.23
N GLY A 112 1.23 16.45 4.66
CA GLY A 112 1.72 17.58 5.42
C GLY A 112 2.38 17.19 6.72
N ASN A 113 3.52 16.51 6.63
CA ASN A 113 4.29 16.09 7.82
C ASN A 113 3.44 15.28 8.79
N SER A 114 2.39 14.67 8.28
CA SER A 114 1.49 13.86 9.09
C SER A 114 1.65 12.40 8.75
N VAL A 115 1.40 11.54 9.73
CA VAL A 115 1.45 10.11 9.51
C VAL A 115 0.07 9.57 9.20
N LEU A 116 -0.03 8.80 8.13
CA LEU A 116 -1.31 8.22 7.72
C LEU A 116 -1.21 6.71 7.63
N LEU A 117 -2.33 6.04 7.85
CA LEU A 117 -2.39 4.59 7.74
C LEU A 117 -3.53 4.15 6.83
N PHE A 118 -3.19 3.36 5.83
CA PHE A 118 -4.18 2.85 4.88
C PHE A 118 -4.10 1.34 4.79
N GLU A 119 -5.21 0.71 4.45
CA GLU A 119 -5.21 -0.70 4.14
C GLU A 119 -4.83 -0.89 2.67
N ILE A 120 -3.84 -1.72 2.42
CA ILE A 120 -3.44 -2.05 1.06
C ILE A 120 -3.85 -3.49 0.74
N GLU A 121 -4.72 -3.64 -0.26
CA GLU A 121 -5.21 -4.95 -0.63
C GLU A 121 -5.14 -5.13 -2.16
N LEU A 122 -4.61 -6.27 -2.59
CA LEU A 122 -4.39 -6.54 -4.01
C LEU A 122 -5.59 -7.29 -4.60
N LEU A 123 -6.29 -6.68 -5.54
CA LEU A 123 -7.47 -7.31 -6.13
C LEU A 123 -7.17 -7.86 -7.53
N SER A 124 -6.13 -7.35 -8.18
CA SER A 124 -5.80 -7.78 -9.53
C SER A 124 -4.32 -7.54 -9.82
N PHE A 125 -3.74 -8.38 -10.67
CA PHE A 125 -2.33 -8.30 -11.02
C PHE A 125 -2.05 -9.20 -12.22
N ARG A 126 -0.83 -9.11 -12.73
CA ARG A 126 -0.37 -9.99 -13.80
C ARG A 126 1.15 -9.97 -13.87
N GLU A 127 1.74 -11.15 -13.81
CA GLU A 127 3.19 -11.27 -13.74
C GLU A 127 3.82 -11.33 -15.13
N LEU A 128 4.95 -10.64 -15.28
CA LEU A 128 5.64 -10.55 -16.56
C LEU A 128 6.83 -11.52 -16.60
N GLU A 129 7.08 -12.16 -15.46
CA GLU A 129 8.18 -13.12 -15.32
C GLU A 129 9.55 -12.43 -15.27
N HIS A 130 10.52 -13.14 -14.71
CA HIS A 130 11.87 -12.62 -14.55
C HIS A 130 12.51 -12.32 -15.91
N HIS A 131 12.98 -11.09 -16.06
CA HIS A 131 13.45 -10.59 -17.34
C HIS A 131 14.97 -10.62 -17.43
N HIS A 132 15.62 -10.63 -16.28
CA HIS A 132 17.08 -10.63 -16.25
C HIS A 132 17.59 -12.06 -16.39
N HIS A 133 18.60 -12.25 -17.22
CA HIS A 133 19.15 -13.57 -17.44
C HIS A 133 20.44 -13.76 -16.66
N HIS A 134 20.50 -14.86 -15.92
CA HIS A 134 21.72 -15.25 -15.23
C HIS A 134 22.51 -16.20 -16.12
N HIS A 135 21.77 -16.91 -16.96
CA HIS A 135 22.35 -17.83 -17.93
C HIS A 135 21.58 -17.71 -19.24
N MET A 1 -12.67 -8.90 26.14
CA MET A 1 -12.83 -7.62 26.87
C MET A 1 -12.61 -6.44 25.94
N THR A 2 -11.66 -6.57 25.03
CA THR A 2 -11.43 -5.55 24.02
C THR A 2 -11.37 -6.20 22.64
N THR A 3 -10.56 -7.24 22.53
CA THR A 3 -10.37 -7.99 21.28
C THR A 3 -9.89 -7.04 20.18
N GLU A 4 -8.60 -6.74 20.23
CA GLU A 4 -8.00 -5.79 19.30
C GLU A 4 -7.12 -6.54 18.30
N GLN A 5 -6.57 -5.81 17.35
CA GLN A 5 -5.69 -6.41 16.35
C GLN A 5 -4.38 -6.85 17.00
N GLU A 6 -4.28 -8.15 17.24
CA GLU A 6 -3.10 -8.72 17.88
C GLU A 6 -2.02 -9.00 16.84
N PHE A 7 -1.79 -8.02 15.97
CA PHE A 7 -0.83 -8.19 14.88
C PHE A 7 0.37 -7.28 15.09
N GLU A 8 1.53 -7.77 14.69
CA GLU A 8 2.78 -7.03 14.88
C GLU A 8 3.20 -6.37 13.58
N LYS A 9 4.00 -5.34 13.73
CA LYS A 9 4.42 -4.49 12.63
C LYS A 9 5.85 -4.81 12.21
N VAL A 10 6.11 -4.64 10.91
CA VAL A 10 7.43 -4.90 10.36
C VAL A 10 8.15 -3.58 10.13
N GLU A 11 9.14 -3.31 10.98
CA GLU A 11 9.88 -2.06 10.93
C GLU A 11 10.92 -2.08 9.82
N LEU A 12 10.72 -1.24 8.81
CA LEU A 12 11.73 -0.99 7.79
C LEU A 12 12.13 -2.26 7.07
N THR A 13 11.20 -2.86 6.35
CA THR A 13 11.47 -4.08 5.59
C THR A 13 12.55 -3.80 4.54
N ALA A 14 13.41 -4.79 4.29
CA ALA A 14 14.54 -4.61 3.39
C ALA A 14 14.10 -4.51 1.93
N ASP A 15 12.79 -4.58 1.69
CA ASP A 15 12.25 -4.51 0.34
C ASP A 15 12.07 -3.04 -0.09
N GLY A 16 12.85 -2.15 0.52
CA GLY A 16 12.79 -0.74 0.16
C GLY A 16 12.48 0.17 1.34
N GLY A 17 12.37 -0.41 2.54
CA GLY A 17 12.28 0.40 3.75
C GLY A 17 10.94 1.07 3.95
N VAL A 18 9.95 0.30 4.40
CA VAL A 18 8.63 0.85 4.73
C VAL A 18 8.09 0.18 5.99
N ILE A 19 7.37 0.95 6.81
CA ILE A 19 6.73 0.42 8.02
C ILE A 19 5.35 -0.13 7.67
N LYS A 20 5.16 -1.43 7.84
CA LYS A 20 3.88 -2.04 7.49
C LYS A 20 3.43 -3.05 8.55
N THR A 21 2.14 -3.11 8.77
CA THR A 21 1.55 -4.04 9.73
C THR A 21 0.85 -5.17 8.99
N ILE A 22 1.20 -6.41 9.31
CA ILE A 22 0.61 -7.56 8.64
C ILE A 22 -0.72 -7.94 9.30
N LEU A 23 -1.79 -7.88 8.54
CA LEU A 23 -3.13 -8.22 9.05
C LEU A 23 -3.51 -9.64 8.67
N LYS A 24 -3.78 -9.85 7.38
CA LYS A 24 -4.20 -11.17 6.91
C LYS A 24 -3.12 -11.81 6.08
N LYS A 25 -2.59 -12.92 6.57
CA LYS A 25 -1.57 -13.66 5.86
C LYS A 25 -2.18 -14.41 4.68
N GLY A 26 -1.49 -14.38 3.55
CA GLY A 26 -1.98 -15.04 2.36
C GLY A 26 -1.90 -16.55 2.48
N ASP A 27 -2.64 -17.24 1.62
CA ASP A 27 -2.67 -18.69 1.61
C ASP A 27 -1.51 -19.24 0.81
N GLU A 28 -1.55 -19.04 -0.50
CA GLU A 28 -0.43 -19.40 -1.36
C GLU A 28 -0.38 -18.47 -2.56
N GLY A 29 0.79 -17.98 -2.85
CA GLY A 29 0.95 -17.06 -3.96
C GLY A 29 2.33 -17.15 -4.57
N GLU A 30 2.90 -18.35 -4.55
CA GLU A 30 4.23 -18.54 -5.10
C GLU A 30 4.24 -18.27 -6.61
N GLU A 31 3.09 -18.51 -7.22
CA GLU A 31 2.93 -18.32 -8.66
C GLU A 31 2.36 -16.93 -8.96
N ASN A 32 2.02 -16.20 -7.90
CA ASN A 32 1.35 -14.92 -8.06
C ASN A 32 1.91 -13.88 -7.10
N ILE A 33 2.90 -13.13 -7.56
CA ILE A 33 3.59 -12.14 -6.75
C ILE A 33 3.46 -10.75 -7.38
N PRO A 34 2.93 -9.77 -6.61
CA PRO A 34 2.83 -8.39 -7.06
C PRO A 34 4.20 -7.71 -7.15
N LYS A 35 4.80 -7.77 -8.33
CA LYS A 35 6.13 -7.22 -8.54
C LYS A 35 6.09 -5.80 -9.08
N LYS A 36 7.07 -5.01 -8.65
CA LYS A 36 7.17 -3.62 -9.03
C LYS A 36 7.57 -3.49 -10.50
N GLY A 37 6.76 -2.78 -11.27
CA GLY A 37 6.98 -2.68 -12.70
C GLY A 37 5.97 -3.51 -13.47
N ASN A 38 5.21 -4.30 -12.74
CA ASN A 38 4.14 -5.10 -13.33
C ASN A 38 2.80 -4.44 -13.08
N GLU A 39 1.83 -4.71 -13.95
CA GLU A 39 0.52 -4.08 -13.81
C GLU A 39 -0.31 -4.79 -12.75
N VAL A 40 -0.45 -4.14 -11.61
CA VAL A 40 -1.31 -4.62 -10.55
C VAL A 40 -2.36 -3.57 -10.24
N THR A 41 -3.51 -3.99 -9.75
CA THR A 41 -4.54 -3.05 -9.34
C THR A 41 -4.81 -3.21 -7.84
N VAL A 42 -4.59 -2.14 -7.11
CA VAL A 42 -4.70 -2.17 -5.65
C VAL A 42 -5.54 -1.01 -5.14
N HIS A 43 -6.32 -1.26 -4.08
CA HIS A 43 -7.12 -0.22 -3.44
C HIS A 43 -6.42 0.29 -2.19
N TYR A 44 -6.56 1.58 -1.91
CA TYR A 44 -5.97 2.16 -0.71
C TYR A 44 -6.90 3.22 -0.12
N VAL A 45 -7.14 3.12 1.19
CA VAL A 45 -7.93 4.11 1.92
C VAL A 45 -7.78 3.85 3.42
N GLY A 46 -8.06 4.86 4.24
CA GLY A 46 -7.95 4.66 5.67
C GLY A 46 -8.32 5.90 6.46
N LYS A 47 -7.37 6.39 7.26
CA LYS A 47 -7.61 7.56 8.10
C LYS A 47 -6.30 8.31 8.33
N LEU A 48 -6.40 9.51 8.86
CA LEU A 48 -5.22 10.29 9.24
C LEU A 48 -4.78 9.86 10.63
N GLU A 49 -3.78 8.98 10.69
CA GLU A 49 -3.34 8.38 11.94
C GLU A 49 -2.79 9.40 12.93
N SER A 50 -2.28 10.51 12.40
CA SER A 50 -1.68 11.54 13.23
C SER A 50 -2.70 12.15 14.20
N THR A 51 -3.98 11.97 13.89
CA THR A 51 -5.04 12.46 14.76
C THR A 51 -6.06 11.34 15.06
N GLY A 52 -6.17 10.38 14.14
CA GLY A 52 -7.09 9.28 14.31
C GLY A 52 -8.47 9.60 13.79
N LYS A 53 -8.53 10.36 12.72
CA LYS A 53 -9.80 10.69 12.08
C LYS A 53 -9.90 10.02 10.73
N VAL A 54 -11.01 9.33 10.51
CA VAL A 54 -11.26 8.63 9.24
C VAL A 54 -11.56 9.65 8.15
N PHE A 55 -11.37 9.26 6.90
CA PHE A 55 -11.56 10.18 5.79
C PHE A 55 -13.03 10.47 5.51
N ASP A 56 -13.49 11.59 6.03
CA ASP A 56 -14.80 12.10 5.69
C ASP A 56 -14.64 13.17 4.62
N SER A 57 -14.59 12.73 3.37
CA SER A 57 -14.33 13.62 2.27
C SER A 57 -15.27 13.33 1.10
N SER A 58 -15.35 14.26 0.16
CA SER A 58 -16.29 14.18 -0.94
C SER A 58 -16.11 12.92 -1.78
N PHE A 59 -14.86 12.60 -2.10
CA PHE A 59 -14.57 11.47 -2.98
C PHE A 59 -14.30 10.21 -2.17
N ASP A 60 -13.50 10.36 -1.12
CA ASP A 60 -13.09 9.26 -0.26
C ASP A 60 -14.30 8.49 0.29
N ARG A 61 -15.40 9.20 0.54
CA ARG A 61 -16.56 8.59 1.16
C ARG A 61 -17.37 7.76 0.16
N ASN A 62 -17.22 8.06 -1.11
CA ASN A 62 -18.02 7.42 -2.13
C ASN A 62 -17.25 6.31 -2.83
N VAL A 63 -16.07 6.64 -3.33
CA VAL A 63 -15.26 5.66 -4.05
C VAL A 63 -13.78 5.81 -3.72
N PRO A 64 -13.23 4.84 -2.97
CA PRO A 64 -11.79 4.78 -2.70
C PRO A 64 -11.01 4.65 -4.00
N PHE A 65 -9.77 5.11 -4.02
CA PHE A 65 -9.00 5.16 -5.24
C PHE A 65 -8.16 3.89 -5.39
N LYS A 66 -7.93 3.49 -6.62
CA LYS A 66 -7.12 2.33 -6.91
C LYS A 66 -5.97 2.72 -7.82
N PHE A 67 -4.81 2.12 -7.61
CA PHE A 67 -3.62 2.48 -8.35
C PHE A 67 -2.96 1.24 -8.94
N HIS A 68 -1.97 1.48 -9.79
CA HIS A 68 -1.15 0.42 -10.34
C HIS A 68 0.27 0.54 -9.80
N LEU A 69 0.92 -0.58 -9.58
CA LEU A 69 2.26 -0.58 -9.00
C LEU A 69 3.27 -0.06 -10.02
N GLU A 70 3.92 1.02 -9.64
CA GLU A 70 4.89 1.70 -10.49
C GLU A 70 4.20 2.32 -11.70
N GLN A 71 3.19 3.15 -11.42
CA GLN A 71 2.59 3.98 -12.44
C GLN A 71 3.21 5.37 -12.39
N GLY A 72 4.28 5.48 -11.61
CA GLY A 72 4.96 6.76 -11.44
C GLY A 72 4.36 7.61 -10.33
N GLU A 73 3.20 7.21 -9.85
CA GLU A 73 2.49 8.00 -8.86
C GLU A 73 2.76 7.51 -7.44
N VAL A 74 3.41 6.37 -7.33
CA VAL A 74 3.74 5.81 -6.02
C VAL A 74 5.24 5.88 -5.76
N ILE A 75 5.62 6.50 -4.65
CA ILE A 75 7.03 6.74 -4.37
C ILE A 75 7.65 5.67 -3.46
N LYS A 76 7.12 5.48 -2.26
CA LYS A 76 7.74 4.60 -1.29
C LYS A 76 6.72 3.78 -0.54
N GLY A 77 5.83 4.47 0.18
CA GLY A 77 4.89 3.81 1.08
C GLY A 77 4.10 2.70 0.41
N TRP A 78 3.46 3.00 -0.71
CA TRP A 78 2.67 2.00 -1.41
C TRP A 78 3.57 1.03 -2.15
N ASP A 79 4.58 1.58 -2.82
CA ASP A 79 5.44 0.82 -3.72
C ASP A 79 6.02 -0.42 -3.05
N ILE A 80 6.61 -0.24 -1.88
CA ILE A 80 7.23 -1.34 -1.16
C ILE A 80 6.17 -2.23 -0.51
N CYS A 81 5.13 -1.60 0.02
CA CYS A 81 4.08 -2.33 0.71
C CYS A 81 3.37 -3.31 -0.23
N VAL A 82 2.97 -2.83 -1.40
CA VAL A 82 2.29 -3.67 -2.38
C VAL A 82 3.24 -4.74 -2.92
N SER A 83 4.51 -4.38 -3.03
CA SER A 83 5.55 -5.30 -3.49
C SER A 83 5.69 -6.48 -2.53
N SER A 84 5.45 -6.23 -1.25
CA SER A 84 5.59 -7.25 -0.24
C SER A 84 4.24 -7.91 0.07
N MET A 85 3.38 -7.97 -0.93
CA MET A 85 2.05 -8.55 -0.76
C MET A 85 1.91 -9.87 -1.49
N ARG A 86 0.69 -10.39 -1.50
CA ARG A 86 0.36 -11.62 -2.18
C ARG A 86 -1.00 -11.45 -2.85
N LYS A 87 -1.38 -12.37 -3.71
CA LYS A 87 -2.68 -12.30 -4.38
C LYS A 87 -3.83 -12.27 -3.37
N ASN A 88 -3.66 -12.99 -2.26
CA ASN A 88 -4.73 -13.12 -1.27
C ASN A 88 -4.26 -12.62 0.10
N GLU A 89 -3.38 -11.63 0.09
CA GLU A 89 -2.84 -11.09 1.33
C GLU A 89 -3.13 -9.60 1.46
N LYS A 90 -3.39 -9.13 2.67
CA LYS A 90 -3.72 -7.73 2.91
C LYS A 90 -3.05 -7.22 4.18
N CYS A 91 -2.51 -6.00 4.12
CA CYS A 91 -1.84 -5.42 5.26
C CYS A 91 -2.14 -3.92 5.39
N LEU A 92 -1.71 -3.34 6.50
CA LEU A 92 -1.87 -1.90 6.74
C LEU A 92 -0.52 -1.23 6.67
N VAL A 93 -0.38 -0.24 5.81
CA VAL A 93 0.90 0.42 5.62
C VAL A 93 0.92 1.74 6.37
N ARG A 94 2.05 2.01 7.02
CA ARG A 94 2.25 3.26 7.73
C ARG A 94 2.90 4.27 6.81
N ILE A 95 2.15 5.31 6.47
CA ILE A 95 2.67 6.37 5.63
C ILE A 95 3.22 7.48 6.49
N GLU A 96 4.53 7.49 6.65
CA GLU A 96 5.20 8.57 7.35
C GLU A 96 5.36 9.76 6.41
N SER A 97 5.77 10.89 6.94
CA SER A 97 5.97 12.09 6.14
C SER A 97 6.86 11.82 4.92
N MET A 98 7.95 11.07 5.13
CA MET A 98 8.90 10.77 4.06
C MET A 98 8.38 9.67 3.13
N TYR A 99 7.28 9.02 3.50
CA TYR A 99 6.73 7.92 2.70
C TYR A 99 5.51 8.38 1.91
N GLY A 100 5.00 9.56 2.23
CA GLY A 100 3.77 10.02 1.64
C GLY A 100 3.99 11.04 0.54
N TYR A 101 2.94 11.26 -0.25
CA TYR A 101 3.00 12.22 -1.33
C TYR A 101 2.50 13.57 -0.86
N GLY A 102 3.43 14.42 -0.44
CA GLY A 102 3.07 15.75 0.01
C GLY A 102 3.36 15.97 1.47
N ASP A 103 4.64 15.89 1.83
CA ASP A 103 5.06 16.20 3.21
C ASP A 103 4.93 17.69 3.48
N GLU A 104 5.09 18.48 2.42
CA GLU A 104 5.00 19.94 2.50
C GLU A 104 3.63 20.38 3.02
N GLY A 105 2.57 19.80 2.49
CA GLY A 105 1.24 20.21 2.88
C GLY A 105 0.17 19.25 2.39
N CYS A 106 -0.84 19.78 1.73
CA CYS A 106 -1.96 18.98 1.28
C CYS A 106 -1.69 18.36 -0.08
N GLY A 107 -2.27 17.18 -0.31
CA GLY A 107 -2.09 16.49 -1.57
C GLY A 107 -3.35 15.74 -1.96
N GLU A 108 -3.35 14.42 -1.73
CA GLU A 108 -4.52 13.61 -2.06
C GLU A 108 -5.68 13.93 -1.12
N SER A 109 -5.57 13.53 0.14
CA SER A 109 -6.62 13.81 1.11
C SER A 109 -6.13 14.81 2.16
N ILE A 110 -5.30 14.36 3.10
CA ILE A 110 -4.75 15.22 4.13
C ILE A 110 -3.41 14.70 4.66
N PRO A 111 -2.31 15.02 3.97
CA PRO A 111 -0.96 14.75 4.46
C PRO A 111 -0.34 16.00 5.08
N GLY A 112 0.99 16.01 5.19
CA GLY A 112 1.68 17.19 5.67
C GLY A 112 2.28 17.01 7.05
N ASN A 113 3.54 16.57 7.09
CA ASN A 113 4.30 16.44 8.34
C ASN A 113 3.58 15.53 9.35
N SER A 114 2.78 14.61 8.84
CA SER A 114 1.98 13.74 9.68
C SER A 114 2.09 12.29 9.23
N VAL A 115 1.55 11.39 10.04
CA VAL A 115 1.55 9.98 9.70
C VAL A 115 0.15 9.52 9.32
N LEU A 116 0.06 8.79 8.21
CA LEU A 116 -1.20 8.24 7.74
C LEU A 116 -1.11 6.74 7.62
N LEU A 117 -2.24 6.08 7.41
CA LEU A 117 -2.25 4.65 7.12
C LEU A 117 -3.38 4.30 6.18
N PHE A 118 -3.07 3.52 5.17
CA PHE A 118 -4.07 3.09 4.21
C PHE A 118 -4.12 1.56 4.18
N GLU A 119 -5.32 1.02 4.04
CA GLU A 119 -5.48 -0.40 3.81
C GLU A 119 -5.07 -0.71 2.38
N ILE A 120 -4.11 -1.61 2.23
CA ILE A 120 -3.69 -2.00 0.90
C ILE A 120 -4.22 -3.40 0.59
N GLU A 121 -5.07 -3.46 -0.41
CA GLU A 121 -5.71 -4.71 -0.80
C GLU A 121 -5.63 -4.89 -2.31
N LEU A 122 -4.92 -5.93 -2.72
CA LEU A 122 -4.76 -6.25 -4.13
C LEU A 122 -5.91 -7.12 -4.59
N LEU A 123 -6.50 -6.79 -5.73
CA LEU A 123 -7.65 -7.54 -6.23
C LEU A 123 -7.34 -8.22 -7.57
N SER A 124 -6.70 -7.49 -8.47
CA SER A 124 -6.37 -8.04 -9.78
C SER A 124 -4.99 -7.58 -10.20
N PHE A 125 -4.23 -8.46 -10.83
CA PHE A 125 -2.87 -8.14 -11.27
C PHE A 125 -2.36 -9.20 -12.23
N ARG A 126 -1.15 -9.00 -12.74
CA ARG A 126 -0.53 -9.92 -13.67
C ARG A 126 0.98 -9.78 -13.67
N GLU A 127 1.67 -10.88 -13.97
CA GLU A 127 3.12 -10.85 -14.13
C GLU A 127 3.49 -11.10 -15.59
N LEU A 128 4.11 -10.10 -16.21
CA LEU A 128 4.46 -10.20 -17.62
C LEU A 128 5.71 -9.38 -17.92
N GLU A 129 6.40 -9.73 -19.00
CA GLU A 129 7.59 -9.01 -19.41
C GLU A 129 7.24 -7.82 -20.28
N HIS A 130 7.90 -6.69 -20.04
CA HIS A 130 7.87 -5.59 -20.98
C HIS A 130 8.95 -5.84 -22.04
N HIS A 131 8.86 -7.03 -22.63
CA HIS A 131 9.88 -7.57 -23.54
C HIS A 131 9.71 -6.96 -24.94
N HIS A 132 9.69 -5.62 -24.98
CA HIS A 132 9.42 -4.88 -26.22
C HIS A 132 8.02 -5.17 -26.74
N HIS A 133 7.76 -4.74 -27.96
CA HIS A 133 6.51 -5.04 -28.64
C HIS A 133 6.66 -4.77 -30.12
N HIS A 134 5.81 -5.38 -30.93
CA HIS A 134 5.91 -5.27 -32.37
C HIS A 134 4.66 -5.84 -33.03
N HIS A 135 4.54 -5.61 -34.33
CA HIS A 135 3.43 -6.16 -35.09
C HIS A 135 3.98 -7.07 -36.18
N MET A 1 -11.76 -3.31 26.99
CA MET A 1 -12.06 -3.84 25.64
C MET A 1 -10.84 -3.79 24.74
N THR A 2 -10.16 -4.92 24.57
CA THR A 2 -9.05 -4.99 23.64
C THR A 2 -9.57 -4.92 22.21
N THR A 3 -9.28 -3.83 21.52
CA THR A 3 -9.86 -3.60 20.21
C THR A 3 -8.79 -3.59 19.13
N GLU A 4 -7.59 -4.00 19.50
CA GLU A 4 -6.47 -4.03 18.58
C GLU A 4 -6.17 -5.46 18.16
N GLN A 5 -6.18 -5.71 16.85
CA GLN A 5 -5.88 -7.03 16.31
C GLN A 5 -4.46 -7.43 16.73
N GLU A 6 -4.33 -8.64 17.27
CA GLU A 6 -3.08 -9.09 17.84
C GLU A 6 -2.08 -9.47 16.76
N PHE A 7 -1.36 -8.48 16.26
CA PHE A 7 -0.26 -8.70 15.32
C PHE A 7 0.87 -7.73 15.64
N GLU A 8 2.06 -8.00 15.13
CA GLU A 8 3.20 -7.17 15.42
C GLU A 8 3.61 -6.36 14.19
N LYS A 9 4.15 -5.17 14.44
CA LYS A 9 4.48 -4.24 13.38
C LYS A 9 5.93 -4.44 12.93
N VAL A 10 6.19 -4.29 11.64
CA VAL A 10 7.54 -4.43 11.11
C VAL A 10 8.05 -3.06 10.68
N GLU A 11 9.00 -2.51 11.43
CA GLU A 11 9.53 -1.19 11.15
C GLU A 11 10.81 -1.26 10.33
N LEU A 12 10.83 -0.50 9.23
CA LEU A 12 12.01 -0.38 8.37
C LEU A 12 12.44 -1.77 7.90
N THR A 13 11.46 -2.54 7.45
CA THR A 13 11.68 -3.91 7.01
C THR A 13 12.58 -3.95 5.77
N ALA A 14 13.11 -5.14 5.48
CA ALA A 14 14.04 -5.34 4.37
C ALA A 14 13.32 -5.26 3.02
N ASP A 15 12.01 -5.00 3.07
CA ASP A 15 11.20 -4.89 1.87
C ASP A 15 11.35 -3.52 1.23
N GLY A 16 12.36 -2.77 1.65
CA GLY A 16 12.58 -1.44 1.09
C GLY A 16 12.57 -0.33 2.12
N GLY A 17 12.44 -0.69 3.39
CA GLY A 17 12.54 0.29 4.46
C GLY A 17 11.27 1.08 4.70
N VAL A 18 10.21 0.40 5.12
CA VAL A 18 8.94 1.06 5.45
C VAL A 18 8.26 0.33 6.62
N ILE A 19 7.43 1.06 7.36
CA ILE A 19 6.70 0.47 8.49
C ILE A 19 5.42 -0.19 8.00
N LYS A 20 5.35 -1.51 8.03
CA LYS A 20 4.13 -2.21 7.64
C LYS A 20 3.76 -3.28 8.68
N THR A 21 2.47 -3.42 8.91
CA THR A 21 1.96 -4.39 9.87
C THR A 21 1.21 -5.50 9.13
N ILE A 22 1.38 -6.73 9.60
CA ILE A 22 0.75 -7.88 8.99
C ILE A 22 -0.66 -8.08 9.56
N LEU A 23 -1.65 -8.25 8.67
CA LEU A 23 -3.04 -8.45 9.08
C LEU A 23 -3.66 -9.62 8.33
N LYS A 24 -3.86 -9.40 7.03
CA LYS A 24 -4.51 -10.38 6.19
C LYS A 24 -3.45 -11.28 5.57
N LYS A 25 -3.24 -12.43 6.18
CA LYS A 25 -2.19 -13.35 5.79
C LYS A 25 -2.56 -14.05 4.48
N GLY A 26 -1.67 -13.99 3.51
CA GLY A 26 -1.92 -14.58 2.22
C GLY A 26 -1.84 -16.11 2.23
N ASP A 27 -1.42 -16.67 1.11
CA ASP A 27 -1.45 -18.10 0.91
C ASP A 27 -0.24 -18.50 0.10
N GLU A 28 -0.23 -19.72 -0.39
CA GLU A 28 0.84 -20.19 -1.23
C GLU A 28 0.58 -19.80 -2.68
N GLY A 29 1.55 -19.15 -3.29
CA GLY A 29 1.41 -18.75 -4.67
C GLY A 29 2.74 -18.28 -5.22
N GLU A 30 3.61 -19.24 -5.52
CA GLU A 30 4.96 -18.93 -6.00
C GLU A 30 4.91 -18.11 -7.30
N GLU A 31 3.90 -18.35 -8.13
CA GLU A 31 3.76 -17.63 -9.39
C GLU A 31 2.86 -16.39 -9.22
N ASN A 32 2.38 -16.19 -8.00
CA ASN A 32 1.49 -15.06 -7.71
C ASN A 32 2.22 -13.98 -6.94
N ILE A 33 2.98 -13.18 -7.68
CA ILE A 33 3.80 -12.14 -7.07
C ILE A 33 3.61 -10.80 -7.80
N PRO A 34 3.20 -9.76 -7.06
CA PRO A 34 3.06 -8.42 -7.62
C PRO A 34 4.42 -7.72 -7.76
N LYS A 35 4.71 -7.23 -8.94
CA LYS A 35 5.94 -6.48 -9.17
C LYS A 35 5.66 -5.19 -9.95
N LYS A 36 6.61 -4.27 -9.89
CA LYS A 36 6.43 -2.93 -10.44
C LYS A 36 6.42 -2.94 -11.96
N GLY A 37 5.69 -2.00 -12.55
CA GLY A 37 5.59 -1.92 -13.99
C GLY A 37 4.40 -2.70 -14.51
N ASN A 38 3.95 -3.66 -13.73
CA ASN A 38 2.84 -4.50 -14.11
C ASN A 38 1.51 -3.87 -13.74
N GLU A 39 0.47 -4.22 -14.48
CA GLU A 39 -0.86 -3.70 -14.19
C GLU A 39 -1.48 -4.47 -13.03
N VAL A 40 -1.35 -3.91 -11.83
CA VAL A 40 -1.99 -4.49 -10.66
C VAL A 40 -3.22 -3.67 -10.30
N THR A 41 -4.20 -4.30 -9.70
CA THR A 41 -5.38 -3.60 -9.22
C THR A 41 -5.39 -3.65 -7.70
N VAL A 42 -5.09 -2.51 -7.08
CA VAL A 42 -5.07 -2.42 -5.64
C VAL A 42 -5.95 -1.29 -5.15
N HIS A 43 -6.68 -1.54 -4.08
CA HIS A 43 -7.44 -0.50 -3.41
C HIS A 43 -6.73 -0.09 -2.13
N TYR A 44 -6.78 1.20 -1.82
CA TYR A 44 -6.20 1.69 -0.58
C TYR A 44 -7.14 2.71 0.06
N VAL A 45 -7.28 2.61 1.37
CA VAL A 45 -8.12 3.53 2.14
C VAL A 45 -7.76 3.42 3.62
N GLY A 46 -8.01 4.48 4.39
CA GLY A 46 -7.68 4.42 5.80
C GLY A 46 -8.03 5.71 6.53
N LYS A 47 -7.09 6.17 7.35
CA LYS A 47 -7.31 7.35 8.16
C LYS A 47 -5.99 8.05 8.44
N LEU A 48 -6.08 9.25 9.01
CA LEU A 48 -4.91 10.00 9.41
C LEU A 48 -4.46 9.56 10.80
N GLU A 49 -3.35 8.83 10.86
CA GLU A 49 -2.82 8.31 12.12
C GLU A 49 -2.33 9.44 13.01
N SER A 50 -1.84 10.49 12.37
CA SER A 50 -1.18 11.59 13.06
C SER A 50 -2.07 12.18 14.16
N THR A 51 -3.36 12.36 13.88
CA THR A 51 -4.26 12.93 14.87
C THR A 51 -5.40 11.95 15.19
N GLY A 52 -5.50 10.89 14.39
CA GLY A 52 -6.54 9.91 14.58
C GLY A 52 -7.86 10.36 14.00
N LYS A 53 -7.85 10.67 12.72
CA LYS A 53 -9.03 11.18 12.05
C LYS A 53 -9.36 10.32 10.83
N VAL A 54 -10.61 9.88 10.73
CA VAL A 54 -11.03 9.01 9.63
C VAL A 54 -11.38 9.85 8.39
N PHE A 55 -11.30 9.22 7.23
CA PHE A 55 -11.53 9.93 5.97
C PHE A 55 -13.02 10.23 5.76
N ASP A 56 -13.41 11.45 6.06
CA ASP A 56 -14.73 11.94 5.67
C ASP A 56 -14.57 12.96 4.55
N SER A 57 -14.64 12.45 3.33
CA SER A 57 -14.41 13.27 2.15
C SER A 57 -15.44 12.93 1.07
N SER A 58 -15.81 13.93 0.26
CA SER A 58 -16.89 13.79 -0.72
C SER A 58 -16.69 12.59 -1.64
N PHE A 59 -15.47 12.39 -2.09
CA PHE A 59 -15.17 11.30 -3.02
C PHE A 59 -14.92 10.01 -2.26
N ASP A 60 -14.11 10.10 -1.22
CA ASP A 60 -13.71 8.94 -0.41
C ASP A 60 -14.93 8.20 0.15
N ARG A 61 -15.96 8.94 0.52
CA ARG A 61 -17.16 8.35 1.13
C ARG A 61 -18.10 7.77 0.08
N ASN A 62 -17.68 7.81 -1.18
CA ASN A 62 -18.50 7.28 -2.27
C ASN A 62 -17.75 6.18 -3.02
N VAL A 63 -16.60 6.52 -3.60
CA VAL A 63 -15.82 5.54 -4.37
C VAL A 63 -14.34 5.58 -3.99
N PRO A 64 -13.72 4.41 -3.77
CA PRO A 64 -12.30 4.30 -3.49
C PRO A 64 -11.45 4.45 -4.76
N PHE A 65 -10.16 4.70 -4.59
CA PHE A 65 -9.26 4.89 -5.72
C PHE A 65 -8.40 3.64 -5.92
N LYS A 66 -7.92 3.43 -7.14
CA LYS A 66 -6.99 2.35 -7.41
C LYS A 66 -5.88 2.84 -8.35
N PHE A 67 -4.71 2.24 -8.24
CA PHE A 67 -3.58 2.63 -9.07
C PHE A 67 -2.85 1.41 -9.60
N HIS A 68 -1.75 1.65 -10.31
CA HIS A 68 -0.93 0.58 -10.87
C HIS A 68 0.49 0.66 -10.32
N LEU A 69 1.14 -0.50 -10.21
CA LEU A 69 2.47 -0.60 -9.61
C LEU A 69 3.47 0.29 -10.33
N GLU A 70 4.09 1.21 -9.58
CA GLU A 70 5.08 2.13 -10.12
C GLU A 70 4.55 2.91 -11.31
N GLN A 71 3.34 3.44 -11.16
CA GLN A 71 2.73 4.25 -12.20
C GLN A 71 3.30 5.67 -12.17
N GLY A 72 4.15 5.92 -11.17
CA GLY A 72 4.82 7.22 -11.06
C GLY A 72 4.23 8.10 -9.99
N GLU A 73 3.09 7.69 -9.43
CA GLU A 73 2.42 8.49 -8.40
C GLU A 73 2.82 8.00 -7.01
N VAL A 74 3.37 6.81 -6.92
CA VAL A 74 3.76 6.25 -5.63
C VAL A 74 5.28 6.30 -5.46
N ILE A 75 5.73 6.77 -4.30
CA ILE A 75 7.17 6.90 -4.05
C ILE A 75 7.74 5.71 -3.27
N LYS A 76 7.36 5.55 -2.00
CA LYS A 76 7.90 4.46 -1.17
C LYS A 76 6.84 3.84 -0.26
N GLY A 77 6.00 4.68 0.33
CA GLY A 77 5.02 4.19 1.29
C GLY A 77 4.19 3.05 0.72
N TRP A 78 3.69 3.24 -0.49
CA TRP A 78 2.90 2.23 -1.15
C TRP A 78 3.78 1.09 -1.67
N ASP A 79 4.97 1.44 -2.17
CA ASP A 79 5.81 0.50 -2.90
C ASP A 79 6.27 -0.68 -2.03
N ILE A 80 6.61 -0.42 -0.77
CA ILE A 80 6.99 -1.49 0.14
C ILE A 80 5.82 -2.43 0.39
N CYS A 81 4.63 -1.86 0.52
CA CYS A 81 3.45 -2.66 0.81
C CYS A 81 3.03 -3.48 -0.39
N VAL A 82 2.89 -2.83 -1.54
CA VAL A 82 2.37 -3.48 -2.74
C VAL A 82 3.30 -4.59 -3.24
N SER A 83 4.61 -4.41 -3.07
CA SER A 83 5.58 -5.42 -3.51
C SER A 83 5.67 -6.55 -2.50
N SER A 84 4.92 -6.44 -1.41
CA SER A 84 4.91 -7.45 -0.37
C SER A 84 3.51 -8.04 -0.20
N MET A 85 2.64 -7.79 -1.18
CA MET A 85 1.26 -8.28 -1.12
C MET A 85 1.11 -9.53 -1.96
N ARG A 86 -0.10 -10.07 -1.96
CA ARG A 86 -0.44 -11.20 -2.81
C ARG A 86 -1.87 -11.01 -3.29
N LYS A 87 -2.34 -11.88 -4.18
CA LYS A 87 -3.66 -11.75 -4.78
C LYS A 87 -4.78 -11.96 -3.74
N ASN A 88 -4.41 -12.36 -2.53
CA ASN A 88 -5.37 -12.54 -1.44
C ASN A 88 -4.79 -12.08 -0.11
N GLU A 89 -3.77 -11.22 -0.19
CA GLU A 89 -3.06 -10.79 1.00
C GLU A 89 -3.18 -9.28 1.20
N LYS A 90 -3.17 -8.84 2.45
CA LYS A 90 -3.37 -7.42 2.78
C LYS A 90 -2.61 -7.05 4.05
N CYS A 91 -2.00 -5.89 4.04
CA CYS A 91 -1.28 -5.40 5.21
C CYS A 91 -1.62 -3.93 5.49
N LEU A 92 -1.30 -3.49 6.69
CA LEU A 92 -1.45 -2.08 7.04
C LEU A 92 -0.12 -1.38 6.96
N VAL A 93 0.00 -0.50 6.00
CA VAL A 93 1.23 0.25 5.80
C VAL A 93 1.07 1.65 6.38
N ARG A 94 2.10 2.10 7.10
CA ARG A 94 2.08 3.41 7.71
C ARG A 94 2.87 4.38 6.85
N ILE A 95 2.18 5.32 6.24
CA ILE A 95 2.82 6.28 5.35
C ILE A 95 3.21 7.52 6.14
N GLU A 96 4.50 7.62 6.44
CA GLU A 96 5.03 8.78 7.14
C GLU A 96 5.27 9.90 6.13
N SER A 97 5.64 11.08 6.62
CA SER A 97 5.88 12.23 5.77
C SER A 97 6.87 11.92 4.65
N MET A 98 7.91 11.15 4.95
CA MET A 98 8.93 10.82 3.98
C MET A 98 8.47 9.72 3.02
N TYR A 99 7.39 9.02 3.38
CA TYR A 99 6.91 7.92 2.55
C TYR A 99 5.87 8.41 1.55
N GLY A 100 5.39 9.62 1.76
CA GLY A 100 4.43 10.21 0.85
C GLY A 100 4.97 11.49 0.22
N TYR A 101 4.13 12.20 -0.51
CA TYR A 101 4.54 13.45 -1.13
C TYR A 101 4.43 14.62 -0.15
N GLY A 102 4.83 14.40 1.10
CA GLY A 102 4.75 15.43 2.11
C GLY A 102 5.74 16.55 1.86
N ASP A 103 6.78 16.24 1.09
CA ASP A 103 7.80 17.22 0.73
C ASP A 103 7.28 18.16 -0.35
N GLU A 104 6.67 17.58 -1.38
CA GLU A 104 6.15 18.35 -2.50
C GLU A 104 4.87 19.11 -2.12
N GLY A 105 3.98 18.43 -1.39
CA GLY A 105 2.76 19.06 -0.96
C GLY A 105 1.54 18.48 -1.66
N CYS A 106 1.76 17.84 -2.79
CA CYS A 106 0.68 17.21 -3.53
C CYS A 106 0.25 15.91 -2.84
N GLY A 107 -1.05 15.68 -2.79
CA GLY A 107 -1.55 14.47 -2.17
C GLY A 107 -3.01 14.26 -2.47
N GLU A 108 -3.52 13.06 -2.23
CA GLU A 108 -4.90 12.75 -2.50
C GLU A 108 -5.81 13.34 -1.41
N SER A 109 -5.76 12.78 -0.22
CA SER A 109 -6.61 13.23 0.87
C SER A 109 -5.90 14.29 1.72
N ILE A 110 -4.93 13.86 2.53
CA ILE A 110 -4.15 14.78 3.37
C ILE A 110 -2.70 14.30 3.52
N PRO A 111 -1.78 14.87 2.74
CA PRO A 111 -0.35 14.62 2.87
C PRO A 111 0.32 15.58 3.85
N GLY A 112 1.64 15.62 3.84
CA GLY A 112 2.36 16.58 4.64
C GLY A 112 3.31 15.92 5.62
N ASN A 113 3.35 16.46 6.84
CA ASN A 113 4.25 15.96 7.88
C ASN A 113 3.53 14.94 8.75
N SER A 114 2.32 14.61 8.36
CA SER A 114 1.48 13.71 9.13
C SER A 114 1.63 12.27 8.63
N VAL A 115 1.52 11.31 9.55
CA VAL A 115 1.57 9.90 9.20
C VAL A 115 0.16 9.34 9.02
N LEU A 116 -0.03 8.51 8.01
CA LEU A 116 -1.33 7.91 7.72
C LEU A 116 -1.22 6.39 7.65
N LEU A 117 -2.37 5.74 7.50
CA LEU A 117 -2.42 4.29 7.34
C LEU A 117 -3.34 3.95 6.19
N PHE A 118 -2.85 3.22 5.20
CA PHE A 118 -3.67 2.81 4.08
C PHE A 118 -3.82 1.30 4.05
N GLU A 119 -5.07 0.85 3.99
CA GLU A 119 -5.38 -0.56 3.82
C GLU A 119 -5.28 -0.92 2.35
N ILE A 120 -4.25 -1.65 1.97
CA ILE A 120 -4.03 -1.98 0.56
C ILE A 120 -4.34 -3.45 0.30
N GLU A 121 -5.23 -3.70 -0.65
CA GLU A 121 -5.54 -5.06 -1.08
C GLU A 121 -5.26 -5.21 -2.58
N LEU A 122 -4.53 -6.26 -2.93
CA LEU A 122 -4.25 -6.57 -4.32
C LEU A 122 -5.18 -7.67 -4.80
N LEU A 123 -6.21 -7.28 -5.54
CA LEU A 123 -7.24 -8.23 -5.96
C LEU A 123 -6.98 -8.75 -7.38
N SER A 124 -6.13 -8.07 -8.12
CA SER A 124 -5.79 -8.49 -9.48
C SER A 124 -4.40 -8.00 -9.86
N PHE A 125 -3.72 -8.75 -10.73
CA PHE A 125 -2.38 -8.40 -11.17
C PHE A 125 -2.02 -9.20 -12.42
N ARG A 126 -0.81 -8.96 -12.94
CA ARG A 126 -0.30 -9.69 -14.10
C ARG A 126 1.21 -9.50 -14.17
N GLU A 127 1.87 -10.30 -15.02
CA GLU A 127 3.31 -10.18 -15.23
C GLU A 127 3.60 -9.85 -16.68
N LEU A 128 4.71 -9.16 -16.93
CA LEU A 128 5.08 -8.78 -18.28
C LEU A 128 6.16 -9.69 -18.83
N GLU A 129 6.02 -10.07 -20.10
CA GLU A 129 7.05 -10.86 -20.77
C GLU A 129 8.15 -9.92 -21.25
N HIS A 130 9.35 -10.45 -21.40
CA HIS A 130 10.51 -9.63 -21.71
C HIS A 130 10.60 -9.36 -23.20
N HIS A 131 11.34 -10.21 -23.92
CA HIS A 131 11.44 -10.10 -25.36
C HIS A 131 11.36 -11.49 -25.96
N HIS A 132 10.16 -11.90 -26.33
CA HIS A 132 9.93 -13.22 -26.89
C HIS A 132 10.24 -13.19 -28.38
N HIS A 133 11.27 -13.93 -28.78
CA HIS A 133 11.71 -13.92 -30.19
C HIS A 133 10.59 -14.38 -31.11
N HIS A 134 10.48 -13.73 -32.24
CA HIS A 134 9.48 -14.06 -33.24
C HIS A 134 9.92 -13.48 -34.58
N HIS A 135 9.66 -14.21 -35.65
CA HIS A 135 10.08 -13.78 -36.98
C HIS A 135 8.89 -13.24 -37.76
N MET A 1 -10.52 -18.16 18.35
CA MET A 1 -10.15 -16.78 17.95
C MET A 1 -9.85 -15.94 19.17
N THR A 2 -8.62 -15.48 19.27
CA THR A 2 -8.23 -14.57 20.32
C THR A 2 -8.66 -13.14 19.97
N THR A 3 -8.83 -12.32 20.99
CA THR A 3 -9.23 -10.94 20.78
C THR A 3 -8.08 -10.10 20.23
N GLU A 4 -8.42 -8.94 19.66
CA GLU A 4 -7.44 -8.03 19.08
C GLU A 4 -6.68 -8.72 17.94
N GLN A 5 -5.42 -8.32 17.76
CA GLN A 5 -4.57 -8.93 16.75
C GLN A 5 -3.17 -9.12 17.29
N GLU A 6 -2.58 -10.25 16.96
CA GLU A 6 -1.23 -10.57 17.41
C GLU A 6 -0.22 -10.31 16.30
N PHE A 7 -0.45 -9.25 15.54
CA PHE A 7 0.44 -8.90 14.44
C PHE A 7 1.37 -7.77 14.85
N GLU A 8 2.66 -8.06 14.93
CA GLU A 8 3.64 -7.05 15.26
C GLU A 8 4.13 -6.39 13.96
N LYS A 9 4.63 -5.17 14.08
CA LYS A 9 4.96 -4.36 12.90
C LYS A 9 6.34 -4.72 12.39
N VAL A 10 6.55 -4.50 11.10
CA VAL A 10 7.86 -4.66 10.50
C VAL A 10 8.43 -3.27 10.21
N GLU A 11 9.38 -2.84 11.03
CA GLU A 11 9.97 -1.52 10.91
C GLU A 11 11.18 -1.56 9.97
N LEU A 12 11.10 -0.78 8.89
CA LEU A 12 12.17 -0.69 7.90
C LEU A 12 12.46 -2.06 7.30
N THR A 13 11.46 -2.58 6.59
CA THR A 13 11.57 -3.87 5.94
C THR A 13 12.61 -3.82 4.81
N ALA A 14 13.08 -5.00 4.40
CA ALA A 14 14.12 -5.11 3.39
C ALA A 14 13.62 -4.69 2.00
N ASP A 15 12.32 -4.42 1.91
CA ASP A 15 11.70 -4.00 0.65
C ASP A 15 12.13 -2.57 0.26
N GLY A 16 12.96 -1.95 1.10
CA GLY A 16 13.42 -0.60 0.82
C GLY A 16 13.09 0.38 1.93
N GLY A 17 12.93 -0.14 3.15
CA GLY A 17 12.75 0.72 4.30
C GLY A 17 11.39 1.37 4.39
N VAL A 18 10.37 0.58 4.72
CA VAL A 18 9.02 1.09 4.94
C VAL A 18 8.40 0.40 6.15
N ILE A 19 7.58 1.14 6.90
CA ILE A 19 6.88 0.60 8.06
C ILE A 19 5.58 -0.04 7.62
N LYS A 20 5.49 -1.36 7.69
CA LYS A 20 4.27 -2.06 7.31
C LYS A 20 3.78 -2.97 8.44
N THR A 21 2.46 -3.07 8.55
CA THR A 21 1.83 -3.91 9.55
C THR A 21 0.86 -4.88 8.89
N ILE A 22 1.10 -6.17 9.08
CA ILE A 22 0.30 -7.19 8.41
C ILE A 22 -1.06 -7.33 9.07
N LEU A 23 -2.08 -7.63 8.27
CA LEU A 23 -3.45 -7.76 8.76
C LEU A 23 -4.05 -9.11 8.38
N LYS A 24 -3.70 -9.60 7.20
CA LYS A 24 -4.19 -10.88 6.71
C LYS A 24 -3.15 -11.51 5.78
N LYS A 25 -2.65 -12.67 6.15
CA LYS A 25 -1.58 -13.32 5.39
C LYS A 25 -2.10 -14.44 4.49
N GLY A 26 -1.36 -14.70 3.42
CA GLY A 26 -1.68 -15.79 2.53
C GLY A 26 -0.77 -16.98 2.76
N ASP A 27 -1.16 -18.15 2.23
CA ASP A 27 -0.35 -19.34 2.40
C ASP A 27 0.39 -19.69 1.11
N GLU A 28 -0.19 -20.57 0.29
CA GLU A 28 0.47 -20.98 -0.95
C GLU A 28 0.04 -20.09 -2.10
N GLY A 29 0.96 -19.85 -3.02
CA GLY A 29 0.68 -19.04 -4.19
C GLY A 29 1.95 -18.55 -4.84
N GLU A 30 2.72 -19.50 -5.37
CA GLU A 30 4.01 -19.20 -5.98
C GLU A 30 3.86 -18.24 -7.16
N GLU A 31 2.76 -18.37 -7.88
CA GLU A 31 2.51 -17.52 -9.04
C GLU A 31 1.48 -16.45 -8.74
N ASN A 32 1.37 -16.07 -7.48
CA ASN A 32 0.51 -14.96 -7.10
C ASN A 32 1.29 -13.95 -6.27
N ILE A 33 2.14 -13.17 -6.94
CA ILE A 33 2.99 -12.21 -6.27
C ILE A 33 3.02 -10.89 -7.02
N PRO A 34 2.38 -9.85 -6.47
CA PRO A 34 2.37 -8.51 -7.07
C PRO A 34 3.74 -7.83 -6.95
N LYS A 35 4.61 -8.06 -7.92
CA LYS A 35 5.94 -7.46 -7.90
C LYS A 35 6.01 -6.19 -8.76
N LYS A 36 7.01 -5.38 -8.45
CA LYS A 36 7.20 -4.08 -9.09
C LYS A 36 7.58 -4.23 -10.56
N GLY A 37 7.19 -3.25 -11.36
CA GLY A 37 7.53 -3.26 -12.77
C GLY A 37 6.33 -3.60 -13.64
N ASN A 38 5.39 -4.32 -13.06
CA ASN A 38 4.20 -4.74 -13.79
C ASN A 38 2.96 -4.03 -13.26
N GLU A 39 1.91 -3.95 -14.06
CA GLU A 39 0.68 -3.28 -13.65
C GLU A 39 -0.15 -4.15 -12.70
N VAL A 40 0.01 -3.89 -11.42
CA VAL A 40 -0.86 -4.49 -10.43
C VAL A 40 -1.98 -3.51 -10.07
N THR A 41 -3.17 -4.02 -9.82
CA THR A 41 -4.31 -3.16 -9.53
C THR A 41 -4.75 -3.32 -8.08
N VAL A 42 -4.59 -2.26 -7.31
CA VAL A 42 -4.94 -2.29 -5.90
C VAL A 42 -5.79 -1.07 -5.51
N HIS A 43 -6.48 -1.19 -4.39
CA HIS A 43 -7.22 -0.08 -3.81
C HIS A 43 -6.64 0.25 -2.44
N TYR A 44 -6.81 1.49 -2.02
CA TYR A 44 -6.32 1.92 -0.72
C TYR A 44 -7.35 2.80 -0.03
N VAL A 45 -7.46 2.66 1.28
CA VAL A 45 -8.36 3.46 2.09
C VAL A 45 -7.93 3.37 3.55
N GLY A 46 -8.36 4.32 4.38
CA GLY A 46 -7.99 4.29 5.78
C GLY A 46 -8.32 5.58 6.48
N LYS A 47 -7.39 6.05 7.31
CA LYS A 47 -7.59 7.27 8.08
C LYS A 47 -6.25 7.87 8.51
N LEU A 48 -6.30 9.07 9.07
CA LEU A 48 -5.10 9.76 9.52
C LEU A 48 -4.77 9.38 10.96
N GLU A 49 -3.74 8.54 11.13
CA GLU A 49 -3.34 8.06 12.45
C GLU A 49 -2.86 9.20 13.33
N SER A 50 -2.34 10.24 12.69
CA SER A 50 -1.78 11.38 13.40
C SER A 50 -2.80 11.98 14.39
N THR A 51 -4.06 12.06 13.97
CA THR A 51 -5.10 12.67 14.80
C THR A 51 -6.22 11.68 15.12
N GLY A 52 -6.23 10.54 14.42
CA GLY A 52 -7.24 9.52 14.68
C GLY A 52 -8.53 9.74 13.92
N LYS A 53 -8.51 10.66 12.97
CA LYS A 53 -9.70 10.99 12.20
C LYS A 53 -9.82 10.10 10.97
N VAL A 54 -11.00 9.54 10.78
CA VAL A 54 -11.30 8.71 9.63
C VAL A 54 -11.63 9.59 8.41
N PHE A 55 -11.53 9.03 7.21
CA PHE A 55 -11.78 9.79 6.00
C PHE A 55 -13.28 10.02 5.80
N ASP A 56 -13.69 11.29 5.87
CA ASP A 56 -15.04 11.68 5.49
C ASP A 56 -14.95 12.85 4.52
N SER A 57 -14.91 12.53 3.24
CA SER A 57 -14.81 13.54 2.20
C SER A 57 -15.95 13.39 1.22
N SER A 58 -15.92 14.15 0.14
CA SER A 58 -16.95 14.05 -0.89
C SER A 58 -16.80 12.77 -1.72
N PHE A 59 -15.57 12.49 -2.15
CA PHE A 59 -15.34 11.41 -3.10
C PHE A 59 -14.93 10.08 -2.44
N ASP A 60 -14.11 10.14 -1.39
CA ASP A 60 -13.47 8.94 -0.84
C ASP A 60 -14.49 7.89 -0.40
N ARG A 61 -15.55 8.34 0.26
CA ARG A 61 -16.56 7.43 0.77
C ARG A 61 -17.68 7.21 -0.25
N ASN A 62 -17.43 7.67 -1.47
CA ASN A 62 -18.33 7.41 -2.58
C ASN A 62 -17.71 6.37 -3.50
N VAL A 63 -16.46 6.60 -3.88
CA VAL A 63 -15.71 5.70 -4.73
C VAL A 63 -14.22 5.76 -4.40
N PRO A 64 -13.62 4.62 -4.02
CA PRO A 64 -12.20 4.55 -3.69
C PRO A 64 -11.30 4.70 -4.91
N PHE A 65 -10.08 5.15 -4.67
CA PHE A 65 -9.14 5.37 -5.75
C PHE A 65 -8.25 4.13 -5.92
N LYS A 66 -7.73 3.93 -7.12
CA LYS A 66 -6.87 2.80 -7.40
C LYS A 66 -5.56 3.29 -8.00
N PHE A 67 -4.53 2.47 -7.96
CA PHE A 67 -3.26 2.84 -8.56
C PHE A 67 -2.47 1.63 -9.00
N HIS A 68 -1.34 1.88 -9.64
CA HIS A 68 -0.43 0.84 -10.07
C HIS A 68 0.93 1.02 -9.38
N LEU A 69 1.63 -0.07 -9.17
CA LEU A 69 2.90 -0.05 -8.45
C LEU A 69 3.97 0.71 -9.24
N GLU A 70 4.60 1.68 -8.57
CA GLU A 70 5.60 2.56 -9.17
C GLU A 70 5.10 3.18 -10.47
N GLN A 71 3.82 3.50 -10.44
CA GLN A 71 3.13 4.17 -11.54
C GLN A 71 3.56 5.65 -11.63
N GLY A 72 4.35 6.08 -10.67
CA GLY A 72 4.81 7.46 -10.65
C GLY A 72 3.98 8.31 -9.72
N GLU A 73 2.79 7.83 -9.40
CA GLU A 73 1.91 8.51 -8.46
C GLU A 73 2.19 8.02 -7.04
N VAL A 74 2.85 6.88 -6.95
CA VAL A 74 3.24 6.31 -5.67
C VAL A 74 4.74 6.01 -5.68
N ILE A 75 5.46 6.54 -4.70
CA ILE A 75 6.92 6.46 -4.70
C ILE A 75 7.46 5.30 -3.86
N LYS A 76 7.15 5.26 -2.56
CA LYS A 76 7.82 4.32 -1.68
C LYS A 76 6.85 3.66 -0.69
N GLY A 77 6.04 4.47 -0.01
CA GLY A 77 5.13 3.95 0.99
C GLY A 77 4.26 2.83 0.47
N TRP A 78 3.59 3.09 -0.64
CA TRP A 78 2.72 2.09 -1.26
C TRP A 78 3.55 1.05 -2.00
N ASP A 79 4.68 1.50 -2.56
CA ASP A 79 5.56 0.65 -3.36
C ASP A 79 5.95 -0.62 -2.60
N ILE A 80 6.44 -0.43 -1.38
CA ILE A 80 6.83 -1.56 -0.55
C ILE A 80 5.61 -2.40 -0.16
N CYS A 81 4.56 -1.73 0.29
CA CYS A 81 3.39 -2.42 0.84
C CYS A 81 2.74 -3.33 -0.20
N VAL A 82 2.51 -2.81 -1.40
CA VAL A 82 1.83 -3.59 -2.43
C VAL A 82 2.71 -4.72 -2.95
N SER A 83 4.02 -4.49 -2.99
CA SER A 83 4.95 -5.49 -3.50
C SER A 83 5.22 -6.57 -2.44
N SER A 84 4.60 -6.43 -1.29
CA SER A 84 4.76 -7.39 -0.21
C SER A 84 3.48 -8.20 0.02
N MET A 85 2.54 -8.09 -0.91
CA MET A 85 1.24 -8.72 -0.74
C MET A 85 1.10 -10.00 -1.56
N ARG A 86 -0.11 -10.53 -1.55
CA ARG A 86 -0.50 -11.64 -2.41
C ARG A 86 -1.92 -11.40 -2.89
N LYS A 87 -2.47 -12.34 -3.64
CA LYS A 87 -3.82 -12.21 -4.15
C LYS A 87 -4.86 -12.26 -3.02
N ASN A 88 -4.48 -12.86 -1.90
CA ASN A 88 -5.38 -12.96 -0.75
C ASN A 88 -4.72 -12.42 0.51
N GLU A 89 -3.65 -11.65 0.34
CA GLU A 89 -2.95 -11.10 1.47
C GLU A 89 -3.14 -9.59 1.52
N LYS A 90 -3.47 -9.09 2.69
CA LYS A 90 -3.80 -7.69 2.87
C LYS A 90 -3.11 -7.15 4.10
N CYS A 91 -2.52 -5.98 3.98
CA CYS A 91 -1.77 -5.38 5.07
C CYS A 91 -2.07 -3.89 5.18
N LEU A 92 -1.56 -3.28 6.23
CA LEU A 92 -1.71 -1.86 6.44
C LEU A 92 -0.32 -1.23 6.46
N VAL A 93 -0.19 -0.07 5.87
CA VAL A 93 1.10 0.56 5.75
C VAL A 93 1.09 1.94 6.42
N ARG A 94 2.19 2.28 7.06
CA ARG A 94 2.35 3.58 7.69
C ARG A 94 3.16 4.48 6.77
N ILE A 95 2.52 5.50 6.22
CA ILE A 95 3.19 6.40 5.30
C ILE A 95 3.73 7.61 6.06
N GLU A 96 5.05 7.67 6.17
CA GLU A 96 5.71 8.82 6.74
C GLU A 96 5.91 9.85 5.63
N SER A 97 6.24 11.08 6.00
CA SER A 97 6.42 12.17 5.05
C SER A 97 7.36 11.79 3.90
N MET A 98 8.44 11.08 4.24
CA MET A 98 9.45 10.71 3.26
C MET A 98 9.00 9.55 2.37
N TYR A 99 7.96 8.82 2.80
CA TYR A 99 7.48 7.66 2.04
C TYR A 99 6.36 8.09 1.09
N GLY A 100 5.82 9.26 1.34
CA GLY A 100 4.78 9.81 0.49
C GLY A 100 5.25 11.06 -0.20
N TYR A 101 4.31 11.87 -0.66
CA TYR A 101 4.65 13.13 -1.31
C TYR A 101 4.61 14.28 -0.32
N GLY A 102 4.90 13.98 0.94
CA GLY A 102 4.88 14.99 2.00
C GLY A 102 5.93 16.05 1.78
N ASP A 103 7.02 15.69 1.13
CA ASP A 103 8.09 16.64 0.82
C ASP A 103 7.64 17.62 -0.25
N GLU A 104 6.78 17.15 -1.15
CA GLU A 104 6.32 17.97 -2.26
C GLU A 104 5.09 18.77 -1.86
N GLY A 105 4.28 18.19 -0.98
CA GLY A 105 3.10 18.89 -0.49
C GLY A 105 1.82 18.33 -1.07
N CYS A 106 1.96 17.43 -2.03
CA CYS A 106 0.80 16.86 -2.72
C CYS A 106 0.27 15.65 -1.96
N GLY A 107 -1.04 15.46 -2.03
CA GLY A 107 -1.66 14.33 -1.36
C GLY A 107 -3.10 14.17 -1.77
N GLU A 108 -3.70 13.05 -1.40
CA GLU A 108 -5.09 12.78 -1.76
C GLU A 108 -6.05 13.41 -0.76
N SER A 109 -6.09 12.90 0.45
CA SER A 109 -6.98 13.46 1.48
C SER A 109 -6.26 14.55 2.27
N ILE A 110 -5.34 14.14 3.15
CA ILE A 110 -4.53 15.08 3.92
C ILE A 110 -3.12 14.51 4.11
N PRO A 111 -2.14 15.03 3.35
CA PRO A 111 -0.75 14.58 3.46
C PRO A 111 -0.01 15.21 4.63
N GLY A 112 0.33 16.48 4.50
CA GLY A 112 1.08 17.16 5.55
C GLY A 112 2.44 16.54 5.78
N ASN A 113 2.79 16.35 7.05
CA ASN A 113 4.06 15.76 7.42
C ASN A 113 3.83 14.69 8.47
N SER A 114 2.61 14.19 8.53
CA SER A 114 2.21 13.26 9.58
C SER A 114 2.09 11.83 9.04
N VAL A 115 1.74 10.90 9.93
CA VAL A 115 1.61 9.50 9.55
C VAL A 115 0.15 9.14 9.26
N LEU A 116 -0.07 8.36 8.22
CA LEU A 116 -1.42 7.96 7.85
C LEU A 116 -1.57 6.43 7.88
N LEU A 117 -2.81 5.97 7.82
CA LEU A 117 -3.12 4.55 7.79
C LEU A 117 -3.80 4.20 6.47
N PHE A 118 -3.10 3.48 5.61
CA PHE A 118 -3.71 3.02 4.37
C PHE A 118 -3.74 1.49 4.33
N GLU A 119 -4.93 0.94 4.13
CA GLU A 119 -5.09 -0.50 3.98
C GLU A 119 -5.03 -0.86 2.51
N ILE A 120 -4.14 -1.79 2.17
CA ILE A 120 -3.94 -2.17 0.78
C ILE A 120 -4.24 -3.66 0.58
N GLU A 121 -5.03 -3.96 -0.44
CA GLU A 121 -5.32 -5.34 -0.81
C GLU A 121 -5.23 -5.53 -2.33
N LEU A 122 -4.72 -6.68 -2.75
CA LEU A 122 -4.55 -6.96 -4.17
C LEU A 122 -5.78 -7.64 -4.74
N LEU A 123 -6.42 -7.01 -5.72
CA LEU A 123 -7.60 -7.57 -6.35
C LEU A 123 -7.28 -8.07 -7.76
N SER A 124 -6.30 -7.46 -8.40
CA SER A 124 -5.88 -7.85 -9.74
C SER A 124 -4.40 -7.54 -9.94
N PHE A 125 -3.73 -8.34 -10.77
CA PHE A 125 -2.32 -8.13 -11.04
C PHE A 125 -1.87 -8.92 -12.26
N ARG A 126 -0.77 -8.49 -12.86
CA ARG A 126 -0.21 -9.20 -14.00
C ARG A 126 1.25 -9.54 -13.73
N GLU A 127 1.60 -10.81 -13.82
CA GLU A 127 2.99 -11.20 -13.76
C GLU A 127 3.50 -11.53 -15.15
N LEU A 128 4.43 -10.71 -15.62
CA LEU A 128 5.01 -10.88 -16.94
C LEU A 128 6.53 -10.75 -16.86
N GLU A 129 7.23 -11.42 -17.75
CA GLU A 129 8.68 -11.44 -17.71
C GLU A 129 9.26 -10.52 -18.78
N HIS A 130 10.20 -9.67 -18.36
CA HIS A 130 10.81 -8.70 -19.26
C HIS A 130 11.97 -9.33 -20.03
N HIS A 131 11.79 -9.47 -21.34
CA HIS A 131 12.75 -10.22 -22.16
C HIS A 131 13.53 -9.33 -23.13
N HIS A 132 14.70 -9.84 -23.53
CA HIS A 132 15.48 -9.26 -24.61
C HIS A 132 15.49 -10.23 -25.80
N HIS A 133 15.96 -9.75 -26.95
CA HIS A 133 16.07 -10.61 -28.12
C HIS A 133 17.31 -10.25 -28.93
N HIS A 134 18.17 -11.24 -29.16
CA HIS A 134 19.35 -11.07 -30.00
C HIS A 134 19.54 -12.28 -30.89
N HIS A 135 20.60 -12.28 -31.68
CA HIS A 135 20.96 -13.42 -32.50
C HIS A 135 21.30 -14.61 -31.60
N MET A 1 -12.83 -11.16 25.45
CA MET A 1 -11.95 -12.18 24.86
C MET A 1 -11.03 -11.55 23.83
N THR A 2 -11.55 -11.22 22.66
CA THR A 2 -10.77 -10.57 21.63
C THR A 2 -11.10 -9.09 21.58
N THR A 3 -10.27 -8.27 22.20
CA THR A 3 -10.45 -6.82 22.18
C THR A 3 -9.51 -6.18 21.17
N GLU A 4 -8.26 -6.63 21.17
CA GLU A 4 -7.28 -6.14 20.23
C GLU A 4 -6.43 -7.32 19.76
N GLN A 5 -6.15 -7.37 18.47
CA GLN A 5 -5.48 -8.51 17.88
C GLN A 5 -3.97 -8.36 17.96
N GLU A 6 -3.29 -9.46 18.21
CA GLU A 6 -1.84 -9.46 18.29
C GLU A 6 -1.26 -9.74 16.90
N PHE A 7 -0.98 -8.68 16.16
CA PHE A 7 -0.32 -8.80 14.88
C PHE A 7 1.01 -8.08 14.90
N GLU A 8 1.99 -8.67 14.24
CA GLU A 8 3.34 -8.17 14.29
C GLU A 8 3.49 -6.89 13.47
N LYS A 9 4.23 -5.93 14.02
CA LYS A 9 4.53 -4.71 13.31
C LYS A 9 5.94 -4.79 12.75
N VAL A 10 6.08 -4.51 11.46
CA VAL A 10 7.40 -4.58 10.82
C VAL A 10 7.97 -3.18 10.64
N GLU A 11 8.94 -2.85 11.48
CA GLU A 11 9.56 -1.54 11.44
C GLU A 11 10.76 -1.54 10.52
N LEU A 12 10.58 -0.96 9.34
CA LEU A 12 11.65 -0.80 8.36
C LEU A 12 12.19 -2.14 7.92
N THR A 13 11.45 -2.81 7.05
CA THR A 13 11.86 -4.09 6.52
C THR A 13 12.84 -3.91 5.37
N ALA A 14 13.60 -4.97 5.07
CA ALA A 14 14.54 -4.97 3.96
C ALA A 14 13.82 -4.94 2.61
N ASP A 15 12.50 -5.03 2.68
CA ASP A 15 11.64 -5.03 1.51
C ASP A 15 11.46 -3.61 0.93
N GLY A 16 12.47 -2.77 1.10
CA GLY A 16 12.41 -1.43 0.56
C GLY A 16 12.57 -0.36 1.63
N GLY A 17 12.21 -0.70 2.87
CA GLY A 17 12.40 0.23 3.96
C GLY A 17 11.15 1.06 4.26
N VAL A 18 10.07 0.38 4.61
CA VAL A 18 8.84 1.05 5.02
C VAL A 18 8.19 0.32 6.18
N ILE A 19 7.44 1.05 7.01
CA ILE A 19 6.78 0.48 8.18
C ILE A 19 5.42 -0.10 7.77
N LYS A 20 5.22 -1.40 7.98
CA LYS A 20 3.94 -2.02 7.67
C LYS A 20 3.57 -3.09 8.69
N THR A 21 2.27 -3.23 8.93
CA THR A 21 1.74 -4.20 9.86
C THR A 21 1.17 -5.38 9.11
N ILE A 22 1.47 -6.60 9.57
CA ILE A 22 0.98 -7.79 8.93
C ILE A 22 -0.34 -8.25 9.56
N LEU A 23 -1.43 -8.17 8.79
CA LEU A 23 -2.75 -8.52 9.31
C LEU A 23 -3.12 -9.94 8.93
N LYS A 24 -3.03 -10.25 7.65
CA LYS A 24 -3.28 -11.59 7.16
C LYS A 24 -2.01 -12.15 6.56
N LYS A 25 -1.86 -13.47 6.60
CA LYS A 25 -0.70 -14.11 6.00
C LYS A 25 -1.16 -15.03 4.88
N GLY A 26 -0.83 -14.63 3.66
CA GLY A 26 -1.19 -15.40 2.48
C GLY A 26 -0.64 -16.81 2.52
N ASP A 27 -1.20 -17.66 1.68
CA ASP A 27 -0.78 -19.05 1.62
C ASP A 27 0.06 -19.28 0.35
N GLU A 28 0.01 -20.48 -0.20
CA GLU A 28 0.76 -20.81 -1.40
C GLU A 28 0.37 -19.88 -2.56
N GLY A 29 1.37 -19.23 -3.13
CA GLY A 29 1.15 -18.35 -4.23
C GLY A 29 2.44 -17.97 -4.91
N GLU A 30 3.22 -18.99 -5.28
CA GLU A 30 4.51 -18.78 -5.93
C GLU A 30 4.33 -18.05 -7.25
N GLU A 31 3.21 -18.33 -7.92
CA GLU A 31 2.92 -17.74 -9.21
C GLU A 31 1.98 -16.55 -9.03
N ASN A 32 1.90 -16.04 -7.80
CA ASN A 32 1.05 -14.89 -7.50
C ASN A 32 1.87 -13.80 -6.82
N ILE A 33 2.67 -13.08 -7.60
CA ILE A 33 3.55 -12.06 -7.04
C ILE A 33 3.39 -10.71 -7.75
N PRO A 34 3.00 -9.66 -7.00
CA PRO A 34 2.82 -8.31 -7.50
C PRO A 34 4.12 -7.51 -7.47
N LYS A 35 4.78 -7.37 -8.60
CA LYS A 35 6.04 -6.64 -8.67
C LYS A 35 6.12 -5.71 -9.89
N LYS A 36 7.23 -4.99 -9.98
CA LYS A 36 7.47 -4.05 -11.08
C LYS A 36 7.49 -4.76 -12.43
N GLY A 37 6.89 -4.10 -13.41
CA GLY A 37 6.82 -4.67 -14.75
C GLY A 37 5.46 -5.25 -15.03
N ASN A 38 4.70 -5.44 -13.96
CA ASN A 38 3.38 -6.03 -14.08
C ASN A 38 2.32 -5.02 -13.70
N GLU A 39 1.09 -5.28 -14.09
CA GLU A 39 -0.01 -4.42 -13.73
C GLU A 39 -0.70 -4.92 -12.48
N VAL A 40 -0.45 -4.27 -11.36
CA VAL A 40 -1.14 -4.59 -10.13
C VAL A 40 -2.20 -3.55 -9.86
N THR A 41 -3.40 -3.99 -9.54
CA THR A 41 -4.49 -3.09 -9.22
C THR A 41 -4.79 -3.16 -7.74
N VAL A 42 -4.44 -2.09 -7.04
CA VAL A 42 -4.63 -2.03 -5.60
C VAL A 42 -5.48 -0.84 -5.20
N HIS A 43 -6.35 -1.06 -4.24
CA HIS A 43 -7.16 0.01 -3.68
C HIS A 43 -6.62 0.38 -2.30
N TYR A 44 -6.62 1.68 -2.00
CA TYR A 44 -6.15 2.15 -0.71
C TYR A 44 -7.23 2.97 -0.02
N VAL A 45 -7.33 2.83 1.28
CA VAL A 45 -8.23 3.63 2.09
C VAL A 45 -7.88 3.46 3.56
N GLY A 46 -8.09 4.49 4.36
CA GLY A 46 -7.76 4.41 5.77
C GLY A 46 -8.12 5.70 6.48
N LYS A 47 -7.19 6.21 7.28
CA LYS A 47 -7.41 7.48 7.95
C LYS A 47 -6.09 8.13 8.35
N LEU A 48 -6.18 9.36 8.82
CA LEU A 48 -5.00 10.10 9.25
C LEU A 48 -4.63 9.70 10.68
N GLU A 49 -3.67 8.79 10.82
CA GLU A 49 -3.24 8.32 12.13
C GLU A 49 -2.71 9.46 12.98
N SER A 50 -2.20 10.49 12.33
CA SER A 50 -1.59 11.61 13.02
C SER A 50 -2.56 12.25 14.03
N THR A 51 -3.86 12.13 13.78
CA THR A 51 -4.87 12.66 14.70
C THR A 51 -6.05 11.70 14.85
N GLY A 52 -5.93 10.54 14.21
CA GLY A 52 -6.98 9.53 14.28
C GLY A 52 -8.22 9.92 13.50
N LYS A 53 -8.11 10.93 12.65
CA LYS A 53 -9.24 11.39 11.85
C LYS A 53 -9.48 10.48 10.66
N VAL A 54 -10.66 9.87 10.62
CA VAL A 54 -11.05 9.00 9.52
C VAL A 54 -11.44 9.85 8.31
N PHE A 55 -11.41 9.24 7.13
CA PHE A 55 -11.75 9.94 5.91
C PHE A 55 -13.26 10.04 5.73
N ASP A 56 -13.83 11.19 6.08
CA ASP A 56 -15.26 11.40 5.89
C ASP A 56 -15.52 12.65 5.05
N SER A 57 -15.48 12.47 3.74
CA SER A 57 -15.82 13.53 2.79
C SER A 57 -16.68 12.93 1.68
N SER A 58 -17.06 13.74 0.69
CA SER A 58 -17.88 13.27 -0.42
C SER A 58 -17.09 12.28 -1.28
N PHE A 59 -15.85 12.62 -1.57
CA PHE A 59 -14.99 11.78 -2.42
C PHE A 59 -14.60 10.51 -1.66
N ASP A 60 -14.08 10.72 -0.46
CA ASP A 60 -13.55 9.67 0.42
C ASP A 60 -14.48 8.46 0.48
N ARG A 61 -15.77 8.73 0.63
CA ARG A 61 -16.73 7.66 0.89
C ARG A 61 -17.38 7.14 -0.38
N ASN A 62 -17.19 7.84 -1.49
CA ASN A 62 -17.90 7.50 -2.71
C ASN A 62 -16.97 6.80 -3.72
N VAL A 63 -15.92 7.48 -4.15
CA VAL A 63 -15.12 6.99 -5.26
C VAL A 63 -14.02 6.04 -4.78
N PRO A 64 -14.00 4.83 -5.36
CA PRO A 64 -12.95 3.86 -5.12
C PRO A 64 -11.78 4.07 -6.09
N PHE A 65 -10.71 4.65 -5.60
CA PHE A 65 -9.56 4.93 -6.45
C PHE A 65 -8.52 3.80 -6.36
N LYS A 66 -7.80 3.59 -7.45
CA LYS A 66 -6.78 2.55 -7.52
C LYS A 66 -5.58 3.05 -8.30
N PHE A 67 -4.46 2.34 -8.23
CA PHE A 67 -3.25 2.74 -8.93
C PHE A 67 -2.39 1.54 -9.32
N HIS A 68 -1.24 1.83 -9.91
CA HIS A 68 -0.27 0.81 -10.31
C HIS A 68 1.06 1.04 -9.59
N LEU A 69 1.81 -0.03 -9.36
CA LEU A 69 3.12 0.08 -8.74
C LEU A 69 4.11 0.76 -9.69
N GLU A 70 4.89 1.70 -9.15
CA GLU A 70 5.82 2.52 -9.93
C GLU A 70 5.11 3.20 -11.11
N GLN A 71 3.85 3.50 -10.90
CA GLN A 71 3.02 4.19 -11.89
C GLN A 71 3.46 5.64 -12.06
N GLY A 72 4.32 6.10 -11.15
CA GLY A 72 4.75 7.47 -11.19
C GLY A 72 4.06 8.32 -10.15
N GLU A 73 2.98 7.79 -9.59
CA GLU A 73 2.21 8.50 -8.58
C GLU A 73 2.50 7.94 -7.19
N VAL A 74 3.37 6.95 -7.12
CA VAL A 74 3.71 6.32 -5.85
C VAL A 74 5.22 6.18 -5.72
N ILE A 75 5.78 6.72 -4.64
CA ILE A 75 7.23 6.71 -4.45
C ILE A 75 7.71 5.55 -3.58
N LYS A 76 7.26 5.48 -2.33
CA LYS A 76 7.81 4.49 -1.40
C LYS A 76 6.78 3.94 -0.43
N GLY A 77 5.92 4.80 0.11
CA GLY A 77 4.93 4.35 1.07
C GLY A 77 4.13 3.16 0.56
N TRP A 78 3.57 3.30 -0.62
CA TRP A 78 2.79 2.24 -1.24
C TRP A 78 3.71 1.15 -1.81
N ASP A 79 4.87 1.58 -2.29
CA ASP A 79 5.82 0.70 -3.00
C ASP A 79 6.12 -0.57 -2.20
N ILE A 80 6.54 -0.39 -0.95
CA ILE A 80 6.95 -1.51 -0.12
C ILE A 80 5.75 -2.41 0.24
N CYS A 81 4.60 -1.80 0.38
CA CYS A 81 3.42 -2.54 0.80
C CYS A 81 2.84 -3.37 -0.34
N VAL A 82 2.84 -2.82 -1.55
CA VAL A 82 2.23 -3.49 -2.70
C VAL A 82 3.17 -4.54 -3.28
N SER A 83 4.47 -4.27 -3.22
CA SER A 83 5.48 -5.20 -3.71
C SER A 83 5.41 -6.51 -2.93
N SER A 84 5.22 -6.42 -1.62
CA SER A 84 5.01 -7.61 -0.80
C SER A 84 3.54 -7.81 -0.49
N MET A 85 2.77 -8.06 -1.53
CA MET A 85 1.38 -8.45 -1.38
C MET A 85 1.16 -9.80 -2.04
N ARG A 86 -0.04 -10.32 -1.84
CA ARG A 86 -0.48 -11.51 -2.53
C ARG A 86 -1.96 -11.37 -2.85
N LYS A 87 -2.45 -12.19 -3.77
CA LYS A 87 -3.79 -12.01 -4.32
C LYS A 87 -4.86 -12.01 -3.21
N ASN A 88 -4.60 -12.73 -2.13
CA ASN A 88 -5.57 -12.86 -1.05
C ASN A 88 -5.03 -12.29 0.26
N GLU A 89 -4.00 -11.48 0.15
CA GLU A 89 -3.34 -10.94 1.34
C GLU A 89 -3.70 -9.48 1.56
N LYS A 90 -3.56 -9.01 2.79
CA LYS A 90 -3.96 -7.65 3.17
C LYS A 90 -3.09 -7.18 4.34
N CYS A 91 -2.43 -6.05 4.15
CA CYS A 91 -1.58 -5.49 5.18
C CYS A 91 -1.91 -4.02 5.43
N LEU A 92 -1.50 -3.51 6.59
CA LEU A 92 -1.65 -2.10 6.89
C LEU A 92 -0.32 -1.40 6.74
N VAL A 93 -0.26 -0.45 5.83
CA VAL A 93 0.98 0.26 5.58
C VAL A 93 0.95 1.62 6.28
N ARG A 94 2.08 1.97 6.88
CA ARG A 94 2.17 3.22 7.62
C ARG A 94 3.02 4.20 6.81
N ILE A 95 2.39 5.23 6.31
CA ILE A 95 3.05 6.15 5.41
C ILE A 95 3.39 7.44 6.14
N GLU A 96 4.66 7.62 6.43
CA GLU A 96 5.13 8.84 7.06
C GLU A 96 5.33 9.90 5.99
N SER A 97 5.68 11.10 6.43
CA SER A 97 5.91 12.22 5.54
C SER A 97 7.03 11.90 4.55
N MET A 98 7.98 11.07 4.98
CA MET A 98 9.12 10.69 4.14
C MET A 98 8.75 9.64 3.11
N TYR A 99 7.55 9.08 3.23
CA TYR A 99 7.10 8.04 2.31
C TYR A 99 6.00 8.58 1.39
N GLY A 100 5.65 9.84 1.61
CA GLY A 100 4.60 10.46 0.85
C GLY A 100 5.14 11.41 -0.20
N TYR A 101 4.23 11.97 -1.01
CA TYR A 101 4.63 12.86 -2.09
C TYR A 101 4.79 14.30 -1.62
N GLY A 102 5.19 14.47 -0.38
CA GLY A 102 5.40 15.80 0.18
C GLY A 102 6.63 16.46 -0.41
N ASP A 103 7.59 15.64 -0.83
CA ASP A 103 8.80 16.11 -1.49
C ASP A 103 8.44 16.89 -2.75
N GLU A 104 7.67 16.25 -3.62
CA GLU A 104 7.15 16.88 -4.83
C GLU A 104 6.18 18.01 -4.47
N GLY A 105 5.33 17.74 -3.49
CA GLY A 105 4.35 18.73 -3.06
C GLY A 105 2.95 18.38 -3.50
N CYS A 106 2.71 17.11 -3.78
CA CYS A 106 1.42 16.65 -4.25
C CYS A 106 0.55 16.22 -3.08
N GLY A 107 -0.61 16.86 -2.95
CA GLY A 107 -1.54 16.50 -1.89
C GLY A 107 -2.76 15.78 -2.43
N GLU A 108 -2.96 14.55 -1.98
CA GLU A 108 -4.08 13.76 -2.44
C GLU A 108 -5.23 13.82 -1.44
N SER A 109 -5.07 13.18 -0.30
CA SER A 109 -6.11 13.15 0.71
C SER A 109 -5.89 14.24 1.76
N ILE A 110 -4.94 14.02 2.66
CA ILE A 110 -4.56 15.02 3.67
C ILE A 110 -3.13 14.79 4.16
N PRO A 111 -2.14 15.10 3.33
CA PRO A 111 -0.74 14.99 3.68
C PRO A 111 -0.16 16.31 4.18
N GLY A 112 0.00 16.42 5.49
CA GLY A 112 0.58 17.62 6.08
C GLY A 112 1.68 17.27 7.05
N ASN A 113 2.83 16.84 6.48
CA ASN A 113 3.97 16.31 7.26
C ASN A 113 3.49 15.36 8.37
N SER A 114 2.39 14.68 8.11
CA SER A 114 1.76 13.80 9.07
C SER A 114 2.04 12.33 8.74
N VAL A 115 1.46 11.44 9.53
CA VAL A 115 1.56 10.00 9.27
C VAL A 115 0.18 9.43 8.99
N LEU A 116 0.10 8.57 7.99
CA LEU A 116 -1.16 7.96 7.60
C LEU A 116 -1.06 6.43 7.62
N LEU A 117 -2.20 5.77 7.75
CA LEU A 117 -2.26 4.32 7.63
C LEU A 117 -3.31 3.94 6.59
N PHE A 118 -2.86 3.27 5.54
CA PHE A 118 -3.76 2.88 4.45
C PHE A 118 -3.89 1.38 4.37
N GLU A 119 -5.12 0.94 4.14
CA GLU A 119 -5.40 -0.45 3.89
C GLU A 119 -5.30 -0.70 2.39
N ILE A 120 -4.35 -1.52 1.98
CA ILE A 120 -4.15 -1.80 0.57
C ILE A 120 -4.64 -3.20 0.23
N GLU A 121 -5.49 -3.29 -0.78
CA GLU A 121 -6.05 -4.56 -1.21
C GLU A 121 -5.67 -4.85 -2.66
N LEU A 122 -5.08 -6.02 -2.90
CA LEU A 122 -4.68 -6.44 -4.24
C LEU A 122 -5.82 -7.23 -4.89
N LEU A 123 -6.71 -6.53 -5.58
CA LEU A 123 -7.87 -7.20 -6.18
C LEU A 123 -7.49 -7.92 -7.47
N SER A 124 -6.60 -7.32 -8.24
CA SER A 124 -6.19 -7.92 -9.51
C SER A 124 -4.73 -7.62 -9.80
N PHE A 125 -4.08 -8.52 -10.53
CA PHE A 125 -2.67 -8.37 -10.86
C PHE A 125 -2.30 -9.34 -11.98
N ARG A 126 -1.04 -9.35 -12.36
CA ARG A 126 -0.54 -10.25 -13.41
C ARG A 126 0.98 -10.35 -13.31
N GLU A 127 1.57 -11.24 -14.11
CA GLU A 127 3.01 -11.36 -14.19
C GLU A 127 3.47 -11.49 -15.62
N LEU A 128 4.33 -10.56 -16.04
CA LEU A 128 4.86 -10.55 -17.40
C LEU A 128 6.38 -10.46 -17.36
N GLU A 129 7.02 -10.71 -18.49
CA GLU A 129 8.47 -10.66 -18.59
C GLU A 129 8.94 -9.22 -18.76
N HIS A 130 9.99 -8.86 -18.04
CA HIS A 130 10.56 -7.52 -18.13
C HIS A 130 11.92 -7.55 -18.79
N HIS A 131 12.06 -6.83 -19.90
CA HIS A 131 13.34 -6.73 -20.58
C HIS A 131 13.94 -5.34 -20.35
N HIS A 132 15.14 -5.31 -19.83
CA HIS A 132 15.79 -4.06 -19.47
C HIS A 132 17.27 -4.12 -19.82
N HIS A 133 17.70 -3.23 -20.70
CA HIS A 133 19.09 -3.18 -21.14
C HIS A 133 19.63 -1.76 -21.01
N HIS A 134 20.70 -1.60 -20.24
CA HIS A 134 21.33 -0.30 -20.06
C HIS A 134 22.49 -0.13 -21.04
N HIS A 135 23.49 -0.99 -20.91
CA HIS A 135 24.65 -0.97 -21.79
C HIS A 135 25.32 -2.34 -21.79
N MET A 1 -10.39 -12.68 22.37
CA MET A 1 -11.08 -12.42 23.65
C MET A 1 -10.82 -11.01 24.13
N THR A 2 -9.56 -10.60 24.08
CA THR A 2 -9.18 -9.26 24.45
C THR A 2 -9.34 -8.33 23.24
N THR A 3 -9.56 -7.04 23.50
CA THR A 3 -9.69 -6.07 22.43
C THR A 3 -8.40 -5.97 21.61
N GLU A 4 -8.54 -5.57 20.35
CA GLU A 4 -7.43 -5.55 19.39
C GLU A 4 -7.01 -6.99 19.08
N GLN A 5 -5.81 -7.17 18.52
CA GLN A 5 -5.36 -8.51 18.17
C GLN A 5 -3.83 -8.56 18.12
N GLU A 6 -3.30 -9.76 17.99
CA GLU A 6 -1.87 -9.99 18.05
C GLU A 6 -1.25 -10.01 16.65
N PHE A 7 -1.00 -8.81 16.11
CA PHE A 7 -0.35 -8.67 14.81
C PHE A 7 1.08 -8.20 14.99
N GLU A 8 1.87 -8.35 13.94
CA GLU A 8 3.27 -7.98 13.98
C GLU A 8 3.53 -6.76 13.08
N LYS A 9 4.32 -5.82 13.59
CA LYS A 9 4.63 -4.62 12.83
C LYS A 9 6.10 -4.63 12.44
N VAL A 10 6.37 -4.47 11.15
CA VAL A 10 7.74 -4.48 10.66
C VAL A 10 8.20 -3.06 10.36
N GLU A 11 9.20 -2.60 11.10
CA GLU A 11 9.74 -1.26 10.93
C GLU A 11 11.06 -1.30 10.15
N LEU A 12 11.12 -0.51 9.08
CA LEU A 12 12.29 -0.45 8.22
C LEU A 12 12.60 -1.86 7.68
N THR A 13 11.60 -2.46 7.08
CA THR A 13 11.70 -3.80 6.53
C THR A 13 12.79 -3.88 5.45
N ALA A 14 13.29 -5.08 5.22
CA ALA A 14 14.37 -5.32 4.26
C ALA A 14 13.93 -5.04 2.82
N ASP A 15 12.67 -4.70 2.65
CA ASP A 15 12.13 -4.36 1.33
C ASP A 15 12.61 -2.99 0.88
N GLY A 16 13.34 -2.30 1.75
CA GLY A 16 13.89 -1.01 1.40
C GLY A 16 13.42 0.10 2.31
N GLY A 17 13.28 -0.20 3.61
CA GLY A 17 12.95 0.82 4.59
C GLY A 17 11.51 1.30 4.50
N VAL A 18 10.58 0.46 4.93
CA VAL A 18 9.16 0.85 4.98
C VAL A 18 8.51 0.29 6.24
N ILE A 19 7.63 1.08 6.85
CA ILE A 19 6.88 0.64 8.02
C ILE A 19 5.57 0.00 7.57
N LYS A 20 5.45 -1.31 7.75
CA LYS A 20 4.23 -2.01 7.35
C LYS A 20 3.80 -3.02 8.41
N THR A 21 2.49 -3.16 8.56
CA THR A 21 1.90 -4.09 9.51
C THR A 21 1.10 -5.16 8.78
N ILE A 22 1.33 -6.42 9.14
CA ILE A 22 0.63 -7.53 8.53
C ILE A 22 -0.63 -7.86 9.31
N LEU A 23 -1.76 -7.91 8.61
CA LEU A 23 -3.04 -8.19 9.25
C LEU A 23 -3.51 -9.58 8.87
N LYS A 24 -3.95 -9.73 7.63
CA LYS A 24 -4.40 -11.01 7.12
C LYS A 24 -3.37 -11.53 6.13
N LYS A 25 -2.58 -12.49 6.57
CA LYS A 25 -1.52 -13.02 5.73
C LYS A 25 -2.12 -13.88 4.62
N GLY A 26 -1.37 -14.04 3.54
CA GLY A 26 -1.87 -14.74 2.37
C GLY A 26 -2.06 -16.23 2.54
N ASP A 27 -1.64 -16.97 1.53
CA ASP A 27 -1.92 -18.39 1.45
C ASP A 27 -1.04 -18.97 0.35
N GLU A 28 -1.37 -20.14 -0.13
CA GLU A 28 -0.55 -20.83 -1.11
C GLU A 28 -0.77 -20.23 -2.50
N GLY A 29 0.32 -19.82 -3.13
CA GLY A 29 0.25 -19.18 -4.42
C GLY A 29 1.52 -18.42 -4.71
N GLU A 30 2.59 -19.16 -4.93
CA GLU A 30 3.92 -18.59 -5.10
C GLU A 30 4.05 -17.92 -6.46
N GLU A 31 3.22 -18.33 -7.41
CA GLU A 31 3.21 -17.71 -8.72
C GLU A 31 2.23 -16.52 -8.71
N ASN A 32 1.63 -16.29 -7.55
CA ASN A 32 0.73 -15.17 -7.36
C ASN A 32 1.42 -14.09 -6.54
N ILE A 33 2.32 -13.34 -7.18
CA ILE A 33 3.15 -12.37 -6.47
C ILE A 33 3.25 -11.06 -7.25
N PRO A 34 2.99 -9.93 -6.58
CA PRO A 34 3.14 -8.60 -7.17
C PRO A 34 4.62 -8.21 -7.30
N LYS A 35 5.01 -7.68 -8.47
CA LYS A 35 6.39 -7.29 -8.69
C LYS A 35 6.46 -5.91 -9.34
N LYS A 36 7.45 -5.11 -8.94
CA LYS A 36 7.67 -3.80 -9.54
C LYS A 36 7.87 -3.95 -11.05
N GLY A 37 7.09 -3.16 -11.79
CA GLY A 37 7.13 -3.23 -13.24
C GLY A 37 5.90 -3.91 -13.80
N ASN A 38 5.28 -4.77 -13.00
CA ASN A 38 4.09 -5.49 -13.42
C ASN A 38 2.84 -4.74 -12.97
N GLU A 39 1.70 -5.13 -13.52
CA GLU A 39 0.45 -4.45 -13.22
C GLU A 39 -0.20 -5.01 -11.95
N VAL A 40 -0.61 -4.11 -11.07
CA VAL A 40 -1.41 -4.46 -9.92
C VAL A 40 -2.60 -3.52 -9.85
N THR A 41 -3.69 -4.00 -9.29
CA THR A 41 -4.88 -3.16 -9.11
C THR A 41 -5.31 -3.18 -7.65
N VAL A 42 -5.06 -2.08 -6.97
CA VAL A 42 -5.36 -1.99 -5.54
C VAL A 42 -6.14 -0.71 -5.22
N HIS A 43 -6.79 -0.71 -4.07
CA HIS A 43 -7.45 0.48 -3.57
C HIS A 43 -6.74 0.92 -2.29
N TYR A 44 -6.80 2.20 -1.98
CA TYR A 44 -6.24 2.70 -0.74
C TYR A 44 -7.28 3.54 0.00
N VAL A 45 -7.42 3.27 1.29
CA VAL A 45 -8.37 3.99 2.14
C VAL A 45 -8.03 3.70 3.60
N GLY A 46 -8.45 4.57 4.51
CA GLY A 46 -8.16 4.34 5.91
C GLY A 46 -8.47 5.55 6.77
N LYS A 47 -7.50 5.99 7.55
CA LYS A 47 -7.69 7.12 8.45
C LYS A 47 -6.38 7.86 8.66
N LEU A 48 -6.47 9.05 9.23
CA LEU A 48 -5.29 9.82 9.56
C LEU A 48 -4.77 9.42 10.94
N GLU A 49 -3.72 8.60 10.96
CA GLU A 49 -3.16 8.08 12.21
C GLU A 49 -2.71 9.19 13.15
N SER A 50 -2.40 10.35 12.58
CA SER A 50 -1.95 11.50 13.35
C SER A 50 -2.96 11.88 14.43
N THR A 51 -4.23 11.53 14.22
CA THR A 51 -5.28 11.84 15.18
C THR A 51 -6.25 10.66 15.36
N GLY A 52 -6.45 9.88 14.30
CA GLY A 52 -7.35 8.74 14.38
C GLY A 52 -8.69 9.00 13.74
N LYS A 53 -8.78 10.07 12.96
CA LYS A 53 -10.01 10.40 12.26
C LYS A 53 -10.07 9.65 10.92
N VAL A 54 -11.21 9.05 10.64
CA VAL A 54 -11.36 8.19 9.46
C VAL A 54 -11.66 9.02 8.21
N PHE A 55 -11.32 8.46 7.05
CA PHE A 55 -11.60 9.10 5.77
C PHE A 55 -13.09 9.03 5.43
N ASP A 56 -13.79 10.13 5.63
CA ASP A 56 -15.19 10.22 5.24
C ASP A 56 -15.49 11.58 4.64
N SER A 57 -15.23 11.71 3.36
CA SER A 57 -15.48 12.94 2.63
C SER A 57 -16.09 12.64 1.26
N SER A 58 -16.34 13.68 0.48
CA SER A 58 -17.05 13.56 -0.80
C SER A 58 -16.51 12.43 -1.68
N PHE A 59 -15.20 12.36 -1.84
CA PHE A 59 -14.60 11.33 -2.67
C PHE A 59 -14.21 10.11 -1.82
N ASP A 60 -13.63 10.40 -0.66
CA ASP A 60 -13.09 9.38 0.24
C ASP A 60 -14.13 8.36 0.65
N ARG A 61 -15.39 8.78 0.72
CA ARG A 61 -16.47 7.91 1.19
C ARG A 61 -17.14 7.20 0.02
N ASN A 62 -16.97 7.74 -1.18
CA ASN A 62 -17.70 7.26 -2.35
C ASN A 62 -16.96 6.11 -3.01
N VAL A 63 -15.74 6.36 -3.47
CA VAL A 63 -14.95 5.33 -4.13
C VAL A 63 -13.46 5.63 -4.04
N PRO A 64 -12.66 4.67 -3.54
CA PRO A 64 -11.21 4.79 -3.51
C PRO A 64 -10.61 4.65 -4.91
N PHE A 65 -9.46 5.27 -5.13
CA PHE A 65 -8.84 5.27 -6.44
C PHE A 65 -7.85 4.12 -6.55
N LYS A 66 -7.72 3.56 -7.75
CA LYS A 66 -6.81 2.47 -7.98
C LYS A 66 -5.59 2.96 -8.77
N PHE A 67 -4.42 2.43 -8.45
CA PHE A 67 -3.20 2.85 -9.11
C PHE A 67 -2.36 1.66 -9.53
N HIS A 68 -1.32 1.93 -10.30
CA HIS A 68 -0.38 0.90 -10.74
C HIS A 68 0.91 1.01 -9.95
N LEU A 69 1.58 -0.12 -9.75
CA LEU A 69 2.82 -0.15 -9.00
C LEU A 69 3.91 0.64 -9.72
N GLU A 70 4.40 1.67 -9.02
CA GLU A 70 5.35 2.64 -9.54
C GLU A 70 5.00 3.07 -10.96
N GLN A 71 3.98 3.89 -11.05
CA GLN A 71 3.58 4.50 -12.31
C GLN A 71 4.09 5.93 -12.37
N GLY A 72 5.05 6.23 -11.52
CA GLY A 72 5.54 7.58 -11.37
C GLY A 72 4.80 8.33 -10.27
N GLU A 73 3.66 7.79 -9.86
CA GLU A 73 2.82 8.45 -8.86
C GLU A 73 3.20 8.04 -7.45
N VAL A 74 3.47 6.75 -7.25
CA VAL A 74 3.80 6.24 -5.92
C VAL A 74 5.32 6.13 -5.76
N ILE A 75 5.83 6.58 -4.62
CA ILE A 75 7.27 6.63 -4.38
C ILE A 75 7.77 5.39 -3.61
N LYS A 76 7.41 5.28 -2.33
CA LYS A 76 7.91 4.17 -1.52
C LYS A 76 6.79 3.50 -0.72
N GLY A 77 6.02 4.30 0.01
CA GLY A 77 5.04 3.76 0.93
C GLY A 77 4.10 2.75 0.31
N TRP A 78 3.46 3.15 -0.78
CA TRP A 78 2.55 2.25 -1.49
C TRP A 78 3.33 1.22 -2.29
N ASP A 79 4.44 1.66 -2.88
CA ASP A 79 5.23 0.85 -3.80
C ASP A 79 5.67 -0.47 -3.14
N ILE A 80 6.33 -0.37 -1.99
CA ILE A 80 6.83 -1.55 -1.28
C ILE A 80 5.67 -2.37 -0.74
N CYS A 81 4.62 -1.70 -0.32
CA CYS A 81 3.49 -2.36 0.30
C CYS A 81 2.73 -3.19 -0.73
N VAL A 82 2.41 -2.61 -1.88
CA VAL A 82 1.64 -3.31 -2.91
C VAL A 82 2.44 -4.47 -3.49
N SER A 83 3.76 -4.33 -3.56
CA SER A 83 4.63 -5.39 -4.07
C SER A 83 4.88 -6.42 -2.96
N SER A 84 4.25 -6.22 -1.81
CA SER A 84 4.33 -7.12 -0.69
C SER A 84 2.92 -7.57 -0.29
N MET A 85 2.04 -7.57 -1.27
CA MET A 85 0.63 -7.90 -1.05
C MET A 85 0.20 -9.05 -1.95
N ARG A 86 -0.18 -10.18 -1.37
CA ARG A 86 -0.70 -11.29 -2.17
C ARG A 86 -2.19 -11.05 -2.46
N LYS A 87 -2.73 -11.74 -3.46
CA LYS A 87 -4.11 -11.53 -3.90
C LYS A 87 -5.13 -11.94 -2.83
N ASN A 88 -4.67 -12.66 -1.82
CA ASN A 88 -5.54 -13.08 -0.72
C ASN A 88 -5.00 -12.55 0.60
N GLU A 89 -4.25 -11.48 0.52
CA GLU A 89 -3.56 -10.94 1.66
C GLU A 89 -3.98 -9.49 1.89
N LYS A 90 -3.65 -8.93 3.05
CA LYS A 90 -3.93 -7.54 3.33
C LYS A 90 -3.02 -6.99 4.42
N CYS A 91 -2.26 -5.95 4.07
CA CYS A 91 -1.38 -5.30 5.01
C CYS A 91 -1.71 -3.81 5.11
N LEU A 92 -1.25 -3.18 6.18
CA LEU A 92 -1.43 -1.74 6.35
C LEU A 92 -0.06 -1.07 6.35
N VAL A 93 0.11 -0.08 5.49
CA VAL A 93 1.37 0.63 5.41
C VAL A 93 1.27 1.97 6.14
N ARG A 94 2.33 2.35 6.81
CA ARG A 94 2.36 3.60 7.56
C ARG A 94 3.10 4.65 6.75
N ILE A 95 2.37 5.65 6.31
CA ILE A 95 2.92 6.65 5.40
C ILE A 95 3.60 7.76 6.17
N GLU A 96 4.92 7.69 6.23
CA GLU A 96 5.74 8.77 6.75
C GLU A 96 5.89 9.83 5.66
N SER A 97 6.21 11.04 6.04
CA SER A 97 6.37 12.14 5.11
C SER A 97 7.38 11.80 4.01
N MET A 98 8.43 11.06 4.38
CA MET A 98 9.47 10.67 3.43
C MET A 98 9.00 9.51 2.54
N TYR A 99 7.83 8.95 2.86
CA TYR A 99 7.25 7.88 2.07
C TYR A 99 6.25 8.46 1.08
N GLY A 100 6.04 9.78 1.15
CA GLY A 100 5.09 10.43 0.30
C GLY A 100 5.65 11.70 -0.32
N TYR A 101 4.77 12.64 -0.63
CA TYR A 101 5.17 13.89 -1.26
C TYR A 101 5.34 15.02 -0.25
N GLY A 102 5.13 14.70 1.02
CA GLY A 102 5.31 15.69 2.08
C GLY A 102 4.38 16.89 1.95
N ASP A 103 4.93 18.07 2.17
CA ASP A 103 4.17 19.32 2.08
C ASP A 103 4.21 19.87 0.65
N GLU A 104 5.32 19.62 -0.01
CA GLU A 104 5.58 20.17 -1.34
C GLU A 104 4.60 19.64 -2.38
N GLY A 105 4.48 18.33 -2.47
CA GLY A 105 3.69 17.70 -3.51
C GLY A 105 2.20 17.78 -3.25
N CYS A 106 1.42 17.60 -4.30
CA CYS A 106 -0.03 17.64 -4.20
C CYS A 106 -0.54 16.40 -3.48
N GLY A 107 -1.37 16.62 -2.46
CA GLY A 107 -1.87 15.51 -1.67
C GLY A 107 -3.30 15.16 -2.01
N GLU A 108 -3.79 14.07 -1.42
CA GLU A 108 -5.15 13.61 -1.67
C GLU A 108 -6.13 14.10 -0.62
N SER A 109 -6.05 13.57 0.59
CA SER A 109 -7.00 13.92 1.63
C SER A 109 -6.35 14.82 2.68
N ILE A 110 -5.49 14.26 3.52
CA ILE A 110 -4.80 15.04 4.55
C ILE A 110 -3.35 14.55 4.76
N PRO A 111 -2.47 14.81 3.79
CA PRO A 111 -1.07 14.44 3.88
C PRO A 111 -0.20 15.55 4.48
N GLY A 112 1.10 15.49 4.22
CA GLY A 112 2.01 16.50 4.71
C GLY A 112 3.08 15.88 5.58
N ASN A 113 3.32 16.48 6.75
CA ASN A 113 4.28 15.92 7.70
C ASN A 113 3.55 15.10 8.75
N SER A 114 2.38 14.62 8.37
CA SER A 114 1.58 13.78 9.24
C SER A 114 1.65 12.34 8.78
N VAL A 115 1.60 11.41 9.73
CA VAL A 115 1.64 9.99 9.40
C VAL A 115 0.21 9.47 9.15
N LEU A 116 0.05 8.75 8.06
CA LEU A 116 -1.24 8.13 7.73
C LEU A 116 -1.06 6.62 7.62
N LEU A 117 -2.17 5.90 7.55
CA LEU A 117 -2.13 4.48 7.28
C LEU A 117 -3.26 4.10 6.33
N PHE A 118 -2.88 3.49 5.21
CA PHE A 118 -3.86 3.10 4.20
C PHE A 118 -3.98 1.59 4.12
N GLU A 119 -5.22 1.14 3.94
CA GLU A 119 -5.49 -0.25 3.66
C GLU A 119 -5.25 -0.52 2.19
N ILE A 120 -4.32 -1.41 1.90
CA ILE A 120 -4.06 -1.79 0.53
C ILE A 120 -4.58 -3.19 0.29
N GLU A 121 -5.27 -3.38 -0.83
CA GLU A 121 -5.89 -4.65 -1.16
C GLU A 121 -5.62 -5.03 -2.62
N LEU A 122 -4.86 -6.11 -2.83
CA LEU A 122 -4.52 -6.56 -4.18
C LEU A 122 -5.64 -7.42 -4.75
N LEU A 123 -6.58 -6.78 -5.45
CA LEU A 123 -7.73 -7.50 -5.99
C LEU A 123 -7.40 -8.17 -7.32
N SER A 124 -6.60 -7.50 -8.13
CA SER A 124 -6.19 -8.05 -9.43
C SER A 124 -4.75 -7.66 -9.71
N PHE A 125 -4.06 -8.50 -10.46
CA PHE A 125 -2.67 -8.27 -10.83
C PHE A 125 -2.26 -9.21 -11.95
N ARG A 126 -1.01 -9.12 -12.37
CA ARG A 126 -0.48 -10.00 -13.41
C ARG A 126 1.04 -10.03 -13.34
N GLU A 127 1.59 -11.22 -13.52
CA GLU A 127 3.03 -11.38 -13.54
C GLU A 127 3.54 -11.32 -14.99
N LEU A 128 4.78 -10.87 -15.16
CA LEU A 128 5.34 -10.68 -16.49
C LEU A 128 5.71 -12.02 -17.14
N GLU A 129 5.42 -12.16 -18.43
CA GLU A 129 5.75 -13.37 -19.17
C GLU A 129 7.20 -13.38 -19.61
N HIS A 130 7.65 -14.55 -20.07
CA HIS A 130 9.01 -14.72 -20.59
C HIS A 130 10.04 -14.38 -19.53
N HIS A 131 11.28 -14.18 -19.96
CA HIS A 131 12.33 -13.74 -19.07
C HIS A 131 13.14 -12.63 -19.74
N HIS A 132 13.19 -11.48 -19.08
CA HIS A 132 13.86 -10.31 -19.63
C HIS A 132 14.90 -9.78 -18.65
N HIS A 133 16.14 -10.21 -18.85
CA HIS A 133 17.25 -9.78 -18.01
C HIS A 133 18.56 -10.22 -18.63
N HIS A 134 19.49 -9.29 -18.80
CA HIS A 134 20.80 -9.66 -19.32
C HIS A 134 21.75 -9.97 -18.17
N HIS A 135 22.36 -11.15 -18.24
CA HIS A 135 23.25 -11.65 -17.19
C HIS A 135 22.53 -11.72 -15.85
N MET A 1 -17.01 -6.60 18.40
CA MET A 1 -16.27 -5.74 19.36
C MET A 1 -14.76 -5.93 19.22
N THR A 2 -14.34 -6.65 18.19
CA THR A 2 -12.94 -6.98 18.03
C THR A 2 -12.18 -5.88 17.32
N THR A 3 -11.80 -4.86 18.07
CA THR A 3 -10.92 -3.82 17.57
C THR A 3 -9.50 -4.09 18.06
N GLU A 4 -9.42 -4.79 19.18
CA GLU A 4 -8.16 -5.19 19.76
C GLU A 4 -7.67 -6.46 19.05
N GLN A 5 -6.41 -6.44 18.62
CA GLN A 5 -5.85 -7.56 17.87
C GLN A 5 -4.36 -7.65 18.10
N GLU A 6 -3.78 -8.79 17.78
CA GLU A 6 -2.36 -9.02 18.02
C GLU A 6 -1.63 -9.24 16.71
N PHE A 7 -1.21 -8.15 16.09
CA PHE A 7 -0.37 -8.21 14.91
C PHE A 7 0.78 -7.22 15.03
N GLU A 8 1.99 -7.73 14.94
CA GLU A 8 3.17 -6.88 15.06
C GLU A 8 3.37 -6.05 13.80
N LYS A 9 4.04 -4.92 13.96
CA LYS A 9 4.33 -4.04 12.84
C LYS A 9 5.73 -4.37 12.31
N VAL A 10 5.96 -4.13 11.04
CA VAL A 10 7.27 -4.39 10.46
C VAL A 10 8.03 -3.09 10.32
N GLU A 11 8.99 -2.90 11.20
CA GLU A 11 9.80 -1.69 11.21
C GLU A 11 10.96 -1.82 10.24
N LEU A 12 10.79 -1.24 9.06
CA LEU A 12 11.80 -1.27 8.00
C LEU A 12 11.99 -2.68 7.47
N THR A 13 11.08 -3.12 6.62
CA THR A 13 11.19 -4.42 5.98
C THR A 13 12.36 -4.43 4.99
N ALA A 14 12.89 -5.61 4.72
CA ALA A 14 14.03 -5.76 3.83
C ALA A 14 13.71 -5.31 2.41
N ASP A 15 12.42 -5.26 2.07
CA ASP A 15 12.00 -4.97 0.71
C ASP A 15 11.89 -3.46 0.45
N GLY A 16 12.72 -2.67 1.14
CA GLY A 16 12.76 -1.25 0.86
C GLY A 16 12.49 -0.37 2.07
N GLY A 17 12.47 -0.95 3.26
CA GLY A 17 12.45 -0.17 4.50
C GLY A 17 11.23 0.72 4.65
N VAL A 18 10.05 0.13 4.75
CA VAL A 18 8.84 0.87 5.04
C VAL A 18 8.12 0.26 6.23
N ILE A 19 7.45 1.10 7.01
CA ILE A 19 6.72 0.64 8.20
C ILE A 19 5.32 0.17 7.80
N LYS A 20 5.07 -1.12 7.88
CA LYS A 20 3.78 -1.66 7.51
C LYS A 20 3.37 -2.78 8.47
N THR A 21 2.08 -2.88 8.71
CA THR A 21 1.54 -3.90 9.58
C THR A 21 0.92 -5.03 8.77
N ILE A 22 1.26 -6.26 9.11
CA ILE A 22 0.71 -7.43 8.42
C ILE A 22 -0.53 -7.94 9.15
N LEU A 23 -1.65 -7.99 8.44
CA LEU A 23 -2.90 -8.46 9.03
C LEU A 23 -3.36 -9.75 8.38
N LYS A 24 -3.95 -9.61 7.20
CA LYS A 24 -4.50 -10.75 6.47
C LYS A 24 -3.44 -11.34 5.56
N LYS A 25 -2.95 -12.51 5.93
CA LYS A 25 -1.82 -13.13 5.25
C LYS A 25 -2.21 -13.67 3.88
N GLY A 26 -1.26 -13.62 2.95
CA GLY A 26 -1.41 -14.32 1.70
C GLY A 26 -0.81 -15.70 1.81
N ASP A 27 -1.63 -16.66 2.24
CA ASP A 27 -1.19 -18.01 2.56
C ASP A 27 -0.32 -18.63 1.48
N GLU A 28 -0.71 -18.46 0.22
CA GLU A 28 0.05 -19.02 -0.88
C GLU A 28 0.08 -18.06 -2.05
N GLY A 29 1.20 -18.02 -2.76
CA GLY A 29 1.33 -17.19 -3.93
C GLY A 29 2.70 -17.28 -4.55
N GLU A 30 3.14 -18.52 -4.79
CA GLU A 30 4.49 -18.78 -5.30
C GLU A 30 4.83 -17.96 -6.55
N GLU A 31 3.91 -17.91 -7.50
CA GLU A 31 4.11 -17.14 -8.72
C GLU A 31 3.07 -16.04 -8.85
N ASN A 32 2.56 -15.57 -7.73
CA ASN A 32 1.53 -14.54 -7.72
C ASN A 32 1.91 -13.40 -6.78
N ILE A 33 2.81 -12.53 -7.24
CA ILE A 33 3.29 -11.41 -6.45
C ILE A 33 3.20 -10.09 -7.23
N PRO A 34 2.52 -9.07 -6.68
CA PRO A 34 2.43 -7.75 -7.30
C PRO A 34 3.79 -7.03 -7.29
N LYS A 35 4.38 -6.81 -8.46
CA LYS A 35 5.71 -6.23 -8.53
C LYS A 35 5.84 -5.11 -9.55
N LYS A 36 7.01 -4.47 -9.50
CA LYS A 36 7.38 -3.33 -10.36
C LYS A 36 6.97 -3.52 -11.83
N GLY A 37 6.24 -2.55 -12.36
CA GLY A 37 5.95 -2.52 -13.78
C GLY A 37 4.72 -3.33 -14.16
N ASN A 38 4.29 -4.19 -13.25
CA ASN A 38 3.15 -5.05 -13.51
C ASN A 38 1.85 -4.33 -13.22
N GLU A 39 0.82 -4.65 -13.97
CA GLU A 39 -0.48 -4.03 -13.78
C GLU A 39 -1.19 -4.66 -12.60
N VAL A 40 -1.32 -3.89 -11.54
CA VAL A 40 -2.05 -4.33 -10.36
C VAL A 40 -3.24 -3.42 -10.13
N THR A 41 -4.20 -3.91 -9.40
CA THR A 41 -5.33 -3.12 -8.97
C THR A 41 -5.47 -3.20 -7.45
N VAL A 42 -5.08 -2.12 -6.78
CA VAL A 42 -5.20 -2.05 -5.34
C VAL A 42 -5.93 -0.78 -4.95
N HIS A 43 -6.79 -0.90 -3.95
CA HIS A 43 -7.48 0.26 -3.41
C HIS A 43 -6.79 0.71 -2.13
N TYR A 44 -6.80 2.00 -1.87
CA TYR A 44 -6.24 2.51 -0.63
C TYR A 44 -7.25 3.38 0.11
N VAL A 45 -7.45 3.05 1.36
CA VAL A 45 -8.39 3.77 2.22
C VAL A 45 -7.99 3.53 3.67
N GLY A 46 -8.37 4.41 4.57
CA GLY A 46 -8.01 4.26 5.96
C GLY A 46 -8.32 5.49 6.76
N LYS A 47 -7.34 5.98 7.49
CA LYS A 47 -7.52 7.19 8.27
C LYS A 47 -6.19 7.86 8.57
N LEU A 48 -6.25 9.06 9.11
CA LEU A 48 -5.06 9.81 9.48
C LEU A 48 -4.66 9.48 10.90
N GLU A 49 -3.71 8.57 11.04
CA GLU A 49 -3.27 8.10 12.37
C GLU A 49 -2.64 9.23 13.17
N SER A 50 -2.05 10.19 12.46
CA SER A 50 -1.32 11.27 13.10
C SER A 50 -2.18 12.02 14.12
N THR A 51 -3.49 12.04 13.88
CA THR A 51 -4.42 12.66 14.83
C THR A 51 -5.59 11.71 15.14
N GLY A 52 -5.60 10.57 14.48
CA GLY A 52 -6.65 9.58 14.69
C GLY A 52 -7.99 10.01 14.13
N LYS A 53 -7.98 10.53 12.91
CA LYS A 53 -9.21 10.94 12.23
C LYS A 53 -9.48 10.06 11.03
N VAL A 54 -10.68 9.50 10.98
CA VAL A 54 -11.07 8.59 9.92
C VAL A 54 -11.30 9.34 8.60
N PHE A 55 -11.10 8.64 7.48
CA PHE A 55 -11.33 9.22 6.16
C PHE A 55 -12.81 9.33 5.87
N ASP A 56 -13.28 10.56 5.74
CA ASP A 56 -14.68 10.80 5.40
C ASP A 56 -14.77 12.05 4.53
N SER A 57 -14.60 11.86 3.25
CA SER A 57 -14.68 12.94 2.28
C SER A 57 -15.85 12.72 1.33
N SER A 58 -16.02 13.61 0.38
CA SER A 58 -17.10 13.48 -0.59
C SER A 58 -16.84 12.33 -1.56
N PHE A 59 -15.57 12.15 -1.94
CA PHE A 59 -15.22 11.22 -3.01
C PHE A 59 -14.80 9.85 -2.47
N ASP A 60 -13.93 9.86 -1.48
CA ASP A 60 -13.22 8.64 -1.02
C ASP A 60 -14.17 7.57 -0.48
N ARG A 61 -15.12 7.98 0.35
CA ARG A 61 -16.07 7.06 0.95
C ARG A 61 -17.01 6.47 -0.10
N ASN A 62 -17.17 7.17 -1.21
CA ASN A 62 -18.06 6.73 -2.27
C ASN A 62 -17.33 5.81 -3.23
N VAL A 63 -16.31 6.35 -3.88
CA VAL A 63 -15.58 5.62 -4.90
C VAL A 63 -14.08 5.58 -4.56
N PRO A 64 -13.61 4.41 -4.13
CA PRO A 64 -12.19 4.19 -3.81
C PRO A 64 -11.32 4.19 -5.06
N PHE A 65 -10.17 4.83 -4.97
CA PHE A 65 -9.27 4.95 -6.11
C PHE A 65 -8.26 3.80 -6.10
N LYS A 66 -7.75 3.45 -7.28
CA LYS A 66 -6.80 2.35 -7.41
C LYS A 66 -5.59 2.80 -8.22
N PHE A 67 -4.42 2.25 -7.88
CA PHE A 67 -3.20 2.63 -8.57
C PHE A 67 -2.44 1.40 -9.08
N HIS A 68 -1.37 1.64 -9.83
CA HIS A 68 -0.58 0.57 -10.45
C HIS A 68 0.79 0.46 -9.78
N LEU A 69 1.35 -0.75 -9.80
CA LEU A 69 2.62 -1.02 -9.14
C LEU A 69 3.76 -0.25 -9.80
N GLU A 70 4.38 0.63 -9.02
CA GLU A 70 5.36 1.58 -9.53
C GLU A 70 4.82 2.30 -10.77
N GLN A 71 4.17 3.41 -10.52
CA GLN A 71 3.44 4.12 -11.52
C GLN A 71 3.87 5.59 -11.54
N GLY A 72 4.93 5.88 -10.77
CA GLY A 72 5.39 7.24 -10.64
C GLY A 72 4.65 8.00 -9.55
N GLU A 73 3.49 7.49 -9.16
CA GLU A 73 2.68 8.12 -8.13
C GLU A 73 3.05 7.59 -6.75
N VAL A 74 3.77 6.47 -6.74
CA VAL A 74 4.16 5.83 -5.49
C VAL A 74 5.68 5.75 -5.38
N ILE A 75 6.21 6.30 -4.28
CA ILE A 75 7.67 6.31 -4.07
C ILE A 75 8.13 5.19 -3.14
N LYS A 76 7.60 5.15 -1.93
CA LYS A 76 8.10 4.25 -0.91
C LYS A 76 6.98 3.58 -0.14
N GLY A 77 6.17 4.38 0.54
CA GLY A 77 5.15 3.85 1.43
C GLY A 77 4.27 2.83 0.75
N TRP A 78 3.69 3.21 -0.38
CA TRP A 78 2.85 2.30 -1.12
C TRP A 78 3.68 1.24 -1.83
N ASP A 79 4.68 1.70 -2.58
CA ASP A 79 5.46 0.82 -3.48
C ASP A 79 6.04 -0.38 -2.73
N ILE A 80 6.75 -0.11 -1.64
CA ILE A 80 7.37 -1.18 -0.87
C ILE A 80 6.30 -2.09 -0.26
N CYS A 81 5.20 -1.50 0.20
CA CYS A 81 4.13 -2.28 0.80
C CYS A 81 3.43 -3.13 -0.25
N VAL A 82 3.11 -2.54 -1.40
CA VAL A 82 2.42 -3.26 -2.48
C VAL A 82 3.34 -4.33 -3.08
N SER A 83 4.64 -4.04 -3.11
CA SER A 83 5.63 -5.00 -3.56
C SER A 83 5.61 -6.25 -2.67
N SER A 84 5.44 -6.03 -1.36
CA SER A 84 5.41 -7.12 -0.40
C SER A 84 3.97 -7.60 -0.16
N MET A 85 3.13 -7.50 -1.18
CA MET A 85 1.76 -7.98 -1.08
C MET A 85 1.61 -9.30 -1.84
N ARG A 86 0.43 -9.89 -1.75
CA ARG A 86 0.15 -11.16 -2.41
C ARG A 86 -1.30 -11.20 -2.89
N LYS A 87 -1.61 -12.16 -3.76
CA LYS A 87 -2.90 -12.25 -4.44
C LYS A 87 -4.08 -12.23 -3.45
N ASN A 88 -3.89 -12.84 -2.29
CA ASN A 88 -4.94 -12.89 -1.27
C ASN A 88 -4.42 -12.35 0.05
N GLU A 89 -3.66 -11.26 -0.02
CA GLU A 89 -3.09 -10.67 1.18
C GLU A 89 -3.62 -9.25 1.37
N LYS A 90 -3.62 -8.78 2.61
CA LYS A 90 -4.16 -7.46 2.93
C LYS A 90 -3.39 -6.86 4.12
N CYS A 91 -2.71 -5.74 3.87
CA CYS A 91 -1.86 -5.13 4.89
C CYS A 91 -2.25 -3.67 5.15
N LEU A 92 -1.78 -3.16 6.29
CA LEU A 92 -1.96 -1.76 6.64
C LEU A 92 -0.61 -1.06 6.65
N VAL A 93 -0.42 -0.13 5.74
CA VAL A 93 0.86 0.54 5.58
C VAL A 93 0.82 1.95 6.19
N ARG A 94 1.96 2.40 6.72
CA ARG A 94 2.05 3.71 7.33
C ARG A 94 2.81 4.65 6.39
N ILE A 95 2.12 5.64 5.86
CA ILE A 95 2.76 6.61 4.99
C ILE A 95 3.17 7.83 5.80
N GLU A 96 4.46 7.93 6.04
CA GLU A 96 5.03 9.08 6.70
C GLU A 96 5.49 10.08 5.65
N SER A 97 5.94 11.25 6.06
CA SER A 97 6.43 12.29 5.16
C SER A 97 7.43 11.72 4.16
N MET A 98 8.38 10.92 4.66
CA MET A 98 9.44 10.35 3.84
C MET A 98 8.96 9.16 3.01
N TYR A 99 7.73 8.71 3.26
CA TYR A 99 7.19 7.55 2.55
C TYR A 99 6.22 8.01 1.46
N GLY A 100 5.74 9.24 1.61
CA GLY A 100 4.83 9.80 0.64
C GLY A 100 5.47 10.96 -0.11
N TYR A 101 4.70 11.62 -0.95
CA TYR A 101 5.22 12.75 -1.71
C TYR A 101 5.20 14.02 -0.86
N GLY A 102 5.93 13.98 0.26
CA GLY A 102 6.04 15.14 1.11
C GLY A 102 7.23 16.00 0.70
N ASP A 103 7.93 15.55 -0.33
CA ASP A 103 9.07 16.27 -0.86
C ASP A 103 8.60 17.30 -1.90
N GLU A 104 7.87 16.81 -2.90
CA GLU A 104 7.32 17.68 -3.93
C GLU A 104 6.02 18.32 -3.43
N GLY A 105 5.08 17.50 -2.98
CA GLY A 105 3.83 18.01 -2.46
C GLY A 105 2.61 17.38 -3.10
N CYS A 106 2.39 16.09 -2.85
CA CYS A 106 1.21 15.42 -3.36
C CYS A 106 0.42 14.80 -2.21
N GLY A 107 -0.89 14.94 -2.26
CA GLY A 107 -1.75 14.34 -1.27
C GLY A 107 -3.21 14.57 -1.57
N GLU A 108 -3.83 13.56 -2.15
CA GLU A 108 -5.23 13.65 -2.58
C GLU A 108 -6.17 13.81 -1.39
N SER A 109 -5.83 13.17 -0.27
CA SER A 109 -6.72 13.17 0.88
C SER A 109 -6.38 14.29 1.87
N ILE A 110 -5.32 14.09 2.64
CA ILE A 110 -4.84 15.09 3.61
C ILE A 110 -3.38 14.83 3.99
N PRO A 111 -2.44 15.40 3.22
CA PRO A 111 -1.02 15.34 3.55
C PRO A 111 -0.63 16.45 4.52
N GLY A 112 0.58 16.39 5.05
CA GLY A 112 1.06 17.43 5.93
C GLY A 112 2.18 16.98 6.83
N ASN A 113 3.05 16.11 6.28
CA ASN A 113 4.14 15.50 7.04
C ASN A 113 3.60 14.61 8.15
N SER A 114 2.34 14.23 8.01
CA SER A 114 1.66 13.42 9.00
C SER A 114 1.73 11.94 8.60
N VAL A 115 1.52 11.05 9.57
CA VAL A 115 1.50 9.63 9.29
C VAL A 115 0.07 9.15 9.04
N LEU A 116 -0.15 8.57 7.87
CA LEU A 116 -1.46 8.05 7.52
C LEU A 116 -1.37 6.53 7.33
N LEU A 117 -2.40 5.80 7.75
CA LEU A 117 -2.43 4.36 7.52
C LEU A 117 -3.47 4.00 6.47
N PHE A 118 -3.00 3.36 5.41
CA PHE A 118 -3.88 2.95 4.33
C PHE A 118 -3.99 1.43 4.26
N GLU A 119 -5.20 0.96 4.04
CA GLU A 119 -5.43 -0.44 3.74
C GLU A 119 -5.08 -0.70 2.28
N ILE A 120 -4.16 -1.61 2.04
CA ILE A 120 -3.82 -1.97 0.68
C ILE A 120 -4.39 -3.35 0.36
N GLU A 121 -5.23 -3.40 -0.65
CA GLU A 121 -5.96 -4.61 -0.99
C GLU A 121 -5.77 -4.95 -2.47
N LEU A 122 -5.08 -6.06 -2.73
CA LEU A 122 -4.79 -6.51 -4.10
C LEU A 122 -5.93 -7.40 -4.59
N LEU A 123 -6.82 -6.84 -5.38
CA LEU A 123 -7.95 -7.61 -5.88
C LEU A 123 -7.62 -8.23 -7.24
N SER A 124 -6.78 -7.57 -8.02
CA SER A 124 -6.42 -8.07 -9.34
C SER A 124 -5.02 -7.60 -9.72
N PHE A 125 -4.30 -8.44 -10.46
CA PHE A 125 -2.97 -8.09 -10.93
C PHE A 125 -2.51 -9.11 -11.98
N ARG A 126 -1.30 -8.90 -12.49
CA ARG A 126 -0.72 -9.81 -13.47
C ARG A 126 0.80 -9.72 -13.41
N GLU A 127 1.48 -10.83 -13.58
CA GLU A 127 2.94 -10.83 -13.66
C GLU A 127 3.39 -11.06 -15.09
N LEU A 128 4.55 -10.51 -15.44
CA LEU A 128 5.10 -10.68 -16.77
C LEU A 128 6.19 -11.74 -16.76
N GLU A 129 6.06 -12.71 -17.65
CA GLU A 129 7.05 -13.77 -17.80
C GLU A 129 8.16 -13.30 -18.74
N HIS A 130 9.25 -14.05 -18.80
CA HIS A 130 10.38 -13.72 -19.67
C HIS A 130 9.95 -13.75 -21.13
N HIS A 131 10.12 -12.64 -21.82
CA HIS A 131 9.74 -12.57 -23.23
C HIS A 131 10.80 -11.88 -24.07
N HIS A 132 11.61 -12.68 -24.72
CA HIS A 132 12.58 -12.19 -25.69
C HIS A 132 12.37 -12.94 -27.00
N HIS A 133 12.85 -14.18 -27.04
CA HIS A 133 12.53 -15.17 -28.09
C HIS A 133 12.98 -14.78 -29.50
N HIS A 134 13.49 -13.57 -29.70
CA HIS A 134 14.17 -13.25 -30.95
C HIS A 134 15.59 -13.77 -30.85
N HIS A 135 16.01 -13.99 -29.61
CA HIS A 135 17.28 -14.60 -29.30
C HIS A 135 17.10 -15.38 -28.01
N MET A 1 -17.05 -9.47 20.46
CA MET A 1 -17.17 -10.88 20.93
C MET A 1 -16.00 -11.71 20.41
N THR A 2 -15.80 -11.72 19.09
CA THR A 2 -14.73 -12.50 18.49
C THR A 2 -13.40 -11.75 18.57
N THR A 3 -13.47 -10.44 18.77
CA THR A 3 -12.28 -9.61 18.95
C THR A 3 -11.44 -9.57 17.65
N GLU A 4 -10.27 -8.97 17.69
CA GLU A 4 -9.42 -8.87 16.52
C GLU A 4 -7.99 -9.30 16.87
N GLN A 5 -7.11 -9.31 15.87
CA GLN A 5 -5.73 -9.72 16.08
C GLN A 5 -4.91 -8.63 16.78
N GLU A 6 -3.91 -9.05 17.54
CA GLU A 6 -2.96 -8.12 18.15
C GLU A 6 -1.66 -8.16 17.33
N PHE A 7 -1.66 -7.47 16.21
CA PHE A 7 -0.58 -7.56 15.23
C PHE A 7 0.63 -6.71 15.61
N GLU A 8 1.75 -7.05 15.01
CA GLU A 8 2.99 -6.32 15.21
C GLU A 8 3.27 -5.42 14.00
N LYS A 9 4.01 -4.35 14.24
CA LYS A 9 4.40 -3.44 13.19
C LYS A 9 5.82 -3.74 12.74
N VAL A 10 6.00 -3.92 11.44
CA VAL A 10 7.31 -4.20 10.90
C VAL A 10 7.87 -2.93 10.26
N GLU A 11 8.83 -2.31 10.94
CA GLU A 11 9.42 -1.08 10.45
C GLU A 11 10.69 -1.35 9.67
N LEU A 12 10.88 -0.60 8.59
CA LEU A 12 12.11 -0.66 7.80
C LEU A 12 12.43 -2.07 7.35
N THR A 13 11.41 -2.79 6.89
CA THR A 13 11.58 -4.13 6.36
C THR A 13 12.62 -4.13 5.22
N ALA A 14 13.21 -5.29 4.96
CA ALA A 14 14.23 -5.43 3.92
C ALA A 14 13.61 -5.30 2.53
N ASP A 15 12.30 -5.08 2.48
CA ASP A 15 11.58 -4.93 1.23
C ASP A 15 11.78 -3.51 0.66
N GLY A 16 12.58 -2.71 1.34
CA GLY A 16 12.84 -1.35 0.89
C GLY A 16 12.49 -0.29 1.91
N GLY A 17 12.52 -0.67 3.20
CA GLY A 17 12.38 0.30 4.28
C GLY A 17 11.01 0.96 4.33
N VAL A 18 9.99 0.20 4.68
CA VAL A 18 8.65 0.72 4.84
C VAL A 18 8.02 0.16 6.11
N ILE A 19 7.20 0.98 6.77
CA ILE A 19 6.51 0.55 7.99
C ILE A 19 5.22 -0.17 7.62
N LYS A 20 5.19 -1.47 7.82
CA LYS A 20 4.07 -2.29 7.40
C LYS A 20 3.51 -3.09 8.57
N THR A 21 2.20 -2.99 8.74
CA THR A 21 1.51 -3.69 9.80
C THR A 21 0.82 -4.93 9.24
N ILE A 22 1.29 -6.09 9.67
CA ILE A 22 0.73 -7.34 9.19
C ILE A 22 -0.72 -7.48 9.67
N LEU A 23 -1.61 -7.77 8.73
CA LEU A 23 -3.02 -7.85 9.06
C LEU A 23 -3.57 -9.22 8.68
N LYS A 24 -3.84 -9.40 7.41
CA LYS A 24 -4.47 -10.61 6.93
C LYS A 24 -3.62 -11.26 5.86
N LYS A 25 -3.20 -12.49 6.11
CA LYS A 25 -2.37 -13.21 5.18
C LYS A 25 -3.16 -14.32 4.50
N GLY A 26 -2.63 -14.82 3.40
CA GLY A 26 -3.20 -15.96 2.75
C GLY A 26 -2.47 -17.23 3.11
N ASP A 27 -2.00 -17.94 2.10
CA ASP A 27 -1.26 -19.19 2.31
C ASP A 27 -0.27 -19.41 1.18
N GLU A 28 -0.74 -20.05 0.13
CA GLU A 28 0.11 -20.33 -1.01
C GLU A 28 -0.05 -19.26 -2.08
N GLY A 29 0.94 -19.16 -2.93
CA GLY A 29 0.92 -18.18 -4.01
C GLY A 29 2.21 -18.20 -4.79
N GLU A 30 2.60 -19.38 -5.26
CA GLU A 30 3.85 -19.53 -5.99
C GLU A 30 3.79 -18.77 -7.31
N GLU A 31 2.64 -18.84 -7.96
CA GLU A 31 2.43 -18.11 -9.20
C GLU A 31 1.49 -16.92 -8.94
N ASN A 32 1.52 -16.44 -7.71
CA ASN A 32 0.74 -15.27 -7.32
C ASN A 32 1.62 -14.27 -6.60
N ILE A 33 2.44 -13.55 -7.35
CA ILE A 33 3.38 -12.59 -6.79
C ILE A 33 3.27 -11.23 -7.48
N PRO A 34 2.96 -10.17 -6.73
CA PRO A 34 2.95 -8.81 -7.26
C PRO A 34 4.37 -8.27 -7.46
N LYS A 35 4.62 -7.69 -8.63
CA LYS A 35 5.96 -7.26 -8.99
C LYS A 35 5.97 -5.80 -9.39
N LYS A 36 7.01 -5.07 -9.02
CA LYS A 36 7.16 -3.69 -9.46
C LYS A 36 7.50 -3.67 -10.94
N GLY A 37 6.89 -2.75 -11.67
CA GLY A 37 7.12 -2.66 -13.09
C GLY A 37 6.07 -3.43 -13.87
N ASN A 38 5.52 -4.46 -13.22
CA ASN A 38 4.42 -5.22 -13.80
C ASN A 38 3.09 -4.58 -13.42
N GLU A 39 2.14 -4.65 -14.33
CA GLU A 39 0.86 -3.98 -14.15
C GLU A 39 0.02 -4.63 -13.05
N VAL A 40 0.05 -4.03 -11.87
CA VAL A 40 -0.80 -4.47 -10.77
C VAL A 40 -1.77 -3.36 -10.40
N THR A 41 -2.92 -3.74 -9.87
CA THR A 41 -3.94 -2.78 -9.46
C THR A 41 -4.35 -3.04 -8.03
N VAL A 42 -4.37 -1.99 -7.21
CA VAL A 42 -4.61 -2.13 -5.78
C VAL A 42 -5.57 -1.08 -5.24
N HIS A 43 -6.27 -1.47 -4.18
CA HIS A 43 -7.22 -0.59 -3.49
C HIS A 43 -6.62 -0.11 -2.17
N TYR A 44 -6.65 1.20 -1.93
CA TYR A 44 -6.11 1.75 -0.69
C TYR A 44 -7.06 2.77 -0.05
N VAL A 45 -7.16 2.71 1.28
CA VAL A 45 -7.93 3.68 2.05
C VAL A 45 -7.61 3.47 3.53
N GLY A 46 -7.84 4.48 4.37
CA GLY A 46 -7.53 4.33 5.79
C GLY A 46 -7.90 5.54 6.61
N LYS A 47 -6.95 6.07 7.37
CA LYS A 47 -7.19 7.25 8.19
C LYS A 47 -5.90 8.00 8.47
N LEU A 48 -6.05 9.20 9.04
CA LEU A 48 -4.91 10.04 9.39
C LEU A 48 -4.53 9.79 10.85
N GLU A 49 -3.51 8.95 11.06
CA GLU A 49 -3.10 8.57 12.40
C GLU A 49 -2.48 9.73 13.15
N SER A 50 -2.01 10.72 12.40
CA SER A 50 -1.30 11.86 12.97
C SER A 50 -2.15 12.56 14.05
N THR A 51 -3.46 12.44 13.94
CA THR A 51 -4.37 12.99 14.95
C THR A 51 -5.51 12.01 15.23
N GLY A 52 -5.38 10.79 14.69
CA GLY A 52 -6.39 9.76 14.87
C GLY A 52 -7.74 10.16 14.30
N LYS A 53 -7.75 10.51 13.02
CA LYS A 53 -8.98 10.92 12.34
C LYS A 53 -9.27 10.01 11.16
N VAL A 54 -10.40 9.33 11.21
CA VAL A 54 -10.81 8.42 10.13
C VAL A 54 -11.18 9.22 8.87
N PHE A 55 -11.05 8.58 7.72
CA PHE A 55 -11.42 9.21 6.45
C PHE A 55 -12.93 9.20 6.28
N ASP A 56 -13.53 10.36 6.46
CA ASP A 56 -14.95 10.53 6.16
C ASP A 56 -15.14 11.77 5.30
N SER A 57 -15.00 11.59 4.00
CA SER A 57 -15.24 12.64 3.05
C SER A 57 -16.39 12.22 2.15
N SER A 58 -17.06 13.19 1.57
CA SER A 58 -18.22 12.93 0.74
C SER A 58 -17.81 12.22 -0.55
N PHE A 59 -16.54 12.35 -0.91
CA PHE A 59 -16.02 11.76 -2.13
C PHE A 59 -15.38 10.38 -1.88
N ASP A 60 -14.50 10.29 -0.88
CA ASP A 60 -13.66 9.11 -0.69
C ASP A 60 -14.48 7.88 -0.30
N ARG A 61 -15.44 8.04 0.61
CA ARG A 61 -16.26 6.92 1.04
C ARG A 61 -17.33 6.58 0.01
N ASN A 62 -17.38 7.38 -1.05
CA ASN A 62 -18.29 7.11 -2.17
C ASN A 62 -17.58 6.25 -3.21
N VAL A 63 -16.35 6.63 -3.53
CA VAL A 63 -15.54 5.88 -4.47
C VAL A 63 -14.05 6.13 -4.21
N PRO A 64 -13.33 5.09 -3.77
CA PRO A 64 -11.90 5.18 -3.48
C PRO A 64 -11.05 5.16 -4.75
N PHE A 65 -9.76 5.42 -4.59
CA PHE A 65 -8.85 5.46 -5.72
C PHE A 65 -8.04 4.17 -5.78
N LYS A 66 -7.79 3.70 -6.99
CA LYS A 66 -6.94 2.54 -7.20
C LYS A 66 -5.76 2.94 -8.05
N PHE A 67 -4.59 2.37 -7.78
CA PHE A 67 -3.39 2.76 -8.49
C PHE A 67 -2.59 1.57 -8.97
N HIS A 68 -1.60 1.87 -9.80
CA HIS A 68 -0.67 0.87 -10.31
C HIS A 68 0.67 1.03 -9.61
N LEU A 69 1.38 -0.07 -9.45
CA LEU A 69 2.67 -0.02 -8.82
C LEU A 69 3.70 0.61 -9.75
N GLU A 70 4.44 1.59 -9.24
CA GLU A 70 5.47 2.28 -9.99
C GLU A 70 4.88 3.08 -11.16
N GLN A 71 3.66 3.59 -10.96
CA GLN A 71 3.02 4.44 -11.97
C GLN A 71 3.52 5.88 -11.87
N GLY A 72 4.59 6.08 -11.12
CA GLY A 72 5.17 7.39 -10.96
C GLY A 72 4.52 8.18 -9.85
N GLU A 73 3.35 7.73 -9.39
CA GLU A 73 2.63 8.42 -8.34
C GLU A 73 3.08 7.95 -6.97
N VAL A 74 3.47 6.68 -6.88
CA VAL A 74 3.84 6.09 -5.60
C VAL A 74 5.36 6.08 -5.44
N ILE A 75 5.82 6.62 -4.33
CA ILE A 75 7.25 6.77 -4.09
C ILE A 75 7.82 5.61 -3.27
N LYS A 76 7.58 5.62 -1.96
CA LYS A 76 8.14 4.59 -1.08
C LYS A 76 7.06 3.81 -0.33
N GLY A 77 6.22 4.53 0.41
CA GLY A 77 5.28 3.90 1.32
C GLY A 77 4.42 2.83 0.66
N TRP A 78 3.78 3.20 -0.45
CA TRP A 78 2.90 2.28 -1.16
C TRP A 78 3.70 1.24 -1.95
N ASP A 79 4.75 1.71 -2.61
CA ASP A 79 5.52 0.90 -3.57
C ASP A 79 5.97 -0.44 -2.96
N ILE A 80 6.62 -0.38 -1.81
CA ILE A 80 7.15 -1.57 -1.16
C ILE A 80 6.03 -2.55 -0.80
N CYS A 81 5.01 -2.04 -0.12
CA CYS A 81 3.97 -2.89 0.43
C CYS A 81 3.08 -3.50 -0.65
N VAL A 82 2.96 -2.82 -1.79
CA VAL A 82 2.16 -3.34 -2.91
C VAL A 82 2.81 -4.59 -3.49
N SER A 83 4.13 -4.59 -3.59
CA SER A 83 4.85 -5.74 -4.12
C SER A 83 4.96 -6.82 -3.04
N SER A 84 4.56 -6.47 -1.82
CA SER A 84 4.61 -7.40 -0.70
C SER A 84 3.24 -8.05 -0.47
N MET A 85 2.38 -8.00 -1.49
CA MET A 85 1.02 -8.51 -1.36
C MET A 85 0.90 -9.93 -1.93
N ARG A 86 -0.33 -10.42 -1.98
CA ARG A 86 -0.64 -11.74 -2.53
C ARG A 86 -2.12 -11.75 -2.94
N LYS A 87 -2.53 -12.71 -3.76
CA LYS A 87 -3.90 -12.75 -4.30
C LYS A 87 -4.95 -12.61 -3.20
N ASN A 88 -4.72 -13.27 -2.06
CA ASN A 88 -5.68 -13.26 -0.96
C ASN A 88 -5.07 -12.65 0.28
N GLU A 89 -4.19 -11.66 0.10
CA GLU A 89 -3.49 -11.06 1.23
C GLU A 89 -3.75 -9.56 1.30
N LYS A 90 -3.92 -9.06 2.51
CA LYS A 90 -4.27 -7.67 2.74
C LYS A 90 -3.61 -7.16 4.03
N CYS A 91 -2.92 -6.03 3.94
CA CYS A 91 -2.24 -5.48 5.11
C CYS A 91 -2.44 -3.97 5.22
N LEU A 92 -2.00 -3.43 6.35
CA LEU A 92 -2.03 -1.99 6.58
C LEU A 92 -0.63 -1.41 6.48
N VAL A 93 -0.49 -0.34 5.73
CA VAL A 93 0.81 0.30 5.56
C VAL A 93 0.82 1.68 6.23
N ARG A 94 1.93 2.01 6.87
CA ARG A 94 2.09 3.28 7.55
C ARG A 94 2.87 4.27 6.67
N ILE A 95 2.19 5.31 6.22
CA ILE A 95 2.83 6.31 5.37
C ILE A 95 3.19 7.54 6.19
N GLU A 96 4.47 7.71 6.43
CA GLU A 96 4.97 8.90 7.10
C GLU A 96 5.17 10.01 6.07
N SER A 97 5.47 11.22 6.52
CA SER A 97 5.62 12.36 5.63
C SER A 97 6.67 12.09 4.56
N MET A 98 7.76 11.42 4.95
CA MET A 98 8.86 11.15 4.03
C MET A 98 8.52 10.01 3.07
N TYR A 99 7.39 9.35 3.30
CA TYR A 99 6.98 8.24 2.44
C TYR A 99 5.97 8.72 1.41
N GLY A 100 5.68 10.00 1.43
CA GLY A 100 4.76 10.59 0.48
C GLY A 100 5.29 11.87 -0.11
N TYR A 101 4.39 12.76 -0.52
CA TYR A 101 4.78 14.04 -1.10
C TYR A 101 4.70 15.14 -0.06
N GLY A 102 3.48 15.50 0.33
CA GLY A 102 3.28 16.55 1.31
C GLY A 102 2.42 17.67 0.76
N ASP A 103 2.26 18.72 1.55
CA ASP A 103 1.43 19.87 1.15
C ASP A 103 2.15 20.71 0.11
N GLU A 104 3.41 20.36 -0.13
CA GLU A 104 4.24 21.07 -1.10
C GLU A 104 3.65 20.98 -2.50
N GLY A 105 3.08 19.82 -2.83
CA GLY A 105 2.55 19.62 -4.15
C GLY A 105 1.36 18.68 -4.16
N CYS A 106 1.64 17.39 -4.18
CA CYS A 106 0.60 16.38 -4.29
C CYS A 106 -0.03 16.11 -2.92
N GLY A 107 -1.30 16.47 -2.80
CA GLY A 107 -2.04 16.19 -1.60
C GLY A 107 -3.20 15.27 -1.87
N GLU A 108 -2.93 13.97 -1.89
CA GLU A 108 -3.92 12.96 -2.21
C GLU A 108 -5.15 13.10 -1.32
N SER A 109 -4.97 12.89 -0.03
CA SER A 109 -6.05 13.08 0.92
C SER A 109 -5.77 14.27 1.83
N ILE A 110 -4.85 14.08 2.78
CA ILE A 110 -4.42 15.16 3.68
C ILE A 110 -3.01 14.90 4.20
N PRO A 111 -2.00 14.91 3.32
CA PRO A 111 -0.61 14.62 3.67
C PRO A 111 0.17 15.87 4.06
N GLY A 112 -0.34 16.65 5.01
CA GLY A 112 0.35 17.85 5.44
C GLY A 112 1.47 17.55 6.43
N ASN A 113 2.48 16.81 5.95
CA ASN A 113 3.58 16.32 6.80
C ASN A 113 3.02 15.60 8.02
N SER A 114 2.37 14.48 7.77
CA SER A 114 1.74 13.72 8.82
C SER A 114 1.85 12.23 8.52
N VAL A 115 1.52 11.40 9.50
CA VAL A 115 1.56 9.97 9.34
C VAL A 115 0.15 9.43 9.10
N LEU A 116 -0.01 8.64 8.04
CA LEU A 116 -1.30 8.05 7.71
C LEU A 116 -1.18 6.53 7.64
N LEU A 117 -2.31 5.85 7.57
CA LEU A 117 -2.35 4.41 7.38
C LEU A 117 -3.38 4.05 6.33
N PHE A 118 -2.98 3.21 5.38
CA PHE A 118 -3.89 2.79 4.32
C PHE A 118 -3.91 1.28 4.19
N GLU A 119 -5.08 0.74 3.89
CA GLU A 119 -5.21 -0.66 3.54
C GLU A 119 -4.68 -0.86 2.13
N ILE A 120 -3.78 -1.80 1.94
CA ILE A 120 -3.35 -2.16 0.60
C ILE A 120 -3.94 -3.50 0.22
N GLU A 121 -4.73 -3.50 -0.84
CA GLU A 121 -5.43 -4.68 -1.28
C GLU A 121 -5.14 -4.97 -2.75
N LEU A 122 -4.53 -6.12 -3.02
CA LEU A 122 -4.23 -6.53 -4.38
C LEU A 122 -5.48 -7.13 -5.03
N LEU A 123 -6.01 -6.46 -6.04
CA LEU A 123 -7.22 -6.93 -6.70
C LEU A 123 -6.97 -7.33 -8.15
N SER A 124 -5.80 -6.95 -8.67
CA SER A 124 -5.40 -7.34 -10.03
C SER A 124 -3.88 -7.31 -10.14
N PHE A 125 -3.31 -8.32 -10.81
CA PHE A 125 -1.87 -8.37 -11.02
C PHE A 125 -1.54 -9.32 -12.16
N ARG A 126 -0.26 -9.36 -12.52
CA ARG A 126 0.23 -10.23 -13.57
C ARG A 126 1.74 -10.41 -13.47
N GLU A 127 2.22 -11.57 -13.85
CA GLU A 127 3.65 -11.85 -13.86
C GLU A 127 4.13 -12.08 -15.28
N LEU A 128 5.41 -11.78 -15.52
CA LEU A 128 6.01 -11.97 -16.83
C LEU A 128 7.50 -12.20 -16.62
N GLU A 129 8.02 -13.28 -17.18
CA GLU A 129 9.39 -13.68 -16.93
C GLU A 129 10.34 -13.19 -18.02
N HIS A 130 11.64 -13.28 -17.75
CA HIS A 130 12.67 -12.70 -18.62
C HIS A 130 12.78 -13.45 -19.95
N HIS A 131 12.75 -14.79 -19.87
CA HIS A 131 12.81 -15.67 -21.03
C HIS A 131 14.06 -15.40 -21.88
N HIS A 132 15.15 -16.10 -21.58
CA HIS A 132 16.36 -15.95 -22.37
C HIS A 132 16.61 -17.20 -23.21
N HIS A 133 16.79 -17.00 -24.50
CA HIS A 133 16.96 -18.10 -25.43
C HIS A 133 18.37 -18.67 -25.35
N HIS A 134 18.55 -19.69 -24.52
CA HIS A 134 19.83 -20.37 -24.43
C HIS A 134 19.93 -21.40 -25.55
N HIS A 135 20.99 -21.28 -26.35
CA HIS A 135 21.16 -22.06 -27.57
C HIS A 135 20.19 -21.61 -28.66
N MET A 1 -16.44 -8.57 21.47
CA MET A 1 -15.30 -9.51 21.36
C MET A 1 -13.99 -8.75 21.45
N THR A 2 -12.91 -9.40 21.02
CA THR A 2 -11.58 -8.84 21.07
C THR A 2 -11.41 -7.68 20.08
N THR A 3 -11.09 -6.50 20.60
CA THR A 3 -10.83 -5.33 19.76
C THR A 3 -9.34 -5.18 19.48
N GLU A 4 -8.59 -6.22 19.80
CA GLU A 4 -7.14 -6.20 19.70
C GLU A 4 -6.65 -7.28 18.74
N GLN A 5 -5.67 -6.94 17.92
CA GLN A 5 -5.13 -7.87 16.94
C GLN A 5 -3.97 -8.65 17.53
N GLU A 6 -3.61 -9.76 16.90
CA GLU A 6 -2.54 -10.61 17.36
C GLU A 6 -1.27 -10.41 16.55
N PHE A 7 -1.32 -9.48 15.60
CA PHE A 7 -0.23 -9.28 14.67
C PHE A 7 0.67 -8.13 15.10
N GLU A 8 1.89 -8.14 14.62
CA GLU A 8 2.87 -7.12 14.99
C GLU A 8 3.35 -6.38 13.73
N LYS A 9 4.10 -5.30 13.94
CA LYS A 9 4.55 -4.46 12.84
C LYS A 9 5.91 -4.92 12.33
N VAL A 10 6.21 -4.56 11.10
CA VAL A 10 7.54 -4.79 10.54
C VAL A 10 8.31 -3.47 10.51
N GLU A 11 9.39 -3.41 11.27
CA GLU A 11 10.15 -2.18 11.39
C GLU A 11 11.21 -2.08 10.31
N LEU A 12 10.91 -1.31 9.27
CA LEU A 12 11.81 -1.12 8.13
C LEU A 12 12.26 -2.46 7.56
N THR A 13 11.37 -3.11 6.84
CA THR A 13 11.69 -4.35 6.15
C THR A 13 12.83 -4.13 5.17
N ALA A 14 13.66 -5.14 4.98
CA ALA A 14 14.79 -5.06 4.06
C ALA A 14 14.31 -4.91 2.62
N ASP A 15 12.99 -5.02 2.44
CA ASP A 15 12.37 -4.97 1.13
C ASP A 15 12.09 -3.53 0.71
N GLY A 16 12.90 -2.59 1.19
CA GLY A 16 12.77 -1.20 0.78
C GLY A 16 12.54 -0.24 1.92
N GLY A 17 12.39 -0.77 3.12
CA GLY A 17 12.30 0.07 4.31
C GLY A 17 11.00 0.86 4.41
N VAL A 18 9.91 0.16 4.69
CA VAL A 18 8.63 0.80 4.96
C VAL A 18 7.93 0.11 6.13
N ILE A 19 7.21 0.88 6.93
CA ILE A 19 6.49 0.36 8.09
C ILE A 19 5.12 -0.17 7.69
N LYS A 20 4.96 -1.49 7.75
CA LYS A 20 3.69 -2.11 7.40
C LYS A 20 3.36 -3.24 8.38
N THR A 21 2.07 -3.43 8.64
CA THR A 21 1.60 -4.45 9.56
C THR A 21 0.84 -5.54 8.82
N ILE A 22 1.07 -6.78 9.19
CA ILE A 22 0.37 -7.91 8.59
C ILE A 22 -1.03 -8.05 9.19
N LEU A 23 -2.03 -8.26 8.33
CA LEU A 23 -3.39 -8.44 8.81
C LEU A 23 -3.97 -9.76 8.30
N LYS A 24 -4.23 -9.80 7.00
CA LYS A 24 -4.82 -10.99 6.40
C LYS A 24 -3.76 -11.73 5.61
N LYS A 25 -3.19 -12.76 6.21
CA LYS A 25 -2.09 -13.50 5.59
C LYS A 25 -2.61 -14.41 4.50
N GLY A 26 -1.88 -14.47 3.40
CA GLY A 26 -2.25 -15.32 2.30
C GLY A 26 -1.82 -16.75 2.52
N ASP A 27 -2.71 -17.69 2.22
CA ASP A 27 -2.43 -19.11 2.39
C ASP A 27 -1.21 -19.50 1.58
N GLU A 28 -1.27 -19.21 0.29
CA GLU A 28 -0.16 -19.46 -0.60
C GLU A 28 -0.17 -18.43 -1.72
N GLY A 29 0.90 -18.41 -2.50
CA GLY A 29 0.99 -17.47 -3.60
C GLY A 29 2.39 -17.42 -4.17
N GLU A 30 2.98 -18.59 -4.32
CA GLU A 30 4.35 -18.72 -4.79
C GLU A 30 4.52 -18.13 -6.19
N GLU A 31 3.51 -18.34 -7.02
CA GLU A 31 3.53 -17.85 -8.39
C GLU A 31 2.81 -16.49 -8.49
N ASN A 32 1.98 -16.21 -7.50
CA ASN A 32 1.21 -14.96 -7.48
C ASN A 32 1.91 -13.89 -6.67
N ILE A 33 2.88 -13.22 -7.28
CA ILE A 33 3.68 -12.21 -6.60
C ILE A 33 3.63 -10.87 -7.34
N PRO A 34 3.14 -9.82 -6.66
CA PRO A 34 3.14 -8.45 -7.18
C PRO A 34 4.54 -7.83 -7.11
N LYS A 35 4.99 -7.21 -8.20
CA LYS A 35 6.32 -6.60 -8.24
C LYS A 35 6.32 -5.38 -9.17
N LYS A 36 7.30 -4.50 -8.97
CA LYS A 36 7.50 -3.34 -9.84
C LYS A 36 7.65 -3.78 -11.29
N GLY A 37 6.86 -3.17 -12.16
CA GLY A 37 6.88 -3.53 -13.57
C GLY A 37 5.66 -4.33 -13.95
N ASN A 38 5.09 -5.02 -12.98
CA ASN A 38 3.86 -5.78 -13.21
C ASN A 38 2.67 -4.86 -13.07
N GLU A 39 1.68 -5.04 -13.94
CA GLU A 39 0.48 -4.24 -13.89
C GLU A 39 -0.41 -4.73 -12.76
N VAL A 40 -0.39 -3.99 -11.65
CA VAL A 40 -1.16 -4.36 -10.48
C VAL A 40 -2.23 -3.31 -10.16
N THR A 41 -3.44 -3.77 -9.89
CA THR A 41 -4.52 -2.90 -9.53
C THR A 41 -4.76 -2.98 -8.02
N VAL A 42 -4.36 -1.94 -7.30
CA VAL A 42 -4.43 -1.95 -5.84
C VAL A 42 -5.33 -0.87 -5.29
N HIS A 43 -6.06 -1.21 -4.24
CA HIS A 43 -6.95 -0.30 -3.56
C HIS A 43 -6.30 0.19 -2.26
N TYR A 44 -6.62 1.41 -1.86
CA TYR A 44 -6.08 1.99 -0.64
C TYR A 44 -7.12 2.87 0.05
N VAL A 45 -7.17 2.80 1.38
CA VAL A 45 -8.07 3.64 2.17
C VAL A 45 -7.70 3.55 3.64
N GLY A 46 -8.11 4.50 4.48
CA GLY A 46 -7.80 4.41 5.88
C GLY A 46 -8.16 5.66 6.66
N LYS A 47 -7.27 6.08 7.56
CA LYS A 47 -7.51 7.24 8.40
C LYS A 47 -6.22 8.03 8.61
N LEU A 48 -6.33 9.20 9.21
CA LEU A 48 -5.18 10.05 9.48
C LEU A 48 -4.66 9.81 10.89
N GLU A 49 -3.57 9.04 10.98
CA GLU A 49 -2.96 8.69 12.26
C GLU A 49 -2.49 9.93 12.99
N SER A 50 -2.03 10.89 12.22
CA SER A 50 -1.42 12.11 12.75
C SER A 50 -2.36 12.85 13.71
N THR A 51 -3.66 12.78 13.50
CA THR A 51 -4.62 13.46 14.36
C THR A 51 -5.63 12.47 14.94
N GLY A 52 -5.53 11.21 14.52
CA GLY A 52 -6.43 10.19 15.02
C GLY A 52 -7.85 10.33 14.49
N LYS A 53 -8.00 10.96 13.34
CA LYS A 53 -9.31 11.15 12.74
C LYS A 53 -9.48 10.27 11.51
N VAL A 54 -10.67 9.70 11.35
CA VAL A 54 -10.96 8.83 10.24
C VAL A 54 -11.38 9.65 9.01
N PHE A 55 -11.29 9.07 7.84
CA PHE A 55 -11.69 9.75 6.60
C PHE A 55 -13.20 9.82 6.52
N ASP A 56 -13.71 11.01 6.22
CA ASP A 56 -15.13 11.20 6.01
C ASP A 56 -15.35 12.35 5.04
N SER A 57 -15.40 12.04 3.76
CA SER A 57 -15.53 13.04 2.72
C SER A 57 -16.53 12.60 1.66
N SER A 58 -16.93 13.53 0.80
CA SER A 58 -17.86 13.23 -0.28
C SER A 58 -17.29 12.21 -1.26
N PHE A 59 -15.97 12.19 -1.39
CA PHE A 59 -15.32 11.34 -2.38
C PHE A 59 -14.93 9.98 -1.80
N ASP A 60 -14.35 9.97 -0.61
CA ASP A 60 -13.73 8.76 -0.06
C ASP A 60 -14.75 7.63 0.12
N ARG A 61 -15.99 7.97 0.41
CA ARG A 61 -17.02 6.95 0.63
C ARG A 61 -17.80 6.68 -0.64
N ASN A 62 -17.66 7.56 -1.63
CA ASN A 62 -18.45 7.47 -2.86
C ASN A 62 -17.67 6.83 -4.00
N VAL A 63 -16.42 7.25 -4.16
CA VAL A 63 -15.59 6.75 -5.25
C VAL A 63 -14.23 6.26 -4.74
N PRO A 64 -14.09 4.95 -4.55
CA PRO A 64 -12.80 4.36 -4.17
C PRO A 64 -11.80 4.39 -5.33
N PHE A 65 -10.60 4.91 -5.05
CA PHE A 65 -9.59 5.07 -6.09
C PHE A 65 -8.64 3.87 -6.09
N LYS A 66 -8.12 3.53 -7.26
CA LYS A 66 -7.12 2.48 -7.40
C LYS A 66 -5.99 2.96 -8.29
N PHE A 67 -4.77 2.55 -7.98
CA PHE A 67 -3.59 3.07 -8.67
C PHE A 67 -2.70 1.94 -9.16
N HIS A 68 -1.58 2.32 -9.79
CA HIS A 68 -0.61 1.36 -10.29
C HIS A 68 0.70 1.48 -9.53
N LEU A 69 1.41 0.37 -9.40
CA LEU A 69 2.64 0.33 -8.62
C LEU A 69 3.75 1.16 -9.27
N GLU A 70 4.26 2.12 -8.49
CA GLU A 70 5.32 3.04 -8.90
C GLU A 70 5.13 3.55 -10.33
N GLN A 71 4.15 4.44 -10.52
CA GLN A 71 3.91 5.01 -11.84
C GLN A 71 4.06 6.54 -11.79
N GLY A 72 4.74 7.00 -10.76
CA GLY A 72 5.00 8.42 -10.62
C GLY A 72 4.12 9.07 -9.57
N GLU A 73 3.02 8.40 -9.22
CA GLU A 73 2.11 8.93 -8.21
C GLU A 73 2.56 8.45 -6.84
N VAL A 74 2.78 7.15 -6.73
CA VAL A 74 3.23 6.56 -5.47
C VAL A 74 4.74 6.30 -5.52
N ILE A 75 5.44 6.70 -4.46
CA ILE A 75 6.90 6.58 -4.43
C ILE A 75 7.37 5.31 -3.73
N LYS A 76 7.30 5.26 -2.40
CA LYS A 76 7.84 4.11 -1.66
C LYS A 76 6.83 3.53 -0.68
N GLY A 77 6.08 4.40 0.01
CA GLY A 77 5.17 3.93 1.04
C GLY A 77 4.22 2.86 0.53
N TRP A 78 3.60 3.11 -0.60
CA TRP A 78 2.72 2.13 -1.22
C TRP A 78 3.53 1.03 -1.91
N ASP A 79 4.61 1.43 -2.56
CA ASP A 79 5.40 0.53 -3.41
C ASP A 79 5.89 -0.70 -2.65
N ILE A 80 6.56 -0.46 -1.52
CA ILE A 80 7.14 -1.56 -0.73
C ILE A 80 6.04 -2.44 -0.13
N CYS A 81 4.92 -1.82 0.21
CA CYS A 81 3.80 -2.57 0.75
C CYS A 81 3.18 -3.45 -0.33
N VAL A 82 2.90 -2.85 -1.48
CA VAL A 82 2.26 -3.56 -2.60
C VAL A 82 3.15 -4.69 -3.11
N SER A 83 4.45 -4.43 -3.20
CA SER A 83 5.40 -5.41 -3.72
C SER A 83 5.61 -6.57 -2.76
N SER A 84 5.07 -6.44 -1.55
CA SER A 84 5.18 -7.47 -0.52
C SER A 84 3.82 -8.09 -0.23
N MET A 85 2.90 -7.98 -1.18
CA MET A 85 1.53 -8.48 -1.01
C MET A 85 1.36 -9.84 -1.67
N ARG A 86 0.16 -10.39 -1.52
CA ARG A 86 -0.24 -11.63 -2.21
C ARG A 86 -1.68 -11.50 -2.64
N LYS A 87 -2.10 -12.30 -3.61
CA LYS A 87 -3.47 -12.21 -4.13
C LYS A 87 -4.49 -12.64 -3.06
N ASN A 88 -4.03 -13.41 -2.08
CA ASN A 88 -4.88 -13.85 -0.98
C ASN A 88 -4.50 -13.16 0.32
N GLU A 89 -3.67 -12.12 0.22
CA GLU A 89 -3.12 -11.46 1.39
C GLU A 89 -3.49 -9.98 1.39
N LYS A 90 -3.50 -9.37 2.56
CA LYS A 90 -3.90 -7.98 2.71
C LYS A 90 -3.29 -7.37 3.97
N CYS A 91 -2.76 -6.16 3.87
CA CYS A 91 -2.04 -5.56 4.98
C CYS A 91 -2.34 -4.06 5.15
N LEU A 92 -1.85 -3.51 6.26
CA LEU A 92 -1.99 -2.09 6.57
C LEU A 92 -0.62 -1.41 6.58
N VAL A 93 -0.46 -0.35 5.81
CA VAL A 93 0.82 0.33 5.71
C VAL A 93 0.70 1.78 6.21
N ARG A 94 1.80 2.31 6.73
CA ARG A 94 1.84 3.68 7.21
C ARG A 94 2.68 4.54 6.27
N ILE A 95 2.03 5.49 5.63
CA ILE A 95 2.75 6.43 4.78
C ILE A 95 3.23 7.60 5.61
N GLU A 96 4.52 7.58 5.91
CA GLU A 96 5.16 8.63 6.69
C GLU A 96 5.58 9.76 5.76
N SER A 97 6.11 10.83 6.33
CA SER A 97 6.53 12.00 5.56
C SER A 97 7.42 11.63 4.38
N MET A 98 8.44 10.81 4.62
CA MET A 98 9.40 10.45 3.59
C MET A 98 8.83 9.40 2.63
N TYR A 99 7.66 8.87 2.95
CA TYR A 99 7.03 7.85 2.12
C TYR A 99 6.05 8.49 1.15
N GLY A 100 5.79 9.77 1.35
CA GLY A 100 4.85 10.47 0.50
C GLY A 100 5.49 11.66 -0.17
N TYR A 101 4.68 12.48 -0.83
CA TYR A 101 5.16 13.71 -1.46
C TYR A 101 5.12 14.88 -0.49
N GLY A 102 4.13 14.86 0.39
CA GLY A 102 4.00 15.91 1.37
C GLY A 102 3.31 17.15 0.82
N ASP A 103 3.60 18.28 1.42
CA ASP A 103 3.00 19.56 1.01
C ASP A 103 3.71 20.14 -0.21
N GLU A 104 5.00 19.85 -0.33
CA GLU A 104 5.80 20.42 -1.41
C GLU A 104 5.71 19.54 -2.67
N GLY A 105 4.78 18.59 -2.63
CA GLY A 105 4.57 17.73 -3.78
C GLY A 105 3.09 17.59 -4.10
N CYS A 106 2.67 16.36 -4.35
CA CYS A 106 1.27 16.08 -4.64
C CYS A 106 0.59 15.44 -3.44
N GLY A 107 -0.44 16.09 -2.93
CA GLY A 107 -1.15 15.57 -1.78
C GLY A 107 -2.54 15.10 -2.14
N GLU A 108 -2.81 13.83 -1.90
CA GLU A 108 -4.11 13.25 -2.23
C GLU A 108 -5.21 13.76 -1.32
N SER A 109 -5.18 13.33 -0.06
CA SER A 109 -6.21 13.72 0.89
C SER A 109 -5.69 14.76 1.87
N ILE A 110 -4.87 14.33 2.83
CA ILE A 110 -4.29 15.24 3.83
C ILE A 110 -2.89 14.80 4.26
N PRO A 111 -1.96 14.66 3.31
CA PRO A 111 -0.60 14.20 3.59
C PRO A 111 0.40 15.36 3.72
N GLY A 112 0.14 16.25 4.68
CA GLY A 112 1.03 17.39 4.88
C GLY A 112 2.28 17.00 5.65
N ASN A 113 3.00 16.02 5.11
CA ASN A 113 4.15 15.41 5.77
C ASN A 113 3.70 14.65 7.01
N SER A 114 2.40 14.43 7.09
CA SER A 114 1.79 13.73 8.21
C SER A 114 1.81 12.22 7.97
N VAL A 115 1.69 11.44 9.04
CA VAL A 115 1.64 9.99 8.92
C VAL A 115 0.19 9.51 8.80
N LEU A 116 -0.08 8.70 7.79
CA LEU A 116 -1.41 8.15 7.57
C LEU A 116 -1.37 6.63 7.56
N LEU A 117 -2.53 6.01 7.66
CA LEU A 117 -2.63 4.56 7.58
C LEU A 117 -3.46 4.17 6.37
N PHE A 118 -2.82 3.55 5.40
CA PHE A 118 -3.52 3.13 4.20
C PHE A 118 -3.62 1.62 4.13
N GLU A 119 -4.83 1.14 4.00
CA GLU A 119 -5.10 -0.27 3.80
C GLU A 119 -4.95 -0.59 2.32
N ILE A 120 -4.05 -1.51 2.01
CA ILE A 120 -3.79 -1.88 0.63
C ILE A 120 -4.30 -3.29 0.34
N GLU A 121 -5.05 -3.40 -0.75
CA GLU A 121 -5.63 -4.67 -1.16
C GLU A 121 -5.24 -4.99 -2.60
N LEU A 122 -4.60 -6.13 -2.80
CA LEU A 122 -4.21 -6.58 -4.13
C LEU A 122 -5.36 -7.34 -4.75
N LEU A 123 -6.23 -6.63 -5.45
CA LEU A 123 -7.46 -7.23 -5.97
C LEU A 123 -7.28 -7.77 -7.38
N SER A 124 -6.33 -7.20 -8.11
CA SER A 124 -6.04 -7.65 -9.47
C SER A 124 -4.60 -7.35 -9.84
N PHE A 125 -3.98 -8.26 -10.58
CA PHE A 125 -2.64 -8.06 -11.09
C PHE A 125 -2.34 -9.13 -12.12
N ARG A 126 -1.14 -9.07 -12.69
CA ARG A 126 -0.79 -10.01 -13.75
C ARG A 126 0.72 -10.09 -13.90
N GLU A 127 1.18 -11.19 -14.50
CA GLU A 127 2.59 -11.44 -14.69
C GLU A 127 3.06 -10.92 -16.04
N LEU A 128 3.95 -9.94 -16.01
CA LEU A 128 4.47 -9.34 -17.23
C LEU A 128 5.92 -9.75 -17.44
N GLU A 129 6.16 -10.53 -18.50
CA GLU A 129 7.51 -10.98 -18.81
C GLU A 129 8.16 -10.09 -19.84
N HIS A 130 9.46 -9.91 -19.72
CA HIS A 130 10.23 -9.23 -20.75
C HIS A 130 11.44 -10.09 -21.12
N HIS A 131 12.28 -10.38 -20.12
CA HIS A 131 13.50 -11.17 -20.30
C HIS A 131 14.54 -10.37 -21.10
N HIS A 132 15.81 -10.67 -20.88
CA HIS A 132 16.88 -10.00 -21.61
C HIS A 132 17.63 -11.02 -22.46
N HIS A 133 17.61 -12.27 -22.02
CA HIS A 133 18.21 -13.36 -22.74
C HIS A 133 17.44 -13.59 -24.05
N HIS A 134 18.17 -13.62 -25.17
CA HIS A 134 17.53 -13.85 -26.46
C HIS A 134 17.00 -15.28 -26.54
N HIS A 135 15.72 -15.42 -26.20
CA HIS A 135 15.05 -16.72 -26.16
C HIS A 135 15.75 -17.65 -25.16
N MET A 1 -17.43 -7.19 21.94
CA MET A 1 -16.24 -6.47 22.43
C MET A 1 -15.13 -6.50 21.39
N THR A 2 -14.26 -5.50 21.42
CA THR A 2 -13.10 -5.46 20.55
C THR A 2 -12.20 -6.68 20.79
N THR A 3 -12.11 -7.52 19.76
CA THR A 3 -11.18 -8.63 19.77
C THR A 3 -9.83 -8.16 19.27
N GLU A 4 -9.78 -7.82 17.99
CA GLU A 4 -8.58 -7.29 17.33
C GLU A 4 -7.33 -8.10 17.67
N GLN A 5 -7.04 -9.10 16.81
CA GLN A 5 -5.91 -9.99 17.00
C GLN A 5 -4.60 -9.21 17.21
N GLU A 6 -3.68 -9.82 17.94
CA GLU A 6 -2.42 -9.18 18.26
C GLU A 6 -1.43 -9.31 17.10
N PHE A 7 -1.43 -8.33 16.22
CA PHE A 7 -0.49 -8.29 15.11
C PHE A 7 0.70 -7.42 15.43
N GLU A 8 1.85 -7.82 14.94
CA GLU A 8 3.07 -7.07 15.13
C GLU A 8 3.40 -6.29 13.86
N LYS A 9 3.91 -5.08 14.02
CA LYS A 9 4.26 -4.26 12.87
C LYS A 9 5.64 -4.66 12.37
N VAL A 10 5.86 -4.54 11.07
CA VAL A 10 7.17 -4.80 10.51
C VAL A 10 7.87 -3.47 10.23
N GLU A 11 8.81 -3.14 11.09
CA GLU A 11 9.50 -1.85 11.01
C GLU A 11 10.75 -1.96 10.13
N LEU A 12 10.67 -1.32 8.96
CA LEU A 12 11.77 -1.28 8.00
C LEU A 12 12.09 -2.68 7.48
N THR A 13 11.15 -3.23 6.72
CA THR A 13 11.32 -4.56 6.14
C THR A 13 12.33 -4.51 4.97
N ALA A 14 12.76 -5.69 4.53
CA ALA A 14 13.82 -5.80 3.54
C ALA A 14 13.38 -5.34 2.16
N ASP A 15 12.12 -4.93 2.05
CA ASP A 15 11.57 -4.49 0.79
C ASP A 15 12.00 -3.05 0.49
N GLY A 16 12.77 -2.47 1.40
CA GLY A 16 13.28 -1.12 1.19
C GLY A 16 12.90 -0.16 2.30
N GLY A 17 12.61 -0.69 3.49
CA GLY A 17 12.42 0.14 4.67
C GLY A 17 11.11 0.88 4.71
N VAL A 18 10.02 0.15 4.95
CA VAL A 18 8.72 0.75 5.19
C VAL A 18 8.00 0.03 6.32
N ILE A 19 7.24 0.78 7.11
CA ILE A 19 6.52 0.23 8.26
C ILE A 19 5.12 -0.25 7.84
N LYS A 20 4.89 -1.56 7.89
CA LYS A 20 3.56 -2.08 7.61
C LYS A 20 3.17 -3.17 8.60
N THR A 21 1.89 -3.23 8.92
CA THR A 21 1.36 -4.20 9.87
C THR A 21 0.55 -5.26 9.13
N ILE A 22 0.92 -6.52 9.31
CA ILE A 22 0.23 -7.62 8.63
C ILE A 22 -1.02 -8.04 9.42
N LEU A 23 -2.13 -8.17 8.71
CA LEU A 23 -3.37 -8.59 9.35
C LEU A 23 -3.60 -10.07 9.07
N LYS A 24 -3.71 -10.41 7.80
CA LYS A 24 -3.93 -11.78 7.38
C LYS A 24 -2.81 -12.21 6.44
N LYS A 25 -2.11 -13.27 6.80
CA LYS A 25 -0.96 -13.73 6.05
C LYS A 25 -1.38 -14.58 4.86
N GLY A 26 -0.62 -14.50 3.78
CA GLY A 26 -0.75 -15.46 2.71
C GLY A 26 -0.16 -16.79 3.11
N ASP A 27 -0.77 -17.89 2.68
CA ASP A 27 -0.30 -19.21 3.07
C ASP A 27 0.84 -19.64 2.15
N GLU A 28 0.49 -20.09 0.94
CA GLU A 28 1.50 -20.35 -0.08
C GLU A 28 1.22 -19.46 -1.28
N GLY A 29 2.19 -19.32 -2.18
CA GLY A 29 1.99 -18.52 -3.36
C GLY A 29 3.28 -18.01 -3.98
N GLU A 30 4.03 -18.93 -4.58
CA GLU A 30 5.26 -18.56 -5.30
C GLU A 30 4.92 -17.93 -6.64
N GLU A 31 3.79 -18.35 -7.20
CA GLU A 31 3.38 -17.92 -8.52
C GLU A 31 2.59 -16.62 -8.48
N ASN A 32 1.75 -16.46 -7.46
CA ASN A 32 0.95 -15.25 -7.35
C ASN A 32 1.63 -14.21 -6.47
N ILE A 33 2.59 -13.52 -7.06
CA ILE A 33 3.33 -12.47 -6.38
C ILE A 33 3.37 -11.21 -7.24
N PRO A 34 2.94 -10.07 -6.69
CA PRO A 34 3.01 -8.78 -7.39
C PRO A 34 4.43 -8.24 -7.46
N LYS A 35 4.79 -7.66 -8.58
CA LYS A 35 6.13 -7.10 -8.76
C LYS A 35 6.01 -5.66 -9.22
N LYS A 36 6.97 -4.82 -8.81
CA LYS A 36 6.93 -3.43 -9.18
C LYS A 36 7.20 -3.23 -10.67
N GLY A 37 6.59 -2.19 -11.24
CA GLY A 37 6.73 -1.94 -12.66
C GLY A 37 5.63 -2.63 -13.46
N ASN A 38 4.99 -3.60 -12.83
CA ASN A 38 3.91 -4.34 -13.47
C ASN A 38 2.59 -3.62 -13.32
N GLU A 39 1.57 -4.17 -13.95
CA GLU A 39 0.24 -3.59 -13.93
C GLU A 39 -0.61 -4.26 -12.85
N VAL A 40 -1.10 -3.47 -11.89
CA VAL A 40 -1.91 -3.99 -10.80
C VAL A 40 -3.05 -3.03 -10.47
N THR A 41 -4.01 -3.49 -9.70
CA THR A 41 -5.12 -2.66 -9.25
C THR A 41 -5.37 -2.86 -7.77
N VAL A 42 -5.19 -1.78 -6.99
CA VAL A 42 -5.42 -1.82 -5.56
C VAL A 42 -6.22 -0.60 -5.10
N HIS A 43 -7.08 -0.77 -4.10
CA HIS A 43 -7.85 0.35 -3.58
C HIS A 43 -7.23 0.85 -2.28
N TYR A 44 -7.20 2.16 -2.09
CA TYR A 44 -6.65 2.73 -0.85
C TYR A 44 -7.65 3.65 -0.17
N VAL A 45 -7.74 3.49 1.14
CA VAL A 45 -8.57 4.37 1.99
C VAL A 45 -8.23 4.07 3.44
N GLY A 46 -8.44 5.02 4.34
CA GLY A 46 -8.13 4.78 5.74
C GLY A 46 -8.40 5.97 6.63
N LYS A 47 -7.42 6.34 7.44
CA LYS A 47 -7.57 7.44 8.38
C LYS A 47 -6.25 8.17 8.57
N LEU A 48 -6.30 9.30 9.25
CA LEU A 48 -5.11 10.09 9.55
C LEU A 48 -4.59 9.76 10.95
N GLU A 49 -3.58 8.90 11.01
CA GLU A 49 -3.04 8.44 12.30
C GLU A 49 -2.32 9.59 13.01
N SER A 50 -1.91 10.58 12.22
CA SER A 50 -1.22 11.75 12.74
C SER A 50 -2.04 12.46 13.82
N THR A 51 -3.36 12.28 13.78
CA THR A 51 -4.23 12.83 14.80
C THR A 51 -5.25 11.78 15.29
N GLY A 52 -5.45 10.74 14.50
CA GLY A 52 -6.33 9.66 14.89
C GLY A 52 -7.76 9.87 14.43
N LYS A 53 -7.93 10.46 13.25
CA LYS A 53 -9.26 10.74 12.71
C LYS A 53 -9.49 9.98 11.41
N VAL A 54 -10.66 9.36 11.30
CA VAL A 54 -11.01 8.60 10.11
C VAL A 54 -11.45 9.53 8.98
N PHE A 55 -11.33 9.06 7.75
CA PHE A 55 -11.75 9.83 6.58
C PHE A 55 -13.26 9.87 6.46
N ASP A 56 -13.80 11.06 6.27
CA ASP A 56 -15.22 11.24 5.98
C ASP A 56 -15.39 12.26 4.88
N SER A 57 -15.38 11.78 3.65
CA SER A 57 -15.56 12.63 2.49
C SER A 57 -16.71 12.13 1.65
N SER A 58 -17.40 13.06 1.01
CA SER A 58 -18.52 12.73 0.13
C SER A 58 -18.06 11.82 -1.02
N PHE A 59 -16.77 11.83 -1.29
CA PHE A 59 -16.21 11.04 -2.38
C PHE A 59 -15.75 9.66 -1.90
N ASP A 60 -14.94 9.63 -0.83
CA ASP A 60 -14.28 8.39 -0.42
C ASP A 60 -15.28 7.35 0.10
N ARG A 61 -16.35 7.82 0.74
CA ARG A 61 -17.36 6.90 1.28
C ARG A 61 -18.34 6.49 0.18
N ASN A 62 -18.09 6.98 -1.03
CA ASN A 62 -18.88 6.61 -2.19
C ASN A 62 -18.08 5.73 -3.14
N VAL A 63 -16.85 6.14 -3.44
CA VAL A 63 -15.98 5.38 -4.33
C VAL A 63 -14.51 5.63 -4.01
N PRO A 64 -13.74 4.55 -3.78
CA PRO A 64 -12.29 4.64 -3.55
C PRO A 64 -11.50 4.76 -4.86
N PHE A 65 -10.26 5.20 -4.75
CA PHE A 65 -9.41 5.36 -5.92
C PHE A 65 -8.38 4.22 -5.97
N LYS A 66 -7.90 3.92 -7.18
CA LYS A 66 -6.94 2.84 -7.37
C LYS A 66 -5.72 3.33 -8.14
N PHE A 67 -4.53 2.94 -7.70
CA PHE A 67 -3.30 3.32 -8.38
C PHE A 67 -2.61 2.08 -8.96
N HIS A 68 -1.42 2.26 -9.51
CA HIS A 68 -0.70 1.18 -10.16
C HIS A 68 0.71 1.04 -9.58
N LEU A 69 1.27 -0.17 -9.64
CA LEU A 69 2.62 -0.45 -9.15
C LEU A 69 3.64 0.54 -9.72
N GLU A 70 4.71 0.76 -8.94
CA GLU A 70 5.80 1.71 -9.23
C GLU A 70 5.93 2.05 -10.71
N GLN A 71 5.36 3.20 -11.06
CA GLN A 71 5.43 3.73 -12.41
C GLN A 71 5.89 5.19 -12.35
N GLY A 72 6.28 5.61 -11.15
CA GLY A 72 6.65 6.99 -10.92
C GLY A 72 5.60 7.77 -10.15
N GLU A 73 4.41 7.19 -9.94
CA GLU A 73 3.40 7.85 -9.11
C GLU A 73 3.65 7.48 -7.64
N VAL A 74 3.88 6.20 -7.38
CA VAL A 74 4.19 5.74 -6.04
C VAL A 74 5.70 5.59 -5.85
N ILE A 75 6.20 6.10 -4.74
CA ILE A 75 7.64 6.10 -4.48
C ILE A 75 8.08 4.92 -3.62
N LYS A 76 7.70 4.91 -2.34
CA LYS A 76 8.19 3.89 -1.41
C LYS A 76 7.12 3.43 -0.44
N GLY A 77 6.38 4.37 0.15
CA GLY A 77 5.39 4.02 1.17
C GLY A 77 4.42 2.96 0.72
N TRP A 78 3.79 3.18 -0.42
CA TRP A 78 2.87 2.20 -1.00
C TRP A 78 3.64 1.05 -1.65
N ASP A 79 4.82 1.38 -2.17
CA ASP A 79 5.63 0.45 -2.96
C ASP A 79 5.96 -0.83 -2.18
N ILE A 80 6.44 -0.66 -0.95
CA ILE A 80 6.82 -1.80 -0.11
C ILE A 80 5.62 -2.72 0.13
N CYS A 81 4.43 -2.15 0.17
CA CYS A 81 3.24 -2.95 0.35
C CYS A 81 2.87 -3.64 -0.96
N VAL A 82 2.65 -2.86 -2.01
CA VAL A 82 2.10 -3.38 -3.26
C VAL A 82 3.00 -4.43 -3.92
N SER A 83 4.32 -4.27 -3.79
CA SER A 83 5.25 -5.22 -4.40
C SER A 83 5.60 -6.34 -3.43
N SER A 84 4.95 -6.38 -2.28
CA SER A 84 5.22 -7.38 -1.27
C SER A 84 3.91 -7.89 -0.66
N MET A 85 2.86 -7.88 -1.47
CA MET A 85 1.57 -8.44 -1.07
C MET A 85 1.31 -9.76 -1.79
N ARG A 86 0.11 -10.28 -1.64
CA ARG A 86 -0.34 -11.43 -2.41
C ARG A 86 -1.78 -11.24 -2.86
N LYS A 87 -2.25 -12.13 -3.73
CA LYS A 87 -3.60 -12.02 -4.31
C LYS A 87 -4.69 -12.17 -3.23
N ASN A 88 -4.32 -12.78 -2.11
CA ASN A 88 -5.25 -12.96 -0.99
C ASN A 88 -4.66 -12.42 0.30
N GLU A 89 -3.64 -11.59 0.20
CA GLU A 89 -2.98 -11.03 1.37
C GLU A 89 -3.27 -9.54 1.46
N LYS A 90 -3.24 -8.98 2.67
CA LYS A 90 -3.64 -7.61 2.88
C LYS A 90 -3.03 -7.08 4.18
N CYS A 91 -2.28 -5.99 4.09
CA CYS A 91 -1.68 -5.39 5.26
C CYS A 91 -1.81 -3.87 5.24
N LEU A 92 -1.70 -3.25 6.42
CA LEU A 92 -1.88 -1.81 6.55
C LEU A 92 -0.53 -1.12 6.75
N VAL A 93 -0.27 -0.13 5.92
CA VAL A 93 1.02 0.56 5.93
C VAL A 93 0.91 1.95 6.57
N ARG A 94 1.99 2.42 7.17
CA ARG A 94 2.03 3.77 7.69
C ARG A 94 2.91 4.63 6.79
N ILE A 95 2.30 5.59 6.11
CA ILE A 95 3.03 6.42 5.17
C ILE A 95 3.57 7.66 5.87
N GLU A 96 4.87 7.66 6.11
CA GLU A 96 5.56 8.81 6.68
C GLU A 96 5.86 9.81 5.57
N SER A 97 6.22 11.03 5.94
CA SER A 97 6.50 12.09 4.98
C SER A 97 7.55 11.67 3.94
N MET A 98 8.61 11.00 4.36
CA MET A 98 9.68 10.61 3.45
C MET A 98 9.28 9.41 2.59
N TYR A 99 8.13 8.81 2.91
CA TYR A 99 7.62 7.69 2.12
C TYR A 99 6.75 8.20 0.97
N GLY A 100 6.59 9.51 0.93
CA GLY A 100 5.77 10.13 -0.10
C GLY A 100 6.32 11.48 -0.51
N TYR A 101 5.53 12.28 -1.21
CA TYR A 101 5.97 13.60 -1.62
C TYR A 101 5.66 14.63 -0.53
N GLY A 102 6.50 14.68 0.48
CA GLY A 102 6.32 15.61 1.57
C GLY A 102 7.02 16.93 1.34
N ASP A 103 8.12 16.88 0.61
CA ASP A 103 8.92 18.06 0.32
C ASP A 103 8.18 18.97 -0.65
N GLU A 104 7.82 18.41 -1.80
CA GLU A 104 7.08 19.16 -2.81
C GLU A 104 5.66 19.44 -2.32
N GLY A 105 5.07 18.45 -1.67
CA GLY A 105 3.75 18.62 -1.10
C GLY A 105 2.65 18.07 -1.99
N CYS A 106 2.43 16.76 -1.90
CA CYS A 106 1.34 16.12 -2.61
C CYS A 106 0.11 16.05 -1.72
N GLY A 107 -0.98 16.69 -2.12
CA GLY A 107 -2.15 16.75 -1.29
C GLY A 107 -3.38 16.14 -1.93
N GLU A 108 -3.95 15.15 -1.27
CA GLU A 108 -5.23 14.60 -1.68
C GLU A 108 -6.31 14.94 -0.64
N SER A 109 -6.19 14.35 0.55
CA SER A 109 -7.17 14.61 1.60
C SER A 109 -6.55 15.47 2.72
N ILE A 110 -5.70 14.88 3.55
CA ILE A 110 -5.05 15.62 4.64
C ILE A 110 -3.62 15.11 4.87
N PRO A 111 -2.68 15.58 4.06
CA PRO A 111 -1.26 15.26 4.17
C PRO A 111 -0.46 16.40 4.81
N GLY A 112 0.79 16.54 4.44
CA GLY A 112 1.61 17.64 4.92
C GLY A 112 2.45 17.24 6.11
N ASN A 113 3.51 16.45 5.85
CA ASN A 113 4.42 15.98 6.88
C ASN A 113 3.66 15.21 7.98
N SER A 114 2.51 14.69 7.62
CA SER A 114 1.67 13.96 8.55
C SER A 114 1.59 12.49 8.14
N VAL A 115 1.40 11.61 9.10
CA VAL A 115 1.36 10.18 8.80
C VAL A 115 -0.07 9.67 8.68
N LEU A 116 -0.34 8.92 7.62
CA LEU A 116 -1.66 8.36 7.39
C LEU A 116 -1.58 6.84 7.23
N LEU A 117 -2.72 6.17 7.30
CA LEU A 117 -2.79 4.74 7.05
C LEU A 117 -3.82 4.48 5.97
N PHE A 118 -3.42 3.81 4.90
CA PHE A 118 -4.33 3.46 3.83
C PHE A 118 -4.40 1.95 3.66
N GLU A 119 -5.60 1.45 3.35
CA GLU A 119 -5.74 0.08 2.92
C GLU A 119 -4.98 -0.14 1.62
N ILE A 120 -4.27 -1.25 1.54
CA ILE A 120 -3.71 -1.66 0.29
C ILE A 120 -4.11 -3.11 0.04
N GLU A 121 -4.85 -3.32 -1.02
CA GLU A 121 -5.50 -4.59 -1.27
C GLU A 121 -5.33 -5.01 -2.73
N LEU A 122 -4.55 -6.05 -2.95
CA LEU A 122 -4.24 -6.51 -4.30
C LEU A 122 -5.37 -7.36 -4.86
N LEU A 123 -6.22 -6.77 -5.69
CA LEU A 123 -7.34 -7.49 -6.27
C LEU A 123 -7.07 -7.82 -7.74
N SER A 124 -6.00 -7.26 -8.29
CA SER A 124 -5.59 -7.53 -9.67
C SER A 124 -4.10 -7.26 -9.84
N PHE A 125 -3.43 -8.14 -10.59
CA PHE A 125 -2.02 -7.97 -10.90
C PHE A 125 -1.61 -8.90 -12.03
N ARG A 126 -0.62 -8.48 -12.80
CA ARG A 126 -0.13 -9.26 -13.93
C ARG A 126 1.37 -9.08 -14.12
N GLU A 127 2.08 -10.20 -14.18
CA GLU A 127 3.53 -10.20 -14.27
C GLU A 127 4.00 -10.05 -15.73
N LEU A 128 4.80 -9.03 -15.99
CA LEU A 128 5.31 -8.80 -17.33
C LEU A 128 6.75 -8.28 -17.31
N GLU A 129 6.91 -6.97 -17.53
CA GLU A 129 8.20 -6.30 -17.69
C GLU A 129 7.95 -4.87 -18.14
N HIS A 130 9.01 -4.11 -18.35
CA HIS A 130 8.87 -2.78 -18.96
C HIS A 130 9.09 -2.88 -20.47
N HIS A 131 10.25 -3.43 -20.85
CA HIS A 131 10.60 -3.61 -22.28
C HIS A 131 11.93 -4.31 -22.43
N HIS A 132 12.82 -4.09 -21.44
CA HIS A 132 14.19 -4.64 -21.45
C HIS A 132 14.87 -4.43 -22.81
N HIS A 133 15.35 -3.22 -23.01
CA HIS A 133 16.05 -2.85 -24.23
C HIS A 133 16.54 -1.42 -24.07
N HIS A 134 17.79 -1.26 -23.64
CA HIS A 134 18.29 0.05 -23.23
C HIS A 134 18.32 1.04 -24.39
N HIS A 135 18.55 0.55 -25.59
CA HIS A 135 18.51 1.37 -26.79
C HIS A 135 17.81 0.60 -27.91
N MET A 1 -16.62 -11.47 19.38
CA MET A 1 -17.13 -10.67 18.23
C MET A 1 -16.21 -10.81 17.03
N THR A 2 -14.99 -10.30 17.15
CA THR A 2 -14.03 -10.38 16.06
C THR A 2 -12.61 -10.55 16.60
N THR A 3 -12.35 -9.98 17.77
CA THR A 3 -11.03 -10.04 18.40
C THR A 3 -9.99 -9.30 17.56
N GLU A 4 -9.71 -8.06 17.93
CA GLU A 4 -8.72 -7.27 17.22
C GLU A 4 -7.33 -7.83 17.48
N GLN A 5 -6.81 -8.54 16.48
CA GLN A 5 -5.52 -9.21 16.59
C GLN A 5 -4.41 -8.21 16.89
N GLU A 6 -3.59 -8.52 17.88
CA GLU A 6 -2.44 -7.69 18.17
C GLU A 6 -1.30 -8.04 17.23
N PHE A 7 -1.14 -7.22 16.21
CA PHE A 7 -0.11 -7.43 15.20
C PHE A 7 1.15 -6.64 15.53
N GLU A 8 2.29 -7.28 15.37
CA GLU A 8 3.57 -6.61 15.51
C GLU A 8 3.91 -5.87 14.23
N LYS A 9 4.66 -4.80 14.34
CA LYS A 9 4.99 -3.98 13.18
C LYS A 9 6.36 -4.35 12.64
N VAL A 10 6.50 -4.27 11.34
CA VAL A 10 7.80 -4.42 10.72
C VAL A 10 8.30 -3.03 10.36
N GLU A 11 9.23 -2.53 11.15
CA GLU A 11 9.68 -1.16 11.03
C GLU A 11 11.02 -1.10 10.33
N LEU A 12 11.05 -0.39 9.21
CA LEU A 12 12.24 -0.29 8.37
C LEU A 12 12.57 -1.65 7.78
N THR A 13 11.57 -2.28 7.18
CA THR A 13 11.72 -3.60 6.60
C THR A 13 12.74 -3.61 5.46
N ALA A 14 13.25 -4.79 5.14
CA ALA A 14 14.26 -4.96 4.10
C ALA A 14 13.65 -4.82 2.70
N ASP A 15 12.35 -4.54 2.66
CA ASP A 15 11.63 -4.44 1.41
C ASP A 15 11.79 -3.05 0.79
N GLY A 16 12.66 -2.22 1.37
CA GLY A 16 12.80 -0.85 0.89
C GLY A 16 12.57 0.20 1.96
N GLY A 17 12.71 -0.19 3.23
CA GLY A 17 12.70 0.76 4.32
C GLY A 17 11.35 1.43 4.54
N VAL A 18 10.34 0.64 4.87
CA VAL A 18 9.01 1.18 5.16
C VAL A 18 8.41 0.48 6.39
N ILE A 19 7.53 1.19 7.10
CA ILE A 19 6.84 0.61 8.24
C ILE A 19 5.60 -0.14 7.76
N LYS A 20 5.64 -1.46 7.86
CA LYS A 20 4.57 -2.29 7.33
C LYS A 20 3.92 -3.11 8.46
N THR A 21 2.60 -3.07 8.52
CA THR A 21 1.86 -3.79 9.54
C THR A 21 1.09 -4.97 8.91
N ILE A 22 1.44 -6.17 9.33
CA ILE A 22 0.84 -7.39 8.77
C ILE A 22 -0.59 -7.60 9.31
N LEU A 23 -1.52 -7.87 8.39
CA LEU A 23 -2.91 -8.12 8.76
C LEU A 23 -3.36 -9.51 8.32
N LYS A 24 -3.74 -9.64 7.05
CA LYS A 24 -4.23 -10.91 6.53
C LYS A 24 -3.06 -11.74 5.99
N LYS A 25 -3.05 -13.01 6.35
CA LYS A 25 -2.02 -13.93 5.91
C LYS A 25 -2.60 -14.96 4.95
N GLY A 26 -2.18 -14.89 3.69
CA GLY A 26 -2.57 -15.89 2.72
C GLY A 26 -1.86 -17.21 2.93
N ASP A 27 -1.66 -17.97 1.88
CA ASP A 27 -0.98 -19.25 2.01
C ASP A 27 0.05 -19.47 0.89
N GLU A 28 -0.33 -20.19 -0.15
CA GLU A 28 0.60 -20.52 -1.22
C GLU A 28 0.55 -19.47 -2.31
N GLY A 29 1.72 -18.93 -2.65
CA GLY A 29 1.79 -17.88 -3.65
C GLY A 29 2.98 -18.03 -4.55
N GLU A 30 3.20 -19.24 -5.06
CA GLU A 30 4.29 -19.52 -6.00
C GLU A 30 4.09 -18.71 -7.29
N GLU A 31 2.85 -18.68 -7.74
CA GLU A 31 2.47 -17.99 -8.96
C GLU A 31 1.53 -16.82 -8.61
N ASN A 32 1.68 -16.30 -7.40
CA ASN A 32 0.83 -15.20 -6.94
C ASN A 32 1.66 -14.14 -6.24
N ILE A 33 2.36 -13.31 -7.01
CA ILE A 33 3.19 -12.25 -6.45
C ILE A 33 3.13 -10.98 -7.32
N PRO A 34 2.59 -9.88 -6.77
CA PRO A 34 2.63 -8.56 -7.42
C PRO A 34 4.08 -8.08 -7.57
N LYS A 35 4.40 -7.47 -8.71
CA LYS A 35 5.78 -7.09 -9.00
C LYS A 35 5.88 -5.63 -9.38
N LYS A 36 7.06 -5.08 -9.15
CA LYS A 36 7.33 -3.66 -9.40
C LYS A 36 7.34 -3.38 -10.89
N GLY A 37 6.42 -2.55 -11.33
CA GLY A 37 6.35 -2.20 -12.74
C GLY A 37 5.25 -2.94 -13.45
N ASN A 38 4.92 -4.12 -12.94
CA ASN A 38 3.86 -4.94 -13.52
C ASN A 38 2.51 -4.28 -13.30
N GLU A 39 1.56 -4.57 -14.17
CA GLU A 39 0.25 -3.97 -14.09
C GLU A 39 -0.58 -4.60 -12.98
N VAL A 40 -0.64 -3.93 -11.85
CA VAL A 40 -1.46 -4.38 -10.74
C VAL A 40 -2.51 -3.33 -10.42
N THR A 41 -3.70 -3.76 -10.06
CA THR A 41 -4.75 -2.84 -9.67
C THR A 41 -4.97 -2.91 -8.18
N VAL A 42 -4.51 -1.90 -7.47
CA VAL A 42 -4.56 -1.91 -6.02
C VAL A 42 -5.35 -0.75 -5.46
N HIS A 43 -6.13 -1.05 -4.43
CA HIS A 43 -7.00 -0.07 -3.79
C HIS A 43 -6.41 0.36 -2.45
N TYR A 44 -6.43 1.67 -2.21
CA TYR A 44 -5.90 2.23 -0.96
C TYR A 44 -6.98 3.06 -0.25
N VAL A 45 -7.07 2.88 1.05
CA VAL A 45 -7.99 3.68 1.88
C VAL A 45 -7.64 3.44 3.35
N GLY A 46 -7.92 4.38 4.22
CA GLY A 46 -7.60 4.19 5.62
C GLY A 46 -7.96 5.37 6.49
N LYS A 47 -6.98 5.90 7.21
CA LYS A 47 -7.21 7.04 8.09
C LYS A 47 -5.90 7.78 8.37
N LEU A 48 -6.04 8.94 8.99
CA LEU A 48 -4.91 9.78 9.36
C LEU A 48 -4.54 9.53 10.82
N GLU A 49 -3.47 8.78 11.04
CA GLU A 49 -3.03 8.45 12.41
C GLU A 49 -2.50 9.69 13.11
N SER A 50 -2.07 10.65 12.30
CA SER A 50 -1.42 11.86 12.82
C SER A 50 -2.30 12.59 13.82
N THR A 51 -3.62 12.46 13.69
CA THR A 51 -4.54 13.09 14.62
C THR A 51 -5.71 12.16 14.92
N GLY A 52 -5.54 10.89 14.56
CA GLY A 52 -6.57 9.89 14.76
C GLY A 52 -7.87 10.23 14.05
N LYS A 53 -7.75 10.68 12.80
CA LYS A 53 -8.92 11.02 12.00
C LYS A 53 -9.17 9.96 10.95
N VAL A 54 -10.38 9.44 10.92
CA VAL A 54 -10.74 8.42 9.92
C VAL A 54 -11.17 9.12 8.64
N PHE A 55 -11.13 8.42 7.52
CA PHE A 55 -11.55 8.99 6.24
C PHE A 55 -13.07 9.09 6.16
N ASP A 56 -13.57 10.30 6.35
CA ASP A 56 -14.99 10.57 6.18
C ASP A 56 -15.19 11.72 5.19
N SER A 57 -15.22 11.38 3.91
CA SER A 57 -15.34 12.37 2.86
C SER A 57 -16.51 12.05 1.95
N SER A 58 -16.86 12.99 1.09
CA SER A 58 -17.92 12.79 0.11
C SER A 58 -17.49 11.82 -0.98
N PHE A 59 -16.18 11.76 -1.20
CA PHE A 59 -15.65 11.04 -2.35
C PHE A 59 -15.25 9.61 -2.00
N ASP A 60 -14.58 9.43 -0.87
CA ASP A 60 -13.94 8.15 -0.54
C ASP A 60 -14.97 7.04 -0.30
N ARG A 61 -16.02 7.35 0.45
CA ARG A 61 -17.06 6.37 0.75
C ARG A 61 -17.99 6.17 -0.44
N ASN A 62 -17.83 7.03 -1.44
CA ASN A 62 -18.64 6.94 -2.64
C ASN A 62 -17.89 6.17 -3.73
N VAL A 63 -16.74 6.70 -4.13
CA VAL A 63 -15.93 6.07 -5.16
C VAL A 63 -14.45 6.15 -4.79
N PRO A 64 -13.86 5.00 -4.46
CA PRO A 64 -12.44 4.94 -4.08
C PRO A 64 -11.50 5.04 -5.28
N PHE A 65 -10.27 5.43 -5.03
CA PHE A 65 -9.28 5.58 -6.08
C PHE A 65 -8.33 4.39 -6.07
N LYS A 66 -7.73 4.08 -7.21
CA LYS A 66 -6.78 2.99 -7.32
C LYS A 66 -5.51 3.47 -8.02
N PHE A 67 -4.41 2.75 -7.83
CA PHE A 67 -3.14 3.16 -8.43
C PHE A 67 -2.39 1.95 -8.99
N HIS A 68 -1.29 2.23 -9.67
CA HIS A 68 -0.44 1.20 -10.26
C HIS A 68 0.93 1.24 -9.60
N LEU A 69 1.52 0.07 -9.35
CA LEU A 69 2.85 0.00 -8.78
C LEU A 69 3.89 0.48 -9.81
N GLU A 70 4.78 1.35 -9.36
CA GLU A 70 5.69 2.09 -10.23
C GLU A 70 4.88 2.90 -11.23
N GLN A 71 4.40 4.03 -10.76
CA GLN A 71 3.51 4.88 -11.52
C GLN A 71 3.98 6.33 -11.46
N GLY A 72 5.04 6.57 -10.69
CA GLY A 72 5.52 7.93 -10.47
C GLY A 72 4.78 8.63 -9.36
N GLU A 73 3.61 8.11 -9.01
CA GLU A 73 2.77 8.72 -7.99
C GLU A 73 3.05 8.07 -6.64
N VAL A 74 3.79 6.96 -6.66
CA VAL A 74 4.10 6.22 -5.45
C VAL A 74 5.61 6.00 -5.36
N ILE A 75 6.21 6.43 -4.25
CA ILE A 75 7.65 6.34 -4.08
C ILE A 75 8.10 5.10 -3.30
N LYS A 76 7.68 4.99 -2.04
CA LYS A 76 8.18 3.91 -1.19
C LYS A 76 7.05 3.29 -0.35
N GLY A 77 6.26 4.12 0.30
CA GLY A 77 5.24 3.62 1.22
C GLY A 77 4.34 2.57 0.61
N TRP A 78 3.80 2.87 -0.55
CA TRP A 78 2.94 1.92 -1.24
C TRP A 78 3.77 0.81 -1.89
N ASP A 79 4.90 1.21 -2.46
CA ASP A 79 5.79 0.28 -3.18
C ASP A 79 6.14 -0.94 -2.34
N ILE A 80 6.60 -0.70 -1.12
CA ILE A 80 7.01 -1.78 -0.22
C ILE A 80 5.84 -2.69 0.13
N CYS A 81 4.68 -2.09 0.42
CA CYS A 81 3.55 -2.85 0.91
C CYS A 81 2.87 -3.65 -0.22
N VAL A 82 2.72 -3.04 -1.40
CA VAL A 82 2.01 -3.69 -2.49
C VAL A 82 2.77 -4.88 -3.05
N SER A 83 4.10 -4.77 -3.07
CA SER A 83 4.95 -5.84 -3.61
C SER A 83 4.97 -7.05 -2.66
N SER A 84 4.54 -6.83 -1.43
CA SER A 84 4.54 -7.87 -0.41
C SER A 84 3.17 -8.53 -0.30
N MET A 85 2.27 -8.18 -1.22
CA MET A 85 0.91 -8.69 -1.17
C MET A 85 0.74 -9.94 -2.03
N ARG A 86 -0.50 -10.39 -2.14
CA ARG A 86 -0.86 -11.53 -2.98
C ARG A 86 -2.21 -11.26 -3.63
N LYS A 87 -2.76 -12.28 -4.28
CA LYS A 87 -4.03 -12.14 -4.98
C LYS A 87 -5.20 -11.88 -4.03
N ASN A 88 -5.05 -12.28 -2.77
CA ASN A 88 -6.10 -12.06 -1.77
C ASN A 88 -5.52 -11.55 -0.46
N GLU A 89 -4.28 -11.07 -0.50
CA GLU A 89 -3.61 -10.57 0.69
C GLU A 89 -4.06 -9.15 1.00
N LYS A 90 -3.86 -8.73 2.25
CA LYS A 90 -4.26 -7.41 2.67
C LYS A 90 -3.47 -7.00 3.91
N CYS A 91 -2.94 -5.79 3.90
CA CYS A 91 -2.23 -5.25 5.07
C CYS A 91 -2.34 -3.74 5.12
N LEU A 92 -1.90 -3.17 6.23
CA LEU A 92 -1.93 -1.72 6.41
C LEU A 92 -0.52 -1.16 6.51
N VAL A 93 -0.21 -0.21 5.67
CA VAL A 93 1.11 0.41 5.67
C VAL A 93 1.06 1.75 6.38
N ARG A 94 2.15 2.11 7.07
CA ARG A 94 2.22 3.38 7.78
C ARG A 94 2.97 4.38 6.93
N ILE A 95 2.29 5.40 6.44
CA ILE A 95 2.90 6.36 5.54
C ILE A 95 3.34 7.60 6.31
N GLU A 96 4.64 7.70 6.54
CA GLU A 96 5.23 8.89 7.12
C GLU A 96 5.53 9.87 6.01
N SER A 97 5.91 11.10 6.36
CA SER A 97 6.25 12.12 5.37
C SER A 97 7.28 11.62 4.36
N MET A 98 8.25 10.83 4.84
CA MET A 98 9.33 10.32 4.00
C MET A 98 8.88 9.16 3.12
N TYR A 99 7.67 8.65 3.36
CA TYR A 99 7.16 7.51 2.60
C TYR A 99 6.16 7.98 1.56
N GLY A 100 5.67 9.20 1.73
CA GLY A 100 4.70 9.76 0.81
C GLY A 100 5.25 11.01 0.14
N TYR A 101 4.37 11.81 -0.45
CA TYR A 101 4.78 13.05 -1.08
C TYR A 101 4.52 14.23 -0.15
N GLY A 102 5.52 14.56 0.64
CA GLY A 102 5.41 15.71 1.53
C GLY A 102 6.20 16.88 1.02
N ASP A 103 7.16 16.60 0.15
CA ASP A 103 8.04 17.63 -0.41
C ASP A 103 7.32 18.41 -1.51
N GLU A 104 6.69 17.67 -2.41
CA GLU A 104 6.09 18.26 -3.60
C GLU A 104 4.67 18.74 -3.33
N GLY A 105 4.07 18.25 -2.26
CA GLY A 105 2.76 18.72 -1.86
C GLY A 105 1.63 17.93 -2.49
N CYS A 106 1.96 17.11 -3.48
CA CYS A 106 0.96 16.32 -4.18
C CYS A 106 0.41 15.20 -3.29
N GLY A 107 -0.73 15.45 -2.68
CA GLY A 107 -1.37 14.46 -1.83
C GLY A 107 -2.83 14.28 -2.19
N GLU A 108 -3.33 13.07 -2.00
CA GLU A 108 -4.70 12.74 -2.37
C GLU A 108 -5.71 13.26 -1.36
N SER A 109 -5.72 12.66 -0.16
CA SER A 109 -6.71 13.00 0.84
C SER A 109 -6.22 14.15 1.73
N ILE A 110 -5.29 13.86 2.64
CA ILE A 110 -4.74 14.89 3.54
C ILE A 110 -3.27 14.63 3.88
N PRO A 111 -2.35 15.28 3.16
CA PRO A 111 -0.93 15.23 3.47
C PRO A 111 -0.50 16.36 4.41
N GLY A 112 0.79 16.61 4.50
CA GLY A 112 1.28 17.72 5.29
C GLY A 112 2.24 17.30 6.38
N ASN A 113 3.25 16.51 6.00
CA ASN A 113 4.29 16.04 6.95
C ASN A 113 3.68 15.16 8.04
N SER A 114 2.47 14.68 7.80
CA SER A 114 1.74 13.87 8.75
C SER A 114 1.95 12.38 8.50
N VAL A 115 1.39 11.55 9.38
CA VAL A 115 1.49 10.11 9.22
C VAL A 115 0.10 9.52 8.98
N LEU A 116 -0.02 8.74 7.92
CA LEU A 116 -1.31 8.15 7.54
C LEU A 116 -1.23 6.63 7.52
N LEU A 117 -2.39 5.99 7.39
CA LEU A 117 -2.45 4.54 7.25
C LEU A 117 -3.31 4.19 6.05
N PHE A 118 -2.77 3.39 5.15
CA PHE A 118 -3.54 2.95 4.00
C PHE A 118 -3.67 1.43 3.99
N GLU A 119 -4.91 0.97 3.95
CA GLU A 119 -5.20 -0.42 3.71
C GLU A 119 -4.91 -0.71 2.25
N ILE A 120 -3.98 -1.62 2.00
CA ILE A 120 -3.65 -1.98 0.64
C ILE A 120 -4.22 -3.35 0.34
N GLU A 121 -5.14 -3.37 -0.61
CA GLU A 121 -5.85 -4.58 -0.97
C GLU A 121 -5.74 -4.81 -2.47
N LEU A 122 -5.14 -5.94 -2.85
CA LEU A 122 -4.89 -6.27 -4.24
C LEU A 122 -6.07 -7.04 -4.81
N LEU A 123 -6.75 -6.48 -5.80
CA LEU A 123 -7.93 -7.11 -6.36
C LEU A 123 -7.60 -7.83 -7.67
N SER A 124 -6.52 -7.42 -8.33
CA SER A 124 -6.10 -8.05 -9.58
C SER A 124 -4.66 -7.66 -9.92
N PHE A 125 -3.99 -8.54 -10.65
CA PHE A 125 -2.60 -8.33 -11.04
C PHE A 125 -2.25 -9.23 -12.21
N ARG A 126 -1.03 -9.14 -12.69
CA ARG A 126 -0.55 -9.99 -13.77
C ARG A 126 0.95 -10.20 -13.65
N GLU A 127 1.38 -11.42 -13.87
CA GLU A 127 2.79 -11.75 -13.81
C GLU A 127 3.39 -11.83 -15.21
N LEU A 128 4.68 -11.55 -15.31
CA LEU A 128 5.38 -11.58 -16.57
C LEU A 128 6.87 -11.75 -16.31
N GLU A 129 7.44 -12.86 -16.77
CA GLU A 129 8.86 -13.12 -16.56
C GLU A 129 9.67 -12.57 -17.73
N HIS A 130 10.71 -11.83 -17.40
CA HIS A 130 11.49 -11.11 -18.39
C HIS A 130 12.90 -11.68 -18.48
N HIS A 131 13.65 -11.30 -19.54
CA HIS A 131 15.03 -11.75 -19.74
C HIS A 131 15.08 -13.20 -20.21
N HIS A 132 16.29 -13.76 -20.24
CA HIS A 132 16.49 -15.16 -20.60
C HIS A 132 16.57 -15.99 -19.33
N HIS A 133 16.26 -17.27 -19.43
CA HIS A 133 16.29 -18.15 -18.27
C HIS A 133 17.72 -18.56 -17.93
N HIS A 134 18.42 -17.67 -17.22
CA HIS A 134 19.78 -17.91 -16.73
C HIS A 134 20.81 -17.87 -17.85
N HIS A 135 21.74 -16.93 -17.74
CA HIS A 135 22.86 -16.85 -18.66
C HIS A 135 24.09 -17.48 -18.02
N MET A 1 -14.98 -14.38 21.30
CA MET A 1 -13.81 -13.61 21.75
C MET A 1 -12.64 -13.80 20.81
N THR A 2 -12.58 -12.99 19.76
CA THR A 2 -11.44 -12.98 18.87
C THR A 2 -10.33 -12.13 19.49
N THR A 3 -10.75 -11.07 20.17
CA THR A 3 -9.83 -10.14 20.83
C THR A 3 -8.92 -9.48 19.79
N GLU A 4 -9.43 -9.39 18.55
CA GLU A 4 -8.68 -8.81 17.44
C GLU A 4 -7.36 -9.54 17.25
N GLN A 5 -6.42 -8.91 16.58
CA GLN A 5 -5.14 -9.53 16.30
C GLN A 5 -4.00 -8.82 17.01
N GLU A 6 -3.22 -9.56 17.77
CA GLU A 6 -1.97 -9.04 18.30
C GLU A 6 -0.89 -9.26 17.24
N PHE A 7 -0.88 -8.37 16.27
CA PHE A 7 0.05 -8.47 15.17
C PHE A 7 1.34 -7.71 15.44
N GLU A 8 2.46 -8.29 15.04
CA GLU A 8 3.71 -7.59 15.10
C GLU A 8 3.82 -6.66 13.90
N LYS A 9 4.43 -5.51 14.09
CA LYS A 9 4.58 -4.55 13.01
C LYS A 9 5.99 -4.67 12.44
N VAL A 10 6.09 -4.61 11.13
CA VAL A 10 7.37 -4.75 10.48
C VAL A 10 7.92 -3.38 10.11
N GLU A 11 8.89 -2.91 10.87
CA GLU A 11 9.48 -1.62 10.63
C GLU A 11 10.83 -1.74 9.94
N LEU A 12 11.02 -0.90 8.91
CA LEU A 12 12.27 -0.85 8.17
C LEU A 12 12.68 -2.25 7.68
N THR A 13 11.75 -2.92 7.02
CA THR A 13 12.00 -4.24 6.48
C THR A 13 12.97 -4.17 5.29
N ALA A 14 13.47 -5.33 4.87
CA ALA A 14 14.56 -5.40 3.90
C ALA A 14 14.13 -4.96 2.50
N ASP A 15 12.82 -4.81 2.27
CA ASP A 15 12.33 -4.48 0.94
C ASP A 15 12.25 -2.98 0.73
N GLY A 16 12.88 -2.21 1.61
CA GLY A 16 12.92 -0.76 1.45
C GLY A 16 12.39 0.01 2.65
N GLY A 17 12.55 -0.56 3.84
CA GLY A 17 12.37 0.17 5.09
C GLY A 17 11.00 0.78 5.31
N VAL A 18 9.95 0.14 4.83
CA VAL A 18 8.60 0.65 5.03
C VAL A 18 7.88 -0.14 6.10
N ILE A 19 7.08 0.56 6.91
CA ILE A 19 6.36 -0.04 8.01
C ILE A 19 5.00 -0.56 7.53
N LYS A 20 4.79 -1.86 7.60
CA LYS A 20 3.49 -2.41 7.26
C LYS A 20 3.09 -3.51 8.23
N THR A 21 1.84 -3.47 8.65
CA THR A 21 1.30 -4.42 9.60
C THR A 21 0.56 -5.53 8.87
N ILE A 22 0.78 -6.77 9.27
CA ILE A 22 0.17 -7.91 8.61
C ILE A 22 -1.20 -8.23 9.23
N LEU A 23 -2.22 -8.32 8.39
CA LEU A 23 -3.58 -8.58 8.84
C LEU A 23 -4.08 -9.92 8.29
N LYS A 24 -3.96 -10.07 6.97
CA LYS A 24 -4.44 -11.27 6.28
C LYS A 24 -3.27 -11.96 5.60
N LYS A 25 -3.04 -13.22 5.95
CA LYS A 25 -1.89 -13.97 5.45
C LYS A 25 -2.31 -14.90 4.31
N GLY A 26 -1.62 -14.78 3.18
CA GLY A 26 -1.88 -15.65 2.06
C GLY A 26 -1.13 -16.97 2.19
N ASP A 27 -1.65 -18.01 1.53
CA ASP A 27 -1.05 -19.34 1.61
C ASP A 27 0.20 -19.44 0.75
N GLU A 28 0.02 -19.66 -0.54
CA GLU A 28 1.14 -19.74 -1.46
C GLU A 28 1.24 -18.48 -2.31
N GLY A 29 2.46 -18.13 -2.70
CA GLY A 29 2.65 -16.91 -3.48
C GLY A 29 3.92 -16.94 -4.30
N GLU A 30 4.12 -18.02 -5.07
CA GLU A 30 5.26 -18.09 -5.97
C GLU A 30 5.01 -17.21 -7.19
N GLU A 31 3.78 -17.27 -7.67
CA GLU A 31 3.35 -16.50 -8.83
C GLU A 31 2.47 -15.34 -8.40
N ASN A 32 1.97 -15.40 -7.18
CA ASN A 32 1.19 -14.30 -6.62
C ASN A 32 2.10 -13.27 -6.00
N ILE A 33 2.74 -12.48 -6.85
CA ILE A 33 3.62 -11.40 -6.39
C ILE A 33 3.44 -10.18 -7.29
N PRO A 34 3.03 -9.05 -6.70
CA PRO A 34 2.89 -7.80 -7.44
C PRO A 34 4.21 -7.07 -7.58
N LYS A 35 4.73 -7.01 -8.80
CA LYS A 35 5.97 -6.30 -9.06
C LYS A 35 5.71 -5.15 -10.03
N LYS A 36 6.52 -4.10 -9.94
CA LYS A 36 6.32 -2.95 -10.79
C LYS A 36 6.71 -3.27 -12.23
N GLY A 37 6.04 -2.64 -13.17
CA GLY A 37 6.20 -2.98 -14.56
C GLY A 37 5.11 -3.92 -15.02
N ASN A 38 4.35 -4.40 -14.05
CA ASN A 38 3.17 -5.22 -14.31
C ASN A 38 1.92 -4.41 -14.02
N GLU A 39 0.81 -4.83 -14.59
CA GLU A 39 -0.46 -4.14 -14.36
C GLU A 39 -1.14 -4.72 -13.13
N VAL A 40 -1.04 -3.99 -12.02
CA VAL A 40 -1.72 -4.38 -10.82
C VAL A 40 -2.76 -3.33 -10.45
N THR A 41 -3.87 -3.77 -9.89
CA THR A 41 -4.94 -2.88 -9.46
C THR A 41 -5.21 -3.04 -7.97
N VAL A 42 -4.83 -2.04 -7.19
CA VAL A 42 -5.02 -2.09 -5.75
C VAL A 42 -5.66 -0.81 -5.23
N HIS A 43 -6.37 -0.92 -4.11
CA HIS A 43 -7.02 0.23 -3.48
C HIS A 43 -6.25 0.66 -2.24
N TYR A 44 -6.52 1.87 -1.78
CA TYR A 44 -5.93 2.37 -0.54
C TYR A 44 -6.92 3.28 0.17
N VAL A 45 -7.15 3.03 1.45
CA VAL A 45 -8.08 3.82 2.26
C VAL A 45 -7.89 3.50 3.75
N GLY A 46 -8.21 4.44 4.63
CA GLY A 46 -8.07 4.17 6.04
C GLY A 46 -8.40 5.38 6.91
N LYS A 47 -7.39 5.93 7.55
CA LYS A 47 -7.57 7.05 8.46
C LYS A 47 -6.26 7.83 8.63
N LEU A 48 -6.38 9.01 9.22
CA LEU A 48 -5.24 9.89 9.42
C LEU A 48 -4.62 9.65 10.80
N GLU A 49 -3.51 8.92 10.82
CA GLU A 49 -2.79 8.59 12.04
C GLU A 49 -2.35 9.86 12.77
N SER A 50 -2.10 10.90 11.99
CA SER A 50 -1.53 12.15 12.51
C SER A 50 -2.37 12.73 13.64
N THR A 51 -3.70 12.54 13.60
CA THR A 51 -4.56 13.13 14.62
C THR A 51 -5.68 12.17 15.04
N GLY A 52 -5.64 10.95 14.52
CA GLY A 52 -6.65 9.96 14.84
C GLY A 52 -8.01 10.31 14.25
N LYS A 53 -8.01 10.68 12.99
CA LYS A 53 -9.25 11.05 12.30
C LYS A 53 -9.53 10.05 11.19
N VAL A 54 -10.71 9.47 11.20
CA VAL A 54 -11.13 8.55 10.13
C VAL A 54 -11.22 9.30 8.80
N PHE A 55 -11.05 8.59 7.69
CA PHE A 55 -11.14 9.21 6.38
C PHE A 55 -12.59 9.50 6.03
N ASP A 56 -12.95 10.77 6.08
CA ASP A 56 -14.28 11.20 5.68
C ASP A 56 -14.18 12.24 4.55
N SER A 57 -14.48 11.80 3.34
CA SER A 57 -14.51 12.69 2.20
C SER A 57 -15.72 12.38 1.34
N SER A 58 -16.24 13.40 0.67
CA SER A 58 -17.45 13.28 -0.13
C SER A 58 -17.24 12.29 -1.28
N PHE A 59 -16.05 12.27 -1.84
CA PHE A 59 -15.73 11.36 -2.93
C PHE A 59 -15.23 10.03 -2.39
N ASP A 60 -14.52 10.07 -1.26
CA ASP A 60 -13.96 8.86 -0.64
C ASP A 60 -15.05 7.83 -0.33
N ARG A 61 -16.09 8.26 0.36
CA ARG A 61 -17.14 7.34 0.80
C ARG A 61 -18.08 6.99 -0.35
N ASN A 62 -17.79 7.50 -1.53
CA ASN A 62 -18.61 7.24 -2.71
C ASN A 62 -17.87 6.37 -3.71
N VAL A 63 -16.66 6.79 -4.08
CA VAL A 63 -15.87 6.10 -5.07
C VAL A 63 -14.43 5.91 -4.61
N PRO A 64 -14.01 4.65 -4.44
CA PRO A 64 -12.64 4.31 -4.06
C PRO A 64 -11.68 4.44 -5.25
N PHE A 65 -10.45 4.84 -4.98
CA PHE A 65 -9.46 5.04 -6.03
C PHE A 65 -8.46 3.89 -6.04
N LYS A 66 -7.91 3.60 -7.21
CA LYS A 66 -6.93 2.53 -7.35
C LYS A 66 -5.68 3.03 -8.08
N PHE A 67 -4.55 2.39 -7.82
CA PHE A 67 -3.29 2.79 -8.44
C PHE A 67 -2.49 1.56 -8.90
N HIS A 68 -1.38 1.80 -9.58
CA HIS A 68 -0.49 0.73 -10.05
C HIS A 68 0.83 0.83 -9.31
N LEU A 69 1.50 -0.30 -9.13
CA LEU A 69 2.76 -0.34 -8.39
C LEU A 69 3.92 0.31 -9.16
N GLU A 70 4.54 1.27 -8.49
CA GLU A 70 5.76 1.95 -8.95
C GLU A 70 5.71 2.28 -10.44
N GLN A 71 4.76 3.13 -10.79
CA GLN A 71 4.66 3.66 -12.13
C GLN A 71 5.05 5.13 -12.11
N GLY A 72 5.59 5.55 -10.96
CA GLY A 72 6.02 6.92 -10.79
C GLY A 72 5.07 7.75 -9.95
N GLU A 73 3.85 7.28 -9.76
CA GLU A 73 2.87 8.03 -8.97
C GLU A 73 3.03 7.72 -7.49
N VAL A 74 3.29 6.46 -7.18
CA VAL A 74 3.58 6.06 -5.81
C VAL A 74 5.10 5.96 -5.64
N ILE A 75 5.60 6.51 -4.53
CA ILE A 75 7.04 6.60 -4.33
C ILE A 75 7.59 5.42 -3.53
N LYS A 76 7.39 5.40 -2.23
CA LYS A 76 7.97 4.36 -1.40
C LYS A 76 6.99 3.83 -0.36
N GLY A 77 6.17 4.71 0.21
CA GLY A 77 5.26 4.30 1.27
C GLY A 77 4.39 3.11 0.88
N TRP A 78 3.68 3.24 -0.24
CA TRP A 78 2.83 2.16 -0.72
C TRP A 78 3.68 1.09 -1.38
N ASP A 79 4.78 1.51 -1.99
CA ASP A 79 5.61 0.66 -2.84
C ASP A 79 5.99 -0.65 -2.14
N ILE A 80 6.55 -0.54 -0.94
CA ILE A 80 7.00 -1.72 -0.20
C ILE A 80 5.81 -2.58 0.26
N CYS A 81 4.68 -1.93 0.50
CA CYS A 81 3.51 -2.66 0.97
C CYS A 81 2.91 -3.49 -0.15
N VAL A 82 2.91 -2.96 -1.37
CA VAL A 82 2.37 -3.70 -2.51
C VAL A 82 3.41 -4.66 -3.09
N SER A 83 4.68 -4.26 -3.06
CA SER A 83 5.76 -5.09 -3.60
C SER A 83 5.90 -6.38 -2.79
N SER A 84 5.49 -6.31 -1.54
CA SER A 84 5.60 -7.44 -0.64
C SER A 84 4.24 -7.83 -0.10
N MET A 85 3.26 -7.89 -0.99
CA MET A 85 1.94 -8.40 -0.63
C MET A 85 1.55 -9.54 -1.57
N ARG A 86 0.34 -10.05 -1.43
CA ARG A 86 -0.17 -11.13 -2.26
C ARG A 86 -1.65 -10.89 -2.55
N LYS A 87 -2.18 -11.56 -3.56
CA LYS A 87 -3.57 -11.32 -3.97
C LYS A 87 -4.54 -11.64 -2.83
N ASN A 88 -4.32 -12.75 -2.15
CA ASN A 88 -5.17 -13.14 -1.03
C ASN A 88 -4.56 -12.72 0.30
N GLU A 89 -3.71 -11.70 0.23
CA GLU A 89 -3.07 -11.15 1.41
C GLU A 89 -3.55 -9.72 1.63
N LYS A 90 -3.33 -9.19 2.82
CA LYS A 90 -3.70 -7.81 3.11
C LYS A 90 -2.88 -7.29 4.27
N CYS A 91 -2.25 -6.15 4.07
CA CYS A 91 -1.47 -5.53 5.11
C CYS A 91 -1.77 -4.03 5.19
N LEU A 92 -1.68 -3.49 6.40
CA LEU A 92 -1.91 -2.07 6.66
C LEU A 92 -0.59 -1.33 6.63
N VAL A 93 -0.48 -0.35 5.76
CA VAL A 93 0.78 0.32 5.54
C VAL A 93 0.83 1.66 6.28
N ARG A 94 2.01 2.00 6.79
CA ARG A 94 2.24 3.27 7.45
C ARG A 94 3.07 4.16 6.54
N ILE A 95 2.48 5.24 6.04
CA ILE A 95 3.20 6.15 5.17
C ILE A 95 3.79 7.29 5.98
N GLU A 96 5.08 7.18 6.26
CA GLU A 96 5.82 8.25 6.94
C GLU A 96 5.97 9.43 5.99
N SER A 97 6.17 10.61 6.56
CA SER A 97 6.33 11.84 5.79
C SER A 97 7.38 11.69 4.68
N MET A 98 8.50 11.06 5.02
CA MET A 98 9.60 10.89 4.08
C MET A 98 9.30 9.81 3.04
N TYR A 99 8.19 9.09 3.22
CA TYR A 99 7.81 8.04 2.29
C TYR A 99 6.74 8.53 1.32
N GLY A 100 6.47 9.84 1.37
CA GLY A 100 5.47 10.43 0.50
C GLY A 100 5.92 11.78 -0.04
N TYR A 101 5.03 12.43 -0.80
CA TYR A 101 5.32 13.75 -1.37
C TYR A 101 5.38 14.82 -0.28
N GLY A 102 4.22 15.12 0.29
CA GLY A 102 4.15 16.15 1.30
C GLY A 102 3.02 17.13 1.03
N ASP A 103 2.98 18.22 1.78
CA ASP A 103 1.93 19.22 1.63
C ASP A 103 2.23 20.17 0.46
N GLU A 104 3.51 20.30 0.13
CA GLU A 104 3.96 21.22 -0.91
C GLU A 104 3.94 20.52 -2.29
N GLY A 105 3.39 19.33 -2.33
CA GLY A 105 3.32 18.59 -3.58
C GLY A 105 1.90 18.34 -4.02
N CYS A 106 1.52 17.08 -4.09
CA CYS A 106 0.16 16.71 -4.43
C CYS A 106 -0.57 16.23 -3.18
N GLY A 107 -1.73 16.83 -2.91
CA GLY A 107 -2.46 16.49 -1.71
C GLY A 107 -3.95 16.69 -1.88
N GLU A 108 -4.68 15.58 -2.00
CA GLU A 108 -6.10 15.63 -2.29
C GLU A 108 -6.94 15.55 -1.01
N SER A 109 -6.84 14.44 -0.29
CA SER A 109 -7.71 14.21 0.86
C SER A 109 -7.25 14.99 2.09
N ILE A 110 -6.19 14.51 2.75
CA ILE A 110 -5.63 15.18 3.92
C ILE A 110 -4.16 14.84 4.06
N PRO A 111 -3.28 15.64 3.43
CA PRO A 111 -1.84 15.49 3.53
C PRO A 111 -1.26 16.43 4.59
N GLY A 112 0.02 16.76 4.43
CA GLY A 112 0.65 17.69 5.35
C GLY A 112 1.94 17.15 5.94
N ASN A 113 2.65 16.32 5.17
CA ASN A 113 3.93 15.75 5.60
C ASN A 113 3.76 14.98 6.91
N SER A 114 2.67 14.23 6.99
CA SER A 114 2.36 13.45 8.17
C SER A 114 2.22 11.98 7.81
N VAL A 115 1.99 11.15 8.83
CA VAL A 115 1.81 9.72 8.61
C VAL A 115 0.33 9.37 8.46
N LEU A 116 -0.01 8.72 7.35
CA LEU A 116 -1.38 8.28 7.12
C LEU A 116 -1.47 6.76 7.18
N LEU A 117 -2.68 6.25 7.33
CA LEU A 117 -2.90 4.81 7.43
C LEU A 117 -3.81 4.34 6.30
N PHE A 118 -3.28 3.46 5.45
CA PHE A 118 -4.06 2.95 4.33
C PHE A 118 -4.10 1.43 4.30
N GLU A 119 -5.28 0.89 4.02
CA GLU A 119 -5.45 -0.50 3.70
C GLU A 119 -5.05 -0.74 2.25
N ILE A 120 -4.25 -1.75 2.00
CA ILE A 120 -3.96 -2.14 0.63
C ILE A 120 -4.57 -3.51 0.34
N GLU A 121 -5.51 -3.52 -0.59
CA GLU A 121 -6.21 -4.73 -0.97
C GLU A 121 -5.96 -5.01 -2.45
N LEU A 122 -5.38 -6.16 -2.75
CA LEU A 122 -5.08 -6.54 -4.12
C LEU A 122 -6.27 -7.30 -4.72
N LEU A 123 -7.05 -6.61 -5.55
CA LEU A 123 -8.23 -7.22 -6.15
C LEU A 123 -7.88 -7.90 -7.48
N SER A 124 -6.96 -7.31 -8.22
CA SER A 124 -6.57 -7.85 -9.52
C SER A 124 -5.13 -7.46 -9.86
N PHE A 125 -4.44 -8.36 -10.53
CA PHE A 125 -3.06 -8.12 -10.95
C PHE A 125 -2.65 -9.15 -12.00
N ARG A 126 -1.50 -8.96 -12.61
CA ARG A 126 -0.98 -9.90 -13.58
C ARG A 126 0.55 -9.88 -13.57
N GLU A 127 1.15 -11.05 -13.38
CA GLU A 127 2.60 -11.18 -13.40
C GLU A 127 3.05 -11.63 -14.79
N LEU A 128 4.15 -11.05 -15.26
CA LEU A 128 4.75 -11.40 -16.54
C LEU A 128 3.83 -11.01 -17.71
N GLU A 129 4.09 -11.59 -18.88
CA GLU A 129 3.32 -11.35 -20.08
C GLU A 129 3.40 -9.88 -20.53
N HIS A 130 4.50 -9.54 -21.18
CA HIS A 130 4.68 -8.20 -21.73
C HIS A 130 4.78 -8.30 -23.25
N HIS A 131 3.82 -7.72 -23.95
CA HIS A 131 3.72 -7.87 -25.40
C HIS A 131 4.52 -6.81 -26.16
N HIS A 132 5.59 -6.33 -25.55
CA HIS A 132 6.49 -5.39 -26.21
C HIS A 132 7.94 -5.82 -26.04
N HIS A 133 8.42 -5.76 -24.80
CA HIS A 133 9.80 -6.14 -24.45
C HIS A 133 10.79 -5.12 -25.01
N HIS A 134 10.97 -5.14 -26.33
CA HIS A 134 11.88 -4.23 -27.03
C HIS A 134 13.28 -4.25 -26.42
N HIS A 135 14.03 -5.29 -26.76
CA HIS A 135 15.39 -5.49 -26.23
C HIS A 135 15.33 -5.66 -24.70
N MET A 1 -12.66 -14.00 22.03
CA MET A 1 -12.72 -13.26 20.75
C MET A 1 -11.70 -12.13 20.74
N THR A 2 -11.19 -11.83 19.55
CA THR A 2 -10.21 -10.77 19.38
C THR A 2 -10.80 -9.63 18.55
N THR A 3 -10.83 -8.44 19.14
CA THR A 3 -11.25 -7.25 18.42
C THR A 3 -10.18 -6.89 17.39
N GLU A 4 -8.93 -6.84 17.85
CA GLU A 4 -7.79 -6.58 16.98
C GLU A 4 -6.71 -7.63 17.21
N GLN A 5 -5.83 -7.80 16.24
CA GLN A 5 -4.84 -8.85 16.30
C GLN A 5 -3.55 -8.35 16.96
N GLU A 6 -2.72 -9.28 17.44
CA GLU A 6 -1.47 -8.94 18.10
C GLU A 6 -0.36 -8.66 17.08
N PHE A 7 -0.76 -8.12 15.93
CA PHE A 7 0.16 -7.89 14.82
C PHE A 7 1.34 -7.00 15.21
N GLU A 8 2.54 -7.48 14.92
CA GLU A 8 3.74 -6.70 15.12
C GLU A 8 4.00 -5.85 13.88
N LYS A 9 4.67 -4.73 14.05
CA LYS A 9 4.98 -3.85 12.94
C LYS A 9 6.40 -4.11 12.47
N VAL A 10 6.63 -4.02 11.17
CA VAL A 10 7.95 -4.30 10.62
C VAL A 10 8.67 -2.99 10.28
N GLU A 11 9.75 -2.69 11.02
CA GLU A 11 10.53 -1.50 10.74
C GLU A 11 11.59 -1.79 9.68
N LEU A 12 11.66 -0.93 8.67
CA LEU A 12 12.67 -1.02 7.62
C LEU A 12 12.81 -2.44 7.09
N THR A 13 11.73 -2.98 6.57
CA THR A 13 11.75 -4.33 6.00
C THR A 13 12.76 -4.42 4.86
N ALA A 14 13.27 -5.62 4.62
CA ALA A 14 14.34 -5.84 3.65
C ALA A 14 13.91 -5.50 2.22
N ASP A 15 12.61 -5.33 2.01
CA ASP A 15 12.08 -5.09 0.66
C ASP A 15 12.14 -3.60 0.29
N GLY A 16 12.95 -2.83 1.02
CA GLY A 16 13.11 -1.42 0.69
C GLY A 16 12.79 -0.46 1.83
N GLY A 17 12.45 -1.01 3.00
CA GLY A 17 12.32 -0.19 4.20
C GLY A 17 11.02 0.60 4.27
N VAL A 18 9.94 -0.05 4.68
CA VAL A 18 8.66 0.61 4.87
C VAL A 18 7.96 0.01 6.09
N ILE A 19 7.23 0.84 6.82
CA ILE A 19 6.52 0.42 8.02
C ILE A 19 5.14 -0.14 7.66
N LYS A 20 4.97 -1.45 7.83
CA LYS A 20 3.71 -2.10 7.49
C LYS A 20 3.28 -3.09 8.58
N THR A 21 1.98 -3.22 8.77
CA THR A 21 1.42 -4.12 9.75
C THR A 21 0.55 -5.18 9.06
N ILE A 22 0.57 -6.40 9.59
CA ILE A 22 -0.08 -7.53 8.95
C ILE A 22 -1.51 -7.74 9.47
N LEU A 23 -2.44 -7.98 8.55
CA LEU A 23 -3.83 -8.31 8.90
C LEU A 23 -4.20 -9.65 8.28
N LYS A 24 -4.35 -9.64 6.96
CA LYS A 24 -4.65 -10.84 6.20
C LYS A 24 -3.39 -11.28 5.46
N LYS A 25 -2.87 -12.45 5.79
CA LYS A 25 -1.67 -12.93 5.14
C LYS A 25 -1.97 -14.16 4.29
N GLY A 26 -1.20 -14.34 3.24
CA GLY A 26 -1.36 -15.50 2.39
C GLY A 26 -0.72 -16.74 2.99
N ASP A 27 -1.10 -17.89 2.48
CA ASP A 27 -0.54 -19.17 2.93
C ASP A 27 0.35 -19.75 1.85
N GLU A 28 -0.23 -19.96 0.68
CA GLU A 28 0.50 -20.42 -0.48
C GLU A 28 0.34 -19.40 -1.59
N GLY A 29 1.05 -19.60 -2.69
CA GLY A 29 0.87 -18.75 -3.85
C GLY A 29 2.17 -18.15 -4.33
N GLU A 30 3.15 -19.02 -4.54
CA GLU A 30 4.48 -18.60 -4.95
C GLU A 30 4.45 -17.92 -6.33
N GLU A 31 3.66 -18.46 -7.24
CA GLU A 31 3.61 -17.92 -8.60
C GLU A 31 2.55 -16.83 -8.70
N ASN A 32 1.94 -16.50 -7.57
CA ASN A 32 0.97 -15.41 -7.52
C ASN A 32 1.50 -14.31 -6.61
N ILE A 33 2.41 -13.51 -7.13
CA ILE A 33 3.09 -12.48 -6.34
C ILE A 33 3.14 -11.16 -7.11
N PRO A 34 2.62 -10.08 -6.51
CA PRO A 34 2.69 -8.73 -7.07
C PRO A 34 4.10 -8.18 -7.04
N LYS A 35 4.53 -7.52 -8.12
CA LYS A 35 5.87 -6.97 -8.18
C LYS A 35 5.91 -5.67 -8.95
N LYS A 36 6.93 -4.87 -8.67
CA LYS A 36 7.09 -3.56 -9.28
C LYS A 36 7.42 -3.68 -10.76
N GLY A 37 6.96 -2.73 -11.55
CA GLY A 37 7.16 -2.77 -12.97
C GLY A 37 6.00 -3.41 -13.67
N ASN A 38 5.23 -4.15 -12.88
CA ASN A 38 4.02 -4.81 -13.37
C ASN A 38 2.80 -3.99 -13.02
N GLU A 39 1.68 -4.27 -13.68
CA GLU A 39 0.44 -3.56 -13.39
C GLU A 39 -0.34 -4.26 -12.30
N VAL A 40 -0.69 -3.52 -11.26
CA VAL A 40 -1.50 -4.04 -10.17
C VAL A 40 -2.65 -3.09 -9.89
N THR A 41 -3.72 -3.62 -9.36
CA THR A 41 -4.87 -2.82 -8.94
C THR A 41 -5.01 -2.89 -7.43
N VAL A 42 -4.65 -1.80 -6.76
CA VAL A 42 -4.74 -1.73 -5.32
C VAL A 42 -5.58 -0.54 -4.88
N HIS A 43 -6.54 -0.82 -4.01
CA HIS A 43 -7.37 0.23 -3.45
C HIS A 43 -6.87 0.58 -2.06
N TYR A 44 -6.80 1.87 -1.77
CA TYR A 44 -6.33 2.33 -0.46
C TYR A 44 -7.40 3.19 0.21
N VAL A 45 -7.48 3.08 1.53
CA VAL A 45 -8.33 3.93 2.34
C VAL A 45 -7.98 3.71 3.81
N GLY A 46 -8.27 4.67 4.69
CA GLY A 46 -7.95 4.47 6.09
C GLY A 46 -8.28 5.68 6.94
N LYS A 47 -7.30 6.15 7.68
CA LYS A 47 -7.50 7.26 8.59
C LYS A 47 -6.22 8.06 8.78
N LEU A 48 -6.36 9.24 9.36
CA LEU A 48 -5.21 10.07 9.69
C LEU A 48 -4.66 9.63 11.03
N GLU A 49 -3.62 8.80 11.00
CA GLU A 49 -3.05 8.19 12.19
C GLU A 49 -2.51 9.24 13.17
N SER A 50 -2.16 10.40 12.65
CA SER A 50 -1.64 11.48 13.47
C SER A 50 -2.62 11.85 14.59
N THR A 51 -3.92 11.62 14.36
CA THR A 51 -4.93 11.94 15.35
C THR A 51 -5.94 10.80 15.51
N GLY A 52 -5.94 9.86 14.58
CA GLY A 52 -6.82 8.71 14.66
C GLY A 52 -8.21 8.99 14.12
N LYS A 53 -8.31 9.91 13.17
CA LYS A 53 -9.60 10.25 12.58
C LYS A 53 -9.77 9.55 11.23
N VAL A 54 -10.83 8.78 11.11
CA VAL A 54 -11.12 8.05 9.90
C VAL A 54 -11.64 8.99 8.81
N PHE A 55 -11.58 8.57 7.56
CA PHE A 55 -12.00 9.41 6.44
C PHE A 55 -13.51 9.50 6.36
N ASP A 56 -13.99 10.64 5.90
CA ASP A 56 -15.41 10.89 5.70
C ASP A 56 -15.58 12.04 4.73
N SER A 57 -15.64 11.70 3.45
CA SER A 57 -15.72 12.70 2.40
C SER A 57 -16.74 12.31 1.35
N SER A 58 -16.87 13.12 0.32
CA SER A 58 -17.79 12.87 -0.77
C SER A 58 -17.31 11.69 -1.64
N PHE A 59 -16.00 11.61 -1.87
CA PHE A 59 -15.46 10.63 -2.80
C PHE A 59 -15.02 9.33 -2.12
N ASP A 60 -14.47 9.43 -0.92
CA ASP A 60 -13.81 8.27 -0.30
C ASP A 60 -14.77 7.10 -0.10
N ARG A 61 -16.04 7.40 0.15
CA ARG A 61 -17.04 6.36 0.36
C ARG A 61 -17.94 6.18 -0.86
N ASN A 62 -17.74 6.99 -1.90
CA ASN A 62 -18.60 6.90 -3.08
C ASN A 62 -17.81 6.41 -4.30
N VAL A 63 -16.63 6.98 -4.52
CA VAL A 63 -15.78 6.58 -5.64
C VAL A 63 -14.35 6.34 -5.15
N PRO A 64 -14.00 5.08 -4.90
CA PRO A 64 -12.67 4.70 -4.39
C PRO A 64 -11.58 4.89 -5.44
N PHE A 65 -10.42 5.35 -4.99
CA PHE A 65 -9.28 5.58 -5.87
C PHE A 65 -8.33 4.39 -5.83
N LYS A 66 -7.68 4.09 -6.96
CA LYS A 66 -6.71 3.02 -7.03
C LYS A 66 -5.58 3.41 -7.98
N PHE A 67 -4.41 2.84 -7.76
CA PHE A 67 -3.22 3.22 -8.54
C PHE A 67 -2.47 1.98 -9.01
N HIS A 68 -1.43 2.20 -9.82
CA HIS A 68 -0.57 1.12 -10.27
C HIS A 68 0.74 1.18 -9.51
N LEU A 69 1.34 0.02 -9.30
CA LEU A 69 2.63 -0.04 -8.60
C LEU A 69 3.73 0.55 -9.47
N GLU A 70 4.35 1.60 -8.94
CA GLU A 70 5.42 2.33 -9.62
C GLU A 70 4.94 2.85 -10.97
N GLN A 71 4.02 3.78 -10.91
CA GLN A 71 3.56 4.50 -12.09
C GLN A 71 4.13 5.90 -12.08
N GLY A 72 5.18 6.08 -11.27
CA GLY A 72 5.78 7.39 -11.11
C GLY A 72 5.09 8.20 -10.02
N GLU A 73 3.88 7.80 -9.65
CA GLU A 73 3.10 8.55 -8.66
C GLU A 73 3.41 8.08 -7.24
N VAL A 74 3.89 6.85 -7.13
CA VAL A 74 4.17 6.26 -5.82
C VAL A 74 5.67 5.94 -5.70
N ILE A 75 6.30 6.44 -4.65
CA ILE A 75 7.74 6.33 -4.51
C ILE A 75 8.18 5.13 -3.66
N LYS A 76 7.75 5.06 -2.41
CA LYS A 76 8.30 4.06 -1.49
C LYS A 76 7.25 3.48 -0.56
N GLY A 77 6.45 4.34 0.07
CA GLY A 77 5.49 3.88 1.07
C GLY A 77 4.60 2.76 0.57
N TRP A 78 3.96 3.00 -0.57
CA TRP A 78 3.10 1.99 -1.18
C TRP A 78 3.93 0.89 -1.84
N ASP A 79 5.09 1.29 -2.35
CA ASP A 79 5.96 0.42 -3.16
C ASP A 79 6.28 -0.89 -2.44
N ILE A 80 6.77 -0.79 -1.21
CA ILE A 80 7.14 -1.97 -0.44
C ILE A 80 5.90 -2.77 -0.06
N CYS A 81 4.85 -2.09 0.38
CA CYS A 81 3.66 -2.76 0.88
C CYS A 81 3.01 -3.58 -0.21
N VAL A 82 2.78 -2.97 -1.38
CA VAL A 82 2.13 -3.67 -2.48
C VAL A 82 3.01 -4.81 -3.01
N SER A 83 4.33 -4.62 -2.95
CA SER A 83 5.28 -5.65 -3.33
C SER A 83 5.19 -6.83 -2.37
N SER A 84 5.04 -6.52 -1.09
CA SER A 84 4.94 -7.55 -0.07
C SER A 84 3.47 -7.96 0.15
N MET A 85 2.70 -7.99 -0.93
CA MET A 85 1.30 -8.43 -0.86
C MET A 85 1.11 -9.72 -1.61
N ARG A 86 -0.15 -10.16 -1.70
CA ARG A 86 -0.51 -11.33 -2.47
C ARG A 86 -1.92 -11.18 -3.01
N LYS A 87 -2.34 -12.15 -3.81
CA LYS A 87 -3.62 -12.12 -4.51
C LYS A 87 -4.82 -12.09 -3.55
N ASN A 88 -4.61 -12.54 -2.32
CA ASN A 88 -5.68 -12.55 -1.32
C ASN A 88 -5.13 -12.08 0.02
N GLU A 89 -4.20 -11.13 -0.05
CA GLU A 89 -3.49 -10.65 1.13
C GLU A 89 -3.73 -9.15 1.30
N LYS A 90 -3.63 -8.66 2.53
CA LYS A 90 -3.94 -7.25 2.82
C LYS A 90 -3.24 -6.79 4.10
N CYS A 91 -2.59 -5.63 4.03
CA CYS A 91 -1.88 -5.06 5.17
C CYS A 91 -2.16 -3.57 5.34
N LEU A 92 -1.80 -3.05 6.52
CA LEU A 92 -1.92 -1.62 6.81
C LEU A 92 -0.55 -0.98 6.80
N VAL A 93 -0.33 -0.08 5.86
CA VAL A 93 0.97 0.54 5.69
C VAL A 93 0.94 2.01 6.13
N ARG A 94 2.03 2.44 6.76
CA ARG A 94 2.16 3.83 7.17
C ARG A 94 2.83 4.64 6.08
N ILE A 95 2.10 5.62 5.54
CA ILE A 95 2.70 6.55 4.62
C ILE A 95 3.10 7.80 5.39
N GLU A 96 4.37 7.89 5.68
CA GLU A 96 4.90 9.00 6.44
C GLU A 96 5.51 10.02 5.49
N SER A 97 5.98 11.14 6.02
CA SER A 97 6.60 12.19 5.21
C SER A 97 7.75 11.64 4.38
N MET A 98 8.48 10.69 4.95
CA MET A 98 9.63 10.08 4.28
C MET A 98 9.18 9.07 3.22
N TYR A 99 7.89 8.77 3.19
CA TYR A 99 7.37 7.77 2.25
C TYR A 99 6.48 8.43 1.19
N GLY A 100 6.41 9.75 1.22
CA GLY A 100 5.54 10.47 0.31
C GLY A 100 6.19 11.71 -0.25
N TYR A 101 5.42 12.51 -0.99
CA TYR A 101 5.94 13.75 -1.58
C TYR A 101 5.78 14.93 -0.61
N GLY A 102 5.38 14.63 0.61
CA GLY A 102 5.25 15.66 1.63
C GLY A 102 4.01 16.50 1.46
N ASP A 103 4.08 17.74 1.92
CA ASP A 103 2.94 18.65 1.88
C ASP A 103 2.91 19.41 0.56
N GLU A 104 4.04 19.40 -0.13
CA GLU A 104 4.22 20.15 -1.37
C GLU A 104 3.34 19.58 -2.48
N GLY A 105 3.09 18.28 -2.42
CA GLY A 105 2.36 17.62 -3.47
C GLY A 105 0.86 17.73 -3.32
N CYS A 106 0.14 17.53 -4.42
CA CYS A 106 -1.31 17.55 -4.41
C CYS A 106 -1.86 16.27 -3.82
N GLY A 107 -2.80 16.41 -2.90
CA GLY A 107 -3.36 15.24 -2.24
C GLY A 107 -4.85 15.11 -2.47
N GLU A 108 -5.38 13.93 -2.19
CA GLU A 108 -6.79 13.64 -2.38
C GLU A 108 -7.55 13.74 -1.06
N SER A 109 -7.00 13.12 -0.03
CA SER A 109 -7.63 13.12 1.28
C SER A 109 -7.00 14.21 2.15
N ILE A 110 -5.78 13.96 2.63
CA ILE A 110 -5.02 14.93 3.42
C ILE A 110 -3.53 14.61 3.38
N PRO A 111 -2.78 15.29 2.50
CA PRO A 111 -1.33 15.14 2.43
C PRO A 111 -0.62 16.05 3.43
N GLY A 112 0.69 15.97 3.48
CA GLY A 112 1.43 16.83 4.37
C GLY A 112 2.61 16.15 5.01
N ASN A 113 3.12 16.74 6.08
CA ASN A 113 4.27 16.21 6.80
C ASN A 113 3.77 15.41 8.01
N SER A 114 2.70 14.67 7.82
CA SER A 114 2.09 13.90 8.89
C SER A 114 1.96 12.43 8.49
N VAL A 115 1.86 11.57 9.48
CA VAL A 115 1.80 10.13 9.23
C VAL A 115 0.35 9.64 9.05
N LEU A 116 0.11 8.95 7.95
CA LEU A 116 -1.19 8.32 7.71
C LEU A 116 -1.01 6.83 7.48
N LEU A 117 -2.12 6.10 7.49
CA LEU A 117 -2.08 4.68 7.16
C LEU A 117 -3.27 4.31 6.29
N PHE A 118 -2.99 3.59 5.21
CA PHE A 118 -4.02 3.19 4.27
C PHE A 118 -4.08 1.67 4.15
N GLU A 119 -5.27 1.14 3.95
CA GLU A 119 -5.45 -0.26 3.60
C GLU A 119 -4.92 -0.49 2.21
N ILE A 120 -3.99 -1.41 2.06
CA ILE A 120 -3.57 -1.81 0.73
C ILE A 120 -4.09 -3.21 0.43
N GLU A 121 -4.96 -3.27 -0.56
CA GLU A 121 -5.65 -4.50 -0.90
C GLU A 121 -5.43 -4.82 -2.38
N LEU A 122 -4.74 -5.92 -2.64
CA LEU A 122 -4.45 -6.36 -4.01
C LEU A 122 -5.59 -7.21 -4.53
N LEU A 123 -6.47 -6.63 -5.32
CA LEU A 123 -7.61 -7.37 -5.85
C LEU A 123 -7.34 -7.84 -7.27
N SER A 124 -6.39 -7.20 -7.95
CA SER A 124 -6.07 -7.56 -9.33
C SER A 124 -4.60 -7.25 -9.64
N PHE A 125 -3.99 -8.08 -10.49
CA PHE A 125 -2.62 -7.85 -10.93
C PHE A 125 -2.30 -8.76 -12.12
N ARG A 126 -1.31 -8.35 -12.91
CA ARG A 126 -0.91 -9.11 -14.08
C ARG A 126 0.61 -9.20 -14.17
N GLU A 127 1.10 -10.27 -14.76
CA GLU A 127 2.53 -10.48 -14.89
C GLU A 127 3.02 -10.03 -16.27
N LEU A 128 3.86 -9.01 -16.28
CA LEU A 128 4.46 -8.51 -17.51
C LEU A 128 5.81 -7.91 -17.22
N GLU A 129 6.87 -8.59 -17.68
CA GLU A 129 8.23 -8.17 -17.41
C GLU A 129 8.59 -6.89 -18.15
N HIS A 130 9.29 -6.00 -17.44
CA HIS A 130 9.78 -4.76 -18.03
C HIS A 130 11.14 -4.99 -18.69
N HIS A 131 11.18 -4.82 -20.00
CA HIS A 131 12.39 -5.10 -20.77
C HIS A 131 12.70 -3.95 -21.72
N HIS A 132 13.94 -3.91 -22.20
CA HIS A 132 14.39 -2.81 -23.05
C HIS A 132 15.17 -3.33 -24.26
N HIS A 133 14.84 -2.81 -25.43
CA HIS A 133 15.53 -3.16 -26.66
C HIS A 133 16.63 -2.13 -26.94
N HIS A 134 17.87 -2.56 -26.76
CA HIS A 134 19.02 -1.67 -26.92
C HIS A 134 19.53 -1.67 -28.36
N HIS A 135 19.91 -0.50 -28.84
CA HIS A 135 20.51 -0.35 -30.17
C HIS A 135 22.01 -0.19 -30.04
N MET A 1 -17.35 -8.28 17.12
CA MET A 1 -17.08 -8.26 15.67
C MET A 1 -15.67 -7.74 15.41
N THR A 2 -15.39 -6.56 15.92
CA THR A 2 -14.10 -5.93 15.71
C THR A 2 -13.01 -6.58 16.56
N THR A 3 -12.16 -7.36 15.92
CA THR A 3 -11.06 -8.01 16.60
C THR A 3 -9.84 -7.09 16.62
N GLU A 4 -9.40 -6.70 17.81
CA GLU A 4 -8.20 -5.90 17.94
C GLU A 4 -6.99 -6.82 17.95
N GLN A 5 -6.60 -7.28 16.78
CA GLN A 5 -5.49 -8.22 16.64
C GLN A 5 -4.18 -7.55 17.04
N GLU A 6 -3.45 -8.18 17.96
CA GLU A 6 -2.17 -7.66 18.39
C GLU A 6 -1.09 -8.01 17.36
N PHE A 7 -1.15 -7.31 16.24
CA PHE A 7 -0.17 -7.50 15.17
C PHE A 7 1.10 -6.72 15.46
N GLU A 8 2.13 -6.98 14.67
CA GLU A 8 3.42 -6.35 14.85
C GLU A 8 3.75 -5.49 13.63
N LYS A 9 4.64 -4.53 13.83
CA LYS A 9 5.09 -3.67 12.74
C LYS A 9 6.46 -4.13 12.28
N VAL A 10 6.74 -3.96 11.00
CA VAL A 10 8.01 -4.41 10.45
C VAL A 10 8.96 -3.24 10.31
N GLU A 11 9.97 -3.23 11.16
CA GLU A 11 10.93 -2.13 11.23
C GLU A 11 11.97 -2.23 10.13
N LEU A 12 11.78 -1.44 9.06
CA LEU A 12 12.70 -1.39 7.92
C LEU A 12 13.02 -2.78 7.39
N THR A 13 12.10 -3.33 6.62
CA THR A 13 12.25 -4.67 6.10
C THR A 13 12.97 -4.66 4.75
N ALA A 14 13.22 -5.85 4.21
CA ALA A 14 14.02 -6.02 3.00
C ALA A 14 13.25 -5.62 1.75
N ASP A 15 11.98 -5.26 1.92
CA ASP A 15 11.15 -4.82 0.79
C ASP A 15 11.52 -3.38 0.39
N GLY A 16 12.51 -2.81 1.07
CA GLY A 16 12.92 -1.44 0.76
C GLY A 16 12.83 -0.51 1.96
N GLY A 17 12.59 -1.08 3.13
CA GLY A 17 12.66 -0.31 4.36
C GLY A 17 11.47 0.62 4.59
N VAL A 18 10.29 0.05 4.75
CA VAL A 18 9.11 0.82 5.12
C VAL A 18 8.34 0.09 6.22
N ILE A 19 7.68 0.86 7.08
CA ILE A 19 6.96 0.30 8.23
C ILE A 19 5.56 -0.13 7.81
N LYS A 20 5.33 -1.42 7.77
CA LYS A 20 4.03 -1.97 7.41
C LYS A 20 3.51 -2.87 8.51
N THR A 21 2.19 -2.90 8.66
CA THR A 21 1.55 -3.69 9.69
C THR A 21 0.81 -4.88 9.06
N ILE A 22 1.14 -6.08 9.52
CA ILE A 22 0.54 -7.30 8.99
C ILE A 22 -0.88 -7.47 9.52
N LEU A 23 -1.85 -7.39 8.62
CA LEU A 23 -3.26 -7.55 8.99
C LEU A 23 -3.73 -8.96 8.68
N LYS A 24 -3.68 -9.32 7.40
CA LYS A 24 -4.06 -10.66 6.98
C LYS A 24 -2.89 -11.35 6.31
N LYS A 25 -2.65 -12.59 6.69
CA LYS A 25 -1.57 -13.38 6.11
C LYS A 25 -2.13 -14.43 5.17
N GLY A 26 -1.66 -14.42 3.93
CA GLY A 26 -2.12 -15.39 2.96
C GLY A 26 -1.34 -16.68 3.05
N ASP A 27 -1.90 -17.75 2.48
CA ASP A 27 -1.28 -19.07 2.54
C ASP A 27 0.00 -19.09 1.72
N GLU A 28 -0.13 -18.97 0.41
CA GLU A 28 1.01 -19.02 -0.48
C GLU A 28 0.91 -17.94 -1.55
N GLY A 29 1.90 -17.93 -2.44
CA GLY A 29 1.91 -16.98 -3.54
C GLY A 29 3.02 -17.29 -4.50
N GLU A 30 3.16 -18.56 -4.86
CA GLU A 30 4.26 -18.99 -5.73
C GLU A 30 4.10 -18.40 -7.12
N GLU A 31 2.88 -18.38 -7.62
CA GLU A 31 2.59 -17.83 -8.93
C GLU A 31 1.74 -16.58 -8.79
N ASN A 32 1.85 -15.94 -7.64
CA ASN A 32 1.09 -14.74 -7.34
C ASN A 32 1.98 -13.70 -6.68
N ILE A 33 2.75 -12.99 -7.51
CA ILE A 33 3.73 -12.04 -7.00
C ILE A 33 3.58 -10.68 -7.69
N PRO A 34 3.49 -9.59 -6.91
CA PRO A 34 3.42 -8.24 -7.44
C PRO A 34 4.80 -7.71 -7.78
N LYS A 35 5.04 -7.48 -9.06
CA LYS A 35 6.33 -7.03 -9.52
C LYS A 35 6.24 -5.68 -10.22
N LYS A 36 7.28 -4.87 -10.07
CA LYS A 36 7.36 -3.58 -10.72
C LYS A 36 7.22 -3.76 -12.23
N GLY A 37 6.27 -3.07 -12.82
CA GLY A 37 6.05 -3.18 -14.25
C GLY A 37 4.83 -3.99 -14.59
N ASN A 38 4.40 -4.82 -13.65
CA ASN A 38 3.20 -5.62 -13.86
C ASN A 38 1.96 -4.77 -13.63
N GLU A 39 0.94 -5.01 -14.43
CA GLU A 39 -0.30 -4.25 -14.35
C GLU A 39 -1.11 -4.72 -13.15
N VAL A 40 -1.07 -3.95 -12.07
CA VAL A 40 -1.77 -4.30 -10.85
C VAL A 40 -2.92 -3.34 -10.58
N THR A 41 -3.89 -3.80 -9.82
CA THR A 41 -4.99 -2.96 -9.37
C THR A 41 -5.23 -3.16 -7.88
N VAL A 42 -4.92 -2.14 -7.09
CA VAL A 42 -5.10 -2.22 -5.64
C VAL A 42 -5.97 -1.08 -5.13
N HIS A 43 -6.68 -1.33 -4.04
CA HIS A 43 -7.45 -0.30 -3.36
C HIS A 43 -6.69 0.19 -2.14
N TYR A 44 -6.89 1.45 -1.79
CA TYR A 44 -6.31 1.98 -0.56
C TYR A 44 -7.35 2.78 0.22
N VAL A 45 -7.39 2.59 1.52
CA VAL A 45 -8.31 3.32 2.39
C VAL A 45 -7.88 3.16 3.85
N GLY A 46 -8.09 4.18 4.66
CA GLY A 46 -7.69 4.11 6.05
C GLY A 46 -8.09 5.34 6.83
N LYS A 47 -7.13 5.93 7.52
CA LYS A 47 -7.38 7.12 8.33
C LYS A 47 -6.10 7.91 8.56
N LEU A 48 -6.23 9.09 9.15
CA LEU A 48 -5.09 9.95 9.43
C LEU A 48 -4.48 9.60 10.78
N GLU A 49 -3.29 9.01 10.75
CA GLU A 49 -2.56 8.59 11.95
C GLU A 49 -2.23 9.80 12.81
N SER A 50 -1.95 10.90 12.14
CA SER A 50 -1.48 12.12 12.78
C SER A 50 -2.42 12.61 13.89
N THR A 51 -3.72 12.31 13.78
CA THR A 51 -4.67 12.80 14.75
C THR A 51 -5.73 11.75 15.11
N GLY A 52 -5.98 10.80 14.21
CA GLY A 52 -6.96 9.75 14.49
C GLY A 52 -8.30 10.02 13.83
N LYS A 53 -8.28 10.61 12.64
CA LYS A 53 -9.51 10.88 11.90
C LYS A 53 -9.67 9.85 10.78
N VAL A 54 -10.82 9.18 10.76
CA VAL A 54 -11.09 8.18 9.73
C VAL A 54 -11.60 8.84 8.45
N PHE A 55 -11.47 8.15 7.32
CA PHE A 55 -11.87 8.70 6.03
C PHE A 55 -13.38 8.65 5.82
N ASP A 56 -13.93 9.81 5.50
CA ASP A 56 -15.30 9.92 4.99
C ASP A 56 -15.45 11.26 4.29
N SER A 57 -15.07 11.29 3.02
CA SER A 57 -15.15 12.51 2.23
C SER A 57 -16.03 12.29 1.01
N SER A 58 -16.55 13.38 0.45
CA SER A 58 -17.51 13.34 -0.65
C SER A 58 -17.05 12.44 -1.79
N PHE A 59 -15.78 12.55 -2.16
CA PHE A 59 -15.24 11.78 -3.27
C PHE A 59 -14.74 10.42 -2.80
N ASP A 60 -14.23 10.40 -1.58
CA ASP A 60 -13.65 9.20 -0.97
C ASP A 60 -14.71 8.12 -0.76
N ARG A 61 -15.81 8.47 -0.11
CA ARG A 61 -16.88 7.52 0.19
C ARG A 61 -17.57 7.05 -1.09
N ASN A 62 -17.43 7.84 -2.15
CA ASN A 62 -18.10 7.53 -3.40
C ASN A 62 -17.38 6.39 -4.11
N VAL A 63 -16.13 6.64 -4.50
CA VAL A 63 -15.32 5.63 -5.19
C VAL A 63 -13.86 5.71 -4.74
N PRO A 64 -13.42 4.74 -3.93
CA PRO A 64 -12.01 4.58 -3.58
C PRO A 64 -11.16 4.41 -4.84
N PHE A 65 -10.00 5.04 -4.86
CA PHE A 65 -9.19 5.10 -6.06
C PHE A 65 -8.18 3.95 -6.08
N LYS A 66 -7.82 3.52 -7.29
CA LYS A 66 -6.84 2.46 -7.45
C LYS A 66 -5.54 3.05 -7.95
N PHE A 67 -4.41 2.53 -7.50
CA PHE A 67 -3.13 3.00 -7.99
C PHE A 67 -2.30 1.86 -8.56
N HIS A 68 -1.42 2.21 -9.48
CA HIS A 68 -0.54 1.25 -10.13
C HIS A 68 0.80 1.21 -9.40
N LEU A 69 1.41 0.04 -9.33
CA LEU A 69 2.75 -0.08 -8.79
C LEU A 69 3.73 0.58 -9.75
N GLU A 70 4.57 1.46 -9.23
CA GLU A 70 5.40 2.34 -10.06
C GLU A 70 4.53 3.14 -11.00
N GLN A 71 3.95 4.19 -10.44
CA GLN A 71 2.98 5.01 -11.15
C GLN A 71 3.40 6.48 -11.06
N GLY A 72 4.46 6.74 -10.30
CA GLY A 72 4.93 8.09 -10.09
C GLY A 72 4.24 8.79 -8.95
N GLU A 73 3.08 8.27 -8.55
CA GLU A 73 2.33 8.82 -7.42
C GLU A 73 2.81 8.17 -6.13
N VAL A 74 3.41 7.00 -6.26
CA VAL A 74 3.91 6.26 -5.12
C VAL A 74 5.43 6.28 -5.10
N ILE A 75 6.01 6.75 -3.99
CA ILE A 75 7.46 6.84 -3.89
C ILE A 75 8.06 5.64 -3.18
N LYS A 76 7.66 5.41 -1.94
CA LYS A 76 8.26 4.35 -1.12
C LYS A 76 7.25 3.76 -0.14
N GLY A 77 6.40 4.62 0.43
CA GLY A 77 5.43 4.15 1.40
C GLY A 77 4.56 3.02 0.88
N TRP A 78 3.95 3.23 -0.28
CA TRP A 78 3.11 2.21 -0.90
C TRP A 78 3.97 1.12 -1.55
N ASP A 79 5.18 1.50 -1.96
CA ASP A 79 6.12 0.61 -2.66
C ASP A 79 6.32 -0.69 -1.89
N ILE A 80 6.69 -0.56 -0.63
CA ILE A 80 7.05 -1.71 0.20
C ILE A 80 5.84 -2.59 0.49
N CYS A 81 4.67 -1.99 0.57
CA CYS A 81 3.46 -2.73 0.89
C CYS A 81 2.97 -3.55 -0.31
N VAL A 82 2.75 -2.87 -1.43
CA VAL A 82 2.07 -3.48 -2.57
C VAL A 82 2.89 -4.59 -3.23
N SER A 83 4.21 -4.45 -3.24
CA SER A 83 5.08 -5.42 -3.91
C SER A 83 5.30 -6.66 -3.04
N SER A 84 4.70 -6.65 -1.86
CA SER A 84 4.90 -7.70 -0.89
C SER A 84 3.55 -8.31 -0.46
N MET A 85 2.55 -8.20 -1.32
CA MET A 85 1.21 -8.72 -1.02
C MET A 85 0.83 -9.86 -1.94
N ARG A 86 0.14 -10.85 -1.38
CA ARG A 86 -0.44 -11.91 -2.19
C ARG A 86 -1.87 -11.53 -2.60
N LYS A 87 -2.42 -12.23 -3.58
CA LYS A 87 -3.71 -11.83 -4.18
C LYS A 87 -4.87 -11.92 -3.19
N ASN A 88 -4.73 -12.71 -2.14
CA ASN A 88 -5.75 -12.79 -1.11
C ASN A 88 -5.18 -12.31 0.22
N GLU A 89 -4.15 -11.49 0.12
CA GLU A 89 -3.47 -10.99 1.29
C GLU A 89 -3.60 -9.47 1.35
N LYS A 90 -3.93 -8.96 2.52
CA LYS A 90 -4.24 -7.55 2.69
C LYS A 90 -3.61 -7.03 3.97
N CYS A 91 -2.89 -5.92 3.85
CA CYS A 91 -2.20 -5.36 5.01
C CYS A 91 -2.33 -3.85 5.04
N LEU A 92 -1.87 -3.25 6.14
CA LEU A 92 -1.91 -1.81 6.32
C LEU A 92 -0.47 -1.29 6.33
N VAL A 93 -0.29 -0.11 5.79
CA VAL A 93 1.03 0.49 5.72
C VAL A 93 1.06 1.82 6.47
N ARG A 94 2.19 2.13 7.08
CA ARG A 94 2.35 3.35 7.84
C ARG A 94 3.22 4.28 7.03
N ILE A 95 2.64 5.35 6.53
CA ILE A 95 3.37 6.21 5.64
C ILE A 95 4.03 7.34 6.41
N GLU A 96 5.32 7.17 6.65
CA GLU A 96 6.12 8.17 7.34
C GLU A 96 6.18 9.44 6.51
N SER A 97 6.41 10.55 7.18
CA SER A 97 6.52 11.85 6.52
C SER A 97 7.55 11.81 5.39
N MET A 98 8.65 11.10 5.61
CA MET A 98 9.71 10.98 4.61
C MET A 98 9.34 9.98 3.51
N TYR A 99 8.26 9.23 3.74
CA TYR A 99 7.81 8.24 2.77
C TYR A 99 6.60 8.79 2.01
N GLY A 100 6.17 9.98 2.39
CA GLY A 100 5.05 10.62 1.73
C GLY A 100 5.49 11.47 0.56
N TYR A 101 4.54 12.12 -0.08
CA TYR A 101 4.83 12.93 -1.26
C TYR A 101 5.09 14.38 -0.87
N GLY A 102 4.31 14.88 0.07
CA GLY A 102 4.47 16.25 0.51
C GLY A 102 3.20 17.05 0.40
N ASP A 103 3.23 18.28 0.89
CA ASP A 103 2.07 19.18 0.84
C ASP A 103 2.07 19.95 -0.47
N GLU A 104 3.25 20.04 -1.06
CA GLU A 104 3.48 20.81 -2.28
C GLU A 104 2.79 20.18 -3.49
N GLY A 105 2.24 18.98 -3.31
CA GLY A 105 1.57 18.30 -4.39
C GLY A 105 0.07 18.23 -4.18
N CYS A 106 -0.58 17.31 -4.87
CA CYS A 106 -2.02 17.12 -4.76
C CYS A 106 -2.35 15.91 -3.89
N GLY A 107 -3.51 15.92 -3.28
CA GLY A 107 -3.91 14.82 -2.42
C GLY A 107 -5.40 14.63 -2.37
N GLU A 108 -5.84 13.59 -1.68
CA GLU A 108 -7.26 13.23 -1.63
C GLU A 108 -7.95 13.85 -0.40
N SER A 109 -7.63 13.36 0.78
CA SER A 109 -8.28 13.82 1.99
C SER A 109 -7.36 14.70 2.83
N ILE A 110 -6.37 14.09 3.48
CA ILE A 110 -5.45 14.84 4.33
C ILE A 110 -4.03 14.31 4.20
N PRO A 111 -3.34 14.67 3.12
CA PRO A 111 -1.95 14.30 2.88
C PRO A 111 -0.99 15.38 3.37
N GLY A 112 0.19 15.43 2.78
CA GLY A 112 1.14 16.45 3.13
C GLY A 112 2.34 15.88 3.85
N ASN A 113 2.63 16.41 5.02
CA ASN A 113 3.77 15.95 5.81
C ASN A 113 3.26 15.10 6.98
N SER A 114 1.95 14.93 7.03
CA SER A 114 1.31 14.16 8.07
C SER A 114 1.41 12.66 7.78
N VAL A 115 1.41 11.86 8.84
CA VAL A 115 1.46 10.41 8.70
C VAL A 115 0.04 9.83 8.62
N LEU A 116 -0.16 8.91 7.69
CA LEU A 116 -1.47 8.30 7.51
C LEU A 116 -1.37 6.78 7.54
N LEU A 117 -2.52 6.12 7.66
CA LEU A 117 -2.59 4.66 7.60
C LEU A 117 -3.43 4.26 6.39
N PHE A 118 -2.81 3.61 5.43
CA PHE A 118 -3.54 3.13 4.27
C PHE A 118 -3.56 1.61 4.23
N GLU A 119 -4.76 1.05 4.22
CA GLU A 119 -4.91 -0.39 4.00
C GLU A 119 -4.94 -0.66 2.51
N ILE A 120 -4.13 -1.61 2.09
CA ILE A 120 -3.98 -1.88 0.67
C ILE A 120 -4.53 -3.26 0.31
N GLU A 121 -5.41 -3.29 -0.69
CA GLU A 121 -6.03 -4.52 -1.15
C GLU A 121 -5.62 -4.84 -2.58
N LEU A 122 -4.91 -5.93 -2.77
CA LEU A 122 -4.58 -6.42 -4.10
C LEU A 122 -5.66 -7.39 -4.57
N LEU A 123 -6.55 -6.92 -5.43
CA LEU A 123 -7.65 -7.75 -5.89
C LEU A 123 -7.34 -8.37 -7.24
N SER A 124 -6.62 -7.65 -8.08
CA SER A 124 -6.34 -8.13 -9.43
C SER A 124 -4.96 -7.66 -9.88
N PHE A 125 -4.27 -8.51 -10.64
CA PHE A 125 -2.97 -8.19 -11.19
C PHE A 125 -2.61 -9.19 -12.28
N ARG A 126 -1.86 -8.73 -13.27
CA ARG A 126 -1.46 -9.57 -14.39
C ARG A 126 0.06 -9.51 -14.57
N GLU A 127 0.68 -10.67 -14.66
CA GLU A 127 2.12 -10.77 -14.72
C GLU A 127 2.60 -10.88 -16.17
N LEU A 128 3.64 -10.12 -16.49
CA LEU A 128 4.31 -10.17 -17.78
C LEU A 128 3.48 -9.49 -18.88
N GLU A 129 3.92 -8.31 -19.27
CA GLU A 129 3.32 -7.58 -20.38
C GLU A 129 4.40 -7.20 -21.39
N HIS A 130 3.98 -7.02 -22.64
CA HIS A 130 4.87 -6.69 -23.76
C HIS A 130 5.68 -7.90 -24.22
N HIS A 131 6.39 -7.72 -25.32
CA HIS A 131 7.21 -8.77 -25.94
C HIS A 131 6.41 -10.06 -26.15
N HIS A 132 5.48 -10.01 -27.08
CA HIS A 132 4.67 -11.17 -27.43
C HIS A 132 4.71 -11.41 -28.92
N HIS A 133 4.11 -12.51 -29.36
CA HIS A 133 4.10 -12.86 -30.78
C HIS A 133 3.02 -12.09 -31.53
N HIS A 134 3.05 -12.19 -32.85
CA HIS A 134 2.12 -11.45 -33.73
C HIS A 134 2.39 -9.96 -33.63
N HIS A 135 3.63 -9.61 -33.29
CA HIS A 135 4.04 -8.22 -33.21
C HIS A 135 5.05 -7.93 -34.31
N MET A 1 -9.05 -13.43 24.48
CA MET A 1 -8.86 -12.60 25.69
C MET A 1 -8.59 -11.15 25.31
N THR A 2 -7.62 -10.93 24.44
CA THR A 2 -7.29 -9.61 23.98
C THR A 2 -8.17 -9.21 22.80
N THR A 3 -8.58 -7.94 22.77
CA THR A 3 -9.45 -7.43 21.72
C THR A 3 -8.60 -6.81 20.61
N GLU A 4 -7.30 -7.06 20.66
CA GLU A 4 -6.35 -6.43 19.77
C GLU A 4 -5.75 -7.45 18.80
N GLN A 5 -4.96 -6.96 17.86
CA GLN A 5 -4.31 -7.81 16.88
C GLN A 5 -3.00 -8.34 17.43
N GLU A 6 -2.76 -9.63 17.26
CA GLU A 6 -1.54 -10.26 17.75
C GLU A 6 -0.50 -10.33 16.63
N PHE A 7 -0.71 -9.51 15.61
CA PHE A 7 0.19 -9.45 14.47
C PHE A 7 1.38 -8.53 14.78
N GLU A 8 2.51 -8.85 14.18
CA GLU A 8 3.73 -8.11 14.42
C GLU A 8 3.88 -6.97 13.42
N LYS A 9 4.53 -5.90 13.85
CA LYS A 9 4.76 -4.75 13.00
C LYS A 9 6.20 -4.79 12.49
N VAL A 10 6.39 -4.39 11.24
CA VAL A 10 7.71 -4.51 10.63
C VAL A 10 8.42 -3.17 10.59
N GLU A 11 9.46 -3.04 11.41
CA GLU A 11 10.24 -1.81 11.49
C GLU A 11 11.33 -1.79 10.42
N LEU A 12 11.17 -0.95 9.41
CA LEU A 12 12.17 -0.75 8.37
C LEU A 12 12.60 -2.08 7.74
N THR A 13 11.71 -2.66 6.95
CA THR A 13 11.95 -3.95 6.33
C THR A 13 12.84 -3.82 5.09
N ALA A 14 13.51 -4.91 4.74
CA ALA A 14 14.40 -4.95 3.58
C ALA A 14 13.62 -4.87 2.26
N ASP A 15 12.30 -4.74 2.36
CA ASP A 15 11.45 -4.56 1.17
C ASP A 15 11.66 -3.17 0.56
N GLY A 16 12.59 -2.41 1.13
CA GLY A 16 12.84 -1.05 0.65
C GLY A 16 12.64 0.00 1.73
N GLY A 17 12.43 -0.45 2.96
CA GLY A 17 12.36 0.48 4.08
C GLY A 17 11.03 1.20 4.19
N VAL A 18 10.00 0.46 4.57
CA VAL A 18 8.69 1.04 4.86
C VAL A 18 8.03 0.30 6.03
N ILE A 19 7.29 1.04 6.84
CA ILE A 19 6.57 0.47 7.99
C ILE A 19 5.22 -0.08 7.54
N LYS A 20 5.09 -1.40 7.55
CA LYS A 20 3.84 -2.03 7.18
C LYS A 20 3.43 -3.08 8.20
N THR A 21 2.13 -3.17 8.44
CA THR A 21 1.59 -4.11 9.40
C THR A 21 0.81 -5.21 8.68
N ILE A 22 1.23 -6.46 8.90
CA ILE A 22 0.57 -7.58 8.27
C ILE A 22 -0.77 -7.87 8.94
N LEU A 23 -1.80 -8.10 8.14
CA LEU A 23 -3.12 -8.39 8.68
C LEU A 23 -3.53 -9.80 8.28
N LYS A 24 -3.90 -9.97 7.01
CA LYS A 24 -4.20 -11.30 6.50
C LYS A 24 -2.91 -11.93 6.01
N LYS A 25 -2.85 -13.25 6.02
CA LYS A 25 -1.66 -13.94 5.56
C LYS A 25 -2.01 -14.96 4.49
N GLY A 26 -1.42 -14.77 3.32
CA GLY A 26 -1.68 -15.65 2.20
C GLY A 26 -0.96 -16.98 2.34
N ASP A 27 -1.64 -18.04 1.94
CA ASP A 27 -1.10 -19.39 2.09
C ASP A 27 -0.16 -19.72 0.93
N GLU A 28 -0.71 -19.80 -0.27
CA GLU A 28 0.11 -20.08 -1.45
C GLU A 28 0.42 -18.80 -2.20
N GLY A 29 1.65 -18.68 -2.67
CA GLY A 29 2.06 -17.52 -3.42
C GLY A 29 3.25 -17.81 -4.30
N GLU A 30 3.26 -19.01 -4.87
CA GLU A 30 4.35 -19.44 -5.73
C GLU A 30 4.27 -18.67 -7.06
N GLU A 31 3.04 -18.38 -7.46
CA GLU A 31 2.79 -17.59 -8.66
C GLU A 31 2.19 -16.24 -8.28
N ASN A 32 2.09 -15.99 -6.99
CA ASN A 32 1.46 -14.76 -6.54
C ASN A 32 2.45 -13.85 -5.84
N ILE A 33 3.24 -13.15 -6.64
CA ILE A 33 4.19 -12.18 -6.11
C ILE A 33 4.01 -10.85 -6.85
N PRO A 34 3.59 -9.80 -6.11
CA PRO A 34 3.33 -8.49 -6.67
C PRO A 34 4.63 -7.70 -6.90
N LYS A 35 5.03 -7.58 -8.14
CA LYS A 35 6.22 -6.80 -8.49
C LYS A 35 5.86 -5.65 -9.40
N LYS A 36 6.72 -4.63 -9.42
CA LYS A 36 6.44 -3.41 -10.17
C LYS A 36 6.76 -3.59 -11.66
N GLY A 37 6.04 -2.86 -12.49
CA GLY A 37 6.22 -2.96 -13.92
C GLY A 37 5.14 -3.78 -14.57
N ASN A 38 4.55 -4.68 -13.79
CA ASN A 38 3.47 -5.53 -14.28
C ASN A 38 2.13 -4.89 -13.96
N GLU A 39 1.11 -5.28 -14.71
CA GLU A 39 -0.22 -4.71 -14.55
C GLU A 39 -0.87 -5.19 -13.25
N VAL A 40 -0.75 -4.38 -12.21
CA VAL A 40 -1.37 -4.70 -10.93
C VAL A 40 -2.45 -3.68 -10.60
N THR A 41 -3.44 -4.10 -9.82
CA THR A 41 -4.52 -3.23 -9.43
C THR A 41 -4.70 -3.25 -7.91
N VAL A 42 -4.30 -2.17 -7.25
CA VAL A 42 -4.38 -2.08 -5.80
C VAL A 42 -5.18 -0.87 -5.35
N HIS A 43 -5.93 -1.05 -4.27
CA HIS A 43 -6.73 0.01 -3.69
C HIS A 43 -6.19 0.39 -2.31
N TYR A 44 -6.27 1.68 -1.96
CA TYR A 44 -5.84 2.15 -0.65
C TYR A 44 -6.89 3.07 -0.03
N VAL A 45 -7.09 2.95 1.27
CA VAL A 45 -7.99 3.81 2.02
C VAL A 45 -7.77 3.61 3.52
N GLY A 46 -8.09 4.61 4.33
CA GLY A 46 -7.90 4.46 5.75
C GLY A 46 -8.26 5.70 6.55
N LYS A 47 -7.28 6.25 7.27
CA LYS A 47 -7.51 7.42 8.10
C LYS A 47 -6.21 8.15 8.37
N LEU A 48 -6.30 9.32 9.00
CA LEU A 48 -5.14 10.08 9.41
C LEU A 48 -4.71 9.68 10.82
N GLU A 49 -3.62 8.94 10.92
CA GLU A 49 -3.18 8.41 12.21
C GLU A 49 -2.69 9.53 13.12
N SER A 50 -2.25 10.60 12.49
CA SER A 50 -1.65 11.73 13.19
C SER A 50 -2.58 12.27 14.29
N THR A 51 -3.87 12.24 14.03
CA THR A 51 -4.86 12.72 14.99
C THR A 51 -5.91 11.64 15.31
N GLY A 52 -6.03 10.67 14.42
CA GLY A 52 -6.95 9.56 14.65
C GLY A 52 -8.29 9.75 13.96
N LYS A 53 -8.37 10.74 13.07
CA LYS A 53 -9.62 11.01 12.35
C LYS A 53 -9.71 10.11 11.13
N VAL A 54 -10.86 9.45 10.98
CA VAL A 54 -11.08 8.56 9.85
C VAL A 54 -11.42 9.37 8.60
N PHE A 55 -11.34 8.75 7.42
CA PHE A 55 -11.66 9.42 6.18
C PHE A 55 -13.16 9.61 6.03
N ASP A 56 -13.61 10.81 6.37
CA ASP A 56 -15.01 11.18 6.20
C ASP A 56 -15.11 12.54 5.52
N SER A 57 -15.06 12.51 4.20
CA SER A 57 -15.13 13.73 3.40
C SER A 57 -16.08 13.52 2.23
N SER A 58 -16.41 14.59 1.55
CA SER A 58 -17.43 14.57 0.49
C SER A 58 -17.10 13.57 -0.63
N PHE A 59 -15.86 13.57 -1.07
CA PHE A 59 -15.48 12.80 -2.25
C PHE A 59 -15.03 11.39 -1.88
N ASP A 60 -14.14 11.33 -0.90
CA ASP A 60 -13.42 10.12 -0.52
C ASP A 60 -14.35 8.94 -0.23
N ARG A 61 -15.42 9.18 0.52
CA ARG A 61 -16.32 8.11 0.91
C ARG A 61 -17.35 7.81 -0.18
N ASN A 62 -17.26 8.53 -1.28
CA ASN A 62 -18.21 8.34 -2.37
C ASN A 62 -17.57 7.57 -3.52
N VAL A 63 -16.32 7.90 -3.84
CA VAL A 63 -15.62 7.24 -4.94
C VAL A 63 -14.30 6.63 -4.48
N PRO A 64 -14.09 5.33 -4.73
CA PRO A 64 -12.84 4.63 -4.40
C PRO A 64 -11.79 4.77 -5.49
N PHE A 65 -10.53 4.97 -5.09
CA PHE A 65 -9.44 5.13 -6.05
C PHE A 65 -8.48 3.94 -6.00
N LYS A 66 -7.87 3.63 -7.15
CA LYS A 66 -6.89 2.56 -7.27
C LYS A 66 -5.70 3.02 -8.12
N PHE A 67 -4.54 2.38 -7.94
CA PHE A 67 -3.34 2.82 -8.64
C PHE A 67 -2.50 1.63 -9.14
N HIS A 68 -1.41 1.95 -9.84
CA HIS A 68 -0.48 0.94 -10.33
C HIS A 68 0.83 1.00 -9.54
N LEU A 69 1.47 -0.15 -9.39
CA LEU A 69 2.80 -0.21 -8.79
C LEU A 69 3.84 0.21 -9.84
N GLU A 70 4.64 1.21 -9.50
CA GLU A 70 5.50 1.90 -10.46
C GLU A 70 4.66 2.59 -11.52
N GLN A 71 4.16 3.74 -11.13
CA GLN A 71 3.24 4.51 -11.94
C GLN A 71 3.71 5.97 -12.01
N GLY A 72 4.78 6.26 -11.29
CA GLY A 72 5.27 7.62 -11.20
C GLY A 72 4.56 8.41 -10.12
N GLU A 73 3.47 7.84 -9.60
CA GLU A 73 2.67 8.51 -8.59
C GLU A 73 2.98 7.98 -7.20
N VAL A 74 3.59 6.80 -7.15
CA VAL A 74 3.89 6.15 -5.88
C VAL A 74 5.40 6.12 -5.66
N ILE A 75 5.82 6.60 -4.49
CA ILE A 75 7.23 6.68 -4.18
C ILE A 75 7.72 5.48 -3.36
N LYS A 76 7.41 5.47 -2.07
CA LYS A 76 7.91 4.39 -1.21
C LYS A 76 6.79 3.72 -0.43
N GLY A 77 5.95 4.52 0.24
CA GLY A 77 4.97 3.97 1.16
C GLY A 77 4.11 2.89 0.55
N TRP A 78 3.50 3.18 -0.59
CA TRP A 78 2.69 2.20 -1.29
C TRP A 78 3.57 1.18 -2.01
N ASP A 79 4.61 1.70 -2.67
CA ASP A 79 5.48 0.90 -3.54
C ASP A 79 6.05 -0.32 -2.82
N ILE A 80 6.60 -0.09 -1.64
CA ILE A 80 7.23 -1.16 -0.86
C ILE A 80 6.19 -2.09 -0.25
N CYS A 81 5.06 -1.53 0.16
CA CYS A 81 4.03 -2.31 0.84
C CYS A 81 3.30 -3.23 -0.12
N VAL A 82 2.97 -2.72 -1.30
CA VAL A 82 2.21 -3.51 -2.29
C VAL A 82 3.01 -4.71 -2.75
N SER A 83 4.33 -4.57 -2.81
CA SER A 83 5.20 -5.61 -3.33
C SER A 83 5.43 -6.71 -2.27
N SER A 84 4.74 -6.58 -1.14
CA SER A 84 4.90 -7.53 -0.04
C SER A 84 3.62 -8.34 0.17
N MET A 85 2.66 -8.15 -0.73
CA MET A 85 1.34 -8.76 -0.57
C MET A 85 1.23 -10.10 -1.30
N ARG A 86 0.02 -10.64 -1.31
CA ARG A 86 -0.30 -11.85 -2.06
C ARG A 86 -1.73 -11.72 -2.58
N LYS A 87 -2.10 -12.58 -3.52
CA LYS A 87 -3.42 -12.48 -4.15
C LYS A 87 -4.56 -12.70 -3.14
N ASN A 88 -4.26 -13.38 -2.05
CA ASN A 88 -5.25 -13.65 -1.03
C ASN A 88 -4.83 -12.99 0.29
N GLU A 89 -4.02 -11.95 0.19
CA GLU A 89 -3.46 -11.30 1.35
C GLU A 89 -3.83 -9.81 1.33
N LYS A 90 -3.90 -9.20 2.50
CA LYS A 90 -4.25 -7.80 2.63
C LYS A 90 -3.68 -7.23 3.93
N CYS A 91 -2.91 -6.16 3.81
CA CYS A 91 -2.26 -5.56 4.96
C CYS A 91 -2.40 -4.03 4.95
N LEU A 92 -2.01 -3.40 6.05
CA LEU A 92 -2.11 -1.96 6.19
C LEU A 92 -0.72 -1.34 6.31
N VAL A 93 -0.50 -0.24 5.62
CA VAL A 93 0.78 0.43 5.63
C VAL A 93 0.70 1.78 6.34
N ARG A 94 1.80 2.19 6.96
CA ARG A 94 1.87 3.48 7.64
C ARG A 94 2.66 4.45 6.79
N ILE A 95 1.99 5.47 6.28
CA ILE A 95 2.64 6.43 5.39
C ILE A 95 3.19 7.61 6.18
N GLU A 96 4.51 7.63 6.31
CA GLU A 96 5.21 8.74 6.95
C GLU A 96 5.58 9.77 5.87
N SER A 97 6.01 10.95 6.29
CA SER A 97 6.40 12.02 5.37
C SER A 97 7.40 11.55 4.31
N MET A 98 8.35 10.70 4.71
CA MET A 98 9.38 10.23 3.80
C MET A 98 8.84 9.15 2.86
N TYR A 99 7.62 8.69 3.11
CA TYR A 99 7.01 7.65 2.29
C TYR A 99 6.06 8.25 1.26
N GLY A 100 5.89 9.56 1.33
CA GLY A 100 4.99 10.25 0.42
C GLY A 100 5.60 11.51 -0.14
N TYR A 101 4.83 12.24 -0.95
CA TYR A 101 5.33 13.47 -1.57
C TYR A 101 5.37 14.62 -0.56
N GLY A 102 4.26 14.85 0.12
CA GLY A 102 4.23 15.88 1.14
C GLY A 102 3.10 16.86 0.95
N ASP A 103 3.18 17.98 1.66
CA ASP A 103 2.14 19.01 1.64
C ASP A 103 1.97 19.62 0.25
N GLU A 104 3.10 19.84 -0.41
CA GLU A 104 3.10 20.49 -1.71
C GLU A 104 2.58 19.55 -2.81
N GLY A 105 2.45 18.28 -2.47
CA GLY A 105 2.01 17.30 -3.45
C GLY A 105 0.52 17.06 -3.38
N CYS A 106 -0.03 16.48 -4.44
CA CYS A 106 -1.44 16.17 -4.50
C CYS A 106 -1.79 15.07 -3.49
N GLY A 107 -2.80 15.33 -2.67
CA GLY A 107 -3.21 14.37 -1.67
C GLY A 107 -4.69 14.06 -1.74
N GLU A 108 -5.11 12.97 -1.13
CA GLU A 108 -6.49 12.53 -1.19
C GLU A 108 -7.38 13.34 -0.27
N SER A 109 -7.24 13.11 1.02
CA SER A 109 -8.08 13.76 2.01
C SER A 109 -7.32 14.87 2.73
N ILE A 110 -6.39 14.47 3.59
CA ILE A 110 -5.56 15.40 4.33
C ILE A 110 -4.08 15.02 4.24
N PRO A 111 -3.40 15.45 3.17
CA PRO A 111 -1.97 15.22 3.02
C PRO A 111 -1.14 16.19 3.87
N GLY A 112 0.17 16.13 3.73
CA GLY A 112 1.04 17.04 4.45
C GLY A 112 2.31 16.38 4.92
N ASN A 113 2.64 16.59 6.18
CA ASN A 113 3.84 16.02 6.78
C ASN A 113 3.48 15.18 7.99
N SER A 114 2.36 14.50 7.90
CA SER A 114 1.87 13.66 8.98
C SER A 114 1.87 12.19 8.58
N VAL A 115 1.46 11.33 9.50
CA VAL A 115 1.39 9.90 9.22
C VAL A 115 -0.06 9.44 9.01
N LEU A 116 -0.29 8.73 7.91
CA LEU A 116 -1.62 8.21 7.61
C LEU A 116 -1.58 6.69 7.52
N LEU A 117 -2.76 6.07 7.40
CA LEU A 117 -2.86 4.62 7.24
C LEU A 117 -3.73 4.30 6.04
N PHE A 118 -3.23 3.43 5.18
CA PHE A 118 -4.02 2.96 4.04
C PHE A 118 -4.00 1.44 3.95
N GLU A 119 -5.19 0.85 3.87
CA GLU A 119 -5.30 -0.57 3.55
C GLU A 119 -4.92 -0.77 2.10
N ILE A 120 -3.99 -1.66 1.83
CA ILE A 120 -3.65 -1.97 0.46
C ILE A 120 -4.17 -3.35 0.10
N GLU A 121 -4.99 -3.41 -0.93
CA GLU A 121 -5.68 -4.64 -1.31
C GLU A 121 -5.35 -5.02 -2.74
N LEU A 122 -4.67 -6.14 -2.91
CA LEU A 122 -4.32 -6.65 -4.23
C LEU A 122 -5.45 -7.51 -4.77
N LEU A 123 -6.38 -6.87 -5.49
CA LEU A 123 -7.55 -7.57 -5.98
C LEU A 123 -7.28 -8.24 -7.33
N SER A 124 -6.31 -7.72 -8.07
CA SER A 124 -5.92 -8.29 -9.34
C SER A 124 -4.52 -7.83 -9.71
N PHE A 125 -3.79 -8.69 -10.42
CA PHE A 125 -2.42 -8.41 -10.82
C PHE A 125 -1.96 -9.42 -11.86
N ARG A 126 -0.70 -9.32 -12.26
CA ARG A 126 -0.12 -10.29 -13.19
C ARG A 126 1.39 -10.32 -13.03
N GLU A 127 2.02 -11.28 -13.69
CA GLU A 127 3.47 -11.34 -13.77
C GLU A 127 3.83 -11.71 -15.20
N LEU A 128 5.01 -11.31 -15.65
CA LEU A 128 5.40 -11.58 -17.03
C LEU A 128 6.76 -12.27 -17.09
N GLU A 129 6.78 -13.55 -16.77
CA GLU A 129 7.98 -14.36 -16.92
C GLU A 129 8.07 -14.91 -18.35
N HIS A 130 9.27 -14.94 -18.89
CA HIS A 130 9.48 -15.38 -20.27
C HIS A 130 10.08 -16.79 -20.28
N HIS A 131 10.08 -17.42 -19.12
CA HIS A 131 10.74 -18.71 -18.94
C HIS A 131 9.81 -19.87 -19.33
N HIS A 132 9.17 -19.75 -20.48
CA HIS A 132 8.35 -20.84 -21.00
C HIS A 132 9.26 -21.94 -21.52
N HIS A 133 10.03 -21.62 -22.56
CA HIS A 133 11.06 -22.51 -23.08
C HIS A 133 11.92 -21.83 -24.13
N HIS A 134 12.86 -21.03 -23.66
CA HIS A 134 13.88 -20.42 -24.50
C HIS A 134 15.21 -20.47 -23.75
N HIS A 135 16.30 -20.64 -24.49
CA HIS A 135 17.60 -20.84 -23.87
C HIS A 135 18.56 -19.71 -24.23
N MET A 1 -14.66 -14.25 19.35
CA MET A 1 -14.92 -12.80 19.40
C MET A 1 -13.63 -12.01 19.22
N THR A 2 -13.66 -11.02 18.34
CA THR A 2 -12.51 -10.18 18.12
C THR A 2 -12.54 -9.00 19.08
N THR A 3 -11.51 -8.88 19.90
CA THR A 3 -11.44 -7.83 20.88
C THR A 3 -10.66 -6.62 20.34
N GLU A 4 -9.35 -6.81 20.15
CA GLU A 4 -8.50 -5.72 19.67
C GLU A 4 -7.41 -6.28 18.76
N GLN A 5 -6.85 -5.42 17.91
CA GLN A 5 -5.86 -5.85 16.94
C GLN A 5 -4.47 -5.96 17.56
N GLU A 6 -4.15 -7.13 18.11
CA GLU A 6 -2.81 -7.37 18.60
C GLU A 6 -2.01 -8.12 17.54
N PHE A 7 -1.42 -7.36 16.62
CA PHE A 7 -0.60 -7.94 15.56
C PHE A 7 0.81 -7.41 15.62
N GLU A 8 1.73 -8.20 15.08
CA GLU A 8 3.15 -7.86 15.09
C GLU A 8 3.45 -6.85 13.99
N LYS A 9 4.28 -5.87 14.30
CA LYS A 9 4.55 -4.75 13.41
C LYS A 9 5.99 -4.79 12.93
N VAL A 10 6.25 -4.26 11.74
CA VAL A 10 7.59 -4.28 11.16
C VAL A 10 8.15 -2.87 11.03
N GLU A 11 9.27 -2.61 11.69
CA GLU A 11 9.95 -1.32 11.59
C GLU A 11 11.17 -1.40 10.68
N LEU A 12 11.07 -0.72 9.53
CA LEU A 12 12.19 -0.62 8.58
C LEU A 12 12.77 -1.99 8.25
N THR A 13 12.04 -2.74 7.45
CA THR A 13 12.49 -4.06 7.05
C THR A 13 13.39 -3.97 5.80
N ALA A 14 14.12 -5.04 5.54
CA ALA A 14 14.99 -5.11 4.37
C ALA A 14 14.18 -5.13 3.08
N ASP A 15 12.87 -5.20 3.24
CA ASP A 15 11.93 -5.21 2.12
C ASP A 15 11.80 -3.80 1.50
N GLY A 16 12.64 -2.87 1.96
CA GLY A 16 12.65 -1.54 1.38
C GLY A 16 12.40 -0.42 2.38
N GLY A 17 12.55 -0.74 3.67
CA GLY A 17 12.47 0.28 4.70
C GLY A 17 11.14 1.01 4.75
N VAL A 18 10.08 0.29 5.02
CA VAL A 18 8.76 0.89 5.20
C VAL A 18 8.05 0.28 6.40
N ILE A 19 7.28 1.08 7.12
CA ILE A 19 6.54 0.61 8.28
C ILE A 19 5.20 0.01 7.87
N LYS A 20 5.09 -1.30 7.99
CA LYS A 20 3.86 -1.99 7.62
C LYS A 20 3.50 -3.07 8.64
N THR A 21 2.20 -3.28 8.84
CA THR A 21 1.72 -4.25 9.80
C THR A 21 0.88 -5.33 9.09
N ILE A 22 1.08 -6.58 9.47
CA ILE A 22 0.36 -7.70 8.87
C ILE A 22 -1.05 -7.82 9.47
N LEU A 23 -2.04 -7.86 8.59
CA LEU A 23 -3.43 -8.01 9.01
C LEU A 23 -4.03 -9.29 8.44
N LYS A 24 -4.18 -9.33 7.12
CA LYS A 24 -4.72 -10.51 6.44
C LYS A 24 -3.67 -11.09 5.52
N LYS A 25 -3.11 -12.23 5.93
CA LYS A 25 -2.03 -12.86 5.18
C LYS A 25 -2.57 -13.79 4.12
N GLY A 26 -1.83 -13.92 3.02
CA GLY A 26 -2.17 -14.89 2.00
C GLY A 26 -1.36 -16.15 2.17
N ASP A 27 -2.04 -17.29 2.29
CA ASP A 27 -1.38 -18.56 2.55
C ASP A 27 -0.42 -18.93 1.43
N GLU A 28 -0.93 -18.97 0.21
CA GLU A 28 -0.10 -19.32 -0.93
C GLU A 28 -0.11 -18.20 -1.95
N GLY A 29 0.97 -18.10 -2.70
CA GLY A 29 1.08 -17.14 -3.77
C GLY A 29 2.36 -17.35 -4.54
N GLU A 30 2.79 -18.59 -4.66
CA GLU A 30 4.05 -18.93 -5.32
C GLU A 30 4.10 -18.39 -6.75
N GLU A 31 3.00 -18.51 -7.46
CA GLU A 31 2.91 -18.00 -8.82
C GLU A 31 1.95 -16.81 -8.84
N ASN A 32 1.84 -16.14 -7.70
CA ASN A 32 0.97 -14.98 -7.55
C ASN A 32 1.71 -13.88 -6.78
N ILE A 33 2.61 -13.17 -7.45
CA ILE A 33 3.40 -12.14 -6.81
C ILE A 33 3.23 -10.79 -7.52
N PRO A 34 2.73 -9.78 -6.79
CA PRO A 34 2.64 -8.41 -7.31
C PRO A 34 4.02 -7.81 -7.54
N LYS A 35 4.23 -7.27 -8.72
CA LYS A 35 5.54 -6.77 -9.10
C LYS A 35 5.50 -5.30 -9.46
N LYS A 36 6.59 -4.61 -9.18
CA LYS A 36 6.72 -3.21 -9.58
C LYS A 36 7.04 -3.15 -11.07
N GLY A 37 6.29 -2.33 -11.79
CA GLY A 37 6.46 -2.25 -13.23
C GLY A 37 5.43 -3.08 -13.96
N ASN A 38 4.85 -4.06 -13.26
CA ASN A 38 3.81 -4.90 -13.84
C ASN A 38 2.46 -4.21 -13.73
N GLU A 39 1.54 -4.60 -14.60
CA GLU A 39 0.21 -4.01 -14.58
C GLU A 39 -0.59 -4.60 -13.43
N VAL A 40 -0.60 -3.90 -12.30
CA VAL A 40 -1.33 -4.34 -11.12
C VAL A 40 -2.30 -3.27 -10.64
N THR A 41 -3.43 -3.70 -10.09
CA THR A 41 -4.42 -2.78 -9.59
C THR A 41 -4.73 -3.09 -8.12
N VAL A 42 -4.50 -2.11 -7.26
CA VAL A 42 -4.69 -2.29 -5.83
C VAL A 42 -5.60 -1.21 -5.24
N HIS A 43 -6.20 -1.53 -4.11
CA HIS A 43 -7.15 -0.65 -3.43
C HIS A 43 -6.53 -0.13 -2.13
N TYR A 44 -6.60 1.19 -1.91
CA TYR A 44 -6.07 1.77 -0.68
C TYR A 44 -7.06 2.75 -0.07
N VAL A 45 -7.22 2.66 1.24
CA VAL A 45 -8.06 3.57 2.02
C VAL A 45 -7.78 3.34 3.50
N GLY A 46 -7.94 4.35 4.34
CA GLY A 46 -7.64 4.16 5.75
C GLY A 46 -7.99 5.38 6.58
N LYS A 47 -7.02 5.85 7.36
CA LYS A 47 -7.23 7.01 8.20
C LYS A 47 -5.91 7.72 8.51
N LEU A 48 -6.02 8.90 9.11
CA LEU A 48 -4.86 9.72 9.43
C LEU A 48 -4.39 9.41 10.86
N GLU A 49 -3.25 8.77 10.97
CA GLU A 49 -2.70 8.38 12.28
C GLU A 49 -2.32 9.61 13.08
N SER A 50 -1.89 10.64 12.36
CA SER A 50 -1.37 11.86 12.98
C SER A 50 -2.38 12.49 13.96
N THR A 51 -3.65 12.14 13.83
CA THR A 51 -4.67 12.62 14.75
C THR A 51 -5.63 11.51 15.17
N GLY A 52 -5.80 10.50 14.31
CA GLY A 52 -6.71 9.42 14.59
C GLY A 52 -8.03 9.59 13.88
N LYS A 53 -8.03 10.40 12.83
CA LYS A 53 -9.24 10.68 12.07
C LYS A 53 -9.40 9.72 10.90
N VAL A 54 -10.54 9.06 10.83
CA VAL A 54 -10.85 8.13 9.76
C VAL A 54 -11.19 8.90 8.48
N PHE A 55 -11.08 8.24 7.33
CA PHE A 55 -11.38 8.88 6.06
C PHE A 55 -12.88 9.05 5.87
N ASP A 56 -13.30 10.31 5.91
CA ASP A 56 -14.68 10.68 5.69
C ASP A 56 -14.72 11.95 4.84
N SER A 57 -14.73 11.76 3.53
CA SER A 57 -14.71 12.89 2.61
C SER A 57 -15.88 12.75 1.62
N SER A 58 -15.88 13.60 0.60
CA SER A 58 -16.94 13.59 -0.39
C SER A 58 -16.86 12.39 -1.34
N PHE A 59 -15.67 12.14 -1.87
CA PHE A 59 -15.50 11.15 -2.92
C PHE A 59 -15.09 9.78 -2.38
N ASP A 60 -14.10 9.79 -1.51
CA ASP A 60 -13.47 8.56 -1.02
C ASP A 60 -14.47 7.62 -0.36
N ARG A 61 -15.51 8.20 0.22
CA ARG A 61 -16.56 7.44 0.90
C ARG A 61 -17.42 6.66 -0.10
N ASN A 62 -17.31 7.01 -1.37
CA ASN A 62 -18.19 6.45 -2.40
C ASN A 62 -17.39 5.82 -3.53
N VAL A 63 -16.52 6.60 -4.15
CA VAL A 63 -15.74 6.13 -5.28
C VAL A 63 -14.34 5.73 -4.83
N PRO A 64 -14.03 4.42 -4.91
CA PRO A 64 -12.76 3.88 -4.45
C PRO A 64 -11.58 4.39 -5.28
N PHE A 65 -10.50 4.73 -4.59
CA PHE A 65 -9.29 5.17 -5.25
C PHE A 65 -8.36 3.99 -5.46
N LYS A 66 -7.91 3.81 -6.71
CA LYS A 66 -7.01 2.73 -7.05
C LYS A 66 -5.78 3.29 -7.73
N PHE A 67 -4.69 2.52 -7.71
CA PHE A 67 -3.47 2.92 -8.40
C PHE A 67 -2.71 1.70 -8.90
N HIS A 68 -1.68 1.94 -9.68
CA HIS A 68 -0.82 0.87 -10.17
C HIS A 68 0.56 1.02 -9.54
N LEU A 69 1.25 -0.09 -9.32
CA LEU A 69 2.51 -0.08 -8.61
C LEU A 69 3.60 0.65 -9.38
N GLU A 70 4.02 1.77 -8.80
CA GLU A 70 5.04 2.65 -9.37
C GLU A 70 4.66 3.08 -10.78
N GLN A 71 3.71 4.01 -10.84
CA GLN A 71 3.30 4.62 -12.09
C GLN A 71 3.68 6.10 -12.09
N GLY A 72 4.65 6.45 -11.25
CA GLY A 72 5.05 7.84 -11.09
C GLY A 72 4.17 8.54 -10.08
N GLU A 73 3.09 7.89 -9.67
CA GLU A 73 2.13 8.49 -8.74
C GLU A 73 2.47 8.11 -7.29
N VAL A 74 3.16 6.99 -7.12
CA VAL A 74 3.47 6.45 -5.81
C VAL A 74 4.97 6.14 -5.71
N ILE A 75 5.62 6.65 -4.68
CA ILE A 75 7.08 6.52 -4.57
C ILE A 75 7.52 5.33 -3.70
N LYS A 76 7.20 5.36 -2.41
CA LYS A 76 7.74 4.35 -1.50
C LYS A 76 6.69 3.74 -0.58
N GLY A 77 5.88 4.58 0.06
CA GLY A 77 4.96 4.11 1.10
C GLY A 77 4.09 2.95 0.63
N TRP A 78 3.42 3.16 -0.49
CA TRP A 78 2.59 2.11 -1.08
C TRP A 78 3.45 1.10 -1.79
N ASP A 79 4.51 1.60 -2.44
CA ASP A 79 5.36 0.80 -3.32
C ASP A 79 5.92 -0.43 -2.63
N ILE A 80 6.56 -0.25 -1.49
CA ILE A 80 7.16 -1.35 -0.76
C ILE A 80 6.08 -2.30 -0.24
N CYS A 81 4.99 -1.72 0.24
CA CYS A 81 3.91 -2.51 0.81
C CYS A 81 3.29 -3.44 -0.24
N VAL A 82 2.94 -2.88 -1.39
CA VAL A 82 2.22 -3.63 -2.41
C VAL A 82 3.09 -4.69 -3.09
N SER A 83 4.39 -4.41 -3.23
CA SER A 83 5.29 -5.33 -3.93
C SER A 83 5.62 -6.56 -3.08
N SER A 84 5.23 -6.53 -1.82
CA SER A 84 5.46 -7.65 -0.92
C SER A 84 4.12 -8.19 -0.43
N MET A 85 3.15 -8.22 -1.33
CA MET A 85 1.81 -8.71 -1.01
C MET A 85 1.51 -10.02 -1.75
N ARG A 86 0.28 -10.46 -1.62
CA ARG A 86 -0.25 -11.58 -2.37
C ARG A 86 -1.63 -11.19 -2.89
N LYS A 87 -2.21 -12.02 -3.76
CA LYS A 87 -3.43 -11.64 -4.46
C LYS A 87 -4.61 -11.43 -3.50
N ASN A 88 -4.62 -12.16 -2.40
CA ASN A 88 -5.71 -12.06 -1.42
C ASN A 88 -5.18 -11.58 -0.08
N GLU A 89 -4.08 -10.87 -0.10
CA GLU A 89 -3.43 -10.41 1.10
C GLU A 89 -3.69 -8.92 1.32
N LYS A 90 -3.76 -8.52 2.58
CA LYS A 90 -4.04 -7.14 2.94
C LYS A 90 -3.28 -6.74 4.21
N CYS A 91 -2.61 -5.61 4.13
CA CYS A 91 -1.84 -5.11 5.27
C CYS A 91 -2.06 -3.61 5.46
N LEU A 92 -1.71 -3.12 6.64
CA LEU A 92 -1.79 -1.70 6.96
C LEU A 92 -0.41 -1.08 6.90
N VAL A 93 -0.26 -0.10 6.01
CA VAL A 93 1.02 0.56 5.84
C VAL A 93 0.97 2.00 6.36
N ARG A 94 2.06 2.42 7.00
CA ARG A 94 2.15 3.77 7.52
C ARG A 94 2.95 4.64 6.56
N ILE A 95 2.28 5.59 5.94
CA ILE A 95 2.94 6.49 5.02
C ILE A 95 3.49 7.69 5.78
N GLU A 96 4.80 7.69 5.94
CA GLU A 96 5.53 8.81 6.52
C GLU A 96 5.69 9.87 5.44
N SER A 97 6.04 11.09 5.83
CA SER A 97 6.24 12.17 4.89
C SER A 97 7.33 11.82 3.88
N MET A 98 8.30 11.00 4.31
CA MET A 98 9.38 10.56 3.43
C MET A 98 8.90 9.49 2.43
N TYR A 99 7.69 8.98 2.66
CA TYR A 99 7.16 7.91 1.82
C TYR A 99 6.16 8.45 0.79
N GLY A 100 5.89 9.74 0.86
CA GLY A 100 4.90 10.33 -0.02
C GLY A 100 5.30 11.71 -0.50
N TYR A 101 4.54 12.27 -1.44
CA TYR A 101 4.83 13.59 -1.97
C TYR A 101 4.42 14.67 -0.98
N GLY A 102 3.14 14.67 -0.61
CA GLY A 102 2.64 15.66 0.31
C GLY A 102 2.59 17.05 -0.32
N ASP A 103 3.51 17.91 0.09
CA ASP A 103 3.62 19.25 -0.48
C ASP A 103 4.40 19.20 -1.78
N GLU A 104 5.23 18.17 -1.94
CA GLU A 104 6.10 18.03 -3.10
C GLU A 104 5.33 17.43 -4.28
N GLY A 105 4.01 17.37 -4.13
CA GLY A 105 3.16 16.86 -5.19
C GLY A 105 1.71 17.08 -4.85
N CYS A 106 0.81 16.42 -5.56
CA CYS A 106 -0.60 16.49 -5.26
C CYS A 106 -1.01 15.39 -4.27
N GLY A 107 -1.20 15.78 -3.01
CA GLY A 107 -1.62 14.83 -2.01
C GLY A 107 -3.06 14.41 -2.17
N GLU A 108 -3.34 13.17 -1.83
CA GLU A 108 -4.68 12.61 -2.00
C GLU A 108 -5.68 13.28 -1.06
N SER A 109 -5.55 13.01 0.23
CA SER A 109 -6.49 13.53 1.21
C SER A 109 -5.84 14.56 2.14
N ILE A 110 -5.01 14.10 3.08
CA ILE A 110 -4.36 15.00 4.02
C ILE A 110 -2.92 14.56 4.35
N PRO A 111 -2.03 14.49 3.35
CA PRO A 111 -0.63 14.17 3.56
C PRO A 111 0.23 15.42 3.66
N GLY A 112 0.46 15.88 4.87
CA GLY A 112 1.26 17.07 5.08
C GLY A 112 2.03 17.00 6.38
N ASN A 113 3.17 16.32 6.33
CA ASN A 113 3.99 16.07 7.54
C ASN A 113 3.19 15.21 8.51
N SER A 114 2.21 14.52 7.96
CA SER A 114 1.32 13.68 8.72
C SER A 114 1.44 12.23 8.29
N VAL A 115 1.57 11.32 9.24
CA VAL A 115 1.63 9.90 8.95
C VAL A 115 0.22 9.33 8.90
N LEU A 116 -0.05 8.51 7.89
CA LEU A 116 -1.37 7.89 7.76
C LEU A 116 -1.24 6.37 7.72
N LEU A 117 -2.37 5.70 7.83
CA LEU A 117 -2.43 4.25 7.72
C LEU A 117 -3.39 3.87 6.61
N PHE A 118 -2.85 3.31 5.54
CA PHE A 118 -3.68 2.90 4.41
C PHE A 118 -3.86 1.40 4.38
N GLU A 119 -5.11 0.98 4.30
CA GLU A 119 -5.45 -0.41 4.07
C GLU A 119 -5.20 -0.74 2.61
N ILE A 120 -4.21 -1.58 2.35
CA ILE A 120 -3.90 -1.97 0.99
C ILE A 120 -4.37 -3.39 0.73
N GLU A 121 -5.24 -3.53 -0.24
CA GLU A 121 -5.76 -4.83 -0.65
C GLU A 121 -5.65 -4.95 -2.16
N LEU A 122 -5.15 -6.09 -2.62
CA LEU A 122 -4.93 -6.32 -4.03
C LEU A 122 -6.16 -6.99 -4.65
N LEU A 123 -6.57 -6.51 -5.82
CA LEU A 123 -7.74 -7.08 -6.49
C LEU A 123 -7.39 -7.66 -7.85
N SER A 124 -6.40 -7.09 -8.53
CA SER A 124 -6.04 -7.56 -9.87
C SER A 124 -4.56 -7.34 -10.15
N PHE A 125 -3.94 -8.32 -10.78
CA PHE A 125 -2.54 -8.23 -11.19
C PHE A 125 -2.23 -9.38 -12.15
N ARG A 126 -1.06 -9.34 -12.76
CA ARG A 126 -0.62 -10.41 -13.66
C ARG A 126 0.87 -10.38 -13.87
N GLU A 127 1.45 -11.53 -14.19
CA GLU A 127 2.87 -11.63 -14.49
C GLU A 127 3.10 -12.53 -15.71
N LEU A 128 4.16 -12.26 -16.45
CA LEU A 128 4.50 -13.02 -17.65
C LEU A 128 5.95 -12.75 -17.99
N GLU A 129 6.79 -12.80 -16.97
CA GLU A 129 8.15 -12.31 -17.06
C GLU A 129 9.14 -13.41 -17.48
N HIS A 130 9.34 -13.54 -18.77
CA HIS A 130 10.41 -14.39 -19.28
C HIS A 130 10.76 -14.02 -20.73
N HIS A 131 10.14 -12.97 -21.25
CA HIS A 131 10.37 -12.60 -22.64
C HIS A 131 11.48 -11.55 -22.77
N HIS A 132 12.13 -11.24 -21.66
CA HIS A 132 13.26 -10.30 -21.69
C HIS A 132 14.43 -10.84 -20.89
N HIS A 133 15.20 -11.71 -21.53
CA HIS A 133 16.46 -12.20 -20.98
C HIS A 133 17.17 -13.03 -22.04
N HIS A 134 18.47 -12.83 -22.15
CA HIS A 134 19.27 -13.55 -23.14
C HIS A 134 18.78 -13.19 -24.55
N HIS A 135 18.76 -14.17 -25.44
CA HIS A 135 18.23 -13.95 -26.79
C HIS A 135 16.87 -14.61 -26.94
N MET A 1 -16.44 -10.10 22.96
CA MET A 1 -15.43 -9.06 22.71
C MET A 1 -14.06 -9.67 22.53
N THR A 2 -13.32 -9.16 21.55
CA THR A 2 -11.96 -9.59 21.28
C THR A 2 -11.12 -8.41 20.84
N THR A 3 -9.85 -8.39 21.20
CA THR A 3 -8.96 -7.37 20.71
C THR A 3 -8.68 -7.65 19.22
N GLU A 4 -8.62 -6.59 18.43
CA GLU A 4 -8.56 -6.74 16.98
C GLU A 4 -7.16 -7.11 16.51
N GLN A 5 -6.76 -8.33 16.82
CA GLN A 5 -5.48 -8.90 16.38
C GLN A 5 -4.26 -8.16 16.93
N GLU A 6 -3.48 -8.85 17.75
CA GLU A 6 -2.23 -8.29 18.26
C GLU A 6 -1.15 -8.41 17.20
N PHE A 7 -1.28 -7.63 16.14
CA PHE A 7 -0.31 -7.65 15.07
C PHE A 7 0.89 -6.75 15.40
N GLU A 8 2.07 -7.23 15.08
CA GLU A 8 3.29 -6.46 15.31
C GLU A 8 3.69 -5.75 14.03
N LYS A 9 4.46 -4.68 14.16
CA LYS A 9 4.78 -3.83 13.03
C LYS A 9 6.19 -4.13 12.54
N VAL A 10 6.38 -4.08 11.23
CA VAL A 10 7.70 -4.27 10.63
C VAL A 10 8.26 -2.93 10.19
N GLU A 11 9.39 -2.55 10.77
CA GLU A 11 9.98 -1.26 10.49
C GLU A 11 11.12 -1.39 9.48
N LEU A 12 11.05 -0.60 8.41
CA LEU A 12 12.11 -0.53 7.41
C LEU A 12 12.54 -1.90 6.92
N THR A 13 11.56 -2.70 6.52
CA THR A 13 11.82 -4.04 5.99
C THR A 13 12.79 -3.97 4.80
N ALA A 14 13.56 -5.04 4.61
CA ALA A 14 14.60 -5.08 3.58
C ALA A 14 14.02 -4.98 2.17
N ASP A 15 12.71 -5.04 2.05
CA ASP A 15 12.04 -4.97 0.76
C ASP A 15 11.88 -3.52 0.29
N GLY A 16 12.74 -2.64 0.80
CA GLY A 16 12.73 -1.23 0.37
C GLY A 16 12.53 -0.24 1.50
N GLY A 17 12.26 -0.74 2.70
CA GLY A 17 12.22 0.13 3.85
C GLY A 17 10.92 0.89 4.02
N VAL A 18 9.89 0.20 4.47
CA VAL A 18 8.60 0.84 4.78
C VAL A 18 7.98 0.18 6.00
N ILE A 19 7.20 0.94 6.75
CA ILE A 19 6.51 0.43 7.94
C ILE A 19 5.18 -0.21 7.54
N LYS A 20 5.09 -1.53 7.63
CA LYS A 20 3.87 -2.24 7.28
C LYS A 20 3.36 -3.08 8.44
N THR A 21 2.04 -3.20 8.51
CA THR A 21 1.39 -3.95 9.56
C THR A 21 0.58 -5.09 8.98
N ILE A 22 0.90 -6.30 9.42
CA ILE A 22 0.28 -7.52 8.89
C ILE A 22 -1.17 -7.65 9.36
N LEU A 23 -2.07 -7.94 8.42
CA LEU A 23 -3.48 -8.10 8.74
C LEU A 23 -3.98 -9.48 8.31
N LYS A 24 -3.86 -9.78 7.02
CA LYS A 24 -4.24 -11.10 6.51
C LYS A 24 -3.09 -11.66 5.68
N LYS A 25 -3.04 -12.98 5.58
CA LYS A 25 -1.91 -13.65 4.93
C LYS A 25 -2.39 -14.57 3.81
N GLY A 26 -1.50 -14.85 2.87
CA GLY A 26 -1.76 -15.86 1.87
C GLY A 26 -0.96 -17.13 2.17
N ASP A 27 -1.35 -18.24 1.55
CA ASP A 27 -0.67 -19.51 1.83
C ASP A 27 0.53 -19.68 0.90
N GLU A 28 0.35 -20.40 -0.19
CA GLU A 28 1.41 -20.59 -1.16
C GLU A 28 1.11 -19.74 -2.41
N GLY A 29 2.15 -19.41 -3.15
CA GLY A 29 1.94 -18.61 -4.35
C GLY A 29 3.24 -18.16 -4.96
N GLU A 30 4.05 -19.11 -5.39
CA GLU A 30 5.34 -18.84 -5.99
C GLU A 30 5.16 -18.04 -7.28
N GLU A 31 4.17 -18.44 -8.07
CA GLU A 31 3.88 -17.79 -9.34
C GLU A 31 2.73 -16.79 -9.20
N ASN A 32 2.48 -16.36 -7.97
CA ASN A 32 1.47 -15.33 -7.71
C ASN A 32 2.01 -14.30 -6.72
N ILE A 33 2.84 -13.41 -7.22
CA ILE A 33 3.51 -12.42 -6.38
C ILE A 33 3.48 -11.03 -7.03
N PRO A 34 2.94 -10.03 -6.32
CA PRO A 34 3.00 -8.64 -6.76
C PRO A 34 4.42 -8.08 -6.64
N LYS A 35 4.99 -7.63 -7.75
CA LYS A 35 6.35 -7.11 -7.72
C LYS A 35 6.45 -5.82 -8.51
N LYS A 36 7.39 -4.97 -8.10
CA LYS A 36 7.61 -3.69 -8.76
C LYS A 36 8.01 -3.92 -10.22
N GLY A 37 7.36 -3.19 -11.11
CA GLY A 37 7.56 -3.40 -12.54
C GLY A 37 6.37 -4.09 -13.16
N ASN A 38 5.60 -4.80 -12.35
CA ASN A 38 4.36 -5.43 -12.80
C ASN A 38 3.18 -4.62 -12.31
N GLU A 39 2.26 -4.32 -13.22
CA GLU A 39 1.10 -3.50 -12.90
C GLU A 39 0.13 -4.22 -11.97
N VAL A 40 0.07 -3.76 -10.74
CA VAL A 40 -0.92 -4.25 -9.78
C VAL A 40 -2.08 -3.27 -9.70
N THR A 41 -3.23 -3.76 -9.32
CA THR A 41 -4.41 -2.92 -9.12
C THR A 41 -4.91 -3.08 -7.69
N VAL A 42 -4.80 -2.02 -6.90
CA VAL A 42 -5.07 -2.12 -5.47
C VAL A 42 -6.14 -1.15 -5.00
N HIS A 43 -6.71 -1.46 -3.85
CA HIS A 43 -7.68 -0.62 -3.17
C HIS A 43 -7.06 -0.08 -1.89
N TYR A 44 -7.10 1.23 -1.70
CA TYR A 44 -6.55 1.83 -0.49
C TYR A 44 -7.54 2.81 0.15
N VAL A 45 -7.60 2.76 1.48
CA VAL A 45 -8.42 3.68 2.26
C VAL A 45 -8.04 3.53 3.73
N GLY A 46 -8.31 4.52 4.56
CA GLY A 46 -7.96 4.42 5.97
C GLY A 46 -8.27 5.68 6.73
N LYS A 47 -7.30 6.16 7.51
CA LYS A 47 -7.47 7.38 8.25
C LYS A 47 -6.13 8.02 8.57
N LEU A 48 -6.17 9.25 9.06
CA LEU A 48 -4.97 9.98 9.38
C LEU A 48 -4.47 9.57 10.77
N GLU A 49 -3.44 8.73 10.80
CA GLU A 49 -2.89 8.21 12.06
C GLU A 49 -2.44 9.35 12.96
N SER A 50 -1.96 10.41 12.35
CA SER A 50 -1.42 11.56 13.07
C SER A 50 -2.44 12.15 14.04
N THR A 51 -3.72 11.86 13.83
CA THR A 51 -4.76 12.38 14.72
C THR A 51 -5.82 11.32 15.04
N GLY A 52 -5.75 10.18 14.35
CA GLY A 52 -6.69 9.11 14.57
C GLY A 52 -8.07 9.38 13.98
N LYS A 53 -8.15 10.40 13.13
CA LYS A 53 -9.42 10.80 12.52
C LYS A 53 -9.66 10.02 11.23
N VAL A 54 -10.78 9.29 11.20
CA VAL A 54 -11.15 8.50 10.04
C VAL A 54 -11.70 9.41 8.94
N PHE A 55 -11.53 9.00 7.69
CA PHE A 55 -11.93 9.83 6.55
C PHE A 55 -13.45 9.85 6.39
N ASP A 56 -14.00 11.04 6.32
CA ASP A 56 -15.42 11.21 6.00
C ASP A 56 -15.60 12.44 5.10
N SER A 57 -15.45 12.22 3.80
CA SER A 57 -15.62 13.29 2.84
C SER A 57 -16.69 12.89 1.83
N SER A 58 -16.91 13.73 0.83
CA SER A 58 -17.95 13.47 -0.16
C SER A 58 -17.56 12.33 -1.09
N PHE A 59 -16.34 12.36 -1.61
CA PHE A 59 -15.92 11.43 -2.65
C PHE A 59 -15.18 10.21 -2.12
N ASP A 60 -14.36 10.42 -1.08
CA ASP A 60 -13.43 9.38 -0.60
C ASP A 60 -14.14 8.11 -0.14
N ARG A 61 -15.20 8.27 0.63
CA ARG A 61 -15.96 7.13 1.14
C ARG A 61 -17.02 6.70 0.14
N ASN A 62 -16.89 7.16 -1.09
CA ASN A 62 -17.84 6.82 -2.14
C ASN A 62 -17.17 6.10 -3.31
N VAL A 63 -16.04 6.62 -3.78
CA VAL A 63 -15.35 6.05 -4.92
C VAL A 63 -13.99 5.49 -4.52
N PRO A 64 -13.75 4.20 -4.83
CA PRO A 64 -12.47 3.55 -4.56
C PRO A 64 -11.40 3.97 -5.55
N PHE A 65 -10.31 4.54 -5.04
CA PHE A 65 -9.22 4.97 -5.88
C PHE A 65 -8.16 3.87 -5.94
N LYS A 66 -7.49 3.76 -7.07
CA LYS A 66 -6.52 2.70 -7.29
C LYS A 66 -5.36 3.20 -8.14
N PHE A 67 -4.24 2.48 -8.11
CA PHE A 67 -3.08 2.84 -8.89
C PHE A 67 -2.36 1.58 -9.39
N HIS A 68 -1.32 1.78 -10.19
CA HIS A 68 -0.48 0.67 -10.63
C HIS A 68 0.90 0.81 -10.00
N LEU A 69 1.55 -0.30 -9.71
CA LEU A 69 2.87 -0.28 -9.12
C LEU A 69 3.89 0.18 -10.15
N GLU A 70 4.67 1.19 -9.77
CA GLU A 70 5.64 1.83 -10.66
C GLU A 70 4.94 2.53 -11.84
N GLN A 71 4.29 3.64 -11.53
CA GLN A 71 3.68 4.46 -12.57
C GLN A 71 4.10 5.92 -12.37
N GLY A 72 5.13 6.11 -11.55
CA GLY A 72 5.62 7.46 -11.27
C GLY A 72 4.86 8.14 -10.14
N GLU A 73 3.68 7.63 -9.81
CA GLU A 73 2.85 8.24 -8.78
C GLU A 73 3.25 7.76 -7.39
N VAL A 74 3.56 6.49 -7.29
CA VAL A 74 3.91 5.88 -6.00
C VAL A 74 5.42 5.80 -5.85
N ILE A 75 5.92 6.33 -4.74
CA ILE A 75 7.36 6.41 -4.52
C ILE A 75 7.88 5.24 -3.69
N LYS A 76 7.53 5.18 -2.42
CA LYS A 76 8.06 4.14 -1.53
C LYS A 76 7.00 3.59 -0.59
N GLY A 77 6.23 4.48 0.03
CA GLY A 77 5.26 4.05 1.05
C GLY A 77 4.33 2.96 0.56
N TRP A 78 3.68 3.18 -0.57
CA TRP A 78 2.79 2.17 -1.14
C TRP A 78 3.60 1.06 -1.80
N ASP A 79 4.76 1.44 -2.33
CA ASP A 79 5.61 0.56 -3.14
C ASP A 79 5.93 -0.74 -2.39
N ILE A 80 6.45 -0.62 -1.19
CA ILE A 80 6.82 -1.79 -0.39
C ILE A 80 5.60 -2.58 0.05
N CYS A 81 4.54 -1.88 0.44
CA CYS A 81 3.36 -2.54 0.96
C CYS A 81 2.69 -3.39 -0.13
N VAL A 82 2.51 -2.82 -1.31
CA VAL A 82 1.89 -3.56 -2.42
C VAL A 82 2.81 -4.68 -2.89
N SER A 83 4.11 -4.45 -2.78
CA SER A 83 5.12 -5.46 -3.09
C SER A 83 5.02 -6.65 -2.12
N SER A 84 4.52 -6.37 -0.92
CA SER A 84 4.44 -7.37 0.14
C SER A 84 3.01 -7.91 0.26
N MET A 85 2.24 -7.82 -0.82
CA MET A 85 0.87 -8.31 -0.83
C MET A 85 0.76 -9.62 -1.60
N ARG A 86 -0.47 -10.10 -1.79
CA ARG A 86 -0.76 -11.22 -2.66
C ARG A 86 -2.17 -11.08 -3.21
N LYS A 87 -2.57 -11.98 -4.11
CA LYS A 87 -3.90 -11.94 -4.71
C LYS A 87 -5.00 -12.09 -3.64
N ASN A 88 -4.65 -12.72 -2.52
CA ASN A 88 -5.60 -12.88 -1.43
C ASN A 88 -4.98 -12.44 -0.10
N GLU A 89 -4.05 -11.50 -0.16
CA GLU A 89 -3.38 -11.00 1.04
C GLU A 89 -3.61 -9.50 1.16
N LYS A 90 -3.79 -9.02 2.40
CA LYS A 90 -4.19 -7.64 2.64
C LYS A 90 -3.57 -7.15 3.95
N CYS A 91 -2.94 -5.98 3.92
CA CYS A 91 -2.26 -5.44 5.10
C CYS A 91 -2.43 -3.93 5.20
N LEU A 92 -2.01 -3.38 6.33
CA LEU A 92 -2.06 -1.95 6.59
C LEU A 92 -0.68 -1.32 6.43
N VAL A 93 -0.61 -0.20 5.74
CA VAL A 93 0.66 0.47 5.54
C VAL A 93 0.70 1.82 6.27
N ARG A 94 1.86 2.13 6.84
CA ARG A 94 2.06 3.40 7.52
C ARG A 94 2.89 4.34 6.65
N ILE A 95 2.27 5.41 6.18
CA ILE A 95 2.96 6.36 5.33
C ILE A 95 3.49 7.51 6.17
N GLU A 96 4.78 7.48 6.45
CA GLU A 96 5.44 8.56 7.14
C GLU A 96 5.83 9.62 6.10
N SER A 97 6.24 10.80 6.57
CA SER A 97 6.59 11.90 5.66
C SER A 97 7.62 11.48 4.61
N MET A 98 8.55 10.61 5.00
CA MET A 98 9.62 10.18 4.11
C MET A 98 9.12 9.17 3.07
N TYR A 99 7.87 8.73 3.21
CA TYR A 99 7.32 7.74 2.29
C TYR A 99 6.43 8.40 1.24
N GLY A 100 6.31 9.72 1.32
CA GLY A 100 5.47 10.44 0.39
C GLY A 100 6.22 11.58 -0.27
N TYR A 101 5.49 12.50 -0.91
CA TYR A 101 6.11 13.64 -1.56
C TYR A 101 6.40 14.75 -0.56
N GLY A 102 5.42 15.10 0.25
CA GLY A 102 5.64 16.09 1.28
C GLY A 102 4.60 17.19 1.31
N ASP A 103 4.89 18.23 2.07
CA ASP A 103 3.98 19.36 2.25
C ASP A 103 3.82 20.17 0.96
N GLU A 104 4.91 20.29 0.21
CA GLU A 104 4.95 21.17 -0.95
C GLU A 104 4.44 20.46 -2.21
N GLY A 105 3.91 19.25 -2.03
CA GLY A 105 3.42 18.48 -3.15
C GLY A 105 1.92 18.33 -3.12
N CYS A 106 1.34 17.93 -4.24
CA CYS A 106 -0.10 17.77 -4.33
C CYS A 106 -0.52 16.35 -3.95
N GLY A 107 -1.40 16.27 -2.96
CA GLY A 107 -1.93 14.98 -2.54
C GLY A 107 -3.40 14.84 -2.89
N GLU A 108 -4.10 13.94 -2.20
CA GLU A 108 -5.50 13.67 -2.51
C GLU A 108 -6.42 13.93 -1.32
N SER A 109 -6.34 13.06 -0.32
CA SER A 109 -7.26 13.10 0.81
C SER A 109 -6.86 14.17 1.83
N ILE A 110 -5.84 13.87 2.62
CA ILE A 110 -5.27 14.81 3.57
C ILE A 110 -3.81 14.49 3.80
N PRO A 111 -2.94 15.05 2.95
CA PRO A 111 -1.52 14.76 2.95
C PRO A 111 -0.70 15.77 3.76
N GLY A 112 0.63 15.66 3.66
CA GLY A 112 1.50 16.58 4.34
C GLY A 112 2.70 15.87 4.93
N ASN A 113 3.13 16.32 6.09
CA ASN A 113 4.25 15.73 6.79
C ASN A 113 3.77 14.82 7.91
N SER A 114 2.46 14.71 8.03
CA SER A 114 1.86 13.87 9.06
C SER A 114 1.80 12.41 8.60
N VAL A 115 1.70 11.51 9.56
CA VAL A 115 1.66 10.08 9.25
C VAL A 115 0.23 9.61 8.98
N LEU A 116 0.04 8.86 7.90
CA LEU A 116 -1.25 8.30 7.55
C LEU A 116 -1.18 6.78 7.53
N LEU A 117 -2.30 6.10 7.72
CA LEU A 117 -2.35 4.66 7.56
C LEU A 117 -3.44 4.27 6.57
N PHE A 118 -3.06 3.49 5.58
CA PHE A 118 -3.99 3.08 4.55
C PHE A 118 -4.07 1.56 4.47
N GLU A 119 -5.27 1.06 4.25
CA GLU A 119 -5.45 -0.35 3.93
C GLU A 119 -5.05 -0.57 2.48
N ILE A 120 -4.09 -1.45 2.25
CA ILE A 120 -3.71 -1.79 0.89
C ILE A 120 -4.21 -3.17 0.55
N GLU A 121 -4.95 -3.25 -0.55
CA GLU A 121 -5.69 -4.44 -0.90
C GLU A 121 -5.47 -4.79 -2.37
N LEU A 122 -4.78 -5.89 -2.63
CA LEU A 122 -4.46 -6.31 -3.99
C LEU A 122 -5.63 -7.11 -4.57
N LEU A 123 -6.47 -6.43 -5.33
CA LEU A 123 -7.68 -7.04 -5.85
C LEU A 123 -7.42 -7.73 -7.19
N SER A 124 -6.36 -7.30 -7.87
CA SER A 124 -5.98 -7.89 -9.15
C SER A 124 -4.65 -7.33 -9.62
N PHE A 125 -4.03 -8.01 -10.58
CA PHE A 125 -2.76 -7.58 -11.15
C PHE A 125 -2.46 -8.36 -12.41
N ARG A 126 -1.39 -7.98 -13.10
CA ARG A 126 -1.01 -8.63 -14.36
C ARG A 126 0.48 -8.87 -14.41
N GLU A 127 0.85 -10.03 -14.92
CA GLU A 127 2.25 -10.45 -14.99
C GLU A 127 2.78 -10.23 -16.42
N LEU A 128 3.91 -9.55 -16.53
CA LEU A 128 4.55 -9.33 -17.83
C LEU A 128 5.98 -8.84 -17.67
N GLU A 129 6.89 -9.42 -18.44
CA GLU A 129 8.25 -8.92 -18.49
C GLU A 129 8.39 -7.92 -19.63
N HIS A 130 8.51 -8.43 -20.85
CA HIS A 130 8.58 -7.60 -22.05
C HIS A 130 8.55 -8.51 -23.27
N HIS A 131 8.10 -7.98 -24.40
CA HIS A 131 8.01 -8.78 -25.62
C HIS A 131 9.03 -8.33 -26.66
N HIS A 132 9.45 -9.28 -27.50
CA HIS A 132 10.31 -9.02 -28.65
C HIS A 132 11.74 -8.66 -28.25
N HIS A 133 12.67 -8.86 -29.20
CA HIS A 133 14.09 -8.58 -29.01
C HIS A 133 14.72 -9.57 -28.03
N HIS A 134 16.03 -9.39 -27.81
CA HIS A 134 16.82 -10.28 -26.94
C HIS A 134 17.11 -11.61 -27.63
N HIS A 135 18.33 -12.10 -27.47
CA HIS A 135 18.71 -13.39 -28.01
C HIS A 135 19.75 -14.05 -27.11
#